data_8VXQ
#
_entry.id   8VXQ
#
_cell.length_a   1.00
_cell.length_b   1.00
_cell.length_c   1.00
_cell.angle_alpha   90.00
_cell.angle_beta   90.00
_cell.angle_gamma   90.00
#
_symmetry.space_group_name_H-M   'P 1'
#
loop_
_entity.id
_entity.type
_entity.pdbx_description
1 polymer gp72
2 polymer 'N4 gp52-like protein'
#
loop_
_entity_poly.entity_id
_entity_poly.type
_entity_poly.pdbx_seq_one_letter_code
_entity_poly.pdbx_strand_id
1 'polypeptide(L)'
;MAQEITWRNIGATVSPGSASSMSAGTTGVQQALGALGDIISRQQEMNVNNAKLQREANTQSYLDQVAASTLEQLSNADYR
SGLEAQRDAMGMNLDRAATRDAITKQISAQQNQAAATQKFDDMQAEVGQRGIVDQLRTLSAEGRAGEVNQILAEQQLINE
GEIRKELTGVQDAIQNRQYRAAGEQRAQAAANRAAEAHSLSMAAGRENLAFTREQRDELRRDRDEAKLVSGTIATTFQDY
DESRQAQSEIMRIVGKEVGMPTDDQGMPDMSRASQDQLDAFSNALNEAGVQANTSPTERRNAVLKSLVDAGVSSKGIAQA
KQEMELRESLEGLAPQDRTKVEATIGAVNAELDTLQRTATEDYEREVARNPFVEPDKDPLGSVNKIVDKAVKSGFGWEGD
RQDLNNMLVDFATNGIKLPDGRTAVVPSKLLEQAFNTTNTWLFKNAGDVEKRIIELMTTDGMTQMREDAPTIRENFLKTV
SDIANQKRSNAVKVTRSAEREKGVTMDPTDDLTFALRGRKR
;
R,J,K,L,M,N,O,P,Q
2 'polypeptide(L)'
;MAYPYSDMPFGVELDTSTLGSFGLGGPQTQLQMQMPAVDVNAAASGSGGFMAGFSNIFSRDSMFGGVAPSGAQTGGWVLP
ALGIGQAVFGAIGANRQQRAARDQLAESRRQFDMNYGAQRQSINTNLEDRQRARVASNPTAYESVDSYMERNRIR
;
A,B,C,D,E,F,G,H,I
#
# COMPACT_ATOMS: atom_id res chain seq x y z
N GLY A 25 -19.21 -83.33 21.03
CA GLY A 25 -20.31 -82.66 20.29
C GLY A 25 -20.76 -81.36 20.94
N THR A 26 -20.47 -81.20 22.23
CA THR A 26 -20.84 -80.02 22.98
C THR A 26 -19.71 -79.01 23.12
N THR A 27 -18.55 -79.26 22.52
CA THR A 27 -17.39 -78.39 22.62
C THR A 27 -17.09 -77.64 21.33
N GLY A 28 -17.28 -78.27 20.18
CA GLY A 28 -17.00 -77.61 18.91
C GLY A 28 -18.06 -76.65 18.44
N VAL A 29 -19.25 -76.68 19.06
CA VAL A 29 -20.32 -75.78 18.64
C VAL A 29 -19.98 -74.33 18.97
N GLN A 30 -19.11 -74.08 19.95
CA GLN A 30 -18.73 -72.71 20.26
C GLN A 30 -18.02 -72.06 19.09
N GLN A 31 -17.07 -72.77 18.48
CA GLN A 31 -16.41 -72.25 17.30
C GLN A 31 -17.39 -72.10 16.15
N ALA A 32 -18.38 -72.99 16.06
CA ALA A 32 -19.41 -72.86 15.04
C ALA A 32 -20.15 -71.54 15.19
N LEU A 33 -20.58 -71.22 16.40
CA LEU A 33 -21.33 -69.99 16.62
C LEU A 33 -20.45 -68.77 16.39
N GLY A 34 -19.17 -68.85 16.81
CA GLY A 34 -18.27 -67.74 16.56
C GLY A 34 -18.08 -67.46 15.08
N ALA A 35 -17.88 -68.53 14.29
CA ALA A 35 -17.76 -68.35 12.85
C ALA A 35 -19.06 -67.81 12.27
N LEU A 36 -20.21 -68.26 12.78
CA LEU A 36 -21.48 -67.76 12.30
C LEU A 36 -21.62 -66.26 12.55
N GLY A 37 -21.15 -65.80 13.71
CA GLY A 37 -21.24 -64.38 14.02
C GLY A 37 -20.23 -63.51 13.31
N ASP A 38 -19.08 -64.08 12.95
CA ASP A 38 -18.05 -63.29 12.31
C ASP A 38 -18.54 -62.73 10.97
N ILE A 39 -19.24 -63.56 10.19
CA ILE A 39 -19.71 -63.11 8.89
C ILE A 39 -20.72 -61.97 9.05
N ILE A 40 -21.57 -62.05 10.07
CA ILE A 40 -22.55 -60.99 10.26
C ILE A 40 -21.85 -59.70 10.70
N SER A 41 -20.79 -59.82 11.50
CA SER A 41 -20.02 -58.63 11.86
C SER A 41 -19.40 -57.99 10.62
N ARG A 42 -18.83 -58.81 9.75
CA ARG A 42 -18.24 -58.28 8.52
C ARG A 42 -19.30 -57.58 7.67
N GLN A 43 -20.48 -58.20 7.55
CA GLN A 43 -21.55 -57.59 6.79
C GLN A 43 -21.96 -56.25 7.39
N GLN A 44 -22.01 -56.17 8.71
CA GLN A 44 -22.38 -54.91 9.34
C GLN A 44 -21.36 -53.82 9.06
N GLU A 45 -20.07 -54.15 9.14
CA GLU A 45 -19.05 -53.14 8.83
C GLU A 45 -19.17 -52.68 7.38
N MET A 46 -19.41 -53.63 6.46
CA MET A 46 -19.59 -53.28 5.06
C MET A 46 -20.79 -52.36 4.88
N ASN A 47 -21.88 -52.64 5.60
CA ASN A 47 -23.06 -51.78 5.53
C ASN A 47 -22.74 -50.38 6.02
N VAL A 48 -21.94 -50.27 7.08
CA VAL A 48 -21.56 -48.95 7.59
C VAL A 48 -20.81 -48.17 6.51
N ASN A 49 -19.85 -48.82 5.87
CA ASN A 49 -19.08 -48.12 4.83
C ASN A 49 -19.99 -47.68 3.69
N ASN A 50 -20.91 -48.57 3.26
CA ASN A 50 -21.82 -48.22 2.18
C ASN A 50 -22.69 -47.02 2.57
N ALA A 51 -23.16 -47.00 3.81
CA ALA A 51 -24.00 -45.89 4.25
C ALA A 51 -23.24 -44.57 4.22
N LYS A 52 -21.98 -44.59 4.66
CA LYS A 52 -21.19 -43.37 4.62
C LYS A 52 -21.02 -42.88 3.18
N LEU A 53 -20.74 -43.81 2.26
CA LEU A 53 -20.62 -43.40 0.86
C LEU A 53 -21.93 -42.85 0.34
N GLN A 54 -23.05 -43.43 0.76
CA GLN A 54 -24.36 -42.93 0.32
C GLN A 54 -24.58 -41.51 0.80
N ARG A 55 -24.19 -41.22 2.04
CA ARG A 55 -24.31 -39.85 2.54
C ARG A 55 -23.48 -38.89 1.71
N GLU A 56 -22.25 -39.30 1.36
CA GLU A 56 -21.41 -38.47 0.52
C GLU A 56 -22.09 -38.20 -0.82
N ALA A 57 -22.67 -39.25 -1.41
CA ALA A 57 -23.34 -39.08 -2.70
C ALA A 57 -24.50 -38.09 -2.58
N ASN A 58 -25.26 -38.18 -1.49
CA ASN A 58 -26.40 -37.28 -1.30
C ASN A 58 -25.92 -35.83 -1.25
N THR A 59 -24.90 -35.56 -0.45
CA THR A 59 -24.45 -34.16 -0.32
C THR A 59 -23.92 -33.64 -1.65
N GLN A 60 -23.15 -34.47 -2.37
CA GLN A 60 -22.64 -34.00 -3.66
C GLN A 60 -23.77 -33.74 -4.64
N SER A 61 -24.78 -34.61 -4.65
CA SER A 61 -25.90 -34.42 -5.55
C SER A 61 -26.62 -33.11 -5.27
N TYR A 62 -26.83 -32.78 -4.00
CA TYR A 62 -27.43 -31.48 -3.69
C TYR A 62 -26.54 -30.34 -4.15
N LEU A 63 -25.24 -30.42 -3.85
CA LEU A 63 -24.36 -29.29 -4.16
C LEU A 63 -24.29 -29.04 -5.65
N ASP A 64 -24.46 -30.07 -6.47
CA ASP A 64 -24.42 -29.86 -7.91
C ASP A 64 -25.54 -28.95 -8.37
N GLN A 65 -26.74 -29.13 -7.81
CA GLN A 65 -27.87 -28.30 -8.24
C GLN A 65 -27.60 -26.83 -8.01
N VAL A 66 -27.15 -26.46 -6.80
CA VAL A 66 -26.87 -25.07 -6.53
C VAL A 66 -25.66 -24.58 -7.30
N ALA A 67 -24.74 -25.47 -7.66
CA ALA A 67 -23.59 -25.05 -8.45
C ALA A 67 -23.91 -24.89 -9.93
N ALA A 68 -25.04 -25.39 -10.40
CA ALA A 68 -25.41 -25.35 -11.82
C ALA A 68 -26.63 -24.47 -12.06
N SER A 69 -26.66 -23.31 -11.42
CA SER A 69 -27.77 -22.36 -11.56
C SER A 69 -27.23 -21.00 -11.96
N THR A 70 -28.05 -20.23 -12.66
CA THR A 70 -27.66 -18.91 -13.09
C THR A 70 -27.75 -17.92 -11.94
N LEU A 71 -26.94 -16.86 -12.03
CA LEU A 71 -26.95 -15.84 -10.98
C LEU A 71 -28.32 -15.19 -10.86
N GLU A 72 -28.97 -14.93 -12.00
CA GLU A 72 -30.28 -14.30 -11.96
C GLU A 72 -31.29 -15.18 -11.24
N GLN A 73 -31.20 -16.49 -11.44
CA GLN A 73 -32.11 -17.40 -10.74
C GLN A 73 -31.90 -17.33 -9.23
N LEU A 74 -30.65 -17.36 -8.79
CA LEU A 74 -30.39 -17.35 -7.35
C LEU A 74 -30.76 -16.02 -6.73
N SER A 75 -30.64 -14.92 -7.48
CA SER A 75 -31.01 -13.63 -6.92
C SER A 75 -32.50 -13.58 -6.61
N ASN A 76 -33.33 -14.13 -7.48
CA ASN A 76 -34.77 -14.15 -7.25
C ASN A 76 -35.09 -14.98 -6.01
N ALA A 77 -35.75 -14.37 -5.04
CA ALA A 77 -36.02 -15.04 -3.76
C ALA A 77 -37.32 -15.83 -3.80
N ASP A 78 -37.48 -16.61 -4.84
CA ASP A 78 -38.49 -17.65 -4.93
C ASP A 78 -37.89 -18.96 -5.39
N TYR A 79 -36.89 -18.92 -6.27
CA TYR A 79 -36.18 -20.12 -6.68
C TYR A 79 -35.38 -20.70 -5.52
N ARG A 80 -34.68 -19.84 -4.78
CA ARG A 80 -33.81 -20.34 -3.71
C ARG A 80 -34.61 -20.92 -2.56
N SER A 81 -35.79 -20.38 -2.27
CA SER A 81 -36.61 -20.97 -1.20
C SER A 81 -36.97 -22.41 -1.54
N GLY A 82 -37.46 -22.64 -2.75
CA GLY A 82 -37.76 -24.00 -3.17
C GLY A 82 -36.52 -24.86 -3.24
N LEU A 83 -35.39 -24.28 -3.62
CA LEU A 83 -34.16 -25.04 -3.70
C LEU A 83 -33.72 -25.53 -2.33
N GLU A 84 -33.80 -24.67 -1.32
CA GLU A 84 -33.37 -25.04 0.03
C GLU A 84 -34.44 -25.79 0.80
N ALA A 85 -35.68 -25.83 0.31
CA ALA A 85 -36.63 -26.79 0.86
C ALA A 85 -36.11 -28.22 0.71
N GLN A 86 -35.46 -28.52 -0.41
CA GLN A 86 -34.85 -29.83 -0.60
C GLN A 86 -33.79 -30.09 0.45
N ARG A 87 -32.99 -29.07 0.78
CA ARG A 87 -32.05 -29.20 1.89
C ARG A 87 -32.77 -29.51 3.18
N ASP A 88 -33.78 -28.73 3.52
CA ASP A 88 -34.60 -29.03 4.70
C ASP A 88 -35.73 -30.00 4.39
N ALA A 89 -35.41 -31.06 3.64
CA ALA A 89 -36.25 -32.24 3.56
C ALA A 89 -35.44 -33.54 3.67
N MET A 90 -34.12 -33.49 3.54
CA MET A 90 -33.28 -34.66 3.65
C MET A 90 -32.83 -34.93 5.07
N GLY A 91 -33.12 -34.04 6.01
CA GLY A 91 -32.74 -34.28 7.39
C GLY A 91 -31.24 -34.39 7.53
N MET A 92 -30.80 -35.29 8.41
CA MET A 92 -29.38 -35.54 8.61
C MET A 92 -28.85 -36.63 7.68
N ASN A 93 -29.54 -36.90 6.58
CA ASN A 93 -29.03 -37.75 5.51
C ASN A 93 -28.18 -36.96 4.52
N LEU A 94 -27.60 -35.86 4.97
CA LEU A 94 -26.82 -34.95 4.17
C LEU A 94 -25.57 -34.64 4.96
N ASP A 95 -24.83 -33.61 4.55
CA ASP A 95 -23.62 -33.22 5.28
C ASP A 95 -23.81 -31.75 5.64
N ARG A 96 -24.86 -31.45 6.38
CA ARG A 96 -25.05 -30.12 6.93
C ARG A 96 -23.72 -29.58 7.45
N ALA A 97 -23.49 -28.31 7.17
CA ALA A 97 -22.19 -27.66 7.29
C ALA A 97 -21.38 -28.01 6.05
N ALA A 98 -20.61 -27.06 5.53
CA ALA A 98 -20.12 -27.13 4.15
C ALA A 98 -21.22 -27.47 3.16
N THR A 99 -22.48 -27.19 3.51
CA THR A 99 -23.58 -27.14 2.56
C THR A 99 -24.56 -26.04 2.94
N ARG A 100 -24.22 -25.21 3.92
CA ARG A 100 -25.10 -24.19 4.47
C ARG A 100 -25.01 -22.90 3.68
N ASP A 101 -23.81 -22.32 3.61
CA ASP A 101 -23.57 -21.15 2.79
C ASP A 101 -23.04 -21.56 1.43
N ALA A 102 -23.91 -22.22 0.67
CA ALA A 102 -23.62 -22.57 -0.71
C ALA A 102 -24.15 -21.51 -1.68
N ILE A 103 -25.36 -21.02 -1.45
CA ILE A 103 -25.93 -20.02 -2.35
C ILE A 103 -25.13 -18.73 -2.28
N THR A 104 -24.77 -18.29 -1.08
CA THR A 104 -24.05 -17.03 -0.94
C THR A 104 -22.68 -17.10 -1.60
N LYS A 105 -21.94 -18.18 -1.34
CA LYS A 105 -20.65 -18.35 -1.98
C LYS A 105 -20.80 -18.45 -3.49
N GLN A 106 -21.84 -19.14 -3.97
CA GLN A 106 -22.02 -19.26 -5.41
C GLN A 106 -22.23 -17.91 -6.05
N ILE A 107 -23.12 -17.09 -5.48
CA ILE A 107 -23.38 -15.80 -6.10
C ILE A 107 -22.17 -14.89 -6.00
N SER A 108 -21.44 -14.94 -4.87
CA SER A 108 -20.25 -14.12 -4.76
C SER A 108 -19.21 -14.50 -5.81
N ALA A 109 -19.00 -15.80 -6.01
CA ALA A 109 -18.03 -16.24 -7.00
C ALA A 109 -18.47 -15.82 -8.41
N GLN A 110 -19.76 -15.97 -8.71
CA GLN A 110 -20.23 -15.59 -10.03
C GLN A 110 -20.04 -14.09 -10.27
N GLN A 111 -20.33 -13.27 -9.26
CA GLN A 111 -20.11 -11.84 -9.40
C GLN A 111 -18.65 -11.52 -9.63
N ASN A 112 -17.76 -12.16 -8.87
CA ASN A 112 -16.34 -11.88 -9.02
C ASN A 112 -15.86 -12.22 -10.42
N GLN A 113 -16.25 -13.39 -10.93
CA GLN A 113 -15.75 -13.76 -12.24
C GLN A 113 -16.40 -12.95 -13.35
N ALA A 114 -17.63 -12.48 -13.17
CA ALA A 114 -18.20 -11.56 -14.14
C ALA A 114 -17.40 -10.26 -14.20
N ALA A 115 -17.03 -9.73 -13.03
CA ALA A 115 -16.23 -8.51 -13.02
C ALA A 115 -14.89 -8.73 -13.69
N ALA A 116 -14.25 -9.87 -13.40
CA ALA A 116 -12.97 -10.15 -14.03
C ALA A 116 -13.10 -10.25 -15.55
N THR A 117 -14.18 -10.88 -16.02
CA THR A 117 -14.39 -10.98 -17.46
C THR A 117 -14.55 -9.60 -18.08
N GLN A 118 -15.28 -8.72 -17.42
CA GLN A 118 -15.42 -7.37 -17.97
C GLN A 118 -14.07 -6.65 -18.04
N LYS A 119 -13.25 -6.78 -16.99
CA LYS A 119 -11.93 -6.16 -17.03
C LYS A 119 -11.11 -6.69 -18.19
N PHE A 120 -11.13 -8.01 -18.39
CA PHE A 120 -10.35 -8.60 -19.47
C PHE A 120 -10.84 -8.12 -20.82
N ASP A 121 -12.15 -8.02 -21.00
CA ASP A 121 -12.69 -7.51 -22.25
C ASP A 121 -12.25 -6.09 -22.51
N ASP A 122 -12.28 -5.24 -21.49
CA ASP A 122 -11.85 -3.85 -21.69
C ASP A 122 -10.37 -3.78 -22.08
N MET A 123 -9.53 -4.57 -21.40
CA MET A 123 -8.11 -4.55 -21.75
C MET A 123 -7.89 -4.99 -23.20
N GLN A 124 -8.58 -6.05 -23.61
CA GLN A 124 -8.42 -6.52 -24.98
C GLN A 124 -8.91 -5.47 -25.97
N ALA A 125 -9.99 -4.76 -25.63
CA ALA A 125 -10.49 -3.71 -26.51
C ALA A 125 -9.47 -2.60 -26.67
N GLU A 126 -8.82 -2.19 -25.59
CA GLU A 126 -7.77 -1.18 -25.70
C GLU A 126 -6.65 -1.66 -26.61
N VAL A 127 -6.22 -2.91 -26.42
CA VAL A 127 -5.12 -3.44 -27.23
C VAL A 127 -5.51 -3.40 -28.70
N GLY A 128 -6.75 -3.78 -29.02
CA GLY A 128 -7.19 -3.75 -30.40
C GLY A 128 -7.39 -2.36 -30.96
N GLN A 129 -7.67 -1.39 -30.11
CA GLN A 129 -7.92 -0.03 -30.56
C GLN A 129 -6.65 0.82 -30.64
N ARG A 130 -5.51 0.30 -30.18
CA ARG A 130 -4.27 1.07 -30.21
C ARG A 130 -3.91 1.67 -31.56
N GLY A 131 -4.53 1.23 -32.65
CA GLY A 131 -4.19 1.78 -33.96
C GLY A 131 -4.91 3.06 -34.31
N ILE A 132 -6.20 3.13 -33.98
CA ILE A 132 -6.97 4.35 -34.25
C ILE A 132 -6.41 5.51 -33.46
N VAL A 133 -6.04 5.28 -32.20
CA VAL A 133 -5.45 6.33 -31.39
C VAL A 133 -4.16 6.82 -32.03
N ASP A 134 -3.39 5.89 -32.60
CA ASP A 134 -2.17 6.27 -33.31
C ASP A 134 -2.48 7.20 -34.47
N GLN A 135 -3.45 6.82 -35.28
CA GLN A 135 -3.80 7.63 -36.44
C GLN A 135 -4.26 9.02 -35.99
N LEU A 136 -5.06 9.08 -34.93
CA LEU A 136 -5.53 10.37 -34.45
C LEU A 136 -4.37 11.24 -33.96
N ARG A 137 -3.42 10.64 -33.24
CA ARG A 137 -2.26 11.38 -32.78
C ARG A 137 -1.49 11.95 -33.96
N THR A 138 -1.28 11.14 -35.00
CA THR A 138 -0.57 11.62 -36.17
C THR A 138 -1.31 12.76 -36.84
N LEU A 139 -2.64 12.65 -36.93
CA LEU A 139 -3.42 13.67 -37.64
C LEU A 139 -3.50 14.97 -36.87
N SER A 140 -3.58 14.91 -35.54
CA SER A 140 -3.83 16.11 -34.76
C SER A 140 -2.60 16.98 -34.58
N ALA A 141 -1.41 16.47 -34.90
CA ALA A 141 -0.19 17.26 -34.79
C ALA A 141 0.12 18.03 -36.05
N GLU A 142 -0.69 17.91 -37.09
CA GLU A 142 -0.52 18.65 -38.34
C GLU A 142 -1.50 19.80 -38.45
N GLY A 143 -2.22 20.13 -37.38
CA GLY A 143 -3.18 21.20 -37.38
C GLY A 143 -4.58 20.77 -37.77
N ARG A 144 -4.72 19.70 -38.56
CA ARG A 144 -6.03 19.24 -38.96
C ARG A 144 -6.85 18.84 -37.74
N ALA A 145 -7.83 19.66 -37.39
CA ALA A 145 -8.68 19.41 -36.24
C ALA A 145 -10.10 19.01 -36.61
N GLY A 146 -10.49 19.15 -37.87
CA GLY A 146 -11.82 18.76 -38.29
C GLY A 146 -11.91 17.31 -38.67
N GLU A 147 -10.77 16.69 -38.98
CA GLU A 147 -10.71 15.28 -39.32
C GLU A 147 -10.40 14.40 -38.11
N VAL A 148 -10.38 14.98 -36.91
CA VAL A 148 -10.18 14.20 -35.69
C VAL A 148 -11.50 14.17 -34.93
N ASN A 149 -12.24 15.29 -34.96
CA ASN A 149 -13.55 15.31 -34.35
C ASN A 149 -14.59 14.54 -35.15
N GLN A 150 -14.28 14.15 -36.38
CA GLN A 150 -15.19 13.36 -37.19
C GLN A 150 -14.90 11.87 -37.14
N ILE A 151 -13.65 11.48 -36.89
CA ILE A 151 -13.35 10.08 -36.63
C ILE A 151 -13.66 9.72 -35.19
N LEU A 152 -13.65 10.70 -34.27
CA LEU A 152 -14.06 10.48 -32.90
C LEU A 152 -15.57 10.62 -32.72
N ALA A 153 -16.33 10.55 -33.81
CA ALA A 153 -17.79 10.56 -33.74
C ALA A 153 -18.44 9.36 -34.38
N GLU A 154 -17.76 8.66 -35.29
CA GLU A 154 -18.27 7.43 -35.89
C GLU A 154 -17.56 6.20 -35.36
N GLN A 155 -16.22 6.22 -35.36
CA GLN A 155 -15.43 5.13 -34.77
C GLN A 155 -15.21 5.39 -33.30
N GLN A 156 -16.30 5.67 -32.60
CA GLN A 156 -16.28 5.96 -31.18
C GLN A 156 -16.51 4.66 -30.41
N LEU A 157 -16.87 4.76 -29.14
CA LEU A 157 -16.79 3.70 -28.16
C LEU A 157 -15.35 3.27 -27.92
N ILE A 158 -14.40 4.16 -28.23
CA ILE A 158 -13.03 3.95 -27.80
C ILE A 158 -13.03 3.83 -26.28
N ASN A 159 -12.18 2.96 -25.76
CA ASN A 159 -12.28 2.57 -24.36
C ASN A 159 -12.13 3.78 -23.44
N GLU A 160 -11.18 4.66 -23.73
CA GLU A 160 -10.93 5.84 -22.92
C GLU A 160 -11.39 7.07 -23.70
N GLY A 161 -12.38 7.76 -23.15
CA GLY A 161 -12.87 8.99 -23.74
C GLY A 161 -12.15 10.21 -23.21
N GLU A 162 -10.96 10.01 -22.65
CA GLU A 162 -10.14 11.10 -22.16
C GLU A 162 -9.08 11.54 -23.15
N ILE A 163 -8.88 10.78 -24.23
CA ILE A 163 -7.95 11.20 -25.28
C ILE A 163 -8.38 12.54 -25.85
N ARG A 164 -9.68 12.81 -25.87
CA ARG A 164 -10.18 14.08 -26.36
C ARG A 164 -9.48 15.25 -25.71
N LYS A 165 -9.30 15.18 -24.38
CA LYS A 165 -8.67 16.30 -23.69
C LYS A 165 -7.22 16.47 -24.12
N GLU A 166 -6.50 15.37 -24.32
CA GLU A 166 -5.11 15.47 -24.76
C GLU A 166 -5.03 16.11 -26.15
N LEU A 167 -5.87 15.68 -27.09
CA LEU A 167 -5.80 16.25 -28.42
C LEU A 167 -6.21 17.73 -28.42
N THR A 168 -7.21 18.09 -27.62
CA THR A 168 -7.58 19.48 -27.51
C THR A 168 -6.44 20.31 -26.95
N GLY A 169 -5.74 19.78 -25.94
CA GLY A 169 -4.58 20.47 -25.42
C GLY A 169 -3.52 20.68 -26.47
N VAL A 170 -3.32 19.68 -27.33
CA VAL A 170 -2.32 19.82 -28.39
C VAL A 170 -2.69 20.97 -29.32
N GLN A 171 -3.94 21.00 -29.77
CA GLN A 171 -4.32 22.06 -30.72
C GLN A 171 -4.27 23.43 -30.04
N ASP A 172 -4.64 23.50 -28.77
CA ASP A 172 -4.54 24.77 -28.05
C ASP A 172 -3.09 25.22 -27.95
N ALA A 173 -2.18 24.29 -27.71
CA ALA A 173 -0.76 24.65 -27.66
C ALA A 173 -0.30 25.21 -29.00
N ILE A 174 -0.75 24.60 -30.10
CA ILE A 174 -0.37 25.11 -31.42
C ILE A 174 -0.85 26.56 -31.59
N GLN A 175 -2.12 26.79 -31.27
CA GLN A 175 -2.66 28.14 -31.44
C GLN A 175 -1.92 29.14 -30.56
N ASN A 176 -1.63 28.76 -29.32
CA ASN A 176 -0.93 29.65 -28.42
C ASN A 176 0.46 29.99 -28.95
N ARG A 177 1.16 29.00 -29.51
CA ARG A 177 2.48 29.27 -30.08
C ARG A 177 2.38 30.29 -31.21
N GLN A 178 1.39 30.11 -32.09
CA GLN A 178 1.24 31.06 -33.19
C GLN A 178 0.99 32.47 -32.67
N TYR A 179 0.10 32.60 -31.67
CA TYR A 179 -0.21 33.91 -31.15
C TYR A 179 1.00 34.55 -30.49
N ARG A 180 1.81 33.76 -29.78
CA ARG A 180 3.01 34.31 -29.16
C ARG A 180 3.97 34.84 -30.21
N ALA A 181 4.16 34.10 -31.30
CA ALA A 181 5.04 34.57 -32.36
C ALA A 181 4.54 35.90 -32.93
N ALA A 182 3.24 35.99 -33.18
CA ALA A 182 2.68 37.24 -33.70
C ALA A 182 2.91 38.39 -32.74
N GLY A 183 2.72 38.14 -31.44
CA GLY A 183 2.92 39.19 -30.46
C GLY A 183 4.35 39.71 -30.45
N GLU A 184 5.32 38.80 -30.51
CA GLU A 184 6.72 39.23 -30.54
C GLU A 184 6.99 40.06 -31.78
N GLN A 185 6.45 39.63 -32.93
CA GLN A 185 6.66 40.37 -34.16
C GLN A 185 6.11 41.79 -34.03
N ARG A 186 4.95 41.94 -33.40
CA ARG A 186 4.41 43.28 -33.20
C ARG A 186 5.29 44.10 -32.26
N ALA A 187 5.78 43.48 -31.18
CA ALA A 187 6.54 44.22 -30.18
C ALA A 187 7.81 44.81 -30.77
N GLN A 188 8.54 44.04 -31.58
CA GLN A 188 9.80 44.57 -32.09
C GLN A 188 9.57 45.78 -32.99
N ALA A 189 8.53 45.73 -33.82
CA ALA A 189 8.23 46.87 -34.68
C ALA A 189 7.84 48.09 -33.84
N ALA A 190 7.07 47.88 -32.77
CA ALA A 190 6.74 48.99 -31.89
C ALA A 190 8.00 49.62 -31.32
N ALA A 191 8.97 48.79 -30.93
CA ALA A 191 10.22 49.33 -30.40
C ALA A 191 10.95 50.16 -31.44
N ASN A 192 11.00 49.69 -32.68
CA ASN A 192 11.67 50.46 -33.72
C ASN A 192 11.01 51.82 -33.91
N ARG A 193 9.67 51.84 -33.95
CA ARG A 193 8.97 53.11 -34.09
C ARG A 193 9.30 54.06 -32.95
N ALA A 194 9.32 53.52 -31.73
CA ALA A 194 9.64 54.37 -30.58
C ALA A 194 11.04 54.97 -30.72
N ALA A 195 12.00 54.16 -31.15
CA ALA A 195 13.37 54.66 -31.30
C ALA A 195 13.43 55.81 -32.30
N GLU A 196 12.77 55.64 -33.46
CA GLU A 196 12.80 56.69 -34.47
C GLU A 196 12.19 57.99 -33.94
N ALA A 197 11.02 57.87 -33.30
CA ALA A 197 10.36 59.06 -32.80
C ALA A 197 11.24 59.77 -31.77
N HIS A 198 11.87 59.01 -30.88
CA HIS A 198 12.71 59.63 -29.87
C HIS A 198 13.89 60.35 -30.51
N SER A 199 14.51 59.76 -31.53
CA SER A 199 15.65 60.42 -32.16
C SER A 199 15.23 61.77 -32.73
N LEU A 200 14.10 61.81 -33.43
CA LEU A 200 13.64 63.08 -33.99
C LEU A 200 13.37 64.08 -32.88
N SER A 201 12.70 63.65 -31.81
CA SER A 201 12.37 64.58 -30.73
C SER A 201 13.62 65.14 -30.08
N MET A 202 14.63 64.30 -29.89
CA MET A 202 15.88 64.78 -29.30
C MET A 202 16.55 65.82 -30.18
N ALA A 203 16.58 65.59 -31.49
CA ALA A 203 17.19 66.58 -32.38
C ALA A 203 16.46 67.91 -32.26
N ALA A 204 15.13 67.88 -32.30
CA ALA A 204 14.36 69.11 -32.22
C ALA A 204 14.60 69.84 -30.91
N GLY A 205 14.58 69.10 -29.80
CA GLY A 205 14.79 69.73 -28.50
C GLY A 205 16.16 70.36 -28.38
N ARG A 206 17.18 69.68 -28.88
CA ARG A 206 18.53 70.24 -28.82
C ARG A 206 18.61 71.54 -29.61
N GLU A 207 18.01 71.57 -30.80
CA GLU A 207 18.03 72.81 -31.59
C GLU A 207 17.32 73.92 -30.84
N ASN A 208 16.16 73.63 -30.24
CA ASN A 208 15.43 74.66 -29.52
C ASN A 208 16.24 75.20 -28.35
N LEU A 209 16.90 74.32 -27.61
CA LEU A 209 17.71 74.78 -26.49
C LEU A 209 18.85 75.67 -26.97
N ALA A 210 19.49 75.30 -28.07
CA ALA A 210 20.57 76.13 -28.59
C ALA A 210 20.07 77.52 -28.95
N PHE A 211 18.92 77.60 -29.64
CA PHE A 211 18.37 78.90 -30.00
C PHE A 211 18.05 79.72 -28.75
N THR A 212 17.43 79.10 -27.75
CA THR A 212 17.09 79.86 -26.54
C THR A 212 18.34 80.39 -25.87
N ARG A 213 19.39 79.57 -25.79
CA ARG A 213 20.63 80.04 -25.18
C ARG A 213 21.20 81.22 -25.94
N GLU A 214 21.18 81.15 -27.27
CA GLU A 214 21.71 82.26 -28.06
C GLU A 214 20.94 83.54 -27.81
N GLN A 215 19.60 83.45 -27.79
CA GLN A 215 18.79 84.65 -27.57
C GLN A 215 19.03 85.23 -26.18
N ARG A 216 19.11 84.37 -25.16
CA ARG A 216 19.38 84.86 -23.81
C ARG A 216 20.72 85.57 -23.74
N ASP A 217 21.75 84.98 -24.37
CA ASP A 217 23.06 85.62 -24.36
C ASP A 217 23.00 86.97 -25.05
N GLU A 218 22.29 87.07 -26.17
CA GLU A 218 22.19 88.34 -26.88
C GLU A 218 21.53 89.40 -26.00
N LEU A 219 20.42 89.05 -25.35
CA LEU A 219 19.73 90.02 -24.51
C LEU A 219 20.61 90.46 -23.36
N ARG A 220 21.32 89.51 -22.73
CA ARG A 220 22.19 89.86 -21.61
C ARG A 220 23.32 90.79 -22.07
N ARG A 221 23.91 90.50 -23.23
CA ARG A 221 24.96 91.37 -23.74
C ARG A 221 24.42 92.78 -23.99
N ASP A 222 23.22 92.87 -24.56
CA ASP A 222 22.63 94.19 -24.81
C ASP A 222 22.45 94.96 -23.52
N ARG A 223 21.89 94.31 -22.50
CA ARG A 223 21.64 94.99 -21.24
C ARG A 223 22.96 95.44 -20.60
N ASP A 224 23.96 94.56 -20.61
CA ASP A 224 25.26 94.91 -20.03
C ASP A 224 25.88 96.08 -20.77
N GLU A 225 25.80 96.08 -22.10
CA GLU A 225 26.38 97.17 -22.87
C GLU A 225 25.69 98.49 -22.55
N ALA A 226 24.36 98.48 -22.46
CA ALA A 226 23.63 99.70 -22.13
C ALA A 226 24.04 100.21 -20.75
N LYS A 227 24.11 99.31 -19.76
CA LYS A 227 24.47 99.74 -18.41
C LYS A 227 25.87 100.33 -18.38
N LEU A 228 26.84 99.65 -19.01
CA LEU A 228 28.22 100.11 -18.93
C LEU A 228 28.41 101.40 -19.70
N VAL A 229 27.75 101.56 -20.85
CA VAL A 229 27.90 102.82 -21.58
C VAL A 229 27.27 103.95 -20.80
N SER A 230 26.12 103.70 -20.15
CA SER A 230 25.53 104.74 -19.32
C SER A 230 26.47 105.15 -18.18
N GLY A 231 27.10 104.16 -17.53
CA GLY A 231 28.01 104.48 -16.45
C GLY A 231 29.23 105.25 -16.90
N THR A 232 29.83 104.82 -18.02
CA THR A 232 30.99 105.53 -18.56
C THR A 232 30.62 106.95 -18.96
N ILE A 233 29.45 107.11 -19.57
CA ILE A 233 28.95 108.43 -19.92
C ILE A 233 28.82 109.31 -18.67
N ALA A 234 28.22 108.77 -17.61
CA ALA A 234 28.02 109.57 -16.41
C ALA A 234 29.36 109.99 -15.81
N THR A 235 30.30 109.06 -15.71
CA THR A 235 31.58 109.39 -15.07
C THR A 235 32.39 110.36 -15.92
N THR A 236 32.36 110.21 -17.25
CA THR A 236 33.12 111.14 -18.08
C THR A 236 32.48 112.52 -18.10
N PHE A 237 31.15 112.60 -18.07
CA PHE A 237 30.50 113.90 -17.94
C PHE A 237 30.86 114.57 -16.62
N GLN A 238 30.89 113.78 -15.54
CA GLN A 238 31.29 114.32 -14.24
C GLN A 238 32.73 114.82 -14.30
N ASP A 239 33.62 114.06 -14.93
CA ASP A 239 35.01 114.49 -15.04
C ASP A 239 35.14 115.77 -15.85
N TYR A 240 34.39 115.87 -16.95
CA TYR A 240 34.44 117.08 -17.76
C TYR A 240 33.91 118.28 -16.98
N ASP A 241 32.83 118.10 -16.23
CA ASP A 241 32.30 119.18 -15.42
C ASP A 241 33.30 119.61 -14.34
N GLU A 242 33.98 118.64 -13.73
CA GLU A 242 35.01 118.98 -12.76
C GLU A 242 36.16 119.75 -13.40
N SER A 243 36.56 119.35 -14.61
CA SER A 243 37.60 120.07 -15.31
C SER A 243 37.16 121.50 -15.63
N ARG A 244 35.91 121.67 -16.04
CA ARG A 244 35.41 123.00 -16.34
C ARG A 244 35.36 123.86 -15.09
N GLN A 245 34.94 123.30 -13.96
CA GLN A 245 34.96 124.07 -12.73
C GLN A 245 36.38 124.39 -12.29
N ALA A 246 37.32 123.48 -12.54
CA ALA A 246 38.71 123.73 -12.18
C ALA A 246 39.29 124.88 -12.98
N GLN A 247 39.08 124.87 -14.30
CA GLN A 247 39.60 125.97 -15.12
C GLN A 247 38.87 127.27 -14.81
N SER A 248 37.58 127.20 -14.49
CA SER A 248 36.86 128.41 -14.08
C SER A 248 37.43 128.99 -12.79
N GLU A 249 37.73 128.13 -11.82
CA GLU A 249 38.30 128.63 -10.56
C GLU A 249 39.72 129.15 -10.77
N ILE A 250 40.48 128.54 -11.68
CA ILE A 250 41.81 129.07 -12.00
C ILE A 250 41.69 130.45 -12.60
N MET A 251 40.74 130.63 -13.53
CA MET A 251 40.54 131.95 -14.12
C MET A 251 40.08 132.96 -13.09
N ARG A 252 39.22 132.54 -12.15
CA ARG A 252 38.82 133.47 -11.07
C ARG A 252 40.07 133.87 -10.28
N ILE A 253 40.88 132.87 -9.89
CA ILE A 253 42.07 133.18 -9.12
C ILE A 253 42.92 134.21 -9.85
N VAL A 254 43.12 134.01 -11.16
CA VAL A 254 43.91 134.95 -11.95
C VAL A 254 43.27 136.33 -11.92
N GLY A 255 41.95 136.39 -12.11
CA GLY A 255 41.27 137.68 -12.11
C GLY A 255 41.39 138.41 -10.79
N LYS A 256 41.18 137.71 -9.68
CA LYS A 256 41.31 138.37 -8.38
C LYS A 256 42.75 138.77 -8.11
N GLU A 257 43.72 138.01 -8.63
CA GLU A 257 45.11 138.43 -8.53
C GLU A 257 45.34 139.73 -9.29
N VAL A 258 44.71 139.86 -10.47
CA VAL A 258 44.85 141.09 -11.24
C VAL A 258 44.26 142.28 -10.49
N GLY A 259 43.12 142.07 -9.81
CA GLY A 259 42.40 143.14 -9.17
C GLY A 259 40.93 143.16 -9.52
N MET A 260 40.44 142.05 -10.09
CA MET A 260 39.01 141.97 -10.55
C MET A 260 38.14 141.33 -9.47
N PRO A 261 37.27 142.08 -8.78
CA PRO A 261 36.45 141.56 -7.67
C PRO A 261 35.15 140.87 -8.12
N THR A 262 35.27 139.90 -9.01
CA THR A 262 34.14 139.03 -9.39
C THR A 262 32.93 139.84 -9.85
N ASP A 263 33.19 140.89 -10.61
CA ASP A 263 32.14 141.78 -11.15
C ASP A 263 31.35 142.31 -9.94
N ASP A 264 30.02 142.20 -9.92
CA ASP A 264 29.22 142.61 -8.77
C ASP A 264 28.34 141.47 -8.31
N GLN A 265 27.82 140.69 -9.26
CA GLN A 265 26.99 139.54 -8.94
C GLN A 265 27.11 138.52 -10.07
N GLY A 266 27.05 137.24 -9.70
CA GLY A 266 27.13 136.16 -10.67
C GLY A 266 25.90 135.29 -10.68
N MET A 267 25.23 135.16 -9.54
CA MET A 267 24.05 134.31 -9.43
C MET A 267 22.83 134.98 -10.07
N PRO A 268 22.43 136.18 -9.65
CA PRO A 268 21.17 136.72 -10.17
C PRO A 268 21.26 137.18 -11.61
N ASP A 269 22.32 137.90 -11.97
CA ASP A 269 22.46 138.45 -13.31
C ASP A 269 23.93 138.81 -13.52
N MET A 270 24.20 139.54 -14.60
CA MET A 270 25.54 140.03 -14.91
C MET A 270 25.67 141.49 -14.49
N SER A 271 26.91 141.96 -14.44
CA SER A 271 27.19 143.32 -14.05
C SER A 271 28.53 143.75 -14.64
N ARG A 272 28.85 145.02 -14.50
CA ARG A 272 30.05 145.60 -15.07
C ARG A 272 31.24 145.26 -14.16
N ALA A 273 32.40 145.85 -14.45
CA ALA A 273 33.63 145.55 -13.74
C ALA A 273 34.56 146.76 -13.84
N SER A 274 35.70 146.66 -13.16
CA SER A 274 36.71 147.73 -13.27
C SER A 274 37.21 147.85 -14.70
N GLN A 275 37.45 146.72 -15.36
CA GLN A 275 37.86 146.68 -16.76
C GLN A 275 36.98 145.69 -17.50
N ASP A 276 36.61 146.05 -18.73
CA ASP A 276 35.64 145.24 -19.48
C ASP A 276 36.31 144.04 -20.13
N GLN A 277 37.29 144.28 -20.99
CA GLN A 277 37.94 143.21 -21.75
C GLN A 277 39.44 143.46 -21.79
N LEU A 278 40.19 142.38 -22.00
CA LEU A 278 41.64 142.43 -22.11
C LEU A 278 42.27 142.97 -20.83
N ASP A 279 41.88 142.40 -19.70
CA ASP A 279 42.46 142.78 -18.42
C ASP A 279 43.95 142.48 -18.38
N ALA A 280 44.34 141.29 -18.86
CA ALA A 280 45.74 140.90 -18.92
C ALA A 280 45.87 139.70 -19.84
N PHE A 281 47.12 139.34 -20.15
CA PHE A 281 47.35 138.21 -21.04
C PHE A 281 46.89 136.91 -20.39
N SER A 282 47.09 136.77 -19.07
CA SER A 282 46.69 135.55 -18.39
C SER A 282 45.17 135.37 -18.44
N ASN A 283 44.43 136.45 -18.22
CA ASN A 283 42.98 136.37 -18.28
C ASN A 283 42.50 136.00 -19.68
N ALA A 284 43.12 136.59 -20.70
CA ALA A 284 42.71 136.36 -22.09
C ALA A 284 43.24 135.05 -22.65
N LEU A 285 44.15 134.36 -21.96
CA LEU A 285 44.71 133.12 -22.50
C LEU A 285 43.63 132.05 -22.66
N ASN A 286 42.76 131.91 -21.67
CA ASN A 286 41.72 130.89 -21.67
C ASN A 286 40.32 131.48 -21.59
N GLU A 287 40.10 132.40 -20.64
CA GLU A 287 38.78 133.01 -20.43
C GLU A 287 37.72 131.96 -20.11
N ALA A 288 38.13 130.90 -19.41
CA ALA A 288 37.21 129.83 -18.99
C ALA A 288 36.51 129.20 -20.19
N GLY A 289 37.25 129.04 -21.29
CA GLY A 289 36.70 128.44 -22.48
C GLY A 289 36.01 129.42 -23.39
N VAL A 290 36.73 130.47 -23.80
CA VAL A 290 36.20 131.49 -24.68
C VAL A 290 34.98 132.14 -24.05
N GLN A 291 35.21 132.93 -23.00
CA GLN A 291 34.15 133.66 -22.31
C GLN A 291 33.06 132.72 -21.80
N ALA A 292 33.50 131.63 -21.15
CA ALA A 292 32.60 130.66 -20.53
C ALA A 292 31.61 130.10 -21.55
N ASN A 293 32.10 129.80 -22.75
CA ASN A 293 31.27 129.23 -23.82
C ASN A 293 31.24 127.71 -23.67
N THR A 294 30.48 127.27 -22.67
CA THR A 294 30.24 125.84 -22.45
C THR A 294 29.13 125.39 -23.39
N SER A 295 29.41 125.49 -24.68
CA SER A 295 28.41 125.18 -25.69
C SER A 295 28.03 123.70 -25.61
N PRO A 296 26.78 123.35 -25.94
CA PRO A 296 26.40 121.94 -25.90
C PRO A 296 27.23 121.07 -26.82
N THR A 297 27.64 121.60 -27.99
CA THR A 297 28.36 120.78 -28.96
C THR A 297 29.70 120.32 -28.39
N GLU A 298 30.38 121.19 -27.64
CA GLU A 298 31.63 120.79 -27.01
C GLU A 298 31.42 119.62 -26.05
N ARG A 299 30.36 119.68 -25.24
CA ARG A 299 30.07 118.59 -24.32
C ARG A 299 29.71 117.31 -25.07
N ARG A 300 28.95 117.43 -26.16
CA ARG A 300 28.62 116.25 -26.94
C ARG A 300 29.87 115.60 -27.52
N ASN A 301 30.78 116.41 -28.04
CA ASN A 301 32.03 115.86 -28.56
C ASN A 301 32.85 115.22 -27.45
N ALA A 302 32.91 115.85 -26.28
CA ALA A 302 33.69 115.31 -25.18
C ALA A 302 33.13 113.97 -24.72
N VAL A 303 31.81 113.84 -24.61
CA VAL A 303 31.24 112.58 -24.15
C VAL A 303 31.28 111.53 -25.25
N LEU A 304 31.25 111.94 -26.52
CA LEU A 304 31.31 111.00 -27.62
C LEU A 304 32.72 110.47 -27.86
N LYS A 305 33.75 111.22 -27.48
CA LYS A 305 35.12 110.82 -27.79
C LYS A 305 35.48 109.46 -27.21
N SER A 306 34.79 109.02 -26.15
CA SER A 306 35.04 107.71 -25.55
C SER A 306 33.84 106.78 -25.69
N LEU A 307 32.80 107.20 -26.42
CA LEU A 307 31.57 106.41 -26.54
C LEU A 307 31.56 105.61 -27.84
N VAL A 308 31.82 106.28 -28.97
CA VAL A 308 31.76 105.66 -30.28
C VAL A 308 33.02 104.83 -30.55
N ASP A 309 33.90 104.72 -29.54
CA ASP A 309 35.13 103.96 -29.73
C ASP A 309 34.84 102.50 -30.07
N ALA A 310 33.88 101.90 -29.36
CA ALA A 310 33.54 100.50 -29.62
C ALA A 310 32.22 100.18 -28.93
N GLY A 311 31.58 99.11 -29.42
CA GLY A 311 30.42 98.55 -28.74
C GLY A 311 29.24 99.48 -28.64
N VAL A 312 28.87 100.13 -29.75
CA VAL A 312 27.69 100.98 -29.78
C VAL A 312 26.94 100.73 -31.09
N SER A 313 25.63 100.95 -31.06
CA SER A 313 24.77 100.67 -32.20
C SER A 313 23.73 101.79 -32.29
N SER A 314 22.73 101.58 -33.15
CA SER A 314 21.69 102.58 -33.35
C SER A 314 20.93 102.86 -32.05
N LYS A 315 20.71 101.83 -31.24
CA LYS A 315 20.07 101.99 -29.94
C LYS A 315 21.02 102.52 -28.87
N GLY A 316 22.20 103.01 -29.27
CA GLY A 316 23.22 103.48 -28.36
C GLY A 316 23.21 104.99 -28.26
N ILE A 317 24.06 105.65 -29.04
CA ILE A 317 24.17 107.10 -28.99
C ILE A 317 22.80 107.76 -29.15
N ALA A 318 21.88 107.10 -29.85
CA ALA A 318 20.55 107.69 -30.05
C ALA A 318 19.83 107.87 -28.71
N GLN A 319 19.75 106.81 -27.91
CA GLN A 319 19.16 106.95 -26.59
C GLN A 319 20.06 107.74 -25.64
N ALA A 320 21.36 107.75 -25.91
CA ALA A 320 22.29 108.54 -25.09
C ALA A 320 22.02 110.03 -25.22
N LYS A 321 21.61 110.47 -26.41
CA LYS A 321 21.34 111.89 -26.60
C LYS A 321 20.23 112.38 -25.68
N GLN A 322 19.31 111.50 -25.28
CA GLN A 322 18.32 111.89 -24.29
C GLN A 322 19.01 112.28 -22.97
N GLU A 323 20.01 111.50 -22.55
CA GLU A 323 20.70 111.80 -21.30
C GLU A 323 21.60 113.03 -21.43
N MET A 324 22.14 113.19 -22.62
CA MET A 324 22.88 114.45 -22.81
C MET A 324 21.87 115.58 -22.59
N GLU A 325 20.75 115.58 -23.33
CA GLU A 325 19.80 116.69 -23.22
C GLU A 325 19.38 116.91 -21.78
N LEU A 326 19.18 115.82 -21.02
CA LEU A 326 18.83 115.95 -19.62
C LEU A 326 19.93 116.66 -18.83
N ARG A 327 21.19 116.26 -19.05
CA ARG A 327 22.30 116.91 -18.37
C ARG A 327 22.39 118.38 -18.74
N GLU A 328 22.17 118.70 -20.01
CA GLU A 328 22.18 120.11 -20.42
C GLU A 328 21.07 120.89 -19.73
N SER A 329 19.87 120.31 -19.66
CA SER A 329 18.76 120.98 -19.00
C SER A 329 18.98 121.12 -17.50
N LEU A 330 19.82 120.26 -16.91
CA LEU A 330 20.15 120.43 -15.49
C LEU A 330 20.83 121.77 -15.23
N GLU A 331 21.79 122.14 -16.07
CA GLU A 331 22.49 123.40 -15.89
C GLU A 331 22.24 124.35 -17.06
N GLY B 25 -11.00 -87.15 10.03
CA GLY B 25 -11.42 -86.72 8.67
C GLY B 25 -12.44 -85.59 8.67
N THR B 26 -13.10 -85.40 9.80
CA THR B 26 -14.11 -84.37 9.96
C THR B 26 -13.59 -83.13 10.70
N THR B 27 -12.29 -83.07 10.99
CA THR B 27 -11.71 -81.95 11.73
C THR B 27 -10.80 -81.08 10.88
N GLY B 28 -10.12 -81.65 9.88
CA GLY B 28 -9.22 -80.88 9.04
C GLY B 28 -9.89 -80.10 7.94
N VAL B 29 -11.18 -80.37 7.67
CA VAL B 29 -11.88 -79.65 6.61
C VAL B 29 -12.10 -78.19 6.97
N GLN B 30 -12.09 -77.85 8.26
CA GLN B 30 -12.24 -76.45 8.65
C GLN B 30 -11.10 -75.60 8.11
N GLN B 31 -9.87 -76.10 8.25
CA GLN B 31 -8.73 -75.39 7.68
C GLN B 31 -8.84 -75.34 6.16
N ALA B 32 -9.40 -76.39 5.55
CA ALA B 32 -9.60 -76.37 4.09
C ALA B 32 -10.53 -75.24 3.69
N LEU B 33 -11.64 -75.08 4.40
CA LEU B 33 -12.57 -74.00 4.05
C LEU B 33 -11.95 -72.63 4.33
N GLY B 34 -11.21 -72.50 5.43
CA GLY B 34 -10.55 -71.23 5.70
C GLY B 34 -9.55 -70.85 4.62
N ALA B 35 -8.76 -71.83 4.16
CA ALA B 35 -7.81 -71.60 3.09
C ALA B 35 -8.49 -71.37 1.75
N LEU B 36 -9.71 -71.89 1.58
CA LEU B 36 -10.47 -71.58 0.38
C LEU B 36 -11.03 -70.16 0.42
N GLY B 37 -11.35 -69.66 1.61
CA GLY B 37 -11.95 -68.35 1.74
C GLY B 37 -10.98 -67.17 1.77
N ASP B 38 -9.82 -67.34 2.40
CA ASP B 38 -8.92 -66.20 2.51
C ASP B 38 -8.45 -65.72 1.14
N ILE B 39 -8.34 -66.64 0.18
CA ILE B 39 -7.93 -66.24 -1.17
C ILE B 39 -8.98 -65.34 -1.80
N ILE B 40 -10.26 -65.67 -1.63
CA ILE B 40 -11.30 -64.81 -2.18
C ILE B 40 -11.28 -63.47 -1.45
N SER B 41 -10.93 -63.48 -0.16
CA SER B 41 -10.84 -62.22 0.58
C SER B 41 -9.79 -61.30 -0.03
N ARG B 42 -8.58 -61.81 -0.26
CA ARG B 42 -7.55 -60.96 -0.83
C ARG B 42 -7.89 -60.56 -2.26
N GLN B 43 -8.55 -61.45 -3.00
CA GLN B 43 -8.99 -61.07 -4.35
C GLN B 43 -9.95 -59.89 -4.28
N GLN B 44 -10.87 -59.91 -3.31
CA GLN B 44 -11.80 -58.79 -3.17
C GLN B 44 -11.06 -57.50 -2.83
N GLU B 45 -10.06 -57.59 -1.94
CA GLU B 45 -9.29 -56.38 -1.60
C GLU B 45 -8.59 -55.83 -2.84
N MET B 46 -8.00 -56.72 -3.64
CA MET B 46 -7.35 -56.28 -4.88
C MET B 46 -8.36 -55.63 -5.81
N ASN B 47 -9.56 -56.18 -5.90
CA ASN B 47 -10.61 -55.58 -6.72
C ASN B 47 -10.93 -54.17 -6.23
N VAL B 48 -10.99 -53.98 -4.91
CA VAL B 48 -11.28 -52.67 -4.36
C VAL B 48 -10.21 -51.66 -4.79
N ASN B 49 -8.94 -52.06 -4.66
CA ASN B 49 -7.87 -51.15 -5.06
C ASN B 49 -7.96 -50.81 -6.54
N ASN B 50 -8.22 -51.80 -7.38
CA ASN B 50 -8.36 -51.55 -8.81
C ASN B 50 -9.49 -50.58 -9.08
N ALA B 51 -10.62 -50.73 -8.37
CA ALA B 51 -11.75 -49.84 -8.59
C ALA B 51 -11.39 -48.41 -8.22
N LYS B 52 -10.69 -48.22 -7.11
CA LYS B 52 -10.30 -46.87 -6.72
C LYS B 52 -9.40 -46.24 -7.79
N LEU B 53 -8.44 -47.01 -8.30
CA LEU B 53 -7.57 -46.49 -9.34
C LEU B 53 -8.37 -46.16 -10.60
N GLN B 54 -9.36 -46.98 -10.93
CA GLN B 54 -10.18 -46.71 -12.10
C GLN B 54 -10.95 -45.40 -11.94
N ARG B 55 -11.47 -45.14 -10.73
CA ARG B 55 -12.15 -43.88 -10.50
C ARG B 55 -11.20 -42.69 -10.67
N GLU B 56 -9.98 -42.83 -10.15
CA GLU B 56 -9.00 -41.76 -10.32
C GLU B 56 -8.72 -41.51 -11.80
N ALA B 57 -8.57 -42.60 -12.57
CA ALA B 57 -8.33 -42.45 -13.99
C ALA B 57 -9.49 -41.75 -14.69
N ASN B 58 -10.72 -42.10 -14.30
CA ASN B 58 -11.88 -41.46 -14.93
C ASN B 58 -11.89 -39.96 -14.69
N THR B 59 -11.67 -39.56 -13.43
CA THR B 59 -11.71 -38.12 -13.14
C THR B 59 -10.58 -37.39 -13.85
N GLN B 60 -9.38 -37.97 -13.89
CA GLN B 60 -8.28 -37.30 -14.60
C GLN B 60 -8.59 -37.18 -16.08
N SER B 61 -9.15 -38.24 -16.68
CA SER B 61 -9.46 -38.19 -18.10
C SER B 61 -10.47 -37.10 -18.40
N TYR B 62 -11.49 -36.94 -17.55
CA TYR B 62 -12.43 -35.85 -17.78
C TYR B 62 -11.75 -34.50 -17.65
N LEU B 63 -10.96 -34.31 -16.59
CA LEU B 63 -10.34 -33.01 -16.37
C LEU B 63 -9.43 -32.64 -17.54
N ASP B 64 -8.84 -33.63 -18.20
CA ASP B 64 -7.96 -33.34 -19.33
C ASP B 64 -8.73 -32.66 -20.46
N GLN B 65 -9.97 -33.09 -20.73
CA GLN B 65 -10.74 -32.47 -21.80
C GLN B 65 -10.96 -30.99 -21.53
N VAL B 66 -11.29 -30.64 -20.29
CA VAL B 66 -11.47 -29.23 -19.94
C VAL B 66 -10.15 -28.49 -20.08
N ALA B 67 -9.05 -29.09 -19.62
CA ALA B 67 -7.78 -28.40 -19.62
C ALA B 67 -7.22 -28.13 -21.01
N ALA B 68 -7.76 -28.75 -22.05
CA ALA B 68 -7.23 -28.67 -23.40
C ALA B 68 -8.24 -28.04 -24.36
N SER B 69 -8.89 -26.96 -23.92
CA SER B 69 -9.86 -26.26 -24.73
C SER B 69 -9.49 -24.78 -24.78
N THR B 70 -9.77 -24.15 -25.92
CA THR B 70 -9.45 -22.74 -26.06
C THR B 70 -10.43 -21.89 -25.26
N LEU B 71 -9.97 -20.70 -24.86
CA LEU B 71 -10.82 -19.81 -24.09
C LEU B 71 -12.07 -19.44 -24.87
N GLU B 72 -11.93 -19.22 -26.18
CA GLU B 72 -13.10 -18.89 -26.99
C GLU B 72 -14.12 -20.01 -26.99
N GLN B 73 -13.65 -21.26 -27.01
CA GLN B 73 -14.57 -22.39 -26.96
C GLN B 73 -15.35 -22.41 -25.65
N LEU B 74 -14.66 -22.23 -24.53
CA LEU B 74 -15.35 -22.26 -23.24
C LEU B 74 -16.30 -21.08 -23.09
N SER B 75 -15.97 -19.94 -23.70
CA SER B 75 -16.88 -18.80 -23.59
C SER B 75 -18.21 -19.09 -24.26
N ASN B 76 -18.20 -19.73 -25.41
CA ASN B 76 -19.44 -20.05 -26.13
C ASN B 76 -20.28 -21.00 -25.30
N ALA B 77 -21.50 -20.60 -24.97
CA ALA B 77 -22.36 -21.39 -24.08
C ALA B 77 -23.19 -22.42 -24.85
N ASP B 78 -22.53 -23.14 -25.71
CA ASP B 78 -23.06 -24.36 -26.32
C ASP B 78 -22.06 -25.49 -26.24
N TYR B 79 -20.77 -25.18 -26.36
CA TYR B 79 -19.73 -26.19 -26.19
C TYR B 79 -19.69 -26.69 -24.75
N ARG B 80 -19.78 -25.77 -23.77
CA ARG B 80 -19.62 -26.16 -22.38
C ARG B 80 -20.78 -27.01 -21.89
N SER B 81 -22.00 -26.75 -22.36
CA SER B 81 -23.13 -27.55 -21.93
C SER B 81 -22.95 -29.00 -22.37
N GLY B 82 -22.59 -29.20 -23.64
CA GLY B 82 -22.30 -30.54 -24.10
C GLY B 82 -21.12 -31.15 -23.38
N LEU B 83 -20.14 -30.32 -23.00
CA LEU B 83 -18.97 -30.84 -22.32
C LEU B 83 -19.31 -31.35 -20.92
N GLU B 84 -20.15 -30.63 -20.19
CA GLU B 84 -20.53 -31.08 -18.84
C GLU B 84 -21.65 -32.10 -18.87
N ALA B 85 -22.34 -32.26 -19.99
CA ALA B 85 -23.25 -33.40 -20.11
C ALA B 85 -22.51 -34.71 -19.91
N GLN B 86 -21.22 -34.75 -20.26
CA GLN B 86 -20.41 -35.94 -19.98
C GLN B 86 -20.13 -36.08 -18.49
N ARG B 87 -19.86 -34.97 -17.80
CA ARG B 87 -19.71 -35.04 -16.35
C ARG B 87 -20.97 -35.54 -15.67
N ASP B 88 -22.13 -35.21 -16.21
CA ASP B 88 -23.39 -35.67 -15.64
C ASP B 88 -23.70 -37.11 -15.99
N ALA B 89 -23.34 -37.55 -17.19
CA ALA B 89 -23.66 -38.92 -17.60
C ALA B 89 -22.91 -39.94 -16.74
N MET B 90 -21.64 -39.68 -16.44
CA MET B 90 -20.84 -40.67 -15.73
C MET B 90 -21.27 -40.87 -14.29
N GLY B 91 -22.15 -40.02 -13.77
CA GLY B 91 -22.67 -40.25 -12.43
C GLY B 91 -21.58 -40.12 -11.38
N MET B 92 -21.65 -40.98 -10.37
CA MET B 92 -20.71 -40.94 -9.26
C MET B 92 -19.48 -41.81 -9.49
N ASN B 93 -19.16 -42.11 -10.75
CA ASN B 93 -17.93 -42.79 -11.11
C ASN B 93 -16.78 -41.81 -11.31
N LEU B 94 -16.89 -40.63 -10.73
CA LEU B 94 -15.90 -39.57 -10.85
C LEU B 94 -15.61 -39.06 -9.45
N ASP B 95 -14.83 -37.99 -9.35
CA ASP B 95 -14.77 -37.20 -8.14
C ASP B 95 -15.73 -36.03 -8.35
N ARG B 96 -16.96 -36.19 -7.86
CA ARG B 96 -17.97 -35.18 -8.13
C ARG B 96 -17.56 -33.81 -7.60
N ALA B 97 -16.76 -33.78 -6.56
CA ALA B 97 -16.07 -32.57 -6.13
C ALA B 97 -14.67 -32.58 -6.73
N ALA B 98 -14.04 -31.40 -6.74
CA ALA B 98 -12.75 -31.16 -7.37
C ALA B 98 -12.82 -31.26 -8.90
N THR B 99 -14.01 -31.43 -9.47
CA THR B 99 -14.22 -31.27 -10.90
C THR B 99 -15.49 -30.48 -11.18
N ARG B 100 -15.93 -29.67 -10.22
CA ARG B 100 -17.15 -28.88 -10.35
C ARG B 100 -16.86 -27.53 -10.98
N ASP B 101 -16.00 -26.74 -10.34
CA ASP B 101 -15.64 -25.42 -10.84
C ASP B 101 -14.35 -25.51 -11.65
N ALA B 102 -14.36 -26.37 -12.65
CA ALA B 102 -13.21 -26.55 -13.52
C ALA B 102 -13.23 -25.61 -14.71
N ILE B 103 -14.39 -25.42 -15.34
CA ILE B 103 -14.47 -24.52 -16.47
C ILE B 103 -14.19 -23.09 -16.04
N THR B 104 -14.74 -22.68 -14.90
CA THR B 104 -14.51 -21.31 -14.44
C THR B 104 -13.04 -21.09 -14.09
N LYS B 105 -12.41 -22.05 -13.42
CA LYS B 105 -11.00 -21.90 -13.09
C LYS B 105 -10.16 -21.86 -14.36
N GLN B 106 -10.48 -22.68 -15.35
CA GLN B 106 -9.73 -22.65 -16.60
C GLN B 106 -9.88 -21.29 -17.28
N ILE B 107 -11.09 -20.76 -17.31
CA ILE B 107 -11.30 -19.46 -17.97
C ILE B 107 -10.49 -18.39 -17.25
N SER B 108 -10.53 -18.38 -15.93
CA SER B 108 -9.78 -17.38 -15.18
C SER B 108 -8.28 -17.51 -15.44
N ALA B 109 -7.77 -18.74 -15.45
CA ALA B 109 -6.34 -18.93 -15.69
C ALA B 109 -5.95 -18.45 -17.07
N GLN B 110 -6.75 -18.77 -18.10
CA GLN B 110 -6.42 -18.33 -19.44
C GLN B 110 -6.42 -16.81 -19.53
N GLN B 111 -7.39 -16.16 -18.89
CA GLN B 111 -7.43 -14.71 -18.93
C GLN B 111 -6.20 -14.10 -18.28
N ASN B 112 -5.82 -14.61 -17.10
CA ASN B 112 -4.64 -14.08 -16.42
C ASN B 112 -3.39 -14.27 -17.26
N GLN B 113 -3.24 -15.45 -17.87
CA GLN B 113 -2.05 -15.70 -18.67
C GLN B 113 -1.99 -14.79 -19.88
N ALA B 114 -3.14 -14.54 -20.53
CA ALA B 114 -3.14 -13.61 -21.66
C ALA B 114 -2.73 -12.21 -21.23
N ALA B 115 -3.26 -11.74 -20.09
CA ALA B 115 -2.88 -10.42 -19.61
C ALA B 115 -1.38 -10.34 -19.34
N ALA B 116 -0.83 -11.37 -18.69
CA ALA B 116 0.61 -11.35 -18.40
C ALA B 116 1.43 -11.35 -19.68
N THR B 117 1.01 -12.12 -20.67
CA THR B 117 1.74 -12.15 -21.93
C THR B 117 1.74 -10.78 -22.60
N GLN B 118 0.59 -10.10 -22.58
CA GLN B 118 0.55 -8.77 -23.18
C GLN B 118 1.47 -7.80 -22.44
N LYS B 119 1.47 -7.86 -21.11
CA LYS B 119 2.35 -6.97 -20.36
C LYS B 119 3.81 -7.23 -20.71
N PHE B 120 4.18 -8.51 -20.82
CA PHE B 120 5.55 -8.86 -21.18
C PHE B 120 5.91 -8.33 -22.57
N ASP B 121 4.99 -8.47 -23.53
CA ASP B 121 5.27 -7.97 -24.87
C ASP B 121 5.46 -6.47 -24.87
N ASP B 122 4.65 -5.74 -24.11
CA ASP B 122 4.82 -4.28 -24.05
C ASP B 122 6.17 -3.92 -23.45
N MET B 123 6.59 -4.60 -22.39
CA MET B 123 7.90 -4.30 -21.81
C MET B 123 9.01 -4.54 -22.82
N GLN B 124 8.95 -5.66 -23.54
CA GLN B 124 9.97 -5.94 -24.54
C GLN B 124 9.98 -4.87 -25.63
N ALA B 125 8.80 -4.43 -26.06
CA ALA B 125 8.74 -3.39 -27.08
C ALA B 125 9.39 -2.10 -26.61
N GLU B 126 9.13 -1.70 -25.37
CA GLU B 126 9.75 -0.48 -24.86
C GLU B 126 11.26 -0.62 -24.81
N VAL B 127 11.75 -1.78 -24.35
CA VAL B 127 13.19 -2.01 -24.31
C VAL B 127 13.78 -1.89 -25.71
N GLY B 128 13.08 -2.40 -26.71
CA GLY B 128 13.57 -2.31 -28.07
C GLY B 128 13.53 -0.93 -28.67
N GLN B 129 12.57 -0.10 -28.24
CA GLN B 129 12.41 1.24 -28.79
C GLN B 129 13.21 2.29 -28.03
N ARG B 130 13.86 1.91 -26.92
CA ARG B 130 14.75 2.83 -26.24
C ARG B 130 15.77 3.46 -27.20
N GLY B 131 16.31 2.66 -28.11
CA GLY B 131 17.36 3.17 -29.00
C GLY B 131 16.88 4.29 -29.89
N ILE B 132 15.63 4.21 -30.35
CA ILE B 132 15.11 5.25 -31.23
C ILE B 132 14.66 6.45 -30.42
N VAL B 133 14.11 6.22 -29.23
CA VAL B 133 13.74 7.34 -28.38
C VAL B 133 14.97 8.18 -28.05
N ASP B 134 16.12 7.53 -27.88
CA ASP B 134 17.34 8.27 -27.59
C ASP B 134 17.68 9.25 -28.71
N GLN B 135 17.69 8.77 -29.95
CA GLN B 135 17.99 9.65 -31.07
C GLN B 135 16.95 10.74 -31.22
N LEU B 136 15.69 10.42 -30.92
CA LEU B 136 14.65 11.45 -30.96
C LEU B 136 14.96 12.56 -29.97
N ARG B 137 15.36 12.20 -28.76
CA ARG B 137 15.71 13.19 -27.76
C ARG B 137 16.90 14.03 -28.23
N THR B 138 17.92 13.38 -28.80
CA THR B 138 19.09 14.12 -29.27
C THR B 138 18.69 15.11 -30.36
N LEU B 139 17.83 14.69 -31.28
CA LEU B 139 17.43 15.58 -32.37
C LEU B 139 16.60 16.75 -31.86
N SER B 140 15.71 16.50 -30.91
CA SER B 140 14.75 17.52 -30.50
C SER B 140 15.37 18.62 -29.67
N ALA B 141 16.62 18.48 -29.24
CA ALA B 141 17.24 19.43 -28.33
C ALA B 141 18.18 20.39 -29.04
N GLU B 142 18.28 20.32 -30.37
CA GLU B 142 19.11 21.23 -31.14
C GLU B 142 18.29 22.09 -32.09
N GLY B 143 16.97 22.16 -31.90
CA GLY B 143 16.14 23.03 -32.70
C GLY B 143 15.36 22.31 -33.77
N ARG B 144 15.98 21.29 -34.38
CA ARG B 144 15.32 20.59 -35.48
C ARG B 144 14.08 19.87 -34.96
N ALA B 145 12.91 20.44 -35.21
CA ALA B 145 11.65 19.83 -34.80
C ALA B 145 10.79 19.37 -35.96
N GLY B 146 11.08 19.81 -37.18
CA GLY B 146 10.37 19.27 -38.33
C GLY B 146 10.71 17.85 -38.63
N GLU B 147 11.92 17.41 -38.29
CA GLU B 147 12.29 16.01 -38.42
C GLU B 147 11.74 15.17 -37.28
N VAL B 148 11.40 15.80 -36.15
CA VAL B 148 10.82 15.04 -35.05
C VAL B 148 9.40 14.62 -35.40
N ASN B 149 8.60 15.53 -35.98
CA ASN B 149 7.28 15.16 -36.48
C ASN B 149 7.37 14.65 -37.91
N GLN B 150 8.32 13.76 -38.14
CA GLN B 150 8.37 12.92 -39.33
C GLN B 150 8.79 11.50 -39.00
N ILE B 151 9.51 11.29 -37.91
CA ILE B 151 9.79 9.96 -37.40
C ILE B 151 8.64 9.48 -36.53
N LEU B 152 7.98 10.40 -35.83
CA LEU B 152 6.82 10.07 -35.02
C LEU B 152 5.54 10.02 -35.84
N ALA B 153 5.63 9.94 -37.16
CA ALA B 153 4.45 9.83 -38.01
C ALA B 153 4.53 8.59 -38.89
N GLU B 154 5.75 8.24 -39.31
CA GLU B 154 5.96 7.06 -40.13
C GLU B 154 6.37 5.85 -39.31
N GLN B 155 6.96 6.06 -38.13
CA GLN B 155 7.30 4.97 -37.22
C GLN B 155 6.52 5.16 -35.93
N GLN B 156 5.32 5.74 -36.04
CA GLN B 156 4.54 6.02 -34.84
C GLN B 156 3.99 4.72 -34.28
N LEU B 157 4.87 3.84 -33.82
CA LEU B 157 4.51 2.66 -33.07
C LEU B 157 5.13 2.71 -31.68
N ILE B 158 5.70 3.85 -31.29
CA ILE B 158 6.36 3.95 -30.00
C ILE B 158 5.35 3.63 -28.92
N ASN B 159 5.75 2.81 -27.96
CA ASN B 159 4.81 2.29 -26.98
C ASN B 159 4.62 3.31 -25.86
N GLU B 160 4.31 4.56 -26.23
CA GLU B 160 4.05 5.64 -25.28
C GLU B 160 3.49 6.84 -26.02
N GLY B 161 2.44 7.45 -25.49
CA GLY B 161 1.92 8.72 -25.96
C GLY B 161 2.39 9.91 -25.15
N GLU B 162 3.21 9.71 -24.14
CA GLU B 162 3.74 10.80 -23.31
C GLU B 162 5.08 11.31 -23.81
N ILE B 163 5.77 10.55 -24.66
CA ILE B 163 6.97 11.08 -25.30
C ILE B 163 6.61 12.25 -26.19
N ARG B 164 5.45 12.19 -26.82
CA ARG B 164 5.03 13.26 -27.72
C ARG B 164 4.80 14.58 -27.00
N LYS B 165 4.63 14.57 -25.68
CA LYS B 165 4.45 15.81 -24.92
C LYS B 165 5.73 16.28 -24.25
N GLU B 166 6.64 15.38 -23.92
CA GLU B 166 7.94 15.80 -23.40
C GLU B 166 8.74 16.54 -24.47
N LEU B 167 8.77 16.00 -25.68
CA LEU B 167 9.51 16.66 -26.75
C LEU B 167 8.89 18.02 -27.08
N THR B 168 7.56 18.11 -27.02
CA THR B 168 6.92 19.40 -27.23
C THR B 168 7.36 20.40 -26.17
N GLY B 169 7.40 19.97 -24.92
CA GLY B 169 7.85 20.86 -23.86
C GLY B 169 9.29 21.30 -24.07
N VAL B 170 10.16 20.38 -24.48
CA VAL B 170 11.54 20.74 -24.75
C VAL B 170 11.60 21.75 -25.89
N GLN B 171 10.74 21.58 -26.90
CA GLN B 171 10.79 22.45 -28.06
C GLN B 171 10.29 23.85 -27.72
N ASP B 172 9.35 23.96 -26.77
CA ASP B 172 8.80 25.27 -26.42
C ASP B 172 9.74 26.12 -25.59
N ALA B 173 10.62 25.49 -24.81
CA ALA B 173 11.51 26.27 -23.95
C ALA B 173 12.46 27.14 -24.75
N ILE B 174 12.90 26.67 -25.93
CA ILE B 174 13.83 27.45 -26.73
C ILE B 174 13.20 28.76 -27.15
N GLN B 175 11.95 28.71 -27.61
CA GLN B 175 11.26 29.92 -28.05
C GLN B 175 11.11 30.90 -26.90
N ASN B 176 10.74 30.40 -25.73
CA ASN B 176 10.60 31.29 -24.58
C ASN B 176 11.92 31.94 -24.22
N ARG B 177 13.02 31.17 -24.27
CA ARG B 177 14.32 31.73 -23.95
C ARG B 177 14.69 32.83 -24.94
N GLN B 178 14.46 32.59 -26.23
CA GLN B 178 14.78 33.61 -27.22
C GLN B 178 13.95 34.86 -27.01
N TYR B 179 12.65 34.70 -26.72
CA TYR B 179 11.80 35.86 -26.50
C TYR B 179 12.24 36.64 -25.28
N ARG B 180 12.63 35.94 -24.21
CA ARG B 180 13.10 36.65 -23.02
C ARG B 180 14.36 37.44 -23.31
N ALA B 181 15.29 36.86 -24.07
CA ALA B 181 16.50 37.60 -24.42
C ALA B 181 16.16 38.86 -25.22
N ALA B 182 15.27 38.73 -26.20
CA ALA B 182 14.89 39.91 -26.98
C ALA B 182 14.26 40.97 -26.09
N GLY B 183 13.38 40.56 -25.18
CA GLY B 183 12.76 41.51 -24.27
C GLY B 183 13.77 42.23 -23.42
N GLU B 184 14.77 41.51 -22.92
CA GLU B 184 15.79 42.15 -22.08
C GLU B 184 16.56 43.19 -22.90
N GLN B 185 16.92 42.86 -24.13
CA GLN B 185 17.64 43.82 -24.96
C GLN B 185 16.79 45.06 -25.18
N ARG B 186 15.50 44.87 -25.46
CA ARG B 186 14.62 46.01 -25.68
C ARG B 186 14.53 46.89 -24.43
N ALA B 187 14.42 46.26 -23.26
CA ALA B 187 14.35 47.03 -22.03
C ALA B 187 15.62 47.86 -21.82
N GLN B 188 16.78 47.27 -22.09
CA GLN B 188 18.03 48.02 -21.94
C GLN B 188 18.05 49.23 -22.86
N ALA B 189 17.67 49.03 -24.12
CA ALA B 189 17.67 50.15 -25.05
C ALA B 189 16.72 51.25 -24.59
N ALA B 190 15.53 50.88 -24.15
CA ALA B 190 14.57 51.88 -23.69
C ALA B 190 15.11 52.64 -22.49
N ALA B 191 15.80 51.95 -21.58
CA ALA B 191 16.34 52.62 -20.40
C ALA B 191 17.39 53.67 -20.80
N ASN B 192 18.29 53.30 -21.70
CA ASN B 192 19.29 54.28 -22.14
C ASN B 192 18.61 55.48 -22.79
N ARG B 193 17.61 55.21 -23.63
CA ARG B 193 16.88 56.28 -24.30
C ARG B 193 16.29 57.25 -23.28
N ALA B 194 15.59 56.71 -22.29
CA ALA B 194 14.94 57.55 -21.29
C ALA B 194 15.96 58.35 -20.50
N ALA B 195 17.10 57.73 -20.17
CA ALA B 195 18.11 58.45 -19.39
C ALA B 195 18.61 59.68 -20.13
N GLU B 196 18.94 59.52 -21.41
CA GLU B 196 19.49 60.67 -22.13
C GLU B 196 18.42 61.74 -22.34
N ALA B 197 17.17 61.33 -22.60
CA ALA B 197 16.10 62.31 -22.72
C ALA B 197 15.95 63.11 -21.43
N HIS B 198 16.00 62.42 -20.28
CA HIS B 198 15.89 63.12 -19.01
C HIS B 198 17.02 64.11 -18.81
N SER B 199 18.24 63.74 -19.19
CA SER B 199 19.36 64.66 -19.03
C SER B 199 19.11 65.94 -19.82
N LEU B 200 18.68 65.80 -21.07
CA LEU B 200 18.42 67.00 -21.87
C LEU B 200 17.31 67.84 -21.25
N SER B 201 16.24 67.20 -20.78
CA SER B 201 15.13 67.95 -20.20
C SER B 201 15.58 68.72 -18.97
N MET B 202 16.40 68.08 -18.12
CA MET B 202 16.90 68.76 -16.94
C MET B 202 17.73 69.97 -17.31
N ALA B 203 18.59 69.85 -18.32
CA ALA B 203 19.39 71.00 -18.73
C ALA B 203 18.49 72.16 -19.16
N ALA B 204 17.49 71.86 -19.99
CA ALA B 204 16.60 72.92 -20.46
C ALA B 204 15.87 73.58 -19.29
N GLY B 205 15.37 72.77 -18.36
CA GLY B 205 14.65 73.34 -17.23
C GLY B 205 15.53 74.23 -16.37
N ARG B 206 16.77 73.79 -16.14
CA ARG B 206 17.70 74.61 -15.36
C ARG B 206 17.90 75.96 -16.03
N GLU B 207 18.12 75.96 -17.35
CA GLU B 207 18.32 77.23 -18.04
C GLU B 207 17.10 78.13 -17.91
N ASN B 208 15.90 77.55 -18.09
CA ASN B 208 14.70 78.37 -18.00
C ASN B 208 14.55 78.98 -16.62
N LEU B 209 14.78 78.19 -15.58
CA LEU B 209 14.66 78.70 -14.22
C LEU B 209 15.65 79.82 -13.97
N ALA B 210 16.89 79.66 -14.43
CA ALA B 210 17.88 80.72 -14.23
C ALA B 210 17.46 82.01 -14.89
N PHE B 211 16.97 81.92 -16.14
CA PHE B 211 16.54 83.13 -16.83
C PHE B 211 15.38 83.80 -16.11
N THR B 212 14.41 83.02 -15.65
CA THR B 212 13.28 83.61 -14.94
C THR B 212 13.74 84.29 -13.66
N ARG B 213 14.65 83.66 -12.92
CA ARG B 213 15.17 84.29 -11.70
C ARG B 213 15.83 85.63 -12.03
N GLU B 214 16.65 85.67 -13.09
CA GLU B 214 17.34 86.90 -13.43
C GLU B 214 16.34 88.00 -13.80
N GLN B 215 15.33 87.65 -14.60
CA GLN B 215 14.34 88.65 -14.99
C GLN B 215 13.58 89.18 -13.77
N ARG B 216 13.19 88.29 -12.86
CA ARG B 216 12.48 88.72 -11.66
C ARG B 216 13.34 89.64 -10.82
N ASP B 217 14.62 89.30 -10.66
CA ASP B 217 15.51 90.15 -9.87
C ASP B 217 15.64 91.52 -10.50
N GLU B 218 15.74 91.58 -11.84
CA GLU B 218 15.83 92.87 -12.51
C GLU B 218 14.58 93.71 -12.23
N LEU B 219 13.40 93.10 -12.38
CA LEU B 219 12.17 93.85 -12.17
C LEU B 219 12.06 94.34 -10.72
N ARG B 220 12.44 93.50 -9.76
CA ARG B 220 12.38 93.90 -8.37
C ARG B 220 13.35 95.05 -8.09
N ARG B 221 14.55 94.99 -8.65
CA ARG B 221 15.50 96.08 -8.47
C ARG B 221 14.94 97.38 -9.04
N ASP B 222 14.33 97.32 -10.22
CA ASP B 222 13.76 98.52 -10.82
C ASP B 222 12.66 99.10 -9.94
N ARG B 223 11.76 98.25 -9.44
CA ARG B 223 10.68 98.74 -8.60
C ARG B 223 11.23 99.39 -7.33
N ASP B 224 12.20 98.73 -6.68
CA ASP B 224 12.75 99.27 -5.45
C ASP B 224 13.45 100.59 -5.70
N GLU B 225 14.21 100.68 -6.80
CA GLU B 225 14.90 101.93 -7.13
C GLU B 225 13.90 103.06 -7.36
N ALA B 226 12.82 102.78 -8.10
CA ALA B 226 11.82 103.82 -8.34
C ALA B 226 11.20 104.27 -7.02
N LYS B 227 10.83 103.33 -6.16
CA LYS B 227 10.20 103.70 -4.89
C LYS B 227 11.14 104.54 -4.04
N LEU B 228 12.40 104.11 -3.90
CA LEU B 228 13.30 104.81 -3.01
C LEU B 228 13.69 106.18 -3.58
N VAL B 229 13.81 106.29 -4.91
CA VAL B 229 14.16 107.58 -5.48
C VAL B 229 12.99 108.56 -5.32
N SER B 230 11.76 108.08 -5.51
CA SER B 230 10.62 108.94 -5.26
C SER B 230 10.58 109.40 -3.80
N GLY B 231 10.79 108.46 -2.87
CA GLY B 231 10.73 108.82 -1.46
C GLY B 231 11.80 109.82 -1.07
N THR B 232 13.04 109.58 -1.48
CA THR B 232 14.11 110.50 -1.12
C THR B 232 13.92 111.86 -1.77
N ILE B 233 13.45 111.89 -3.02
CA ILE B 233 13.15 113.16 -3.67
C ILE B 233 12.12 113.93 -2.85
N ALA B 234 11.08 113.22 -2.40
CA ALA B 234 10.04 113.89 -1.61
C ALA B 234 10.61 114.47 -0.33
N THR B 235 11.34 113.65 0.45
CA THR B 235 11.77 114.14 1.75
C THR B 235 12.79 115.26 1.61
N THR B 236 13.69 115.18 0.62
CA THR B 236 14.68 116.24 0.46
C THR B 236 14.04 117.50 -0.10
N PHE B 237 12.98 117.38 -0.90
CA PHE B 237 12.24 118.57 -1.31
C PHE B 237 11.58 119.23 -0.11
N GLN B 238 11.00 118.43 0.79
CA GLN B 238 10.43 119.01 2.00
C GLN B 238 11.51 119.67 2.85
N ASP B 239 12.69 119.05 2.94
CA ASP B 239 13.78 119.64 3.71
C ASP B 239 14.24 120.97 3.11
N TYR B 240 14.35 121.03 1.78
CA TYR B 240 14.76 122.27 1.13
C TYR B 240 13.69 123.35 1.32
N ASP B 241 12.41 122.98 1.25
CA ASP B 241 11.35 123.95 1.51
C ASP B 241 11.41 124.45 2.94
N GLU B 242 11.72 123.55 3.88
CA GLU B 242 11.90 123.96 5.28
C GLU B 242 13.05 124.94 5.42
N SER B 243 14.17 124.67 4.73
CA SER B 243 15.30 125.59 4.77
C SER B 243 14.93 126.95 4.19
N ARG B 244 14.17 126.95 3.09
CA ARG B 244 13.76 128.21 2.48
C ARG B 244 12.83 128.99 3.39
N GLN B 245 11.89 128.31 4.05
CA GLN B 245 11.04 129.02 5.00
C GLN B 245 11.84 129.52 6.20
N ALA B 246 12.87 128.77 6.60
CA ALA B 246 13.72 129.21 7.71
C ALA B 246 14.49 130.47 7.36
N GLN B 247 15.11 130.50 6.18
CA GLN B 247 15.84 131.72 5.80
C GLN B 247 14.89 132.87 5.53
N SER B 248 13.68 132.58 5.03
CA SER B 248 12.69 133.64 4.88
C SER B 248 12.30 134.23 6.24
N GLU B 249 12.08 133.37 7.25
CA GLU B 249 11.73 133.88 8.56
C GLU B 249 12.91 134.60 9.22
N ILE B 250 14.14 134.19 8.91
CA ILE B 250 15.31 134.89 9.40
C ILE B 250 15.36 136.30 8.81
N MET B 251 15.13 136.40 7.49
CA MET B 251 15.12 137.71 6.84
C MET B 251 13.99 138.56 7.40
N ARG B 252 12.84 137.95 7.70
CA ARG B 252 11.74 138.70 8.30
C ARG B 252 12.08 139.18 9.71
N ILE B 253 12.75 138.35 10.51
CA ILE B 253 13.17 138.77 11.83
C ILE B 253 14.12 139.96 11.72
N VAL B 254 15.07 139.88 10.80
CA VAL B 254 15.99 141.00 10.59
C VAL B 254 15.22 142.25 10.17
N GLY B 255 14.26 142.10 9.27
CA GLY B 255 13.49 143.25 8.81
C GLY B 255 12.70 143.90 9.93
N LYS B 256 12.03 143.10 10.76
CA LYS B 256 11.28 143.68 11.87
C LYS B 256 12.22 144.31 12.89
N GLU B 257 13.43 143.75 13.06
CA GLU B 257 14.42 144.40 13.90
C GLU B 257 14.77 145.78 13.35
N VAL B 258 14.94 145.88 12.03
CA VAL B 258 15.21 147.18 11.41
C VAL B 258 14.01 148.10 11.58
N GLY B 259 12.80 147.56 11.41
CA GLY B 259 11.58 148.34 11.53
C GLY B 259 10.61 148.12 10.38
N MET B 260 10.84 147.08 9.58
CA MET B 260 9.98 146.80 8.44
C MET B 260 8.66 146.19 8.91
N PRO B 261 7.48 146.81 8.64
CA PRO B 261 6.20 146.25 9.09
C PRO B 261 5.54 145.33 8.07
N THR B 262 6.27 144.28 7.67
CA THR B 262 5.73 143.27 6.75
C THR B 262 5.22 143.90 5.46
N ASP B 263 5.92 144.94 5.00
CA ASP B 263 5.45 145.73 3.87
C ASP B 263 4.03 146.20 4.17
N ASP B 264 3.05 145.88 3.33
CA ASP B 264 1.65 146.16 3.59
C ASP B 264 0.76 144.93 3.46
N GLN B 265 1.04 144.06 2.49
CA GLN B 265 0.29 142.83 2.33
C GLN B 265 1.12 141.85 1.49
N GLY B 266 0.97 140.57 1.79
CA GLY B 266 1.70 139.55 1.07
C GLY B 266 0.83 138.57 0.31
N MET B 267 -0.31 138.19 0.89
CA MET B 267 -1.17 137.20 0.25
C MET B 267 -2.01 137.80 -0.88
N PRO B 268 -2.61 139.02 -0.75
CA PRO B 268 -3.49 139.49 -1.83
C PRO B 268 -2.72 139.97 -3.05
N ASP B 269 -1.67 140.75 -2.83
CA ASP B 269 -0.87 141.34 -3.90
C ASP B 269 0.42 141.87 -3.28
N MET B 270 1.19 142.60 -4.09
CA MET B 270 2.44 143.20 -3.65
C MET B 270 2.28 144.72 -3.66
N SER B 271 2.69 145.36 -2.57
CA SER B 271 2.54 146.80 -2.40
C SER B 271 3.87 147.40 -1.95
N ARG B 272 3.84 148.68 -1.62
CA ARG B 272 5.04 149.41 -1.21
C ARG B 272 5.30 149.15 0.28
N ALA B 273 6.32 149.81 0.82
CA ALA B 273 6.68 149.65 2.22
C ALA B 273 7.40 150.92 2.68
N SER B 274 7.90 150.90 3.92
CA SER B 274 8.63 152.04 4.45
C SER B 274 9.90 152.31 3.65
N GLN B 275 10.64 151.24 3.31
CA GLN B 275 11.87 151.35 2.54
C GLN B 275 11.80 150.40 1.35
N ASP B 276 12.37 150.83 0.23
CA ASP B 276 12.29 150.05 -1.01
C ASP B 276 13.38 148.99 -1.06
N GLN B 277 14.65 149.42 -0.97
CA GLN B 277 15.77 148.51 -1.09
C GLN B 277 16.94 149.04 -0.29
N LEU B 278 17.87 148.15 0.05
CA LEU B 278 19.08 148.49 0.79
C LEU B 278 18.72 149.14 2.14
N ASP B 279 17.77 148.53 2.83
CA ASP B 279 17.38 149.05 4.15
C ASP B 279 18.55 148.98 5.13
N ALA B 280 19.26 147.87 5.14
CA ALA B 280 20.42 147.71 6.01
C ALA B 280 21.31 146.61 5.44
N PHE B 281 22.55 146.56 5.93
CA PHE B 281 23.49 145.57 5.44
C PHE B 281 23.04 144.15 5.80
N SER B 282 22.44 143.98 6.99
CA SER B 282 22.00 142.65 7.39
C SER B 282 20.91 142.14 6.45
N ASN B 283 19.95 142.99 6.10
CA ASN B 283 18.91 142.59 5.15
C ASN B 283 19.51 142.29 3.79
N ALA B 284 20.45 143.13 3.33
CA ALA B 284 21.04 142.98 2.01
C ALA B 284 22.02 141.81 1.91
N LEU B 285 22.44 141.24 3.05
CA LEU B 285 23.40 140.15 3.00
C LEU B 285 22.83 138.93 2.27
N ASN B 286 21.59 138.57 2.57
CA ASN B 286 20.93 137.41 1.95
C ASN B 286 19.63 137.76 1.25
N GLU B 287 18.81 138.62 1.85
CA GLU B 287 17.51 139.01 1.29
C GLU B 287 16.64 137.77 1.05
N ALA B 288 16.75 136.79 1.95
CA ALA B 288 15.99 135.54 1.85
C ALA B 288 16.23 134.84 0.51
N GLY B 289 17.49 134.86 0.07
CA GLY B 289 17.85 134.20 -1.17
C GLY B 289 17.77 135.10 -2.38
N VAL B 290 18.40 136.27 -2.30
CA VAL B 290 18.41 137.23 -3.40
C VAL B 290 16.98 137.62 -3.75
N GLN B 291 16.35 138.40 -2.86
CA GLN B 291 14.97 138.88 -3.08
C GLN B 291 14.02 137.71 -3.28
N ALA B 292 14.18 136.66 -2.47
CA ALA B 292 13.32 135.48 -2.52
C ALA B 292 13.32 134.88 -3.93
N ASN B 293 14.51 134.77 -4.52
CA ASN B 293 14.67 134.20 -5.85
C ASN B 293 14.64 132.67 -5.74
N THR B 294 13.44 132.15 -5.46
CA THR B 294 13.22 130.70 -5.41
C THR B 294 12.91 130.18 -6.81
N SER B 295 13.87 130.38 -7.70
CA SER B 295 13.70 129.97 -9.08
C SER B 295 13.55 128.45 -9.16
N PRO B 296 12.76 127.95 -10.11
CA PRO B 296 12.62 126.49 -10.22
C PRO B 296 13.95 125.79 -10.45
N THR B 297 14.83 126.39 -11.26
CA THR B 297 16.10 125.74 -11.57
C THR B 297 16.95 125.57 -10.31
N GLU B 298 16.90 126.54 -9.40
CA GLU B 298 17.61 126.40 -8.14
C GLU B 298 17.10 125.21 -7.35
N ARG B 299 15.78 125.01 -7.34
CA ARG B 299 15.22 123.85 -6.65
C ARG B 299 15.64 122.55 -7.32
N ARG B 300 15.67 122.53 -8.66
CA ARG B 300 16.15 121.33 -9.36
C ARG B 300 17.58 121.03 -8.97
N ASN B 301 18.44 122.05 -8.92
CA ASN B 301 19.82 121.84 -8.53
C ASN B 301 19.91 121.34 -7.09
N ALA B 302 19.11 121.90 -6.20
CA ALA B 302 19.14 121.48 -4.80
C ALA B 302 18.73 120.03 -4.65
N VAL B 303 17.73 119.58 -5.41
CA VAL B 303 17.24 118.22 -5.24
C VAL B 303 18.11 117.20 -5.98
N LEU B 304 18.68 117.56 -7.13
CA LEU B 304 19.38 116.58 -7.95
C LEU B 304 20.78 116.24 -7.45
N LYS B 305 21.39 117.07 -6.62
CA LYS B 305 22.76 116.80 -6.19
C LYS B 305 22.82 115.50 -5.39
N SER B 306 21.86 115.26 -4.51
CA SER B 306 21.80 114.04 -3.72
C SER B 306 21.12 112.89 -4.45
N LEU B 307 20.65 113.11 -5.68
CA LEU B 307 19.91 112.09 -6.42
C LEU B 307 20.78 111.42 -7.49
N VAL B 308 21.44 112.21 -8.32
CA VAL B 308 22.22 111.67 -9.44
C VAL B 308 23.52 111.04 -8.96
N ASP B 309 23.77 111.07 -7.64
CA ASP B 309 24.99 110.49 -7.12
C ASP B 309 25.09 109.00 -7.44
N ALA B 310 23.99 108.26 -7.25
CA ALA B 310 24.01 106.84 -7.50
C ALA B 310 22.58 106.33 -7.67
N GLY B 311 22.46 105.14 -8.23
CA GLY B 311 21.18 104.48 -8.36
C GLY B 311 20.17 105.23 -9.21
N VAL B 312 20.59 105.73 -10.37
CA VAL B 312 19.71 106.47 -11.28
C VAL B 312 19.97 106.00 -12.70
N SER B 313 18.90 105.91 -13.49
CA SER B 313 19.00 105.50 -14.88
C SER B 313 18.20 106.43 -15.77
N SER B 314 18.06 106.06 -17.05
CA SER B 314 17.25 106.87 -17.97
C SER B 314 15.81 106.98 -17.50
N LYS B 315 15.32 105.97 -16.78
CA LYS B 315 14.00 106.01 -16.15
C LYS B 315 14.07 106.54 -14.73
N GLY B 316 15.07 107.36 -14.42
CA GLY B 316 15.25 107.93 -13.10
C GLY B 316 14.75 109.36 -13.06
N ILE B 317 15.68 110.32 -13.21
CA ILE B 317 15.30 111.72 -13.13
C ILE B 317 14.29 112.07 -14.22
N ALA B 318 14.42 111.47 -15.40
CA ALA B 318 13.46 111.75 -16.47
C ALA B 318 12.06 111.36 -16.04
N GLN B 319 11.92 110.22 -15.36
CA GLN B 319 10.63 109.85 -14.79
C GLN B 319 10.21 110.84 -13.71
N ALA B 320 11.16 111.27 -12.87
CA ALA B 320 10.86 112.15 -11.75
C ALA B 320 10.51 113.57 -12.18
N LYS B 321 10.73 113.92 -13.45
CA LYS B 321 10.41 115.28 -13.89
C LYS B 321 8.93 115.57 -13.76
N GLN B 322 8.08 114.55 -13.91
CA GLN B 322 6.65 114.75 -13.65
C GLN B 322 6.41 115.17 -12.21
N GLU B 323 7.07 114.50 -11.26
CA GLU B 323 6.90 114.85 -9.85
C GLU B 323 7.43 116.23 -9.55
N MET B 324 8.59 116.59 -10.13
CA MET B 324 9.11 117.95 -9.94
C MET B 324 8.16 119.00 -10.51
N GLU B 325 7.59 118.74 -11.69
CA GLU B 325 6.63 119.68 -12.25
C GLU B 325 5.40 119.81 -11.37
N LEU B 326 4.90 118.70 -10.84
CA LEU B 326 3.75 118.76 -9.95
C LEU B 326 4.07 119.53 -8.67
N ARG B 327 5.26 119.31 -8.11
CA ARG B 327 5.66 120.02 -6.90
C ARG B 327 5.80 121.51 -7.16
N GLU B 328 6.35 121.89 -8.32
CA GLU B 328 6.45 123.30 -8.65
C GLU B 328 5.07 123.92 -8.83
N SER B 329 4.17 123.23 -9.54
CA SER B 329 2.82 123.75 -9.72
C SER B 329 2.03 123.77 -8.41
N LEU B 330 2.46 123.00 -7.41
CA LEU B 330 1.75 122.99 -6.13
C LEU B 330 1.79 124.37 -5.47
N GLU B 331 2.96 125.01 -5.48
CA GLU B 331 3.09 126.35 -4.92
C GLU B 331 3.43 127.36 -6.02
N GLY C 25 22.14 -81.59 24.58
CA GLY C 25 23.49 -80.98 24.45
C GLY C 25 23.63 -80.12 23.21
N THR C 26 23.03 -80.58 22.11
CA THR C 26 23.08 -79.86 20.84
C THR C 26 21.83 -79.02 20.59
N THR C 27 20.88 -78.98 21.52
CA THR C 27 19.65 -78.22 21.35
C THR C 27 19.69 -76.86 22.03
N GLY C 28 20.35 -76.76 23.19
CA GLY C 28 20.45 -75.49 23.88
C GLY C 28 21.48 -74.53 23.33
N VAL C 29 22.38 -75.02 22.48
CA VAL C 29 23.41 -74.15 21.92
C VAL C 29 22.81 -73.10 20.98
N GLN C 30 21.65 -73.37 20.40
CA GLN C 30 21.01 -72.37 19.53
C GLN C 30 20.66 -71.12 20.33
N GLN C 31 20.07 -71.30 21.51
CA GLN C 31 19.77 -70.15 22.36
C GLN C 31 21.05 -69.45 22.78
N ALA C 32 22.12 -70.21 23.03
CA ALA C 32 23.41 -69.60 23.36
C ALA C 32 23.89 -68.70 22.23
N LEU C 33 23.82 -69.19 21.00
CA LEU C 33 24.27 -68.39 19.87
C LEU C 33 23.38 -67.17 19.67
N GLY C 34 22.07 -67.32 19.85
CA GLY C 34 21.20 -66.16 19.72
C GLY C 34 21.48 -65.09 20.77
N ALA C 35 21.70 -65.52 22.01
CA ALA C 35 22.03 -64.58 23.07
C ALA C 35 23.41 -63.98 22.91
N LEU C 36 24.31 -64.68 22.22
CA LEU C 36 25.61 -64.09 21.89
C LEU C 36 25.47 -63.07 20.77
N GLY C 37 24.55 -63.30 19.83
CA GLY C 37 24.44 -62.46 18.66
C GLY C 37 23.52 -61.25 18.77
N ASP C 38 22.62 -61.23 19.75
CA ASP C 38 21.74 -60.07 19.86
C ASP C 38 22.45 -58.87 20.48
N ILE C 39 23.40 -59.12 21.39
CA ILE C 39 24.06 -58.01 22.07
C ILE C 39 24.84 -57.16 21.06
N ILE C 40 25.46 -57.80 20.09
CA ILE C 40 26.20 -57.04 19.08
C ILE C 40 25.23 -56.23 18.24
N SER C 41 24.02 -56.74 18.01
CA SER C 41 23.02 -55.93 17.30
C SER C 41 22.66 -54.68 18.10
N ARG C 42 22.47 -54.82 19.41
CA ARG C 42 22.19 -53.64 20.22
C ARG C 42 23.35 -52.66 20.17
N GLN C 43 24.58 -53.17 20.25
CA GLN C 43 25.75 -52.30 20.18
C GLN C 43 25.78 -51.57 18.85
N GLN C 44 25.43 -52.25 17.76
CA GLN C 44 25.43 -51.59 16.45
C GLN C 44 24.39 -50.49 16.40
N GLU C 45 23.21 -50.73 16.96
CA GLU C 45 22.19 -49.68 16.97
C GLU C 45 22.66 -48.47 17.76
N MET C 46 23.29 -48.71 18.92
CA MET C 46 23.83 -47.60 19.70
C MET C 46 24.89 -46.85 18.91
N ASN C 47 25.74 -47.58 18.17
CA ASN C 47 26.75 -46.93 17.34
C ASN C 47 26.10 -46.06 16.28
N VAL C 48 25.00 -46.52 15.69
CA VAL C 48 24.30 -45.73 14.70
C VAL C 48 23.82 -44.42 15.31
N ASN C 49 23.21 -44.50 16.49
CA ASN C 49 22.72 -43.27 17.14
C ASN C 49 23.87 -42.32 17.44
N ASN C 50 24.99 -42.86 17.95
CA ASN C 50 26.14 -42.02 18.24
C ASN C 50 26.67 -41.34 16.99
N ALA C 51 26.71 -42.07 15.87
CA ALA C 51 27.21 -41.49 14.63
C ALA C 51 26.31 -40.36 14.17
N LYS C 52 25.00 -40.54 14.27
CA LYS C 52 24.10 -39.46 13.86
C LYS C 52 24.31 -38.22 14.72
N LEU C 53 24.47 -38.41 16.03
CA LEU C 53 24.73 -37.27 16.90
C LEU C 53 26.05 -36.61 16.55
N GLN C 54 27.06 -37.39 16.20
CA GLN C 54 28.35 -36.82 15.83
C GLN C 54 28.22 -35.97 14.57
N ARG C 55 27.43 -36.44 13.60
CA ARG C 55 27.22 -35.64 12.39
C ARG C 55 26.54 -34.32 12.73
N GLU C 56 25.53 -34.36 13.60
CA GLU C 56 24.88 -33.12 14.00
C GLU C 56 25.87 -32.17 14.67
N ALA C 57 26.75 -32.72 15.50
CA ALA C 57 27.76 -31.90 16.17
C ALA C 57 28.68 -31.25 15.15
N ASN C 58 29.10 -32.00 14.13
CA ASN C 58 29.97 -31.43 13.11
C ASN C 58 29.27 -30.27 12.39
N THR C 59 28.00 -30.47 12.04
CA THR C 59 27.25 -29.41 11.34
C THR C 59 27.19 -28.15 12.18
N GLN C 60 26.79 -28.29 13.46
CA GLN C 60 26.65 -27.11 14.31
C GLN C 60 28.00 -26.44 14.53
N SER C 61 29.06 -27.24 14.70
CA SER C 61 30.39 -26.67 14.91
C SER C 61 30.82 -25.84 13.71
N TYR C 62 30.55 -26.31 12.50
CA TYR C 62 30.85 -25.47 11.35
C TYR C 62 30.02 -24.21 11.34
N LEU C 63 28.71 -24.34 11.57
CA LEU C 63 27.84 -23.18 11.45
C LEU C 63 28.20 -22.10 12.46
N ASP C 64 28.76 -22.48 13.61
CA ASP C 64 29.16 -21.47 14.59
C ASP C 64 30.25 -20.57 14.02
N GLN C 65 31.19 -21.13 13.27
CA GLN C 65 32.29 -20.32 12.73
C GLN C 65 31.77 -19.22 11.82
N VAL C 66 30.85 -19.57 10.90
CA VAL C 66 30.31 -18.55 10.02
C VAL C 66 29.40 -17.60 10.79
N ALA C 67 28.76 -18.06 11.86
CA ALA C 67 27.90 -17.17 12.64
C ALA C 67 28.68 -16.18 13.49
N ALA C 68 29.95 -16.47 13.79
CA ALA C 68 30.75 -15.63 14.68
C ALA C 68 31.82 -14.87 13.91
N SER C 69 31.49 -14.39 12.71
CA SER C 69 32.40 -13.64 11.87
C SER C 69 31.80 -12.27 11.57
N THR C 70 32.64 -11.24 11.59
CA THR C 70 32.15 -9.90 11.30
C THR C 70 31.89 -9.73 9.82
N LEU C 71 31.03 -8.77 9.50
CA LEU C 71 30.58 -8.58 8.12
C LEU C 71 31.74 -8.24 7.19
N GLU C 72 32.69 -7.44 7.69
CA GLU C 72 33.82 -7.05 6.86
C GLU C 72 34.62 -8.28 6.45
N GLN C 73 34.78 -9.24 7.35
CA GLN C 73 35.53 -10.45 7.02
C GLN C 73 34.84 -11.24 5.93
N LEU C 74 33.52 -11.43 6.04
CA LEU C 74 32.80 -12.20 5.03
C LEU C 74 32.78 -11.48 3.70
N SER C 75 32.82 -10.14 3.70
CA SER C 75 32.86 -9.42 2.44
C SER C 75 34.15 -9.70 1.68
N ASN C 76 35.28 -9.72 2.38
CA ASN C 76 36.56 -9.97 1.74
C ASN C 76 36.61 -11.39 1.18
N ALA C 77 37.00 -11.53 -0.08
CA ALA C 77 36.98 -12.82 -0.75
C ALA C 77 38.31 -13.55 -0.62
N ASP C 78 38.83 -13.60 0.59
CA ASP C 78 39.90 -14.51 0.97
C ASP C 78 39.58 -15.25 2.24
N TYR C 79 38.89 -14.60 3.18
CA TYR C 79 38.43 -15.28 4.38
C TYR C 79 37.39 -16.34 4.03
N ARG C 80 36.43 -15.98 3.18
CA ARG C 80 35.36 -16.93 2.86
C ARG C 80 35.87 -18.10 2.03
N SER C 81 36.91 -17.88 1.22
CA SER C 81 37.48 -18.99 0.47
C SER C 81 37.96 -20.09 1.40
N GLY C 82 38.77 -19.73 2.39
CA GLY C 82 39.19 -20.71 3.37
C GLY C 82 38.04 -21.24 4.21
N LEU C 83 37.07 -20.36 4.53
CA LEU C 83 35.96 -20.79 5.35
C LEU C 83 35.15 -21.89 4.68
N GLU C 84 34.90 -21.76 3.39
CA GLU C 84 34.16 -22.79 2.66
C GLU C 84 35.07 -23.88 2.12
N ALA C 85 36.38 -23.71 2.20
CA ALA C 85 37.29 -24.82 1.98
C ALA C 85 37.35 -25.77 3.17
N GLN C 86 37.14 -25.25 4.38
CA GLN C 86 36.95 -26.13 5.52
C GLN C 86 35.67 -26.93 5.42
N ARG C 87 34.73 -26.52 4.58
CA ARG C 87 33.49 -27.26 4.37
C ARG C 87 33.64 -28.35 3.32
N ASP C 88 34.63 -28.26 2.45
CA ASP C 88 34.86 -29.25 1.41
C ASP C 88 35.86 -30.31 1.84
N ALA C 89 36.46 -30.17 3.01
CA ALA C 89 37.33 -31.19 3.58
C ALA C 89 36.52 -32.26 4.30
N MET C 90 35.63 -31.85 5.19
CA MET C 90 34.59 -32.76 5.66
C MET C 90 33.73 -33.15 4.49
N GLY C 91 33.46 -34.43 4.34
CA GLY C 91 32.74 -34.89 3.17
C GLY C 91 31.25 -34.84 3.40
N MET C 92 30.61 -36.01 3.38
CA MET C 92 29.21 -36.14 3.72
C MET C 92 29.00 -36.32 5.22
N ASN C 93 30.03 -36.04 6.03
CA ASN C 93 29.92 -36.06 7.48
C ASN C 93 29.46 -34.72 8.03
N LEU C 94 28.75 -33.95 7.22
CA LEU C 94 28.36 -32.59 7.57
C LEU C 94 27.18 -32.26 6.67
N ASP C 95 25.99 -32.12 7.27
CA ASP C 95 24.77 -31.99 6.48
C ASP C 95 24.92 -30.89 5.44
N ARG C 96 24.95 -31.27 4.16
CA ARG C 96 25.14 -30.31 3.09
C ARG C 96 23.81 -29.79 2.55
N ALA C 97 22.94 -29.37 3.46
CA ALA C 97 21.71 -28.71 3.08
C ALA C 97 21.32 -27.60 4.04
N ALA C 98 22.08 -27.39 5.11
CA ALA C 98 21.89 -26.27 6.02
C ALA C 98 23.21 -25.54 6.24
N THR C 99 24.22 -25.87 5.44
CA THR C 99 25.51 -25.19 5.46
C THR C 99 25.88 -24.70 4.08
N ARG C 100 24.89 -24.49 3.23
CA ARG C 100 25.08 -23.92 1.90
C ARG C 100 24.13 -22.75 1.79
N ASP C 101 24.67 -21.59 1.45
CA ASP C 101 24.04 -20.26 1.51
C ASP C 101 24.16 -19.68 2.91
N ALA C 102 24.90 -20.31 3.82
CA ALA C 102 25.02 -19.76 5.17
C ALA C 102 25.68 -18.40 5.15
N ILE C 103 26.72 -18.23 4.34
CA ILE C 103 27.41 -16.93 4.29
C ILE C 103 26.48 -15.85 3.79
N THR C 104 25.73 -16.14 2.73
CA THR C 104 24.83 -15.12 2.17
C THR C 104 23.77 -14.72 3.17
N LYS C 105 23.14 -15.70 3.83
CA LYS C 105 22.14 -15.37 4.83
C LYS C 105 22.75 -14.57 5.97
N GLN C 106 23.97 -14.94 6.38
CA GLN C 106 24.62 -14.22 7.47
C GLN C 106 24.84 -12.76 7.11
N ILE C 107 25.38 -12.49 5.92
CA ILE C 107 25.66 -11.11 5.57
C ILE C 107 24.38 -10.33 5.39
N SER C 108 23.33 -10.96 4.84
CA SER C 108 22.06 -10.25 4.70
C SER C 108 21.50 -9.89 6.07
N ALA C 109 21.56 -10.82 7.02
CA ALA C 109 21.06 -10.54 8.36
C ALA C 109 21.85 -9.42 9.01
N GLN C 110 23.17 -9.43 8.85
CA GLN C 110 23.98 -8.38 9.45
C GLN C 110 23.65 -7.02 8.85
N GLN C 111 23.45 -6.97 7.53
CA GLN C 111 23.10 -5.70 6.90
C GLN C 111 21.76 -5.19 7.41
N ASN C 112 20.77 -6.07 7.50
CA ASN C 112 19.47 -5.65 8.01
C ASN C 112 19.57 -5.12 9.43
N GLN C 113 20.35 -5.81 10.26
CA GLN C 113 20.50 -5.36 11.65
C GLN C 113 21.18 -4.00 11.72
N ALA C 114 22.19 -3.76 10.88
CA ALA C 114 22.83 -2.45 10.86
C ALA C 114 21.84 -1.36 10.46
N ALA C 115 21.03 -1.62 9.44
CA ALA C 115 20.06 -0.61 9.02
C ALA C 115 19.05 -0.32 10.13
N ALA C 116 18.58 -1.36 10.80
CA ALA C 116 17.62 -1.15 11.88
C ALA C 116 18.25 -0.34 13.01
N THR C 117 19.51 -0.63 13.34
CA THR C 117 20.17 0.13 14.39
C THR C 117 20.30 1.59 14.01
N GLN C 118 20.62 1.88 12.74
CA GLN C 118 20.70 3.27 12.32
C GLN C 118 19.36 3.97 12.46
N LYS C 119 18.28 3.31 12.04
CA LYS C 119 16.96 3.93 12.20
C LYS C 119 16.67 4.22 13.66
N PHE C 120 16.97 3.27 14.54
CA PHE C 120 16.69 3.46 15.96
C PHE C 120 17.50 4.65 16.51
N ASP C 121 18.77 4.74 16.13
CA ASP C 121 19.59 5.84 16.62
C ASP C 121 19.05 7.18 16.13
N ASP C 122 18.62 7.27 14.87
CA ASP C 122 18.06 8.53 14.38
C ASP C 122 16.81 8.91 15.15
N MET C 123 15.92 7.95 15.38
CA MET C 123 14.70 8.26 16.13
C MET C 123 15.03 8.74 17.54
N GLN C 124 15.97 8.07 18.21
CA GLN C 124 16.36 8.49 19.55
C GLN C 124 16.91 9.90 19.52
N ALA C 125 17.73 10.22 18.51
CA ALA C 125 18.31 11.55 18.43
C ALA C 125 17.25 12.62 18.25
N GLU C 126 16.25 12.36 17.39
CA GLU C 126 15.18 13.33 17.23
C GLU C 126 14.43 13.54 18.54
N VAL C 127 14.11 12.45 19.23
CA VAL C 127 13.39 12.57 20.50
C VAL C 127 14.18 13.41 21.48
N GLY C 128 15.50 13.21 21.53
CA GLY C 128 16.33 13.99 22.42
C GLY C 128 16.52 15.42 22.00
N GLN C 129 16.38 15.71 20.71
CA GLN C 129 16.60 17.05 20.20
C GLN C 129 15.34 17.91 20.17
N ARG C 130 14.17 17.33 20.44
CA ARG C 130 12.93 18.11 20.42
C ARG C 130 13.02 19.43 21.20
N GLY C 131 13.78 19.47 22.29
CA GLY C 131 13.83 20.68 23.10
C GLY C 131 14.45 21.87 22.41
N ILE C 132 15.55 21.63 21.70
CA ILE C 132 16.21 22.71 20.98
C ILE C 132 15.29 23.25 19.89
N VAL C 133 14.57 22.36 19.19
CA VAL C 133 13.64 22.82 18.17
C VAL C 133 12.54 23.65 18.80
N ASP C 134 12.06 23.25 19.97
CA ASP C 134 11.07 24.05 20.68
C ASP C 134 11.59 25.46 20.95
N GLN C 135 12.81 25.55 21.48
CA GLN C 135 13.38 26.85 21.79
C GLN C 135 13.53 27.68 20.52
N LEU C 136 13.95 27.05 19.42
CA LEU C 136 14.11 27.77 18.16
C LEU C 136 12.78 28.32 17.68
N ARG C 137 11.73 27.51 17.75
CA ARG C 137 10.41 27.99 17.33
C ARG C 137 9.97 29.16 18.18
N THR C 138 10.20 29.10 19.49
CA THR C 138 9.86 30.23 20.34
C THR C 138 10.64 31.48 19.93
N LEU C 139 11.92 31.32 19.62
CA LEU C 139 12.75 32.49 19.34
C LEU C 139 12.43 33.11 17.99
N SER C 140 12.08 32.30 16.99
CA SER C 140 11.93 32.81 15.64
C SER C 140 10.60 33.50 15.40
N ALA C 141 9.65 33.39 16.30
CA ALA C 141 8.36 34.06 16.17
C ALA C 141 8.38 35.46 16.77
N GLU C 142 9.46 35.85 17.44
CA GLU C 142 9.60 37.18 18.01
C GLU C 142 10.35 38.11 17.09
N GLY C 143 10.73 37.67 15.89
CA GLY C 143 11.48 38.47 14.96
C GLY C 143 12.98 38.32 15.06
N ARG C 144 13.48 37.74 16.16
CA ARG C 144 14.91 37.59 16.34
C ARG C 144 15.42 36.50 15.41
N ALA C 145 15.90 36.89 14.24
CA ALA C 145 16.40 35.97 13.24
C ALA C 145 17.92 35.87 13.22
N GLY C 146 18.61 36.66 14.03
CA GLY C 146 20.05 36.58 14.10
C GLY C 146 20.50 35.56 15.13
N GLU C 147 19.64 35.29 16.10
CA GLU C 147 19.93 34.31 17.14
C GLU C 147 19.44 32.92 16.80
N VAL C 148 18.83 32.73 15.63
CA VAL C 148 18.39 31.42 15.19
C VAL C 148 19.42 30.88 14.22
N ASN C 149 20.01 31.78 13.42
CA ASN C 149 21.05 31.37 12.49
C ASN C 149 22.35 31.03 13.20
N GLN C 150 22.54 31.49 14.42
CA GLN C 150 23.73 31.14 15.19
C GLN C 150 23.53 29.87 15.99
N ILE C 151 22.32 29.66 16.53
CA ILE C 151 22.02 28.40 17.18
C ILE C 151 22.15 27.25 16.19
N LEU C 152 21.73 27.48 14.95
CA LEU C 152 21.92 26.51 13.88
C LEU C 152 23.26 26.75 13.17
N ALA C 153 24.32 26.92 13.93
CA ALA C 153 25.67 26.90 13.38
C ALA C 153 26.68 26.18 14.27
N GLU C 154 26.37 25.95 15.55
CA GLU C 154 27.25 25.22 16.46
C GLU C 154 26.57 23.96 16.96
N GLN C 155 25.30 24.05 17.33
CA GLN C 155 24.48 22.88 17.60
C GLN C 155 24.00 22.24 16.30
N GLN C 156 24.38 22.80 15.15
CA GLN C 156 23.80 22.41 13.87
C GLN C 156 24.28 21.00 13.53
N LEU C 157 23.67 20.03 14.20
CA LEU C 157 23.64 18.66 13.74
C LEU C 157 22.25 18.07 13.99
N ILE C 158 21.23 18.92 14.04
CA ILE C 158 19.87 18.44 14.24
C ILE C 158 19.55 17.46 13.12
N ASN C 159 18.77 16.44 13.44
CA ASN C 159 18.54 15.37 12.50
C ASN C 159 17.44 15.73 11.50
N GLU C 160 17.52 16.93 10.92
CA GLU C 160 16.56 17.39 9.93
C GLU C 160 17.12 18.64 9.26
N GLY C 161 16.88 18.75 7.96
CA GLY C 161 17.22 19.94 7.22
C GLY C 161 15.99 20.70 6.77
N GLU C 162 14.82 20.29 7.25
CA GLU C 162 13.57 20.98 6.94
C GLU C 162 13.21 22.01 7.99
N ILE C 163 13.75 21.91 9.20
CA ILE C 163 13.57 22.97 10.18
C ILE C 163 14.17 24.26 9.65
N ARG C 164 15.29 24.16 8.94
CA ARG C 164 15.93 25.34 8.38
C ARG C 164 15.06 26.03 7.34
N LYS C 165 14.05 25.35 6.83
CA LYS C 165 13.14 25.94 5.84
C LYS C 165 11.86 26.48 6.47
N GLU C 166 11.36 25.84 7.51
CA GLU C 166 10.10 26.28 8.12
C GLU C 166 10.25 27.67 8.74
N LEU C 167 11.36 27.91 9.43
CA LEU C 167 11.53 29.19 10.11
C LEU C 167 11.68 30.35 9.13
N THR C 168 12.40 30.11 8.03
CA THR C 168 12.52 31.15 7.01
C THR C 168 11.15 31.58 6.51
N GLY C 169 10.24 30.64 6.34
CA GLY C 169 8.88 31.00 5.98
C GLY C 169 8.24 31.92 6.99
N VAL C 170 8.50 31.68 8.28
CA VAL C 170 7.91 32.51 9.32
C VAL C 170 8.42 33.93 9.22
N GLN C 171 9.74 34.10 9.08
CA GLN C 171 10.26 35.46 9.02
C GLN C 171 9.82 36.16 7.75
N ASP C 172 9.72 35.43 6.64
CA ASP C 172 9.21 36.02 5.41
C ASP C 172 7.77 36.46 5.58
N ALA C 173 6.95 35.66 6.27
CA ALA C 173 5.58 36.05 6.51
C ALA C 173 5.51 37.33 7.33
N ILE C 174 6.39 37.45 8.33
CA ILE C 174 6.39 38.66 9.15
C ILE C 174 6.70 39.88 8.29
N GLN C 175 7.76 39.78 7.47
CA GLN C 175 8.13 40.91 6.63
C GLN C 175 7.02 41.26 5.66
N ASN C 176 6.39 40.24 5.06
CA ASN C 176 5.32 40.49 4.11
C ASN C 176 4.14 41.19 4.78
N ARG C 177 3.80 40.79 6.01
CA ARG C 177 2.72 41.44 6.72
C ARG C 177 3.03 42.92 6.95
N GLN C 178 4.26 43.22 7.36
CA GLN C 178 4.63 44.62 7.58
C GLN C 178 4.50 45.42 6.29
N TYR C 179 4.98 44.85 5.18
CA TYR C 179 4.92 45.57 3.91
C TYR C 179 3.47 45.81 3.49
N ARG C 180 2.61 44.82 3.70
CA ARG C 180 1.21 44.99 3.34
C ARG C 180 0.57 46.12 4.14
N ALA C 181 0.88 46.19 5.44
CA ALA C 181 0.33 47.26 6.25
C ALA C 181 0.79 48.63 5.73
N ALA C 182 2.08 48.75 5.42
CA ALA C 182 2.57 50.02 4.90
C ALA C 182 1.88 50.38 3.60
N GLY C 183 1.69 49.40 2.71
CA GLY C 183 1.01 49.68 1.46
C GLY C 183 -0.41 50.16 1.67
N GLU C 184 -1.12 49.55 2.63
CA GLU C 184 -2.47 50.00 2.92
C GLU C 184 -2.47 51.46 3.38
N GLN C 185 -1.54 51.82 4.25
CA GLN C 185 -1.47 53.20 4.71
C GLN C 185 -1.27 54.15 3.54
N ARG C 186 -0.33 53.80 2.65
CA ARG C 186 -0.05 54.66 1.50
C ARG C 186 -1.28 54.81 0.61
N ALA C 187 -1.98 53.71 0.36
CA ALA C 187 -3.17 53.78 -0.49
C ALA C 187 -4.23 54.68 0.13
N GLN C 188 -4.44 54.58 1.44
CA GLN C 188 -5.44 55.43 2.07
C GLN C 188 -5.08 56.89 1.93
N ALA C 189 -3.82 57.25 2.17
CA ALA C 189 -3.42 58.64 2.03
C ALA C 189 -3.64 59.13 0.61
N ALA C 190 -3.28 58.31 -0.38
CA ALA C 190 -3.46 58.70 -1.77
C ALA C 190 -4.93 58.95 -2.09
N ALA C 191 -5.81 58.09 -1.57
CA ALA C 191 -7.24 58.27 -1.83
C ALA C 191 -7.73 59.59 -1.25
N ASN C 192 -7.31 59.91 -0.02
CA ASN C 192 -7.73 61.18 0.58
C ASN C 192 -7.29 62.36 -0.28
N ARG C 193 -6.02 62.33 -0.72
CA ARG C 193 -5.52 63.43 -1.55
C ARG C 193 -6.33 63.55 -2.84
N ALA C 194 -6.62 62.41 -3.47
CA ALA C 194 -7.35 62.46 -4.73
C ALA C 194 -8.74 63.07 -4.54
N ALA C 195 -9.44 62.66 -3.47
CA ALA C 195 -10.77 63.20 -3.25
C ALA C 195 -10.74 64.71 -3.03
N GLU C 196 -9.80 65.19 -2.23
CA GLU C 196 -9.75 66.62 -1.96
C GLU C 196 -9.43 67.41 -3.23
N ALA C 197 -8.49 66.91 -4.03
CA ALA C 197 -8.17 67.56 -5.29
C ALA C 197 -9.39 67.60 -6.21
N HIS C 198 -10.15 66.51 -6.26
CA HIS C 198 -11.34 66.48 -7.10
C HIS C 198 -12.36 67.52 -6.67
N SER C 199 -12.54 67.68 -5.36
CA SER C 199 -13.49 68.69 -4.89
C SER C 199 -13.08 70.08 -5.37
N LEU C 200 -11.78 70.40 -5.23
CA LEU C 200 -11.32 71.70 -5.69
C LEU C 200 -11.56 71.87 -7.19
N SER C 201 -11.23 70.84 -7.97
CA SER C 201 -11.36 70.93 -9.42
C SER C 201 -12.82 71.14 -9.81
N MET C 202 -13.75 70.45 -9.15
CA MET C 202 -15.15 70.63 -9.46
C MET C 202 -15.60 72.05 -9.18
N ALA C 203 -15.18 72.63 -8.05
CA ALA C 203 -15.57 74.00 -7.76
C ALA C 203 -15.07 74.94 -8.86
N ALA C 204 -13.80 74.80 -9.23
CA ALA C 204 -13.25 75.69 -10.25
C ALA C 204 -13.98 75.53 -11.58
N GLY C 205 -14.27 74.29 -11.98
CA GLY C 205 -14.95 74.08 -13.24
C GLY C 205 -16.34 74.69 -13.26
N ARG C 206 -17.08 74.55 -12.16
CA ARG C 206 -18.41 75.14 -12.11
C ARG C 206 -18.32 76.66 -12.24
N GLU C 207 -17.36 77.27 -11.55
CA GLU C 207 -17.21 78.72 -11.68
C GLU C 207 -16.91 79.11 -13.11
N ASN C 208 -16.03 78.37 -13.78
CA ASN C 208 -15.69 78.71 -15.17
C ASN C 208 -16.91 78.58 -16.08
N LEU C 209 -17.72 77.55 -15.87
CA LEU C 209 -18.93 77.39 -16.68
C LEU C 209 -19.86 78.58 -16.51
N ALA C 210 -20.06 79.01 -15.27
CA ALA C 210 -20.92 80.18 -15.04
C ALA C 210 -20.35 81.41 -15.73
N PHE C 211 -19.11 81.72 -15.66
CA PHE C 211 -18.80 82.96 -16.38
C PHE C 211 -19.00 82.69 -17.86
N THR C 212 -18.44 81.64 -18.46
CA THR C 212 -18.68 81.59 -19.90
C THR C 212 -20.14 81.84 -20.22
N ARG C 213 -21.04 81.22 -19.46
CA ARG C 213 -22.46 81.35 -19.75
C ARG C 213 -22.89 82.80 -19.64
N GLU C 214 -22.41 83.52 -18.64
CA GLU C 214 -22.84 84.90 -18.47
C GLU C 214 -22.24 85.81 -19.54
N GLN C 215 -20.93 85.69 -19.81
CA GLN C 215 -20.35 86.48 -20.90
C GLN C 215 -21.18 86.32 -22.17
N ARG C 216 -21.54 85.11 -22.48
CA ARG C 216 -22.19 84.92 -23.79
C ARG C 216 -23.57 85.49 -23.71
N ASP C 217 -24.28 85.00 -22.76
CA ASP C 217 -25.65 85.48 -22.72
C ASP C 217 -25.66 86.98 -22.96
N GLU C 218 -24.69 87.69 -22.38
CA GLU C 218 -24.60 89.13 -22.63
C GLU C 218 -24.32 89.42 -24.10
N LEU C 219 -23.41 88.67 -24.72
CA LEU C 219 -23.08 88.91 -26.12
C LEU C 219 -24.30 88.67 -27.01
N ARG C 220 -25.03 87.58 -26.75
CA ARG C 220 -26.23 87.29 -27.53
C ARG C 220 -27.28 88.37 -27.35
N ARG C 221 -27.45 88.86 -26.12
CA ARG C 221 -28.38 89.95 -25.88
C ARG C 221 -27.98 91.18 -26.68
N ASP C 222 -26.69 91.50 -26.70
CA ASP C 222 -26.22 92.65 -27.45
C ASP C 222 -26.53 92.50 -28.94
N ARG C 223 -26.25 91.32 -29.51
CA ARG C 223 -26.49 91.11 -30.93
C ARG C 223 -27.98 91.21 -31.24
N ASP C 224 -28.82 90.62 -30.39
CA ASP C 224 -30.26 90.71 -30.61
C ASP C 224 -30.74 92.16 -30.55
N GLU C 225 -30.24 92.92 -29.58
CA GLU C 225 -30.63 94.32 -29.47
C GLU C 225 -30.19 95.10 -30.71
N ALA C 226 -28.99 94.84 -31.20
CA ALA C 226 -28.51 95.54 -32.39
C ALA C 226 -29.37 95.24 -33.60
N LYS C 227 -29.71 93.95 -33.80
CA LYS C 227 -30.54 93.63 -34.96
C LYS C 227 -31.93 94.23 -34.82
N LEU C 228 -32.48 94.24 -33.60
CA LEU C 228 -33.80 94.83 -33.41
C LEU C 228 -33.79 96.32 -33.66
N VAL C 229 -32.76 97.03 -33.18
CA VAL C 229 -32.72 98.47 -33.37
C VAL C 229 -32.51 98.79 -34.85
N SER C 230 -31.71 97.98 -35.56
CA SER C 230 -31.56 98.18 -37.00
C SER C 230 -32.90 97.98 -37.72
N GLY C 231 -33.64 96.93 -37.36
CA GLY C 231 -34.93 96.72 -37.98
C GLY C 231 -35.91 97.85 -37.71
N THR C 232 -35.94 98.32 -36.46
CA THR C 232 -36.82 99.44 -36.12
C THR C 232 -36.41 100.71 -36.87
N ILE C 233 -35.11 100.95 -37.00
CA ILE C 233 -34.64 102.11 -37.75
C ILE C 233 -35.12 102.03 -39.19
N ALA C 234 -34.96 100.84 -39.79
CA ALA C 234 -35.34 100.67 -41.20
C ALA C 234 -36.84 100.88 -41.39
N THR C 235 -37.66 100.28 -40.53
CA THR C 235 -39.10 100.40 -40.71
C THR C 235 -39.58 101.82 -40.41
N THR C 236 -38.97 102.49 -39.42
CA THR C 236 -39.32 103.87 -39.13
C THR C 236 -38.96 104.79 -40.29
N PHE C 237 -37.78 104.60 -40.87
CA PHE C 237 -37.38 105.40 -42.03
C PHE C 237 -38.32 105.15 -43.21
N GLN C 238 -38.68 103.89 -43.44
CA GLN C 238 -39.61 103.58 -44.52
C GLN C 238 -40.96 104.25 -44.27
N ASP C 239 -41.45 104.20 -43.04
CA ASP C 239 -42.73 104.81 -42.73
C ASP C 239 -42.69 106.31 -42.93
N TYR C 240 -41.60 106.95 -42.48
CA TYR C 240 -41.50 108.40 -42.63
C TYR C 240 -41.39 108.81 -44.10
N ASP C 241 -40.61 108.05 -44.88
CA ASP C 241 -40.50 108.36 -46.31
C ASP C 241 -41.84 108.16 -47.02
N GLU C 242 -42.57 107.10 -46.67
CA GLU C 242 -43.89 106.90 -47.25
C GLU C 242 -44.83 108.04 -46.89
N SER C 243 -44.78 108.49 -45.64
CA SER C 243 -45.64 109.61 -45.22
C SER C 243 -45.27 110.89 -45.97
N ARG C 244 -43.97 111.14 -46.13
CA ARG C 244 -43.54 112.33 -46.87
C ARG C 244 -43.99 112.27 -48.33
N GLN C 245 -43.85 111.10 -48.95
CA GLN C 245 -44.32 110.95 -50.33
C GLN C 245 -45.83 111.12 -50.42
N ALA C 246 -46.56 110.60 -49.43
CA ALA C 246 -48.02 110.70 -49.43
C ALA C 246 -48.46 112.15 -49.32
N GLN C 247 -47.87 112.90 -48.39
CA GLN C 247 -48.26 114.31 -48.25
C GLN C 247 -47.80 115.12 -49.45
N SER C 248 -46.64 114.80 -50.03
CA SER C 248 -46.18 115.49 -51.22
C SER C 248 -47.14 115.26 -52.39
N GLU C 249 -47.60 114.01 -52.57
CA GLU C 249 -48.51 113.72 -53.67
C GLU C 249 -49.88 114.30 -53.42
N ILE C 250 -50.31 114.38 -52.15
CA ILE C 250 -51.57 115.05 -51.84
C ILE C 250 -51.50 116.53 -52.19
N MET C 251 -50.39 117.19 -51.81
CA MET C 251 -50.21 118.59 -52.16
C MET C 251 -50.14 118.77 -53.67
N ARG C 252 -49.48 117.85 -54.37
CA ARG C 252 -49.46 117.91 -55.83
C ARG C 252 -50.85 117.76 -56.43
N ILE C 253 -51.66 116.85 -55.89
CA ILE C 253 -53.02 116.68 -56.39
C ILE C 253 -53.80 117.97 -56.19
N VAL C 254 -53.64 118.60 -55.03
CA VAL C 254 -54.30 119.87 -54.76
C VAL C 254 -53.83 120.92 -55.77
N GLY C 255 -52.52 120.98 -56.01
CA GLY C 255 -51.99 121.98 -56.93
C GLY C 255 -52.52 121.81 -58.34
N LYS C 256 -52.56 120.56 -58.83
CA LYS C 256 -53.11 120.33 -60.16
C LYS C 256 -54.61 120.62 -60.19
N GLU C 257 -55.31 120.41 -59.07
CA GLU C 257 -56.71 120.80 -59.00
C GLU C 257 -56.85 122.31 -59.16
N VAL C 258 -55.97 123.08 -58.51
CA VAL C 258 -55.98 124.52 -58.69
C VAL C 258 -55.65 124.88 -60.14
N GLY C 259 -54.65 124.21 -60.71
CA GLY C 259 -54.36 124.37 -62.13
C GLY C 259 -52.89 124.37 -62.49
N MET C 260 -52.00 124.45 -61.50
CA MET C 260 -50.57 124.50 -61.77
C MET C 260 -50.12 123.19 -62.40
N PRO C 261 -49.48 123.21 -63.59
CA PRO C 261 -48.99 121.93 -64.17
C PRO C 261 -47.54 121.62 -63.82
N THR C 262 -47.30 121.28 -62.54
CA THR C 262 -45.96 120.88 -62.10
C THR C 262 -44.95 122.00 -62.34
N ASP C 263 -45.41 123.25 -62.22
CA ASP C 263 -44.62 124.42 -62.58
C ASP C 263 -44.17 124.22 -64.02
N ASP C 264 -42.88 124.08 -64.31
CA ASP C 264 -42.40 123.75 -65.65
C ASP C 264 -41.59 122.46 -65.68
N GLN C 265 -40.70 122.26 -64.70
CA GLN C 265 -39.90 121.04 -64.65
C GLN C 265 -39.46 120.80 -63.21
N GLY C 266 -39.32 119.52 -62.86
CA GLY C 266 -38.91 119.14 -61.52
C GLY C 266 -37.59 118.41 -61.47
N MET C 267 -37.31 117.62 -62.51
CA MET C 267 -36.09 116.80 -62.55
C MET C 267 -34.86 117.61 -62.91
N PRO C 268 -34.85 118.33 -64.03
CA PRO C 268 -33.59 118.98 -64.43
C PRO C 268 -33.25 120.18 -63.57
N ASP C 269 -34.24 121.02 -63.28
CA ASP C 269 -34.03 122.23 -62.49
C ASP C 269 -35.39 122.70 -61.99
N MET C 270 -35.42 123.89 -61.41
CA MET C 270 -36.63 124.54 -60.92
C MET C 270 -36.86 125.83 -61.68
N SER C 271 -38.11 126.03 -62.13
CA SER C 271 -38.50 127.22 -62.89
C SER C 271 -39.73 127.89 -62.29
N ARG C 272 -40.26 128.87 -63.01
CA ARG C 272 -41.41 129.64 -62.54
C ARG C 272 -42.70 128.91 -62.92
N ALA C 273 -43.83 129.51 -62.56
CA ALA C 273 -45.14 128.94 -62.82
C ALA C 273 -46.14 130.08 -62.94
N SER C 274 -47.44 129.74 -62.93
CA SER C 274 -48.47 130.77 -63.02
C SER C 274 -48.41 131.69 -61.81
N GLN C 275 -48.27 131.13 -60.61
CA GLN C 275 -48.17 131.90 -59.38
C GLN C 275 -47.01 131.37 -58.54
N ASP C 276 -46.36 132.28 -57.82
CA ASP C 276 -45.16 131.94 -57.06
C ASP C 276 -45.50 131.45 -55.65
N GLN C 277 -46.24 132.25 -54.89
CA GLN C 277 -46.56 131.91 -53.52
C GLN C 277 -47.93 132.48 -53.16
N LEU C 278 -48.50 131.95 -52.07
CA LEU C 278 -49.81 132.39 -51.59
C LEU C 278 -50.89 132.20 -52.66
N ASP C 279 -50.80 131.10 -53.40
CA ASP C 279 -51.80 130.81 -54.42
C ASP C 279 -53.16 130.56 -53.78
N ALA C 280 -53.20 129.80 -52.69
CA ALA C 280 -54.45 129.49 -52.01
C ALA C 280 -54.13 129.05 -50.59
N PHE C 281 -55.17 129.04 -49.74
CA PHE C 281 -54.98 128.64 -48.35
C PHE C 281 -54.61 127.16 -48.27
N SER C 282 -55.17 126.33 -49.16
CA SER C 282 -54.87 124.91 -49.12
C SER C 282 -53.40 124.64 -49.40
N ASN C 283 -52.83 125.35 -50.39
CA ASN C 283 -51.40 125.19 -50.67
C ASN C 283 -50.56 125.62 -49.49
N ALA C 284 -50.90 126.76 -48.87
CA ALA C 284 -50.12 127.32 -47.78
C ALA C 284 -50.32 126.60 -46.46
N LEU C 285 -51.33 125.73 -46.36
CA LEU C 285 -51.57 125.03 -45.09
C LEU C 285 -50.40 124.14 -44.72
N ASN C 286 -49.86 123.40 -45.68
CA ASN C 286 -48.74 122.48 -45.46
C ASN C 286 -47.54 122.79 -46.33
N GLU C 287 -47.74 123.11 -47.60
CA GLU C 287 -46.65 123.40 -48.54
C GLU C 287 -45.69 122.21 -48.64
N ALA C 288 -46.20 121.00 -48.47
CA ALA C 288 -45.39 119.79 -48.55
C ALA C 288 -44.24 119.81 -47.53
N GLY C 289 -44.54 120.32 -46.34
CA GLY C 289 -43.55 120.38 -45.27
C GLY C 289 -42.74 121.66 -45.27
N VAL C 290 -43.42 122.80 -45.27
CA VAL C 290 -42.77 124.10 -45.25
C VAL C 290 -41.84 124.23 -46.45
N GLN C 291 -42.42 124.37 -47.64
CA GLN C 291 -41.66 124.53 -48.88
C GLN C 291 -40.72 123.34 -49.10
N ALA C 292 -41.23 122.13 -48.88
CA ALA C 292 -40.47 120.90 -49.09
C ALA C 292 -39.19 120.91 -48.27
N ASN C 293 -39.27 121.41 -47.04
CA ASN C 293 -38.12 121.47 -46.15
C ASN C 293 -37.98 120.12 -45.47
N THR C 294 -37.44 119.16 -46.22
CA THR C 294 -37.13 117.83 -45.69
C THR C 294 -35.78 117.90 -44.98
N SER C 295 -35.75 118.69 -43.91
CA SER C 295 -34.51 118.95 -43.21
C SER C 295 -33.99 117.64 -42.59
N PRO C 296 -32.68 117.41 -42.58
CA PRO C 296 -32.17 116.19 -41.95
C PRO C 296 -32.51 116.10 -40.47
N THR C 297 -32.57 117.25 -39.77
CA THR C 297 -32.85 117.21 -38.34
C THR C 297 -34.24 116.66 -38.06
N GLU C 298 -35.21 117.01 -38.91
CA GLU C 298 -36.56 116.44 -38.74
C GLU C 298 -36.55 114.93 -38.90
N ARG C 299 -35.80 114.43 -39.88
CA ARG C 299 -35.72 112.98 -40.06
C ARG C 299 -35.04 112.31 -38.87
N ARG C 300 -33.97 112.92 -38.35
CA ARG C 300 -33.32 112.36 -37.17
C ARG C 300 -34.27 112.32 -35.99
N ASN C 301 -35.02 113.40 -35.77
CA ASN C 301 -35.98 113.42 -34.67
C ASN C 301 -37.04 112.35 -34.87
N ALA C 302 -37.52 112.19 -36.10
CA ALA C 302 -38.54 111.19 -36.37
C ALA C 302 -38.02 109.78 -36.09
N VAL C 303 -36.78 109.49 -36.50
CA VAL C 303 -36.26 108.14 -36.33
C VAL C 303 -35.80 107.86 -34.91
N LEU C 304 -35.49 108.89 -34.12
CA LEU C 304 -35.06 108.73 -32.74
C LEU C 304 -36.21 108.83 -31.74
N LYS C 305 -37.41 109.17 -32.20
CA LYS C 305 -38.52 109.35 -31.26
C LYS C 305 -38.98 108.04 -30.64
N SER C 306 -38.79 106.92 -31.33
CA SER C 306 -39.13 105.61 -30.81
C SER C 306 -37.91 104.73 -30.56
N LEU C 307 -36.71 105.27 -30.76
CA LEU C 307 -35.48 104.50 -30.60
C LEU C 307 -34.97 104.54 -29.15
N VAL C 308 -34.89 105.73 -28.57
CA VAL C 308 -34.29 105.93 -27.25
C VAL C 308 -35.31 105.61 -26.15
N ASP C 309 -36.46 105.06 -26.54
CA ASP C 309 -37.49 104.74 -25.55
C ASP C 309 -36.96 103.76 -24.51
N ALA C 310 -36.23 102.74 -24.94
CA ALA C 310 -35.67 101.76 -24.01
C ALA C 310 -34.59 100.95 -24.72
N GLY C 311 -33.72 100.35 -23.90
CA GLY C 311 -32.77 99.38 -24.39
C GLY C 311 -31.80 99.89 -25.44
N VAL C 312 -31.17 101.04 -25.17
CA VAL C 312 -30.18 101.61 -26.07
C VAL C 312 -28.96 102.04 -25.25
N SER C 313 -27.78 101.89 -25.86
CA SER C 313 -26.53 102.21 -25.20
C SER C 313 -25.62 103.02 -26.11
N SER C 314 -24.36 103.21 -25.69
CA SER C 314 -23.43 104.04 -26.46
C SER C 314 -23.16 103.45 -27.83
N LYS C 315 -23.01 102.13 -27.92
CA LYS C 315 -22.71 101.45 -29.18
C LYS C 315 -23.93 101.34 -30.10
N GLY C 316 -25.00 102.07 -29.82
CA GLY C 316 -26.22 102.02 -30.60
C GLY C 316 -26.35 103.21 -31.54
N ILE C 317 -27.07 104.23 -31.09
CA ILE C 317 -27.34 105.39 -31.95
C ILE C 317 -26.03 106.04 -32.41
N ALA C 318 -24.96 105.91 -31.62
CA ALA C 318 -23.70 106.54 -31.99
C ALA C 318 -23.22 106.01 -33.34
N GLN C 319 -23.18 104.69 -33.50
CA GLN C 319 -22.82 104.12 -34.79
C GLN C 319 -23.98 104.17 -35.79
N ALA C 320 -25.22 104.22 -35.31
CA ALA C 320 -26.37 104.35 -36.21
C ALA C 320 -26.41 105.72 -36.90
N LYS C 321 -25.70 106.71 -36.35
CA LYS C 321 -25.60 108.00 -37.04
C LYS C 321 -24.95 107.84 -38.41
N GLN C 322 -24.08 106.85 -38.57
CA GLN C 322 -23.57 106.55 -39.91
C GLN C 322 -24.69 106.11 -40.83
N GLU C 323 -25.61 105.28 -40.32
CA GLU C 323 -26.73 104.83 -41.15
C GLU C 323 -27.64 106.00 -41.53
N MET C 324 -27.95 106.87 -40.57
CA MET C 324 -28.72 108.07 -40.91
C MET C 324 -27.99 108.97 -41.91
N GLU C 325 -26.68 109.15 -41.77
CA GLU C 325 -25.94 109.94 -42.74
C GLU C 325 -26.00 109.31 -44.12
N LEU C 326 -25.89 107.99 -44.20
CA LEU C 326 -25.98 107.29 -45.48
C LEU C 326 -27.37 107.46 -46.09
N ARG C 327 -28.40 107.36 -45.27
CA ARG C 327 -29.76 107.56 -45.78
C ARG C 327 -29.95 108.97 -46.32
N GLU C 328 -29.41 109.97 -45.62
CA GLU C 328 -29.49 111.34 -46.13
C GLU C 328 -28.73 111.47 -47.44
N SER C 329 -27.55 110.85 -47.53
CA SER C 329 -26.79 110.89 -48.78
C SER C 329 -27.52 110.18 -49.91
N LEU C 330 -28.37 109.20 -49.60
CA LEU C 330 -29.15 108.55 -50.66
C LEU C 330 -30.04 109.53 -51.39
N GLU C 331 -30.72 110.40 -50.64
CA GLU C 331 -31.60 111.39 -51.25
C GLU C 331 -31.01 112.79 -51.12
N GLY D 25 3.31 -88.07 6.15
CA GLY D 25 3.56 -87.77 4.71
C GLY D 25 2.53 -86.81 4.12
N THR D 26 1.31 -86.87 4.64
CA THR D 26 0.22 -86.03 4.16
C THR D 26 0.01 -84.78 5.02
N THR D 27 0.84 -84.56 6.03
CA THR D 27 0.71 -83.41 6.93
C THR D 27 1.74 -82.33 6.68
N GLY D 28 2.97 -82.69 6.31
CA GLY D 28 3.99 -81.69 6.05
C GLY D 28 3.87 -80.98 4.73
N VAL D 29 3.06 -81.49 3.80
CA VAL D 29 2.88 -80.84 2.51
C VAL D 29 2.26 -79.46 2.66
N GLN D 30 1.47 -79.24 3.72
CA GLN D 30 0.84 -77.93 3.89
C GLN D 30 1.89 -76.84 4.08
N GLN D 31 2.85 -77.06 4.99
CA GLN D 31 3.91 -76.08 5.17
C GLN D 31 4.76 -75.95 3.92
N ALA D 32 4.95 -77.05 3.19
CA ALA D 32 5.67 -76.99 1.92
C ALA D 32 5.00 -76.03 0.96
N LEU D 33 3.68 -76.16 0.79
CA LEU D 33 2.96 -75.30 -0.12
C LEU D 33 2.97 -73.86 0.37
N GLY D 34 2.84 -73.64 1.68
CA GLY D 34 2.89 -72.28 2.19
C GLY D 34 4.23 -71.61 1.94
N ALA D 35 5.32 -72.34 2.17
CA ALA D 35 6.65 -71.81 1.91
C ALA D 35 6.91 -71.65 0.41
N LEU D 36 6.24 -72.43 -0.43
CA LEU D 36 6.34 -72.22 -1.87
C LEU D 36 5.57 -70.97 -2.28
N GLY D 37 4.46 -70.68 -1.62
CA GLY D 37 3.58 -69.60 -2.05
C GLY D 37 3.88 -68.23 -1.48
N ASP D 38 4.61 -68.15 -0.36
CA ASP D 38 4.90 -66.82 0.18
C ASP D 38 5.98 -66.08 -0.63
N ILE D 39 6.92 -66.82 -1.22
CA ILE D 39 7.99 -66.18 -1.97
C ILE D 39 7.44 -65.43 -3.17
N ILE D 40 6.44 -66.00 -3.84
CA ILE D 40 5.86 -65.32 -4.99
C ILE D 40 5.12 -64.06 -4.54
N SER D 41 4.51 -64.09 -3.35
CA SER D 41 3.89 -62.89 -2.83
C SER D 41 4.93 -61.79 -2.59
N ARG D 42 6.07 -62.16 -2.01
CA ARG D 42 7.13 -61.16 -1.83
C ARG D 42 7.61 -60.62 -3.16
N GLN D 43 7.75 -61.49 -4.15
CA GLN D 43 8.16 -61.04 -5.48
C GLN D 43 7.14 -60.06 -6.04
N GLN D 44 5.85 -60.32 -5.82
CA GLN D 44 4.81 -59.42 -6.31
C GLN D 44 4.92 -58.06 -5.64
N GLU D 45 5.19 -58.04 -4.33
CA GLU D 45 5.35 -56.75 -3.66
C GLU D 45 6.53 -55.97 -4.23
N MET D 46 7.64 -56.67 -4.49
CA MET D 46 8.78 -56.02 -5.12
C MET D 46 8.40 -55.47 -6.49
N ASN D 47 7.63 -56.24 -7.25
CA ASN D 47 7.19 -55.76 -8.57
C ASN D 47 6.35 -54.50 -8.43
N VAL D 48 5.48 -54.45 -7.42
CA VAL D 48 4.67 -53.26 -7.21
C VAL D 48 5.55 -52.04 -6.95
N ASN D 49 6.53 -52.19 -6.07
CA ASN D 49 7.41 -51.06 -5.78
C ASN D 49 8.17 -50.62 -7.03
N ASN D 50 8.68 -51.57 -7.80
CA ASN D 50 9.39 -51.22 -9.02
C ASN D 50 8.49 -50.49 -10.00
N ALA D 51 7.24 -50.92 -10.12
CA ALA D 51 6.31 -50.27 -11.03
C ALA D 51 6.05 -48.83 -10.61
N LYS D 52 5.88 -48.60 -9.31
CA LYS D 52 5.66 -47.24 -8.84
C LYS D 52 6.87 -46.35 -9.17
N LEU D 53 8.08 -46.86 -8.93
CA LEU D 53 9.26 -46.08 -9.26
C LEU D 53 9.35 -45.82 -10.76
N GLN D 54 8.95 -46.79 -11.58
CA GLN D 54 8.97 -46.59 -13.02
C GLN D 54 8.00 -45.48 -13.43
N ARG D 55 6.83 -45.45 -12.80
CA ARG D 55 5.89 -44.37 -13.08
C ARG D 55 6.49 -43.01 -12.73
N GLU D 56 7.13 -42.92 -11.57
CA GLU D 56 7.78 -41.66 -11.19
C GLU D 56 8.84 -41.27 -12.20
N ALA D 57 9.62 -42.25 -12.66
CA ALA D 57 10.66 -41.96 -13.65
C ALA D 57 10.06 -41.43 -14.94
N ASN D 58 8.96 -42.03 -15.39
CA ASN D 58 8.32 -41.54 -16.61
C ASN D 58 7.86 -40.09 -16.44
N THR D 59 7.26 -39.79 -15.28
CA THR D 59 6.79 -38.43 -15.04
C THR D 59 7.94 -37.43 -15.11
N GLN D 60 9.03 -37.71 -14.40
CA GLN D 60 10.16 -36.79 -14.40
C GLN D 60 10.77 -36.66 -15.79
N SER D 61 10.86 -37.78 -16.51
CA SER D 61 11.45 -37.73 -17.85
C SER D 61 10.64 -36.83 -18.76
N TYR D 62 9.31 -36.89 -18.68
CA TYR D 62 8.52 -35.96 -19.47
C TYR D 62 8.74 -34.53 -19.02
N LEU D 63 8.69 -34.29 -17.71
CA LEU D 63 8.77 -32.91 -17.23
C LEU D 63 10.08 -32.25 -17.63
N ASP D 64 11.15 -33.03 -17.76
CA ASP D 64 12.43 -32.44 -18.15
C ASP D 64 12.36 -31.83 -19.54
N GLN D 65 11.69 -32.50 -20.48
CA GLN D 65 11.61 -31.98 -21.85
C GLN D 65 10.99 -30.60 -21.87
N VAL D 66 9.85 -30.43 -21.20
CA VAL D 66 9.21 -29.13 -21.16
C VAL D 66 10.06 -28.12 -20.40
N ALA D 67 10.76 -28.58 -19.36
CA ALA D 67 11.56 -27.65 -18.58
C ALA D 67 12.81 -27.19 -19.31
N ALA D 68 13.22 -27.89 -20.36
CA ALA D 68 14.45 -27.57 -21.09
C ALA D 68 14.15 -27.07 -22.49
N SER D 69 13.14 -26.22 -22.64
CA SER D 69 12.74 -25.66 -23.91
C SER D 69 12.74 -24.14 -23.83
N THR D 70 13.13 -23.49 -24.92
CA THR D 70 13.18 -22.04 -24.96
C THR D 70 11.79 -21.46 -24.97
N LEU D 71 11.66 -20.23 -24.46
CA LEU D 71 10.36 -19.58 -24.42
C LEU D 71 9.81 -19.39 -25.82
N GLU D 72 10.67 -19.03 -26.76
CA GLU D 72 10.21 -18.84 -28.13
C GLU D 72 9.65 -20.14 -28.71
N GLN D 73 10.26 -21.27 -28.37
CA GLN D 73 9.74 -22.55 -28.85
C GLN D 73 8.35 -22.81 -28.30
N LEU D 74 8.15 -22.61 -26.99
CA LEU D 74 6.85 -22.90 -26.40
C LEU D 74 5.78 -21.93 -26.90
N SER D 75 6.17 -20.69 -27.22
CA SER D 75 5.19 -19.75 -27.75
C SER D 75 4.63 -20.23 -29.08
N ASN D 76 5.48 -20.76 -29.95
CA ASN D 76 5.04 -21.26 -31.24
C ASN D 76 4.10 -22.45 -31.04
N ALA D 77 2.88 -22.35 -31.56
CA ALA D 77 1.87 -23.38 -31.32
C ALA D 77 1.94 -24.49 -32.36
N ASP D 78 3.14 -24.99 -32.59
CA ASP D 78 3.37 -26.23 -33.33
C ASP D 78 4.32 -27.15 -32.58
N TYR D 79 5.32 -26.59 -31.90
CA TYR D 79 6.19 -27.39 -31.06
C TYR D 79 5.42 -27.95 -29.87
N ARG D 80 4.62 -27.12 -29.21
CA ARG D 80 3.89 -27.58 -28.03
C ARG D 80 2.83 -28.60 -28.41
N SER D 81 2.32 -28.57 -29.64
CA SER D 81 1.37 -29.59 -30.06
C SER D 81 1.99 -30.98 -29.96
N GLY D 82 3.17 -31.17 -30.56
CA GLY D 82 3.85 -32.45 -30.44
C GLY D 82 4.30 -32.74 -29.02
N LEU D 83 4.74 -31.70 -28.32
CA LEU D 83 5.23 -31.90 -26.95
C LEU D 83 4.12 -32.45 -26.06
N GLU D 84 2.91 -31.92 -26.18
CA GLU D 84 1.78 -32.39 -25.40
C GLU D 84 1.09 -33.59 -26.03
N ALA D 85 1.40 -33.92 -27.28
CA ALA D 85 0.97 -35.20 -27.82
C ALA D 85 1.83 -36.34 -27.30
N GLN D 86 3.07 -36.08 -26.91
CA GLN D 86 3.87 -37.12 -26.30
C GLN D 86 3.36 -37.56 -24.94
N ARG D 87 2.53 -36.76 -24.26
CA ARG D 87 1.93 -37.15 -23.00
C ARG D 87 0.54 -37.75 -23.16
N ASP D 88 -0.01 -37.73 -24.37
CA ASP D 88 -1.31 -38.33 -24.65
C ASP D 88 -1.17 -39.73 -25.22
N ALA D 89 0.05 -40.23 -25.36
CA ALA D 89 0.28 -41.60 -25.81
C ALA D 89 0.82 -42.50 -24.71
N MET D 90 1.40 -41.94 -23.65
CA MET D 90 1.81 -42.74 -22.51
C MET D 90 0.64 -43.07 -21.58
N GLY D 91 -0.54 -42.52 -21.85
CA GLY D 91 -1.72 -42.90 -21.10
C GLY D 91 -1.61 -42.59 -19.63
N MET D 92 -2.11 -43.50 -18.81
CA MET D 92 -2.10 -43.34 -17.35
C MET D 92 -0.81 -43.87 -16.73
N ASN D 93 0.27 -43.98 -17.53
CA ASN D 93 1.58 -44.34 -17.02
C ASN D 93 2.37 -43.12 -16.57
N LEU D 94 1.69 -42.04 -16.22
CA LEU D 94 2.31 -40.81 -15.79
C LEU D 94 1.55 -40.32 -14.56
N ASP D 95 1.90 -39.15 -14.07
CA ASP D 95 1.10 -38.43 -13.09
C ASP D 95 0.41 -37.32 -13.86
N ARG D 96 -0.83 -37.57 -14.26
CA ARG D 96 -1.56 -36.62 -15.09
C ARG D 96 -2.13 -35.46 -14.29
N ALA D 97 -1.73 -35.30 -13.04
CA ALA D 97 -2.16 -34.19 -12.20
C ALA D 97 -1.09 -33.12 -12.08
N ALA D 98 0.17 -33.51 -11.91
CA ALA D 98 1.30 -32.58 -11.90
C ALA D 98 1.95 -32.51 -13.27
N THR D 99 1.16 -32.64 -14.33
CA THR D 99 1.70 -32.71 -15.68
C THR D 99 0.92 -31.89 -16.71
N ARG D 100 -0.29 -31.42 -16.40
CA ARG D 100 -1.09 -30.75 -17.42
C ARG D 100 -0.68 -29.29 -17.58
N ASP D 101 -0.62 -28.56 -16.47
CA ASP D 101 -0.29 -27.14 -16.52
C ASP D 101 1.21 -26.91 -16.34
N ALA D 102 2.01 -27.59 -17.16
CA ALA D 102 3.45 -27.44 -17.13
C ALA D 102 3.95 -26.41 -18.14
N ILE D 103 3.41 -26.41 -19.35
CA ILE D 103 3.86 -25.44 -20.34
C ILE D 103 3.52 -24.03 -19.90
N THR D 104 2.31 -23.82 -19.39
CA THR D 104 1.92 -22.47 -18.98
C THR D 104 2.76 -21.97 -17.83
N LYS D 105 2.97 -22.82 -16.81
CA LYS D 105 3.83 -22.42 -15.69
C LYS D 105 5.24 -22.13 -16.18
N GLN D 106 5.74 -22.94 -17.11
CA GLN D 106 7.09 -22.73 -17.62
C GLN D 106 7.21 -21.37 -18.29
N ILE D 107 6.26 -21.04 -19.17
CA ILE D 107 6.39 -19.77 -19.87
C ILE D 107 6.22 -18.60 -18.91
N SER D 108 5.32 -18.73 -17.93
CA SER D 108 5.17 -17.65 -16.96
C SER D 108 6.45 -17.44 -16.17
N ALA D 109 7.08 -18.53 -15.73
CA ALA D 109 8.33 -18.39 -14.98
C ALA D 109 9.42 -17.77 -15.83
N GLN D 110 9.52 -18.19 -17.10
CA GLN D 110 10.54 -17.62 -17.96
C GLN D 110 10.32 -16.14 -18.17
N GLN D 111 9.07 -15.72 -18.37
CA GLN D 111 8.79 -14.30 -18.52
C GLN D 111 9.17 -13.53 -17.26
N ASN D 112 8.80 -14.05 -16.08
CA ASN D 112 9.11 -13.35 -14.85
C ASN D 112 10.61 -13.17 -14.68
N GLN D 113 11.39 -14.23 -14.90
CA GLN D 113 12.82 -14.09 -14.70
C GLN D 113 13.47 -13.23 -15.77
N ALA D 114 12.93 -13.22 -16.99
CA ALA D 114 13.45 -12.29 -17.99
C ALA D 114 13.24 -10.84 -17.55
N ALA D 115 12.06 -10.53 -17.03
CA ALA D 115 11.79 -9.18 -16.55
C ALA D 115 12.73 -8.82 -15.40
N ALA D 116 12.93 -9.76 -14.47
CA ALA D 116 13.84 -9.48 -13.36
C ALA D 116 15.26 -9.21 -13.85
N THR D 117 15.71 -9.99 -14.83
CA THR D 117 17.05 -9.77 -15.38
C THR D 117 17.16 -8.39 -16.02
N GLN D 118 16.12 -7.97 -16.73
CA GLN D 118 16.15 -6.65 -17.35
C GLN D 118 16.26 -5.56 -16.28
N LYS D 119 15.47 -5.69 -15.20
CA LYS D 119 15.55 -4.70 -14.13
C LYS D 119 16.94 -4.65 -13.52
N PHE D 120 17.53 -5.83 -13.27
CA PHE D 120 18.87 -5.88 -12.70
C PHE D 120 19.87 -5.20 -13.61
N ASP D 121 19.78 -5.45 -14.92
CA ASP D 121 20.69 -4.81 -15.85
C ASP D 121 20.56 -3.30 -15.81
N ASP D 122 19.33 -2.79 -15.77
CA ASP D 122 19.14 -1.34 -15.71
C ASP D 122 19.74 -0.76 -14.44
N MET D 123 19.53 -1.41 -13.29
CA MET D 123 20.08 -0.89 -12.05
C MET D 123 21.61 -0.84 -12.12
N GLN D 124 22.22 -1.92 -12.62
CA GLN D 124 23.67 -1.94 -12.72
C GLN D 124 24.17 -0.86 -13.67
N ALA D 125 23.45 -0.61 -14.75
CA ALA D 125 23.85 0.44 -15.68
C ALA D 125 23.82 1.80 -15.02
N GLU D 126 22.77 2.08 -14.23
CA GLU D 126 22.74 3.35 -13.50
C GLU D 126 23.91 3.48 -12.54
N VAL D 127 24.20 2.40 -11.79
CA VAL D 127 25.31 2.44 -10.85
C VAL D 127 26.60 2.77 -11.59
N GLY D 128 26.80 2.16 -12.76
CA GLY D 128 28.00 2.44 -13.53
C GLY D 128 28.04 3.82 -14.15
N GLN D 129 26.87 4.39 -14.44
CA GLN D 129 26.80 5.70 -15.07
C GLN D 129 26.80 6.85 -14.07
N ARG D 130 26.77 6.56 -12.77
CA ARG D 130 26.78 7.62 -11.76
C ARG D 130 27.88 8.66 -11.91
N GLY D 131 28.93 8.37 -12.69
CA GLY D 131 30.04 9.31 -12.81
C GLY D 131 29.85 10.38 -13.88
N ILE D 132 29.34 9.97 -15.03
CA ILE D 132 29.09 10.93 -16.10
C ILE D 132 28.05 11.95 -15.66
N VAL D 133 27.00 11.49 -14.97
CA VAL D 133 26.01 12.42 -14.46
C VAL D 133 26.65 13.42 -13.51
N ASP D 134 27.60 12.95 -12.71
CA ASP D 134 28.31 13.84 -11.80
C ASP D 134 29.07 14.92 -12.57
N GLN D 135 29.81 14.51 -13.59
CA GLN D 135 30.55 15.49 -14.38
C GLN D 135 29.61 16.49 -15.03
N LEU D 136 28.47 16.02 -15.53
CA LEU D 136 27.50 16.93 -16.14
C LEU D 136 26.97 17.93 -15.11
N ARG D 137 26.67 17.46 -13.90
CA ARG D 137 26.19 18.36 -12.86
C ARG D 137 27.23 19.42 -12.55
N THR D 138 28.50 19.03 -12.45
CA THR D 138 29.55 20.01 -12.19
C THR D 138 29.64 21.01 -13.33
N LEU D 139 29.56 20.53 -14.57
CA LEU D 139 29.76 21.43 -15.71
C LEU D 139 28.62 22.40 -15.88
N SER D 140 27.37 21.96 -15.70
CA SER D 140 26.22 22.80 -16.02
C SER D 140 26.01 23.91 -15.01
N ALA D 141 26.66 23.86 -13.85
CA ALA D 141 26.52 24.90 -12.85
C ALA D 141 27.55 26.01 -13.01
N GLU D 142 28.43 25.91 -14.00
CA GLU D 142 29.41 26.94 -14.31
C GLU D 142 28.99 27.78 -15.50
N GLY D 143 27.78 27.60 -16.00
CA GLY D 143 27.29 28.31 -17.16
C GLY D 143 27.57 27.62 -18.47
N ARG D 144 28.62 26.79 -18.54
CA ARG D 144 28.97 26.13 -19.79
C ARG D 144 27.88 25.13 -20.16
N ALA D 145 27.04 25.49 -21.12
CA ALA D 145 25.93 24.65 -21.55
C ALA D 145 26.12 24.11 -22.96
N GLY D 146 27.22 24.44 -23.62
CA GLY D 146 27.49 23.87 -24.93
C GLY D 146 28.20 22.53 -24.81
N GLU D 147 28.87 22.31 -23.69
CA GLU D 147 29.56 21.06 -23.43
C GLU D 147 28.70 20.05 -22.69
N VAL D 148 27.49 20.43 -22.30
CA VAL D 148 26.57 19.51 -21.61
C VAL D 148 25.61 18.96 -22.67
N ASN D 149 25.24 19.79 -23.63
CA ASN D 149 24.40 19.33 -24.72
C ASN D 149 25.15 18.51 -25.74
N GLN D 150 26.49 18.49 -25.68
CA GLN D 150 27.29 17.72 -26.61
C GLN D 150 27.77 16.40 -26.02
N ILE D 151 27.99 16.33 -24.71
CA ILE D 151 28.28 15.05 -24.08
C ILE D 151 27.03 14.19 -24.07
N LEU D 152 25.87 14.81 -23.91
CA LEU D 152 24.59 14.11 -23.91
C LEU D 152 24.11 13.77 -25.32
N ALA D 153 24.98 13.86 -26.33
CA ALA D 153 24.66 13.44 -27.68
C ALA D 153 25.51 12.28 -28.16
N GLU D 154 26.70 12.07 -27.59
CA GLU D 154 27.55 10.94 -27.92
C GLU D 154 27.48 9.86 -26.85
N GLN D 155 27.72 10.23 -25.58
CA GLN D 155 27.59 9.30 -24.46
C GLN D 155 26.11 9.30 -24.07
N GLN D 156 25.30 8.82 -25.00
CA GLN D 156 23.86 8.77 -24.83
C GLN D 156 23.48 7.42 -24.24
N LEU D 157 22.19 7.08 -24.27
CA LEU D 157 21.67 5.88 -23.62
C LEU D 157 21.94 5.91 -22.12
N ILE D 158 22.06 7.12 -21.57
CA ILE D 158 22.02 7.24 -20.12
C ILE D 158 20.69 6.71 -19.65
N ASN D 159 20.71 5.99 -18.54
CA ASN D 159 19.60 5.12 -18.20
C ASN D 159 18.45 5.84 -17.52
N GLU D 160 18.38 7.16 -17.60
CA GLU D 160 17.20 7.85 -17.11
C GLU D 160 16.56 8.77 -18.13
N GLY D 161 17.36 9.53 -18.87
CA GLY D 161 16.83 10.42 -19.90
C GLY D 161 15.97 11.56 -19.39
N GLU D 162 15.79 11.66 -18.07
CA GLU D 162 15.14 12.80 -17.45
C GLU D 162 16.13 13.75 -16.80
N ILE D 163 17.41 13.37 -16.75
CA ILE D 163 18.46 14.30 -16.37
C ILE D 163 18.60 15.40 -17.40
N ARG D 164 18.12 15.18 -18.62
CA ARG D 164 18.12 16.21 -19.64
C ARG D 164 17.22 17.38 -19.29
N LYS D 165 16.33 17.21 -18.32
CA LYS D 165 15.41 18.26 -17.91
C LYS D 165 15.88 19.02 -16.68
N GLU D 166 16.54 18.34 -15.74
CA GLU D 166 17.00 19.01 -14.53
C GLU D 166 18.03 20.08 -14.85
N LEU D 167 18.95 19.80 -15.76
CA LEU D 167 20.02 20.77 -16.05
C LEU D 167 19.47 22.00 -16.75
N THR D 168 18.50 21.81 -17.64
CA THR D 168 17.89 22.95 -18.31
C THR D 168 17.29 23.90 -17.29
N GLY D 169 16.66 23.36 -16.24
CA GLY D 169 16.15 24.20 -15.18
C GLY D 169 17.25 25.01 -14.52
N VAL D 170 18.43 24.41 -14.36
CA VAL D 170 19.54 25.13 -13.74
C VAL D 170 19.96 26.31 -14.60
N GLN D 171 20.13 26.09 -15.91
CA GLN D 171 20.58 27.19 -16.75
C GLN D 171 19.51 28.27 -16.86
N ASP D 172 18.24 27.87 -16.88
CA ASP D 172 17.16 28.85 -16.87
C ASP D 172 17.18 29.68 -15.60
N ALA D 173 17.43 29.04 -14.46
CA ALA D 173 17.52 29.77 -13.21
C ALA D 173 18.66 30.78 -13.25
N ILE D 174 19.80 30.39 -13.83
CA ILE D 174 20.92 31.31 -13.92
C ILE D 174 20.55 32.53 -14.76
N GLN D 175 19.95 32.30 -15.92
CA GLN D 175 19.58 33.42 -16.78
C GLN D 175 18.55 34.31 -16.10
N ASN D 176 17.57 33.71 -15.42
CA ASN D 176 16.56 34.51 -14.73
C ASN D 176 17.18 35.35 -13.63
N ARG D 177 18.14 34.80 -12.90
CA ARG D 177 18.80 35.58 -11.86
C ARG D 177 19.52 36.77 -12.45
N GLN D 178 20.24 36.56 -13.55
CA GLN D 178 20.95 37.68 -14.17
C GLN D 178 19.97 38.77 -14.62
N TYR D 179 18.86 38.36 -15.22
CA TYR D 179 17.88 39.34 -15.68
C TYR D 179 17.27 40.11 -14.52
N ARG D 180 17.00 39.42 -13.40
CA ARG D 180 16.45 40.13 -12.25
C ARG D 180 17.43 41.17 -11.73
N ALA D 181 18.72 40.81 -11.66
CA ALA D 181 19.70 41.79 -11.21
C ALA D 181 19.73 43.01 -12.13
N ALA D 182 19.72 42.79 -13.44
CA ALA D 182 19.71 43.91 -14.37
C ALA D 182 18.47 44.78 -14.17
N GLY D 183 17.31 44.16 -13.98
CA GLY D 183 16.10 44.92 -13.77
C GLY D 183 16.16 45.80 -12.54
N GLU D 184 16.71 45.26 -11.45
CA GLU D 184 16.81 46.07 -10.23
C GLU D 184 17.75 47.25 -10.46
N GLN D 185 18.86 47.02 -11.17
CA GLN D 185 19.78 48.11 -11.43
C GLN D 185 19.10 49.20 -12.25
N ARG D 186 18.26 48.80 -13.21
CA ARG D 186 17.53 49.81 -13.98
C ARG D 186 16.54 50.58 -13.10
N ALA D 187 15.84 49.87 -12.22
CA ALA D 187 14.81 50.51 -11.41
C ALA D 187 15.40 51.58 -10.49
N GLN D 188 16.54 51.29 -9.87
CA GLN D 188 17.09 52.27 -8.92
C GLN D 188 17.50 53.55 -9.65
N ALA D 189 18.10 53.42 -10.83
CA ALA D 189 18.47 54.61 -11.60
C ALA D 189 17.24 55.39 -12.02
N ALA D 190 16.17 54.70 -12.41
CA ALA D 190 14.93 55.39 -12.76
C ALA D 190 14.43 56.19 -11.57
N ALA D 191 14.48 55.61 -10.37
CA ALA D 191 14.03 56.33 -9.18
C ALA D 191 14.88 57.57 -8.93
N ASN D 192 16.20 57.45 -9.11
CA ASN D 192 17.04 58.63 -8.92
C ASN D 192 16.66 59.74 -9.88
N ARG D 193 16.45 59.40 -11.15
CA ARG D 193 16.06 60.42 -12.12
C ARG D 193 14.74 61.08 -11.71
N ALA D 194 13.77 60.27 -11.27
CA ALA D 194 12.49 60.83 -10.86
C ALA D 194 12.67 61.80 -9.70
N ALA D 195 13.51 61.45 -8.73
CA ALA D 195 13.72 62.34 -7.59
C ALA D 195 14.31 63.67 -8.03
N GLU D 196 15.32 63.64 -8.91
CA GLU D 196 15.92 64.88 -9.37
C GLU D 196 14.90 65.76 -10.08
N ALA D 197 14.13 65.17 -10.99
CA ALA D 197 13.13 65.94 -11.72
C ALA D 197 12.12 66.56 -10.77
N HIS D 198 11.68 65.79 -9.77
CA HIS D 198 10.71 66.32 -8.83
C HIS D 198 11.27 67.51 -8.06
N SER D 199 12.53 67.42 -7.63
CA SER D 199 13.10 68.53 -6.88
C SER D 199 13.12 69.80 -7.73
N LEU D 200 13.58 69.69 -8.98
CA LEU D 200 13.63 70.86 -9.84
C LEU D 200 12.24 71.44 -10.07
N SER D 201 11.28 70.58 -10.36
CA SER D 201 9.93 71.06 -10.63
C SER D 201 9.33 71.76 -9.42
N MET D 202 9.56 71.20 -8.23
CA MET D 202 9.03 71.83 -7.02
C MET D 202 9.63 73.21 -6.82
N ALA D 203 10.94 73.35 -7.02
CA ALA D 203 11.56 74.65 -6.87
C ALA D 203 10.95 75.67 -7.84
N ALA D 204 10.81 75.28 -9.11
CA ALA D 204 10.25 76.20 -10.09
C ALA D 204 8.83 76.59 -9.72
N GLY D 205 8.01 75.62 -9.33
CA GLY D 205 6.63 75.94 -8.98
C GLY D 205 6.53 76.88 -7.79
N ARG D 206 7.37 76.65 -6.77
CA ARG D 206 7.35 77.52 -5.61
C ARG D 206 7.70 78.95 -6.00
N GLU D 207 8.73 79.12 -6.83
CA GLU D 207 9.09 80.45 -7.27
C GLU D 207 7.95 81.12 -8.03
N ASN D 208 7.30 80.37 -8.92
CA ASN D 208 6.20 80.94 -9.69
C ASN D 208 5.07 81.38 -8.78
N LEU D 209 4.73 80.57 -7.78
CA LEU D 209 3.66 80.93 -6.86
C LEU D 209 4.03 82.19 -6.08
N ALA D 210 5.28 82.30 -5.65
CA ALA D 210 5.68 83.49 -4.89
C ALA D 210 5.54 84.74 -5.74
N PHE D 211 6.00 84.68 -7.00
CA PHE D 211 5.86 85.85 -7.86
C PHE D 211 4.39 86.19 -8.10
N THR D 212 3.56 85.18 -8.34
CA THR D 212 2.15 85.44 -8.58
C THR D 212 1.52 86.13 -7.38
N ARG D 213 1.82 85.64 -6.18
CA ARG D 213 1.24 86.23 -4.98
C ARG D 213 1.68 87.68 -4.81
N GLU D 214 2.97 87.95 -5.07
CA GLU D 214 3.46 89.32 -4.94
C GLU D 214 2.75 90.25 -5.92
N GLN D 215 2.62 89.81 -7.18
CA GLN D 215 1.94 90.65 -8.16
C GLN D 215 0.49 90.89 -7.78
N ARG D 216 -0.18 89.86 -7.28
CA ARG D 216 -1.57 90.02 -6.87
C ARG D 216 -1.70 91.03 -5.74
N ASP D 217 -0.80 90.95 -4.75
CA ASP D 217 -0.85 91.91 -3.67
C ASP D 217 -0.63 93.32 -4.19
N GLU D 218 0.29 93.48 -5.13
CA GLU D 218 0.54 94.81 -5.69
C GLU D 218 -0.72 95.37 -6.35
N LEU D 219 -1.37 94.56 -7.18
CA LEU D 219 -2.56 95.03 -7.89
C LEU D 219 -3.67 95.38 -6.90
N ARG D 220 -3.87 94.54 -5.89
CA ARG D 220 -4.92 94.79 -4.91
C ARG D 220 -4.64 96.07 -4.14
N ARG D 221 -3.37 96.29 -3.76
CA ARG D 221 -3.04 97.53 -3.05
C ARG D 221 -3.31 98.74 -3.95
N ASP D 222 -2.99 98.64 -5.23
CA ASP D 222 -3.25 99.76 -6.13
C ASP D 222 -4.74 100.07 -6.19
N ARG D 223 -5.58 99.05 -6.35
CA ARG D 223 -7.02 99.29 -6.44
C ARG D 223 -7.54 99.89 -5.15
N ASP D 224 -7.10 99.36 -4.00
CA ASP D 224 -7.56 99.89 -2.72
C ASP D 224 -7.15 101.34 -2.55
N GLU D 225 -5.91 101.67 -2.92
CA GLU D 225 -5.44 103.04 -2.81
C GLU D 225 -6.27 103.97 -3.67
N ALA D 226 -6.56 103.56 -4.91
CA ALA D 226 -7.37 104.40 -5.79
C ALA D 226 -8.75 104.63 -5.19
N LYS D 227 -9.38 103.56 -4.68
CA LYS D 227 -10.72 103.71 -4.13
C LYS D 227 -10.71 104.64 -2.92
N LEU D 228 -9.76 104.44 -2.00
CA LEU D 228 -9.77 105.24 -0.78
C LEU D 228 -9.42 106.69 -1.06
N VAL D 229 -8.49 106.95 -2.00
CA VAL D 229 -8.15 108.33 -2.31
C VAL D 229 -9.33 109.02 -2.99
N SER D 230 -10.05 108.30 -3.86
CA SER D 230 -11.24 108.89 -4.46
C SER D 230 -12.27 109.24 -3.40
N GLY D 231 -12.52 108.33 -2.45
CA GLY D 231 -13.48 108.61 -1.41
C GLY D 231 -13.07 109.80 -0.54
N THR D 232 -11.79 109.85 -0.16
CA THR D 232 -11.32 110.96 0.67
C THR D 232 -11.44 112.28 -0.08
N ILE D 233 -11.10 112.28 -1.37
CA ILE D 233 -11.21 113.50 -2.17
C ILE D 233 -12.67 113.95 -2.22
N ALA D 234 -13.59 113.01 -2.44
CA ALA D 234 -15.00 113.36 -2.54
C ALA D 234 -15.51 113.95 -1.24
N THR D 235 -15.20 113.32 -0.11
CA THR D 235 -15.70 113.83 1.17
C THR D 235 -15.05 115.16 1.53
N THR D 236 -13.76 115.35 1.21
CA THR D 236 -13.11 116.62 1.48
C THR D 236 -13.73 117.73 0.63
N PHE D 237 -14.02 117.44 -0.65
CA PHE D 237 -14.67 118.43 -1.50
C PHE D 237 -16.05 118.77 -0.97
N GLN D 238 -16.80 117.77 -0.50
CA GLN D 238 -18.11 118.02 0.08
C GLN D 238 -18.00 118.91 1.31
N ASP D 239 -17.02 118.63 2.17
CA ASP D 239 -16.85 119.44 3.37
C ASP D 239 -16.46 120.87 3.03
N TYR D 240 -15.58 121.04 2.04
CA TYR D 240 -15.20 122.39 1.62
C TYR D 240 -16.38 123.14 1.04
N ASP D 241 -17.21 122.46 0.25
CA ASP D 241 -18.40 123.11 -0.31
C ASP D 241 -19.37 123.50 0.80
N GLU D 242 -19.53 122.64 1.80
CA GLU D 242 -20.38 122.99 2.95
C GLU D 242 -19.84 124.20 3.69
N SER D 243 -18.51 124.25 3.88
CA SER D 243 -17.91 125.42 4.53
C SER D 243 -18.14 126.68 3.71
N ARG D 244 -18.01 126.59 2.39
CA ARG D 244 -18.24 127.74 1.53
C ARG D 244 -19.68 128.21 1.60
N GLN D 245 -20.64 127.28 1.59
CA GLN D 245 -22.03 127.68 1.72
C GLN D 245 -22.30 128.27 3.10
N ALA D 246 -21.63 127.76 4.13
CA ALA D 246 -21.83 128.30 5.48
C ALA D 246 -21.33 129.75 5.57
N GLN D 247 -20.12 130.00 5.07
CA GLN D 247 -19.62 131.38 5.13
C GLN D 247 -20.42 132.30 4.21
N SER D 248 -20.89 131.79 3.07
CA SER D 248 -21.75 132.59 2.20
C SER D 248 -23.04 132.96 2.92
N GLU D 249 -23.66 132.00 3.62
CA GLU D 249 -24.90 132.30 4.32
C GLU D 249 -24.66 133.24 5.49
N ILE D 250 -23.50 133.14 6.15
CA ILE D 250 -23.19 134.06 7.23
C ILE D 250 -23.04 135.48 6.68
N MET D 251 -22.34 135.62 5.55
CA MET D 251 -22.22 136.93 4.92
C MET D 251 -23.58 137.47 4.50
N ARG D 252 -24.45 136.59 3.98
CA ARG D 252 -25.78 137.04 3.57
C ARG D 252 -26.60 137.47 4.78
N ILE D 253 -26.46 136.77 5.90
CA ILE D 253 -27.13 137.19 7.13
C ILE D 253 -26.65 138.56 7.55
N VAL D 254 -25.34 138.79 7.49
CA VAL D 254 -24.79 140.10 7.83
C VAL D 254 -25.35 141.17 6.89
N GLY D 255 -25.40 140.87 5.60
CA GLY D 255 -25.89 141.84 4.63
C GLY D 255 -27.34 142.20 4.85
N LYS D 256 -28.19 141.19 5.12
CA LYS D 256 -29.59 141.48 5.38
C LYS D 256 -29.77 142.24 6.69
N GLU D 257 -28.91 141.97 7.68
CA GLU D 257 -28.94 142.76 8.91
C GLU D 257 -28.60 144.21 8.62
N VAL D 258 -27.62 144.44 7.75
CA VAL D 258 -27.28 145.82 7.37
C VAL D 258 -28.43 146.45 6.61
N GLY D 259 -29.05 145.71 5.70
CA GLY D 259 -30.17 146.23 4.93
C GLY D 259 -30.21 145.80 3.49
N MET D 260 -29.23 145.03 3.04
CA MET D 260 -29.18 144.60 1.65
C MET D 260 -30.33 143.62 1.38
N PRO D 261 -31.20 143.88 0.37
CA PRO D 261 -32.29 142.93 0.06
C PRO D 261 -31.91 141.88 -0.98
N THR D 262 -30.81 141.17 -0.72
CA THR D 262 -30.33 140.13 -1.64
C THR D 262 -30.07 140.71 -3.02
N ASP D 263 -29.62 141.96 -3.06
CA ASP D 263 -29.51 142.74 -4.30
C ASP D 263 -30.89 142.72 -4.95
N ASP D 264 -31.05 142.24 -6.19
CA ASP D 264 -32.36 142.07 -6.80
C ASP D 264 -32.59 140.65 -7.30
N GLN D 265 -31.58 140.00 -7.86
CA GLN D 265 -31.69 138.62 -8.32
C GLN D 265 -30.32 137.98 -8.28
N GLY D 266 -30.30 136.68 -8.00
CA GLY D 266 -29.07 135.92 -7.96
C GLY D 266 -29.03 134.81 -8.98
N MET D 267 -30.20 134.21 -9.28
CA MET D 267 -30.22 133.07 -10.19
C MET D 267 -30.09 133.50 -11.64
N PRO D 268 -30.91 134.41 -12.17
CA PRO D 268 -30.81 134.70 -13.61
C PRO D 268 -29.60 135.52 -13.99
N ASP D 269 -29.31 136.58 -13.24
CA ASP D 269 -28.21 137.48 -13.55
C ASP D 269 -27.83 138.22 -12.28
N MET D 270 -27.01 139.26 -12.43
CA MET D 270 -26.62 140.13 -11.33
C MET D 270 -27.33 141.48 -11.46
N SER D 271 -27.37 142.22 -10.36
CA SER D 271 -28.05 143.50 -10.32
C SER D 271 -27.48 144.34 -9.20
N ARG D 272 -27.80 145.64 -9.23
CA ARG D 272 -27.33 146.57 -8.22
C ARG D 272 -28.13 146.39 -6.92
N ALA D 273 -27.66 147.07 -5.88
CA ALA D 273 -28.31 147.06 -4.57
C ALA D 273 -28.27 148.47 -4.01
N SER D 274 -28.66 148.62 -2.75
CA SER D 274 -28.66 149.94 -2.13
C SER D 274 -27.24 150.50 -2.03
N GLN D 275 -26.28 149.66 -1.67
CA GLN D 275 -24.88 150.05 -1.54
C GLN D 275 -24.00 149.08 -2.31
N ASP D 276 -22.98 149.61 -2.99
CA ASP D 276 -22.16 148.79 -3.87
C ASP D 276 -21.03 148.11 -3.13
N GLN D 277 -20.17 148.89 -2.47
CA GLN D 277 -18.99 148.36 -1.81
C GLN D 277 -18.71 149.14 -0.53
N LEU D 278 -17.98 148.50 0.38
CA LEU D 278 -17.59 149.12 1.65
C LEU D 278 -18.82 149.52 2.46
N ASP D 279 -19.81 148.62 2.49
CA ASP D 279 -21.01 148.88 3.28
C ASP D 279 -20.68 148.96 4.76
N ALA D 280 -19.92 148.01 5.28
CA ALA D 280 -19.54 147.98 6.68
C ALA D 280 -18.33 147.08 6.85
N PHE D 281 -17.71 147.16 8.01
CA PHE D 281 -16.53 146.34 8.29
C PHE D 281 -16.88 144.86 8.32
N SER D 282 -18.06 144.52 8.84
CA SER D 282 -18.45 143.11 8.92
C SER D 282 -18.61 142.52 7.53
N ASN D 283 -19.24 143.24 6.61
CA ASN D 283 -19.39 142.74 5.25
C ASN D 283 -18.04 142.60 4.56
N ALA D 284 -17.15 143.56 4.76
CA ALA D 284 -15.85 143.54 4.09
C ALA D 284 -14.83 142.62 4.74
N LEU D 285 -15.13 142.08 5.93
CA LEU D 285 -14.17 141.22 6.60
C LEU D 285 -13.87 139.96 5.80
N ASN D 286 -14.90 139.33 5.26
CA ASN D 286 -14.75 138.08 4.51
C ASN D 286 -15.23 138.21 3.07
N GLU D 287 -16.43 138.76 2.87
CA GLU D 287 -17.02 138.90 1.52
C GLU D 287 -17.13 137.54 0.83
N ALA D 288 -17.39 136.49 1.62
CA ALA D 288 -17.58 135.14 1.09
C ALA D 288 -16.37 134.68 0.28
N GLY D 289 -15.18 135.01 0.78
CA GLY D 289 -13.95 134.62 0.12
C GLY D 289 -13.50 135.59 -0.96
N VAL D 290 -13.33 136.86 -0.58
CA VAL D 290 -12.89 137.90 -1.49
C VAL D 290 -13.87 138.03 -2.66
N GLN D 291 -15.06 138.56 -2.38
CA GLN D 291 -16.09 138.78 -3.38
C GLN D 291 -16.47 137.48 -4.09
N ALA D 292 -16.70 136.44 -3.29
CA ALA D 292 -17.13 135.13 -3.80
C ALA D 292 -16.16 134.60 -4.85
N ASN D 293 -14.86 134.75 -4.58
CA ASN D 293 -13.83 134.26 -5.50
C ASN D 293 -13.52 132.80 -5.17
N THR D 294 -14.46 131.94 -5.55
CA THR D 294 -14.28 130.49 -5.40
C THR D 294 -13.48 129.99 -6.60
N SER D 295 -12.25 130.49 -6.70
CA SER D 295 -11.41 130.18 -7.85
C SER D 295 -11.09 128.69 -7.86
N PRO D 296 -10.89 128.09 -9.03
CA PRO D 296 -10.54 126.67 -9.07
C PRO D 296 -9.27 126.36 -8.32
N THR D 297 -8.28 127.26 -8.36
CA THR D 297 -6.98 126.97 -7.73
C THR D 297 -7.14 126.81 -6.22
N GLU D 298 -8.02 127.62 -5.60
CA GLU D 298 -8.25 127.47 -4.17
C GLU D 298 -8.83 126.09 -3.85
N ARG D 299 -9.77 125.62 -4.65
CA ARG D 299 -10.34 124.30 -4.41
C ARG D 299 -9.31 123.21 -4.63
N ARG D 300 -8.46 123.35 -5.66
CA ARG D 300 -7.41 122.36 -5.87
C ARG D 300 -6.45 122.30 -4.69
N ASN D 301 -6.06 123.46 -4.16
CA ASN D 301 -5.18 123.47 -3.00
C ASN D 301 -5.86 122.88 -1.79
N ALA D 302 -7.15 123.19 -1.59
CA ALA D 302 -7.87 122.67 -0.43
C ALA D 302 -8.00 121.15 -0.48
N VAL D 303 -8.36 120.60 -1.65
CA VAL D 303 -8.51 119.16 -1.77
C VAL D 303 -7.16 118.45 -1.77
N LEU D 304 -6.10 119.11 -2.24
CA LEU D 304 -4.78 118.50 -2.28
C LEU D 304 -4.06 118.53 -0.94
N LYS D 305 -4.51 119.35 0.01
CA LYS D 305 -3.82 119.48 1.28
C LYS D 305 -3.82 118.18 2.08
N SER D 306 -4.79 117.29 1.84
CA SER D 306 -4.86 115.99 2.50
C SER D 306 -4.64 114.83 1.54
N LEU D 307 -4.25 115.12 0.30
CA LEU D 307 -4.09 114.08 -0.72
C LEU D 307 -2.63 113.66 -0.87
N VAL D 308 -1.74 114.64 -1.08
CA VAL D 308 -0.32 114.38 -1.29
C VAL D 308 0.37 114.00 0.02
N ASP D 309 -0.39 113.91 1.12
CA ASP D 309 0.20 113.58 2.40
C ASP D 309 0.94 112.24 2.35
N ALA D 310 0.31 111.22 1.80
CA ALA D 310 0.94 109.91 1.74
C ALA D 310 0.19 109.02 0.75
N GLY D 311 0.89 108.00 0.27
CA GLY D 311 0.26 106.97 -0.53
C GLY D 311 -0.32 107.45 -1.85
N VAL D 312 0.42 108.25 -2.60
CA VAL D 312 -0.02 108.75 -3.89
C VAL D 312 1.14 108.70 -4.88
N SER D 313 0.81 108.42 -6.14
CA SER D 313 1.80 108.28 -7.19
C SER D 313 1.29 108.98 -8.45
N SER D 314 1.97 108.76 -9.56
CA SER D 314 1.58 109.39 -10.83
C SER D 314 0.18 108.96 -11.26
N LYS D 315 -0.29 107.79 -10.83
CA LYS D 315 -1.66 107.37 -11.08
C LYS D 315 -2.64 107.95 -10.06
N GLY D 316 -2.18 108.88 -9.23
CA GLY D 316 -3.00 109.48 -8.20
C GLY D 316 -3.50 110.86 -8.58
N ILE D 317 -2.78 111.89 -8.14
CA ILE D 317 -3.22 113.26 -8.33
C ILE D 317 -3.49 113.54 -9.80
N ALA D 318 -2.67 112.96 -10.69
CA ALA D 318 -2.91 113.15 -12.12
C ALA D 318 -4.27 112.60 -12.52
N GLN D 319 -4.62 111.42 -12.01
CA GLN D 319 -5.95 110.88 -12.26
C GLN D 319 -7.02 111.72 -11.60
N ALA D 320 -6.76 112.17 -10.37
CA ALA D 320 -7.77 112.92 -9.61
C ALA D 320 -8.02 114.31 -10.20
N LYS D 321 -7.11 114.82 -11.02
CA LYS D 321 -7.33 116.14 -11.61
C LYS D 321 -8.50 116.14 -12.58
N GLN D 322 -8.73 115.02 -13.26
CA GLN D 322 -9.91 114.92 -14.12
C GLN D 322 -11.19 115.08 -13.31
N GLU D 323 -11.28 114.42 -12.16
CA GLU D 323 -12.49 114.54 -11.36
C GLU D 323 -12.57 115.89 -10.65
N MET D 324 -11.43 116.51 -10.31
CA MET D 324 -11.48 117.91 -9.89
C MET D 324 -12.07 118.81 -10.98
N GLU D 325 -11.65 118.58 -12.23
CA GLU D 325 -12.18 119.36 -13.34
C GLU D 325 -13.68 119.13 -13.50
N LEU D 326 -14.11 117.88 -13.37
CA LEU D 326 -15.54 117.59 -13.42
C LEU D 326 -16.29 118.29 -12.31
N ARG D 327 -15.76 118.24 -11.08
CA ARG D 327 -16.41 118.90 -9.96
C ARG D 327 -16.54 120.40 -10.21
N GLU D 328 -15.50 121.02 -10.75
CA GLU D 328 -15.61 122.43 -11.12
C GLU D 328 -16.66 122.63 -12.20
N SER D 329 -16.73 121.71 -13.16
CA SER D 329 -17.70 121.83 -14.25
C SER D 329 -19.14 121.70 -13.76
N LEU D 330 -19.37 121.03 -12.63
CA LEU D 330 -20.74 120.91 -12.13
C LEU D 330 -21.32 122.28 -11.80
N GLU D 331 -20.53 123.14 -11.17
CA GLU D 331 -21.00 124.47 -10.78
C GLU D 331 -20.09 125.56 -11.34
N GLY E 25 -17.86 -78.84 34.86
CA GLY E 25 -19.14 -78.08 35.01
C GLY E 25 -18.95 -76.73 35.67
N THR E 26 -17.95 -76.64 36.54
CA THR E 26 -17.64 -75.41 37.26
C THR E 26 -16.53 -74.60 36.63
N THR E 27 -16.00 -75.04 35.49
CA THR E 27 -14.91 -74.33 34.80
C THR E 27 -15.34 -73.66 33.52
N GLY E 28 -16.38 -74.15 32.85
CA GLY E 28 -16.85 -73.54 31.62
C GLY E 28 -17.73 -72.33 31.80
N VAL E 29 -18.24 -72.11 33.02
CA VAL E 29 -19.10 -70.95 33.26
C VAL E 29 -18.34 -69.65 33.14
N GLN E 30 -17.01 -69.67 33.33
CA GLN E 30 -16.24 -68.44 33.21
C GLN E 30 -16.33 -67.89 31.79
N GLN E 31 -16.15 -68.75 30.79
CA GLN E 31 -16.30 -68.30 29.41
C GLN E 31 -17.72 -67.87 29.12
N ALA E 32 -18.70 -68.52 29.76
CA ALA E 32 -20.09 -68.11 29.60
C ALA E 32 -20.29 -66.67 30.06
N LEU E 33 -19.79 -66.35 31.25
CA LEU E 33 -19.95 -64.99 31.76
C LEU E 33 -19.17 -63.99 30.92
N GLY E 34 -17.97 -64.37 30.46
CA GLY E 34 -17.20 -63.48 29.61
C GLY E 34 -17.91 -63.16 28.32
N ALA E 35 -18.49 -64.17 27.68
CA ALA E 35 -19.26 -63.93 26.47
C ALA E 35 -20.51 -63.12 26.75
N LEU E 36 -21.16 -63.35 27.89
CA LEU E 36 -22.33 -62.56 28.24
C LEU E 36 -21.97 -61.09 28.43
N GLY E 37 -20.77 -60.81 28.93
CA GLY E 37 -20.35 -59.44 29.17
C GLY E 37 -19.81 -58.72 27.96
N ASP E 38 -19.17 -59.45 27.03
CA ASP E 38 -18.59 -58.78 25.87
C ASP E 38 -19.66 -58.11 25.02
N ILE E 39 -20.83 -58.75 24.89
CA ILE E 39 -21.89 -58.18 24.08
C ILE E 39 -22.41 -56.89 24.71
N ILE E 40 -22.53 -56.86 26.03
CA ILE E 40 -22.97 -55.61 26.67
C ILE E 40 -21.91 -54.54 26.48
N SER E 41 -20.63 -54.92 26.50
CA SER E 41 -19.57 -53.94 26.28
C SER E 41 -19.68 -53.31 24.89
N ARG E 42 -19.84 -54.15 23.86
CA ARG E 42 -19.93 -53.58 22.51
C ARG E 42 -21.22 -52.78 22.33
N GLN E 43 -22.31 -53.20 22.97
CA GLN E 43 -23.52 -52.40 22.94
C GLN E 43 -23.28 -51.02 23.54
N GLN E 44 -22.55 -50.97 24.65
CA GLN E 44 -22.26 -49.68 25.27
C GLN E 44 -21.41 -48.81 24.35
N GLU E 45 -20.43 -49.40 23.67
CA GLU E 45 -19.62 -48.62 22.75
C GLU E 45 -20.48 -48.04 21.63
N MET E 46 -21.38 -48.85 21.08
CA MET E 46 -22.29 -48.35 20.04
C MET E 46 -23.17 -47.23 20.58
N ASN E 47 -23.61 -47.36 21.83
CA ASN E 47 -24.40 -46.29 22.44
C ASN E 47 -23.60 -45.00 22.52
N VAL E 48 -22.32 -45.09 22.86
CA VAL E 48 -21.48 -43.90 22.92
C VAL E 48 -21.39 -43.24 21.55
N ASN E 49 -21.17 -44.04 20.51
CA ASN E 49 -21.10 -43.46 19.17
C ASN E 49 -22.40 -42.78 18.78
N ASN E 50 -23.53 -43.42 19.09
CA ASN E 50 -24.83 -42.81 18.79
C ASN E 50 -24.98 -41.49 19.53
N ALA E 51 -24.54 -41.44 20.79
CA ALA E 51 -24.66 -40.20 21.55
C ALA E 51 -23.85 -39.09 20.92
N LYS E 52 -22.63 -39.39 20.48
CA LYS E 52 -21.82 -38.35 19.84
C LYS E 52 -22.51 -37.83 18.58
N LEU E 53 -23.06 -38.74 17.77
CA LEU E 53 -23.77 -38.31 16.58
C LEU E 53 -24.98 -37.45 16.92
N GLN E 54 -25.69 -37.80 17.99
CA GLN E 54 -26.84 -37.01 18.40
C GLN E 54 -26.41 -35.60 18.81
N ARG E 55 -25.28 -35.48 19.50
CA ARG E 55 -24.79 -34.17 19.86
C ARG E 55 -24.48 -33.34 18.62
N GLU E 56 -23.82 -33.96 17.64
CA GLU E 56 -23.52 -33.24 16.40
C GLU E 56 -24.79 -32.78 15.71
N ALA E 57 -25.81 -33.65 15.68
CA ALA E 57 -27.07 -33.28 15.06
C ALA E 57 -27.72 -32.11 15.77
N ASN E 58 -27.67 -32.11 17.11
CA ASN E 58 -28.22 -30.99 17.86
C ASN E 58 -27.53 -29.69 17.49
N THR E 59 -26.19 -29.72 17.42
CA THR E 59 -25.45 -28.51 17.10
C THR E 59 -25.84 -27.97 15.72
N GLN E 60 -25.86 -28.85 14.72
CA GLN E 60 -26.21 -28.39 13.38
C GLN E 60 -27.64 -27.87 13.33
N SER E 61 -28.55 -28.55 14.02
CA SER E 61 -29.94 -28.11 14.01
C SER E 61 -30.08 -26.71 14.57
N TYR E 62 -29.36 -26.41 15.65
CA TYR E 62 -29.40 -25.03 16.16
C TYR E 62 -28.80 -24.07 15.16
N LEU E 63 -27.62 -24.40 14.63
CA LEU E 63 -26.91 -23.45 13.76
C LEU E 63 -27.75 -23.08 12.54
N ASP E 64 -28.57 -24.03 12.06
CA ASP E 64 -29.39 -23.73 10.89
C ASP E 64 -30.36 -22.58 11.16
N GLN E 65 -30.98 -22.56 12.35
CA GLN E 65 -31.95 -21.51 12.66
C GLN E 65 -31.31 -20.13 12.52
N VAL E 66 -30.15 -19.95 13.15
CA VAL E 66 -29.49 -18.65 13.06
C VAL E 66 -29.04 -18.38 11.63
N ALA E 67 -28.63 -19.42 10.90
CA ALA E 67 -28.16 -19.19 9.53
C ALA E 67 -29.30 -18.85 8.58
N ALA E 68 -30.55 -19.11 8.96
CA ALA E 68 -31.71 -18.89 8.09
C ALA E 68 -32.59 -17.76 8.60
N SER E 69 -31.97 -16.67 9.05
CA SER E 69 -32.68 -15.51 9.55
C SER E 69 -32.23 -14.27 8.80
N THR E 70 -33.14 -13.31 8.65
CA THR E 70 -32.82 -12.10 7.93
C THR E 70 -31.99 -11.16 8.81
N LEU E 71 -31.23 -10.28 8.15
CA LEU E 71 -30.41 -9.33 8.89
C LEU E 71 -31.28 -8.44 9.77
N GLU E 72 -32.42 -7.99 9.26
CA GLU E 72 -33.28 -7.13 10.03
C GLU E 72 -33.80 -7.85 11.27
N GLN E 73 -34.06 -9.15 11.16
CA GLN E 73 -34.50 -9.92 12.32
C GLN E 73 -33.42 -9.96 13.40
N LEU E 74 -32.19 -10.26 13.01
CA LEU E 74 -31.12 -10.36 13.99
C LEU E 74 -30.79 -9.01 14.59
N SER E 75 -30.98 -7.92 13.84
CA SER E 75 -30.71 -6.60 14.39
C SER E 75 -31.64 -6.28 15.54
N ASN E 76 -32.92 -6.63 15.42
CA ASN E 76 -33.89 -6.38 16.48
C ASN E 76 -33.52 -7.18 17.71
N ALA E 77 -33.31 -6.49 18.84
CA ALA E 77 -32.85 -7.14 20.05
C ALA E 77 -34.01 -7.68 20.88
N ASP E 78 -34.91 -8.37 20.22
CA ASP E 78 -35.93 -9.20 20.86
C ASP E 78 -35.98 -10.58 20.24
N TYR E 79 -35.75 -10.67 18.93
CA TYR E 79 -35.66 -11.97 18.27
C TYR E 79 -34.46 -12.75 18.76
N ARG E 80 -33.30 -12.09 18.89
CA ARG E 80 -32.09 -12.82 19.25
C ARG E 80 -32.12 -13.31 20.69
N SER E 81 -32.76 -12.57 21.60
CA SER E 81 -32.86 -13.06 22.97
C SER E 81 -33.64 -14.37 23.01
N GLY E 82 -34.75 -14.44 22.29
CA GLY E 82 -35.50 -15.68 22.22
C GLY E 82 -34.80 -16.76 21.42
N LEU E 83 -33.95 -16.38 20.48
CA LEU E 83 -33.21 -17.36 19.69
C LEU E 83 -32.05 -17.96 20.46
N GLU E 84 -31.49 -17.24 21.42
CA GLU E 84 -30.43 -17.76 22.26
C GLU E 84 -30.94 -18.32 23.58
N ALA E 85 -32.18 -18.04 23.95
CA ALA E 85 -32.79 -18.78 25.04
C ALA E 85 -32.88 -20.27 24.72
N GLN E 86 -33.01 -20.61 23.43
CA GLN E 86 -33.00 -22.01 23.05
C GLN E 86 -31.62 -22.62 23.17
N ARG E 87 -30.56 -21.83 22.97
CA ARG E 87 -29.21 -22.30 23.23
C ARG E 87 -28.92 -22.44 24.71
N ASP E 88 -29.52 -21.60 25.55
CA ASP E 88 -29.32 -21.69 26.98
C ASP E 88 -30.26 -22.69 27.65
N ALA E 89 -31.27 -23.18 26.95
CA ALA E 89 -32.15 -24.20 27.49
C ALA E 89 -31.52 -25.58 27.35
N MET E 90 -31.12 -25.95 26.14
CA MET E 90 -30.30 -27.13 25.96
C MET E 90 -28.96 -26.86 26.63
N GLY E 91 -28.50 -27.81 27.44
CA GLY E 91 -27.35 -27.55 28.28
C GLY E 91 -26.06 -27.84 27.58
N MET E 92 -25.32 -28.84 28.07
CA MET E 92 -24.10 -29.30 27.42
C MET E 92 -24.40 -30.37 26.37
N ASN E 93 -25.63 -30.40 25.85
CA ASN E 93 -26.00 -31.28 24.74
C ASN E 93 -25.74 -30.62 23.39
N LEU E 94 -24.81 -29.69 23.34
CA LEU E 94 -24.48 -28.93 22.15
C LEU E 94 -22.96 -28.90 22.05
N ASP E 95 -22.43 -28.02 21.21
CA ASP E 95 -21.00 -27.72 21.17
C ASP E 95 -20.88 -26.22 21.42
N ARG E 96 -20.66 -25.84 22.67
CA ARG E 96 -20.63 -24.42 23.03
C ARG E 96 -19.25 -23.82 22.82
N ALA E 97 -18.66 -24.10 21.66
CA ALA E 97 -17.43 -23.44 21.25
C ALA E 97 -17.46 -23.04 19.78
N ALA E 98 -18.33 -23.64 18.97
CA ALA E 98 -18.62 -23.18 17.63
C ALA E 98 -20.07 -22.73 17.55
N THR E 99 -20.63 -22.34 18.68
CA THR E 99 -22.03 -21.96 18.79
C THR E 99 -22.20 -20.75 19.68
N ARG E 100 -21.16 -19.91 19.80
CA ARG E 100 -21.16 -18.76 20.67
C ARG E 100 -21.24 -17.46 19.88
N ASP E 101 -20.32 -17.25 18.95
CA ASP E 101 -20.34 -16.07 18.08
C ASP E 101 -20.92 -16.45 16.72
N ALA E 102 -22.16 -16.90 16.73
CA ALA E 102 -22.86 -17.30 15.53
C ALA E 102 -23.77 -16.21 15.00
N ILE E 103 -24.39 -15.43 15.89
CA ILE E 103 -25.23 -14.32 15.43
C ILE E 103 -24.35 -13.20 14.89
N THR E 104 -23.29 -12.85 15.62
CA THR E 104 -22.44 -11.76 15.18
C THR E 104 -21.75 -12.09 13.86
N LYS E 105 -21.28 -13.33 13.72
CA LYS E 105 -20.67 -13.74 12.46
C LYS E 105 -21.66 -13.66 11.32
N GLN E 106 -22.90 -14.09 11.56
CA GLN E 106 -23.92 -13.99 10.51
C GLN E 106 -24.19 -12.55 10.13
N ILE E 107 -24.28 -11.66 11.12
CA ILE E 107 -24.53 -10.25 10.82
C ILE E 107 -23.41 -9.69 9.96
N SER E 108 -22.17 -9.96 10.35
CA SER E 108 -21.04 -9.45 9.59
C SER E 108 -21.04 -10.00 8.16
N ALA E 109 -21.30 -11.30 8.02
CA ALA E 109 -21.29 -11.89 6.69
C ALA E 109 -22.36 -11.28 5.81
N GLN E 110 -23.57 -11.10 6.35
CA GLN E 110 -24.64 -10.54 5.53
C GLN E 110 -24.37 -9.10 5.17
N GLN E 111 -23.77 -8.33 6.08
CA GLN E 111 -23.41 -6.96 5.75
C GLN E 111 -22.39 -6.91 4.61
N ASN E 112 -21.36 -7.76 4.70
CA ASN E 112 -20.36 -7.77 3.64
C ASN E 112 -20.98 -8.18 2.31
N GLN E 113 -21.87 -9.17 2.34
CA GLN E 113 -22.50 -9.62 1.11
C GLN E 113 -23.36 -8.52 0.49
N ALA E 114 -24.09 -7.77 1.32
CA ALA E 114 -24.89 -6.67 0.79
C ALA E 114 -24.00 -5.61 0.16
N ALA E 115 -22.89 -5.27 0.81
CA ALA E 115 -21.99 -4.29 0.22
C ALA E 115 -21.44 -4.76 -1.12
N ALA E 116 -21.04 -6.03 -1.19
CA ALA E 116 -20.52 -6.55 -2.46
C ALA E 116 -21.57 -6.51 -3.55
N THR E 117 -22.81 -6.86 -3.20
CA THR E 117 -23.88 -6.82 -4.20
C THR E 117 -24.10 -5.40 -4.70
N GLN E 118 -24.05 -4.41 -3.81
CA GLN E 118 -24.20 -3.04 -4.26
C GLN E 118 -23.08 -2.63 -5.20
N LYS E 119 -21.84 -3.01 -4.88
CA LYS E 119 -20.73 -2.68 -5.77
C LYS E 119 -20.92 -3.32 -7.14
N PHE E 120 -21.35 -4.58 -7.17
CA PHE E 120 -21.56 -5.26 -8.45
C PHE E 120 -22.65 -4.56 -9.26
N ASP E 121 -23.75 -4.18 -8.60
CA ASP E 121 -24.82 -3.50 -9.31
C ASP E 121 -24.35 -2.18 -9.88
N ASP E 122 -23.58 -1.42 -9.11
CA ASP E 122 -23.06 -0.15 -9.64
C ASP E 122 -22.15 -0.37 -10.84
N MET E 123 -21.28 -1.37 -10.77
CA MET E 123 -20.39 -1.62 -11.90
C MET E 123 -21.21 -1.97 -13.14
N GLN E 124 -22.22 -2.83 -12.98
CA GLN E 124 -23.01 -3.24 -14.13
C GLN E 124 -23.76 -2.05 -14.71
N ALA E 125 -24.31 -1.19 -13.85
CA ALA E 125 -25.00 0.00 -14.34
C ALA E 125 -24.05 0.91 -15.11
N GLU E 126 -22.83 1.08 -14.60
CA GLU E 126 -21.85 1.87 -15.33
C GLU E 126 -21.57 1.27 -16.70
N VAL E 127 -21.42 -0.05 -16.76
CA VAL E 127 -21.12 -0.68 -18.04
C VAL E 127 -22.27 -0.47 -19.02
N GLY E 128 -23.51 -0.51 -18.52
CA GLY E 128 -24.66 -0.42 -19.41
C GLY E 128 -24.94 0.98 -19.92
N GLN E 129 -24.31 2.00 -19.34
CA GLN E 129 -24.61 3.38 -19.67
C GLN E 129 -23.60 4.03 -20.61
N ARG E 130 -22.63 3.27 -21.14
CA ARG E 130 -21.58 3.91 -21.93
C ARG E 130 -22.10 4.54 -23.21
N GLY E 131 -23.18 4.02 -23.77
CA GLY E 131 -23.72 4.60 -25.00
C GLY E 131 -24.20 6.01 -24.80
N ILE E 132 -24.89 6.26 -23.70
CA ILE E 132 -25.41 7.61 -23.43
C ILE E 132 -24.25 8.58 -23.24
N VAL E 133 -23.23 8.16 -22.51
CA VAL E 133 -22.08 9.04 -22.30
C VAL E 133 -21.40 9.34 -23.62
N ASP E 134 -21.31 8.34 -24.50
CA ASP E 134 -20.70 8.58 -25.81
C ASP E 134 -21.50 9.61 -26.60
N GLN E 135 -22.82 9.45 -26.64
CA GLN E 135 -23.64 10.41 -27.36
C GLN E 135 -23.50 11.80 -26.77
N LEU E 136 -23.41 11.89 -25.44
CA LEU E 136 -23.23 13.19 -24.80
C LEU E 136 -21.92 13.83 -25.21
N ARG E 137 -20.85 13.03 -25.25
CA ARG E 137 -19.56 13.58 -25.66
C ARG E 137 -19.62 14.09 -27.08
N THR E 138 -20.24 13.31 -27.98
CA THR E 138 -20.37 13.75 -29.37
C THR E 138 -21.13 15.06 -29.46
N LEU E 139 -22.26 15.15 -28.75
CA LEU E 139 -23.07 16.36 -28.80
C LEU E 139 -22.32 17.56 -28.25
N SER E 140 -21.64 17.38 -27.12
CA SER E 140 -20.97 18.50 -26.48
C SER E 140 -19.70 18.94 -27.21
N ALA E 141 -19.12 18.09 -28.04
CA ALA E 141 -17.96 18.49 -28.81
C ALA E 141 -18.31 19.35 -30.02
N GLU E 142 -19.60 19.47 -30.35
CA GLU E 142 -20.05 20.23 -31.51
C GLU E 142 -20.62 21.59 -31.12
N GLY E 143 -20.51 21.98 -29.86
CA GLY E 143 -21.01 23.25 -29.39
C GLY E 143 -22.40 23.21 -28.81
N ARG E 144 -23.23 22.24 -29.24
CA ARG E 144 -24.59 22.16 -28.73
C ARG E 144 -24.57 21.87 -27.23
N ALA E 145 -24.88 22.88 -26.43
CA ALA E 145 -24.88 22.75 -24.97
C ALA E 145 -26.28 22.81 -24.38
N GLY E 146 -27.31 22.83 -25.22
CA GLY E 146 -28.68 22.85 -24.74
C GLY E 146 -29.27 21.47 -24.69
N GLU E 147 -28.90 20.62 -25.65
CA GLU E 147 -29.42 19.27 -25.67
C GLU E 147 -28.74 18.39 -24.63
N VAL E 148 -27.49 18.69 -24.31
CA VAL E 148 -26.78 17.93 -23.28
C VAL E 148 -27.51 18.06 -21.95
N ASN E 149 -27.89 19.29 -21.59
CA ASN E 149 -28.59 19.49 -20.32
C ASN E 149 -29.94 18.79 -20.33
N GLN E 150 -30.67 18.87 -21.45
CA GLN E 150 -31.98 18.24 -21.50
C GLN E 150 -31.87 16.73 -21.36
N ILE E 151 -30.86 16.13 -21.99
CA ILE E 151 -30.68 14.69 -21.83
C ILE E 151 -30.29 14.37 -20.40
N LEU E 152 -29.40 15.17 -19.81
CA LEU E 152 -28.98 14.96 -18.44
C LEU E 152 -30.01 15.42 -17.42
N ALA E 153 -31.21 15.81 -17.86
CA ALA E 153 -32.31 16.08 -16.96
C ALA E 153 -33.33 14.96 -16.89
N GLU E 154 -33.57 14.26 -18.00
CA GLU E 154 -34.51 13.14 -18.01
C GLU E 154 -33.85 11.87 -17.52
N GLN E 155 -32.73 11.49 -18.11
CA GLN E 155 -31.96 10.34 -17.68
C GLN E 155 -31.10 10.63 -16.47
N GLN E 156 -31.30 11.77 -15.81
CA GLN E 156 -30.43 12.14 -14.70
C GLN E 156 -30.52 11.08 -13.61
N LEU E 157 -29.43 10.33 -13.50
CA LEU E 157 -29.28 9.17 -12.63
C LEU E 157 -28.14 8.28 -13.15
N ILE E 158 -27.23 8.85 -13.94
CA ILE E 158 -26.05 8.13 -14.38
C ILE E 158 -25.18 7.86 -13.17
N ASN E 159 -24.46 6.73 -13.21
CA ASN E 159 -23.78 6.26 -12.01
C ASN E 159 -22.73 7.25 -11.50
N GLU E 160 -22.27 8.18 -12.34
CA GLU E 160 -21.29 9.18 -11.94
C GLU E 160 -21.80 10.55 -12.38
N GLY E 161 -22.03 11.44 -11.41
CA GLY E 161 -22.49 12.78 -11.71
C GLY E 161 -21.36 13.77 -11.80
N GLU E 162 -20.16 13.30 -12.16
CA GLU E 162 -19.01 14.17 -12.40
C GLU E 162 -18.71 14.32 -13.89
N ILE E 163 -19.50 13.69 -14.76
CA ILE E 163 -19.38 13.95 -16.19
C ILE E 163 -19.73 15.40 -16.48
N ARG E 164 -20.67 15.96 -15.71
CA ARG E 164 -21.07 17.34 -15.93
C ARG E 164 -19.87 18.28 -15.87
N LYS E 165 -18.94 18.03 -14.96
CA LYS E 165 -17.75 18.87 -14.87
C LYS E 165 -16.95 18.81 -16.16
N GLU E 166 -16.75 17.61 -16.71
CA GLU E 166 -15.98 17.48 -17.94
C GLU E 166 -16.68 18.20 -19.10
N LEU E 167 -17.99 18.03 -19.22
CA LEU E 167 -18.69 18.66 -20.33
C LEU E 167 -18.67 20.19 -20.20
N THR E 168 -18.85 20.71 -18.99
CA THR E 168 -18.74 22.15 -18.80
C THR E 168 -17.34 22.64 -19.12
N GLY E 169 -16.32 21.85 -18.78
CA GLY E 169 -14.96 22.23 -19.16
C GLY E 169 -14.80 22.34 -20.67
N VAL E 170 -15.38 21.39 -21.40
CA VAL E 170 -15.31 21.44 -22.85
C VAL E 170 -15.98 22.72 -23.37
N GLN E 171 -17.16 23.02 -22.85
CA GLN E 171 -17.88 24.21 -23.31
C GLN E 171 -17.07 25.48 -23.03
N ASP E 172 -16.49 25.56 -21.84
CA ASP E 172 -15.68 26.72 -21.48
C ASP E 172 -14.47 26.83 -22.40
N ALA E 173 -13.87 25.69 -22.75
CA ALA E 173 -12.74 25.74 -23.68
C ALA E 173 -13.16 26.31 -25.02
N ILE E 174 -14.31 25.90 -25.53
CA ILE E 174 -14.78 26.44 -26.82
C ILE E 174 -14.92 27.96 -26.73
N GLN E 175 -15.60 28.44 -25.68
CA GLN E 175 -15.81 29.87 -25.56
C GLN E 175 -14.49 30.62 -25.43
N ASN E 176 -13.57 30.08 -24.66
CA ASN E 176 -12.28 30.75 -24.48
C ASN E 176 -11.52 30.82 -25.79
N ARG E 177 -11.56 29.76 -26.59
CA ARG E 177 -10.87 29.80 -27.88
C ARG E 177 -11.44 30.91 -28.76
N GLN E 178 -12.76 31.00 -28.82
CA GLN E 178 -13.36 32.04 -29.66
C GLN E 178 -12.95 33.43 -29.18
N TYR E 179 -12.97 33.66 -27.86
CA TYR E 179 -12.63 34.97 -27.34
C TYR E 179 -11.17 35.30 -27.62
N ARG E 180 -10.27 34.33 -27.48
CA ARG E 180 -8.86 34.60 -27.76
C ARG E 180 -8.65 34.96 -29.21
N ALA E 181 -9.33 34.27 -30.13
CA ALA E 181 -9.21 34.63 -31.53
C ALA E 181 -9.66 36.07 -31.78
N ALA E 182 -10.81 36.45 -31.19
CA ALA E 182 -11.28 37.81 -31.38
C ALA E 182 -10.27 38.83 -30.83
N GLY E 183 -9.71 38.54 -29.67
CA GLY E 183 -8.73 39.45 -29.09
C GLY E 183 -7.50 39.61 -29.97
N GLU E 184 -7.03 38.51 -30.54
CA GLU E 184 -5.88 38.59 -31.43
C GLU E 184 -6.19 39.48 -32.63
N GLN E 185 -7.38 39.31 -33.21
CA GLN E 185 -7.74 40.15 -34.35
C GLN E 185 -7.75 41.63 -33.95
N ARG E 186 -8.31 41.93 -32.77
CA ARG E 186 -8.37 43.32 -32.32
C ARG E 186 -6.96 43.90 -32.15
N ALA E 187 -6.05 43.12 -31.55
CA ALA E 187 -4.69 43.61 -31.36
C ALA E 187 -4.02 43.89 -32.70
N GLN E 188 -4.23 43.01 -33.68
CA GLN E 188 -3.63 43.24 -35.00
C GLN E 188 -4.14 44.55 -35.60
N ALA E 189 -5.45 44.78 -35.51
CA ALA E 189 -5.99 46.02 -36.06
C ALA E 189 -5.40 47.23 -35.35
N ALA E 190 -5.26 47.16 -34.03
CA ALA E 190 -4.71 48.29 -33.29
C ALA E 190 -3.29 48.59 -33.74
N ALA E 191 -2.47 47.55 -33.93
CA ALA E 191 -1.11 47.78 -34.40
C ALA E 191 -1.10 48.43 -35.78
N ASN E 192 -1.99 47.96 -36.66
CA ASN E 192 -2.06 48.57 -38.00
C ASN E 192 -2.39 50.05 -37.91
N ARG E 193 -3.31 50.43 -37.03
CA ARG E 193 -3.61 51.85 -36.86
C ARG E 193 -2.41 52.62 -36.35
N ALA E 194 -1.72 52.06 -35.35
CA ALA E 194 -0.62 52.78 -34.73
C ALA E 194 0.49 53.06 -35.74
N ALA E 195 0.75 52.11 -36.64
CA ALA E 195 1.81 52.32 -37.63
C ALA E 195 1.53 53.56 -38.47
N GLU E 196 0.31 53.67 -39.00
CA GLU E 196 -0.04 54.82 -39.83
C GLU E 196 0.05 56.11 -39.04
N ALA E 197 -0.47 56.11 -37.81
CA ALA E 197 -0.42 57.32 -37.00
C ALA E 197 1.02 57.78 -36.81
N HIS E 198 1.91 56.84 -36.49
CA HIS E 198 3.30 57.20 -36.26
C HIS E 198 3.94 57.74 -37.54
N SER E 199 3.66 57.13 -38.68
CA SER E 199 4.27 57.60 -39.92
C SER E 199 3.88 59.05 -40.20
N LEU E 200 2.57 59.35 -40.08
CA LEU E 200 2.14 60.71 -40.35
C LEU E 200 2.76 61.69 -39.36
N SER E 201 2.80 61.33 -38.08
CA SER E 201 3.36 62.24 -37.09
C SER E 201 4.84 62.50 -37.38
N MET E 202 5.58 61.47 -37.75
CA MET E 202 6.99 61.64 -38.04
C MET E 202 7.19 62.58 -39.23
N ALA E 203 6.38 62.40 -40.28
CA ALA E 203 6.52 63.29 -41.44
C ALA E 203 6.26 64.74 -41.05
N ALA E 204 5.19 64.98 -40.29
CA ALA E 204 4.87 66.35 -39.90
C ALA E 204 5.98 66.95 -39.05
N GLY E 205 6.50 66.19 -38.09
CA GLY E 205 7.56 66.69 -37.23
C GLY E 205 8.82 67.03 -38.03
N ARG E 206 9.17 66.17 -38.98
CA ARG E 206 10.35 66.44 -39.78
C ARG E 206 10.19 67.72 -40.59
N GLU E 207 9.02 67.91 -41.19
CA GLU E 207 8.79 69.14 -41.95
C GLU E 207 8.89 70.37 -41.04
N ASN E 208 8.31 70.28 -39.85
CA ASN E 208 8.37 71.42 -38.93
C ASN E 208 9.80 71.73 -38.54
N LEU E 209 10.60 70.70 -38.26
CA LEU E 209 11.99 70.94 -37.90
C LEU E 209 12.74 71.60 -39.03
N ALA E 210 12.51 71.15 -40.27
CA ALA E 210 13.19 71.76 -41.40
C ALA E 210 12.84 73.23 -41.52
N PHE E 211 11.55 73.56 -41.39
CA PHE E 211 11.15 74.97 -41.49
C PHE E 211 11.79 75.79 -40.39
N THR E 212 11.79 75.29 -39.16
CA THR E 212 12.38 76.05 -38.06
C THR E 212 13.86 76.29 -38.30
N ARG E 213 14.58 75.26 -38.76
CA ARG E 213 16.00 75.44 -39.01
C ARG E 213 16.25 76.46 -40.09
N GLU E 214 15.46 76.42 -41.18
CA GLU E 214 15.65 77.39 -42.26
C GLU E 214 15.39 78.81 -41.76
N GLN E 215 14.32 79.01 -41.01
CA GLN E 215 14.02 80.34 -40.49
C GLN E 215 15.11 80.83 -39.56
N ARG E 216 15.62 79.92 -38.71
CA ARG E 216 16.68 80.31 -37.79
C ARG E 216 17.93 80.74 -38.54
N ASP E 217 18.29 79.99 -39.58
CA ASP E 217 19.46 80.36 -40.37
C ASP E 217 19.25 81.71 -41.05
N GLU E 218 18.04 81.97 -41.54
CA GLU E 218 17.75 83.26 -42.15
C GLU E 218 17.95 84.40 -41.16
N LEU E 219 17.40 84.24 -39.96
CA LEU E 219 17.53 85.30 -38.95
C LEU E 219 18.99 85.52 -38.57
N ARG E 220 19.74 84.42 -38.39
CA ARG E 220 21.13 84.54 -38.01
C ARG E 220 21.95 85.21 -39.11
N ARG E 221 21.69 84.87 -40.37
CA ARG E 221 22.39 85.52 -41.48
C ARG E 221 22.07 87.00 -41.49
N ASP E 222 20.81 87.37 -41.24
CA ASP E 222 20.43 88.78 -41.23
C ASP E 222 21.21 89.51 -40.14
N ARG E 223 21.27 88.94 -38.94
CA ARG E 223 21.98 89.60 -37.86
C ARG E 223 23.47 89.74 -38.17
N ASP E 224 24.07 88.68 -38.71
CA ASP E 224 25.49 88.75 -39.06
C ASP E 224 25.75 89.79 -40.13
N GLU E 225 24.86 89.87 -41.13
CA GLU E 225 25.03 90.87 -42.18
C GLU E 225 24.93 92.27 -41.61
N ALA E 226 23.96 92.50 -40.72
CA ALA E 226 23.84 93.83 -40.11
C ALA E 226 25.10 94.18 -39.33
N LYS E 227 25.60 93.24 -38.53
CA LYS E 227 26.80 93.53 -37.73
C LYS E 227 27.99 93.84 -38.63
N LEU E 228 28.21 93.01 -39.65
CA LEU E 228 29.40 93.19 -40.47
C LEU E 228 29.28 94.44 -41.33
N VAL E 229 28.08 94.77 -41.81
CA VAL E 229 27.94 95.98 -42.61
C VAL E 229 28.13 97.21 -41.74
N SER E 230 27.63 97.18 -40.49
CA SER E 230 27.89 98.29 -39.59
C SER E 230 29.38 98.45 -39.33
N GLY E 231 30.08 97.35 -39.08
CA GLY E 231 31.52 97.44 -38.85
C GLY E 231 32.27 97.98 -40.06
N THR E 232 31.94 97.48 -41.24
CA THR E 232 32.60 97.93 -42.46
C THR E 232 32.32 99.41 -42.71
N ILE E 233 31.07 99.85 -42.48
CA ILE E 233 30.73 101.25 -42.66
C ILE E 233 31.54 102.11 -41.69
N ALA E 234 31.64 101.67 -40.44
CA ALA E 234 32.37 102.45 -39.44
C ALA E 234 33.84 102.57 -39.81
N THR E 235 34.47 101.46 -40.19
CA THR E 235 35.89 101.52 -40.53
C THR E 235 36.13 102.30 -41.81
N THR E 236 35.22 102.20 -42.78
CA THR E 236 35.37 103.00 -44.00
C THR E 236 35.22 104.48 -43.72
N PHE E 237 34.28 104.86 -42.86
CA PHE E 237 34.13 106.26 -42.48
C PHE E 237 35.37 106.74 -41.75
N GLN E 238 35.93 105.91 -40.86
CA GLN E 238 37.17 106.27 -40.18
C GLN E 238 38.30 106.46 -41.18
N ASP E 239 38.40 105.55 -42.17
CA ASP E 239 39.47 105.66 -43.16
C ASP E 239 39.32 106.92 -44.00
N TYR E 240 38.09 107.25 -44.40
CA TYR E 240 37.86 108.47 -45.17
C TYR E 240 38.17 109.70 -44.35
N ASP E 241 37.82 109.68 -43.06
CA ASP E 241 38.15 110.81 -42.19
C ASP E 241 39.65 110.97 -42.04
N GLU E 242 40.37 109.83 -41.94
CA GLU E 242 41.83 109.90 -41.89
C GLU E 242 42.39 110.46 -43.18
N SER E 243 41.83 110.07 -44.32
CA SER E 243 42.29 110.63 -45.59
C SER E 243 42.04 112.13 -45.66
N ARG E 244 40.87 112.57 -45.19
CA ARG E 244 40.56 113.99 -45.20
C ARG E 244 41.48 114.77 -44.28
N GLN E 245 41.78 114.24 -43.09
CA GLN E 245 42.71 114.93 -42.22
C GLN E 245 44.12 114.93 -42.80
N ALA E 246 44.49 113.87 -43.52
CA ALA E 246 45.82 113.81 -44.13
C ALA E 246 45.95 114.86 -45.24
N GLN E 247 44.95 114.96 -46.11
CA GLN E 247 45.02 115.98 -47.15
C GLN E 247 44.92 117.39 -46.58
N SER E 248 44.13 117.56 -45.50
CA SER E 248 44.06 118.85 -44.84
C SER E 248 45.42 119.25 -44.26
N GLU E 249 46.10 118.30 -43.61
CA GLU E 249 47.41 118.61 -43.04
C GLU E 249 48.45 118.83 -44.13
N ILE E 250 48.32 118.15 -45.26
CA ILE E 250 49.22 118.41 -46.39
C ILE E 250 49.02 119.83 -46.90
N MET E 251 47.76 120.24 -47.06
CA MET E 251 47.48 121.60 -47.50
C MET E 251 47.99 122.62 -46.49
N ARG E 252 47.84 122.32 -45.20
CA ARG E 252 48.33 123.24 -44.16
C ARG E 252 49.86 123.33 -44.20
N ILE E 253 50.53 122.20 -44.43
CA ILE E 253 51.99 122.22 -44.56
C ILE E 253 52.39 123.09 -45.73
N VAL E 254 51.71 122.94 -46.86
CA VAL E 254 52.01 123.78 -48.03
C VAL E 254 51.78 125.25 -47.70
N GLY E 255 50.67 125.56 -47.02
CA GLY E 255 50.38 126.94 -46.70
C GLY E 255 51.42 127.57 -45.78
N LYS E 256 51.84 126.83 -44.75
CA LYS E 256 52.88 127.36 -43.86
C LYS E 256 54.21 127.47 -44.58
N GLU E 257 54.48 126.58 -45.55
CA GLU E 257 55.68 126.74 -46.36
C GLU E 257 55.62 128.02 -47.17
N VAL E 258 54.45 128.35 -47.71
CA VAL E 258 54.28 129.61 -48.45
C VAL E 258 54.50 130.78 -47.50
N GLY E 259 53.95 130.73 -46.30
CA GLY E 259 54.13 131.78 -45.31
C GLY E 259 52.86 132.14 -44.55
N MET E 260 51.76 131.46 -44.83
CA MET E 260 50.49 131.76 -44.19
C MET E 260 50.51 131.27 -42.74
N PRO E 261 50.23 132.13 -41.74
CA PRO E 261 50.30 131.67 -40.33
C PRO E 261 48.96 131.13 -39.83
N THR E 262 48.44 130.13 -40.53
CA THR E 262 47.18 129.48 -40.16
C THR E 262 46.05 130.51 -40.03
N ASP E 263 46.05 131.49 -40.93
CA ASP E 263 45.12 132.63 -40.88
C ASP E 263 45.30 133.29 -39.52
N ASP E 264 44.26 133.45 -38.71
CA ASP E 264 44.39 133.92 -37.34
C ASP E 264 43.77 132.98 -36.32
N GLN E 265 42.63 132.38 -36.65
CA GLN E 265 41.98 131.42 -35.76
C GLN E 265 41.15 130.46 -36.59
N GLY E 266 41.07 129.22 -36.13
CA GLY E 266 40.28 128.20 -36.80
C GLY E 266 39.14 127.67 -35.96
N MET E 267 39.35 127.63 -34.63
CA MET E 267 38.32 127.07 -33.76
C MET E 267 37.17 128.03 -33.54
N PRO E 268 37.38 129.28 -33.10
CA PRO E 268 36.23 130.13 -32.77
C PRO E 268 35.50 130.65 -34.00
N ASP E 269 36.23 131.11 -35.01
CA ASP E 269 35.62 131.72 -36.19
C ASP E 269 36.64 131.68 -37.32
N MET E 270 36.33 132.37 -38.42
CA MET E 270 37.19 132.45 -39.59
C MET E 270 37.68 133.89 -39.72
N SER E 271 38.96 134.05 -40.02
CA SER E 271 39.59 135.36 -40.13
C SER E 271 40.43 135.42 -41.39
N ARG E 272 40.85 136.63 -41.74
CA ARG E 272 41.65 136.84 -42.94
C ARG E 272 43.10 136.41 -42.72
N ALA E 273 43.81 136.23 -43.82
CA ALA E 273 45.23 135.89 -43.82
C ALA E 273 46.00 136.86 -44.70
N SER E 274 47.27 136.59 -44.95
CA SER E 274 48.06 137.47 -45.81
C SER E 274 47.52 137.46 -47.24
N GLN E 275 47.15 136.29 -47.75
CA GLN E 275 46.61 136.15 -49.09
C GLN E 275 45.29 135.38 -49.03
N ASP E 276 44.33 135.81 -49.84
CA ASP E 276 42.99 135.24 -49.78
C ASP E 276 42.84 134.02 -50.69
N GLN E 277 43.08 134.19 -51.98
CA GLN E 277 42.88 133.13 -52.95
C GLN E 277 43.97 133.18 -54.00
N LEU E 278 44.15 132.06 -54.70
CA LEU E 278 45.19 131.93 -55.73
C LEU E 278 46.57 132.19 -55.13
N ASP E 279 46.81 131.63 -53.95
CA ASP E 279 48.09 131.81 -53.28
C ASP E 279 49.23 131.23 -54.11
N ALA E 280 49.08 129.98 -54.56
CA ALA E 280 50.08 129.32 -55.37
C ALA E 280 49.44 128.09 -56.01
N PHE E 281 50.16 127.50 -56.97
CA PHE E 281 49.65 126.33 -57.66
C PHE E 281 49.48 125.16 -56.70
N SER E 282 50.42 124.99 -55.76
CA SER E 282 50.33 123.87 -54.82
C SER E 282 49.11 124.00 -53.93
N ASN E 283 48.85 125.21 -53.43
CA ASN E 283 47.67 125.41 -52.58
C ASN E 283 46.39 125.18 -53.36
N ALA E 284 46.32 125.67 -54.61
CA ALA E 284 45.13 125.58 -55.42
C ALA E 284 44.93 124.20 -56.05
N LEU E 285 45.94 123.32 -55.99
CA LEU E 285 45.80 122.01 -56.62
C LEU E 285 44.69 121.19 -55.96
N ASN E 286 44.64 121.20 -54.62
CA ASN E 286 43.65 120.43 -53.87
C ASN E 286 42.77 121.31 -53.00
N GLU E 287 43.35 122.24 -52.25
CA GLU E 287 42.61 123.10 -51.33
C GLU E 287 41.83 122.29 -50.31
N ALA E 288 42.36 121.13 -49.92
CA ALA E 288 41.71 120.26 -48.92
C ALA E 288 40.30 119.87 -49.36
N GLY E 289 40.14 119.61 -50.66
CA GLY E 289 38.85 119.21 -51.20
C GLY E 289 37.95 120.37 -51.56
N VAL E 290 38.46 121.26 -52.42
CA VAL E 290 37.69 122.42 -52.89
C VAL E 290 37.27 123.27 -51.71
N GLN E 291 38.24 123.96 -51.10
CA GLN E 291 37.99 124.86 -49.97
C GLN E 291 37.30 124.12 -48.83
N ALA E 292 37.81 122.93 -48.51
CA ALA E 292 37.31 122.13 -47.39
C ALA E 292 35.82 121.85 -47.55
N ASN E 293 35.40 121.51 -48.77
CA ASN E 293 34.00 121.19 -49.06
C ASN E 293 33.76 119.71 -48.74
N THR E 294 33.73 119.42 -47.44
CA THR E 294 33.41 118.08 -46.97
C THR E 294 31.89 117.92 -46.92
N SER E 295 31.29 118.03 -48.10
CA SER E 295 29.85 117.98 -48.20
C SER E 295 29.33 116.60 -47.79
N PRO E 296 28.13 116.50 -47.24
CA PRO E 296 27.60 115.18 -46.87
C PRO E 296 27.52 114.23 -48.03
N THR E 297 27.20 114.73 -49.24
CA THR E 297 27.03 113.85 -50.38
C THR E 297 28.33 113.13 -50.71
N GLU E 298 29.46 113.82 -50.61
CA GLU E 298 30.74 113.18 -50.86
C GLU E 298 30.99 112.05 -49.87
N ARG E 299 30.68 112.27 -48.60
CA ARG E 299 30.89 111.22 -47.60
C ARG E 299 29.95 110.03 -47.85
N ARG E 300 28.71 110.30 -48.24
CA ARG E 300 27.79 109.22 -48.55
C ARG E 300 28.29 108.40 -49.74
N ASN E 301 28.79 109.09 -50.77
CA ASN E 301 29.34 108.36 -51.91
C ASN E 301 30.57 107.55 -51.51
N ALA E 302 31.42 108.12 -50.65
CA ALA E 302 32.62 107.41 -50.20
C ALA E 302 32.25 106.16 -49.43
N VAL E 303 31.23 106.23 -48.56
CA VAL E 303 30.86 105.08 -47.75
C VAL E 303 29.97 104.09 -48.48
N LEU E 304 29.37 104.49 -49.61
CA LEU E 304 28.53 103.57 -50.37
C LEU E 304 29.29 102.82 -51.45
N LYS E 305 30.53 103.19 -51.75
CA LYS E 305 31.27 102.50 -52.80
C LYS E 305 31.65 101.08 -52.41
N SER E 306 31.72 100.79 -51.11
CA SER E 306 32.02 99.45 -50.62
C SER E 306 30.86 98.84 -49.85
N LEU E 307 29.68 99.46 -49.87
CA LEU E 307 28.51 98.99 -49.15
C LEU E 307 27.47 98.39 -50.07
N VAL E 308 27.16 99.06 -51.19
CA VAL E 308 26.19 98.55 -52.16
C VAL E 308 26.77 97.45 -53.03
N ASP E 309 28.01 97.03 -52.78
CA ASP E 309 28.64 96.02 -53.64
C ASP E 309 27.85 94.73 -53.65
N ALA E 310 27.49 94.22 -52.48
CA ALA E 310 26.76 92.96 -52.39
C ALA E 310 26.22 92.77 -50.99
N GLY E 311 25.20 91.92 -50.90
CA GLY E 311 24.69 91.50 -49.61
C GLY E 311 24.08 92.61 -48.77
N VAL E 312 23.33 93.51 -49.39
CA VAL E 312 22.62 94.56 -48.68
C VAL E 312 21.26 94.76 -49.33
N SER E 313 20.25 94.99 -48.50
CA SER E 313 18.88 95.18 -48.94
C SER E 313 18.33 96.48 -48.37
N SER E 314 17.04 96.72 -48.58
CA SER E 314 16.38 97.91 -48.03
C SER E 314 16.50 97.95 -46.51
N LYS E 315 16.65 96.80 -45.86
CA LYS E 315 16.91 96.76 -44.42
C LYS E 315 18.32 97.24 -44.07
N GLY E 316 19.16 97.48 -45.07
CA GLY E 316 20.54 97.87 -44.88
C GLY E 316 20.77 99.36 -45.02
N ILE E 317 21.20 99.77 -46.22
CA ILE E 317 21.65 101.15 -46.46
C ILE E 317 20.62 102.15 -45.94
N ALA E 318 19.33 101.85 -46.10
CA ALA E 318 18.31 102.76 -45.60
C ALA E 318 18.42 102.91 -44.08
N GLN E 319 18.65 101.80 -43.37
CA GLN E 319 18.89 101.88 -41.94
C GLN E 319 20.21 102.59 -41.65
N ALA E 320 21.24 102.31 -42.44
CA ALA E 320 22.55 102.91 -42.23
C ALA E 320 22.54 104.42 -42.44
N LYS E 321 21.54 104.94 -43.15
CA LYS E 321 21.45 106.39 -43.33
C LYS E 321 21.28 107.10 -42.00
N GLN E 322 20.63 106.46 -41.03
CA GLN E 322 20.53 107.08 -39.71
C GLN E 322 21.92 107.25 -39.09
N GLU E 323 22.77 106.23 -39.21
CA GLU E 323 24.10 106.33 -38.64
C GLU E 323 24.97 107.31 -39.41
N MET E 324 24.81 107.39 -40.74
CA MET E 324 25.51 108.42 -41.50
C MET E 324 25.08 109.82 -41.07
N GLU E 325 23.78 110.01 -40.85
CA GLU E 325 23.30 111.31 -40.36
C GLU E 325 23.88 111.61 -38.98
N LEU E 326 23.96 110.60 -38.11
CA LEU E 326 24.57 110.79 -36.81
C LEU E 326 26.03 111.21 -36.93
N ARG E 327 26.78 110.53 -37.81
CA ARG E 327 28.18 110.88 -38.01
C ARG E 327 28.32 112.31 -38.53
N GLU E 328 27.46 112.71 -39.46
CA GLU E 328 27.49 114.09 -39.95
C GLU E 328 27.18 115.08 -38.83
N SER E 329 26.20 114.77 -37.99
CA SER E 329 25.85 115.65 -36.89
C SER E 329 26.98 115.74 -35.87
N LEU E 330 27.78 114.68 -35.74
CA LEU E 330 28.90 114.72 -34.80
C LEU E 330 29.88 115.82 -35.18
N GLU E 331 30.21 115.93 -36.47
CA GLU E 331 31.13 116.97 -36.94
C GLU E 331 30.41 117.92 -37.88
N GLY F 25 -8.03 -75.37 45.17
CA GLY F 25 -8.71 -74.12 45.61
C GLY F 25 -7.78 -72.93 45.79
N THR F 26 -6.48 -73.20 45.72
CA THR F 26 -5.47 -72.15 45.89
C THR F 26 -4.94 -71.61 44.57
N THR F 27 -5.49 -72.04 43.45
CA THR F 27 -5.02 -71.61 42.12
C THR F 27 -5.96 -70.64 41.43
N GLY F 28 -7.28 -70.87 41.51
CA GLY F 28 -8.23 -69.98 40.87
C GLY F 28 -8.42 -68.66 41.59
N VAL F 29 -7.97 -68.56 42.84
CA VAL F 29 -8.07 -67.29 43.56
C VAL F 29 -7.30 -66.20 42.83
N GLN F 30 -6.20 -66.57 42.16
CA GLN F 30 -5.45 -65.57 41.39
C GLN F 30 -6.32 -64.93 40.32
N GLN F 31 -6.99 -65.76 39.51
CA GLN F 31 -7.88 -65.22 38.50
C GLN F 31 -9.06 -64.49 39.12
N ALA F 32 -9.52 -64.96 40.29
CA ALA F 32 -10.59 -64.25 40.99
C ALA F 32 -10.19 -62.83 41.31
N LEU F 33 -9.01 -62.66 41.92
CA LEU F 33 -8.56 -61.33 42.29
C LEU F 33 -8.28 -60.48 41.05
N GLY F 34 -7.73 -61.09 40.00
CA GLY F 34 -7.51 -60.34 38.77
C GLY F 34 -8.79 -59.80 38.18
N ALA F 35 -9.82 -60.65 38.12
CA ALA F 35 -11.12 -60.20 37.61
C ALA F 35 -11.71 -59.14 38.51
N LEU F 36 -11.55 -59.28 39.83
CA LEU F 36 -12.06 -58.29 40.75
C LEU F 36 -11.42 -56.93 40.51
N GLY F 37 -10.10 -56.92 40.28
CA GLY F 37 -9.40 -55.65 40.06
C GLY F 37 -9.64 -55.06 38.68
N ASP F 38 -9.96 -55.89 37.69
CA ASP F 38 -10.18 -55.37 36.35
C ASP F 38 -11.33 -54.37 36.34
N ILE F 39 -12.45 -54.71 37.00
CA ILE F 39 -13.62 -53.84 36.95
C ILE F 39 -13.32 -52.50 37.62
N ILE F 40 -12.56 -52.52 38.72
CA ILE F 40 -12.25 -51.26 39.38
C ILE F 40 -11.33 -50.42 38.50
N SER F 41 -10.44 -51.07 37.75
CA SER F 41 -9.61 -50.31 36.81
C SER F 41 -10.47 -49.64 35.73
N ARG F 42 -11.43 -50.38 35.17
CA ARG F 42 -12.32 -49.76 34.17
C ARG F 42 -13.10 -48.60 34.78
N GLN F 43 -13.58 -48.77 36.01
CA GLN F 43 -14.31 -47.69 36.66
C GLN F 43 -13.42 -46.46 36.83
N GLN F 44 -12.16 -46.67 37.19
CA GLN F 44 -11.26 -45.53 37.37
C GLN F 44 -11.04 -44.80 36.06
N GLU F 45 -10.84 -45.54 34.96
CA GLU F 45 -10.65 -44.88 33.67
C GLU F 45 -11.90 -44.09 33.28
N MET F 46 -13.07 -44.68 33.52
CA MET F 46 -14.32 -43.99 33.23
C MET F 46 -14.44 -42.71 34.04
N ASN F 47 -14.03 -42.77 35.31
CA ASN F 47 -14.05 -41.58 36.15
C ASN F 47 -13.12 -40.51 35.60
N VAL F 48 -11.96 -40.91 35.10
CA VAL F 48 -11.03 -39.94 34.53
C VAL F 48 -11.67 -39.22 33.35
N ASN F 49 -12.31 -39.99 32.46
CA ASN F 49 -12.96 -39.36 31.32
C ASN F 49 -14.07 -38.40 31.76
N ASN F 50 -14.87 -38.82 32.74
CA ASN F 50 -15.92 -37.94 33.24
C ASN F 50 -15.34 -36.65 33.82
N ALA F 51 -14.22 -36.76 34.52
CA ALA F 51 -13.61 -35.57 35.10
C ALA F 51 -13.14 -34.61 34.01
N LYS F 52 -12.55 -35.14 32.94
CA LYS F 52 -12.14 -34.26 31.85
C LYS F 52 -13.35 -33.54 31.24
N LEU F 53 -14.44 -34.28 31.03
CA LEU F 53 -15.64 -33.64 30.52
C LEU F 53 -16.13 -32.55 31.46
N GLN F 54 -16.07 -32.80 32.76
CA GLN F 54 -16.52 -31.82 33.74
C GLN F 54 -15.67 -30.55 33.67
N ARG F 55 -14.36 -30.72 33.50
CA ARG F 55 -13.50 -29.55 33.38
C ARG F 55 -13.87 -28.73 32.14
N GLU F 56 -14.11 -29.41 31.02
CA GLU F 56 -14.51 -28.69 29.81
C GLU F 56 -15.82 -27.93 30.04
N ALA F 57 -16.78 -28.58 30.69
CA ALA F 57 -18.05 -27.92 30.97
C ALA F 57 -17.85 -26.68 31.83
N ASN F 58 -16.99 -26.77 32.85
CA ASN F 58 -16.72 -25.61 33.69
C ASN F 58 -16.14 -24.47 32.86
N THR F 59 -15.18 -24.78 31.98
CA THR F 59 -14.56 -23.75 31.16
C THR F 59 -15.60 -23.03 30.32
N GLN F 60 -16.41 -23.79 29.59
CA GLN F 60 -17.35 -23.13 28.68
C GLN F 60 -18.45 -22.41 29.44
N SER F 61 -18.86 -22.94 30.60
CA SER F 61 -19.85 -22.24 31.41
C SER F 61 -19.33 -20.88 31.84
N TYR F 62 -18.06 -20.80 32.26
CA TYR F 62 -17.52 -19.48 32.56
C TYR F 62 -17.48 -18.59 31.34
N LEU F 63 -16.97 -19.12 30.22
CA LEU F 63 -16.77 -18.28 29.04
C LEU F 63 -18.08 -17.70 28.55
N ASP F 64 -19.19 -18.40 28.73
CA ASP F 64 -20.48 -17.88 28.29
C ASP F 64 -20.84 -16.59 29.00
N GLN F 65 -20.54 -16.51 30.31
CA GLN F 65 -20.88 -15.30 31.06
C GLN F 65 -20.22 -14.07 30.46
N VAL F 66 -18.92 -14.15 30.18
CA VAL F 66 -18.24 -13.02 29.57
C VAL F 66 -18.76 -12.78 28.17
N ALA F 67 -19.08 -13.86 27.44
CA ALA F 67 -19.54 -13.69 26.06
C ALA F 67 -20.92 -13.04 25.98
N ALA F 68 -21.68 -13.05 27.06
CA ALA F 68 -23.05 -12.53 27.06
C ALA F 68 -23.17 -11.28 27.93
N SER F 69 -22.21 -10.37 27.83
CA SER F 69 -22.20 -9.13 28.57
C SER F 69 -22.09 -7.96 27.60
N THR F 70 -22.70 -6.84 27.97
CA THR F 70 -22.66 -5.65 27.12
C THR F 70 -21.29 -4.98 27.24
N LEU F 71 -20.92 -4.26 26.17
CA LEU F 71 -19.64 -3.56 26.18
C LEU F 71 -19.59 -2.53 27.29
N GLU F 72 -20.69 -1.82 27.53
CA GLU F 72 -20.72 -0.84 28.60
C GLU F 72 -20.50 -1.50 29.95
N GLN F 73 -21.02 -2.71 30.13
CA GLN F 73 -20.81 -3.41 31.40
C GLN F 73 -19.34 -3.75 31.60
N LEU F 74 -18.68 -4.26 30.56
CA LEU F 74 -17.28 -4.63 30.70
C LEU F 74 -16.39 -3.42 30.86
N SER F 75 -16.78 -2.28 30.28
CA SER F 75 -15.97 -1.07 30.45
C SER F 75 -15.93 -0.64 31.90
N ASN F 76 -17.06 -0.71 32.59
CA ASN F 76 -17.10 -0.31 34.00
C ASN F 76 -16.22 -1.23 34.83
N ALA F 77 -15.21 -0.66 35.49
CA ALA F 77 -14.25 -1.48 36.22
C ALA F 77 -14.73 -1.80 37.62
N ASP F 78 -15.97 -2.23 37.74
CA ASP F 78 -16.50 -2.86 38.95
C ASP F 78 -17.21 -4.16 38.62
N TYR F 79 -17.88 -4.22 37.47
CA TYR F 79 -18.50 -5.46 37.03
C TYR F 79 -17.44 -6.50 36.68
N ARG F 80 -16.36 -6.08 36.01
CA ARG F 80 -15.36 -7.05 35.58
C ARG F 80 -14.58 -7.60 36.76
N SER F 81 -14.39 -6.82 37.82
CA SER F 81 -13.74 -7.37 39.00
C SER F 81 -14.54 -8.52 39.58
N GLY F 82 -15.87 -8.32 39.70
CA GLY F 82 -16.71 -9.41 40.17
C GLY F 82 -16.75 -10.58 39.22
N LEU F 83 -16.73 -10.30 37.91
CA LEU F 83 -16.76 -11.37 36.92
C LEU F 83 -15.48 -12.18 36.89
N GLU F 84 -14.34 -11.58 37.17
CA GLU F 84 -13.07 -12.29 37.18
C GLU F 84 -12.71 -12.79 38.56
N ALA F 85 -13.46 -12.43 39.60
CA ALA F 85 -13.31 -13.09 40.89
C ALA F 85 -13.95 -14.46 40.93
N GLN F 86 -14.84 -14.77 39.99
CA GLN F 86 -15.37 -16.12 39.87
C GLN F 86 -14.38 -17.06 39.19
N ARG F 87 -13.47 -16.53 38.38
CA ARG F 87 -12.43 -17.32 37.76
C ARG F 87 -11.28 -17.59 38.71
N ASP F 88 -11.10 -16.77 39.75
CA ASP F 88 -10.04 -16.95 40.72
C ASP F 88 -10.52 -17.76 41.92
N ALA F 89 -11.76 -18.24 41.91
CA ALA F 89 -12.29 -19.07 42.98
C ALA F 89 -12.53 -20.50 42.55
N MET F 90 -12.55 -20.79 41.26
CA MET F 90 -12.68 -22.15 40.77
C MET F 90 -11.34 -22.88 40.70
N GLY F 91 -10.25 -22.22 41.08
CA GLY F 91 -8.97 -22.89 41.14
C GLY F 91 -8.55 -23.38 39.77
N MET F 92 -7.97 -24.59 39.76
CA MET F 92 -7.47 -25.19 38.53
C MET F 92 -8.49 -26.12 37.89
N ASN F 93 -9.74 -26.07 38.32
CA ASN F 93 -10.82 -26.76 37.64
C ASN F 93 -11.38 -25.91 36.52
N LEU F 94 -10.47 -25.38 35.69
CA LEU F 94 -10.81 -24.36 34.71
C LEU F 94 -9.63 -24.27 33.77
N ASP F 95 -9.85 -24.45 32.48
CA ASP F 95 -8.75 -24.26 31.55
C ASP F 95 -8.27 -22.81 31.66
N ARG F 96 -7.09 -22.60 32.21
CA ARG F 96 -6.62 -21.27 32.55
C ARG F 96 -5.77 -20.65 31.45
N ALA F 97 -5.80 -21.22 30.25
CA ALA F 97 -5.14 -20.64 29.10
C ALA F 97 -6.12 -20.10 28.06
N ALA F 98 -7.21 -20.81 27.78
CA ALA F 98 -8.25 -20.25 26.95
C ALA F 98 -9.02 -19.16 27.66
N THR F 99 -8.98 -19.15 28.99
CA THR F 99 -9.48 -18.05 29.81
C THR F 99 -8.41 -16.96 29.82
N ARG F 100 -8.49 -16.04 30.77
CA ARG F 100 -7.54 -14.93 30.90
C ARG F 100 -7.87 -13.81 29.93
N ASP F 101 -7.36 -13.86 28.70
CA ASP F 101 -7.57 -12.76 27.75
C ASP F 101 -8.93 -12.91 27.08
N ALA F 102 -9.97 -12.91 27.90
CA ALA F 102 -11.35 -13.00 27.44
C ALA F 102 -12.07 -11.67 27.50
N ILE F 103 -11.89 -10.89 28.57
CA ILE F 103 -12.51 -9.58 28.64
C ILE F 103 -11.97 -8.69 27.52
N THR F 104 -10.64 -8.66 27.37
CA THR F 104 -10.05 -7.79 26.36
C THR F 104 -10.47 -8.21 24.96
N LYS F 105 -10.43 -9.50 24.67
CA LYS F 105 -10.85 -9.96 23.35
C LYS F 105 -12.31 -9.62 23.10
N GLN F 106 -13.16 -9.79 24.12
CA GLN F 106 -14.58 -9.50 23.93
C GLN F 106 -14.79 -8.03 23.62
N ILE F 107 -14.16 -7.14 24.38
CA ILE F 107 -14.40 -5.72 24.13
C ILE F 107 -13.85 -5.31 22.78
N SER F 108 -12.70 -5.87 22.39
CA SER F 108 -12.16 -5.53 21.07
C SER F 108 -13.09 -5.99 19.96
N ALA F 109 -13.62 -7.21 20.08
CA ALA F 109 -14.54 -7.70 19.05
C ALA F 109 -15.79 -6.84 18.98
N GLN F 110 -16.35 -6.47 20.14
CA GLN F 110 -17.55 -5.67 20.13
C GLN F 110 -17.30 -4.30 19.49
N GLN F 111 -16.15 -3.70 19.80
CA GLN F 111 -15.83 -2.42 19.18
C GLN F 111 -15.70 -2.56 17.67
N ASN F 112 -15.01 -3.60 17.20
CA ASN F 112 -14.84 -3.78 15.76
C ASN F 112 -16.18 -3.93 15.07
N GLN F 113 -17.07 -4.76 15.62
CA GLN F 113 -18.34 -4.96 14.92
C GLN F 113 -19.23 -3.73 15.01
N ALA F 114 -19.14 -2.95 16.09
CA ALA F 114 -19.89 -1.69 16.12
C ALA F 114 -19.41 -0.74 15.02
N ALA F 115 -18.10 -0.64 14.84
CA ALA F 115 -17.59 0.20 13.76
C ALA F 115 -18.06 -0.27 12.40
N ALA F 116 -18.03 -1.59 12.19
CA ALA F 116 -18.50 -2.13 10.91
C ALA F 116 -19.97 -1.81 10.69
N THR F 117 -20.79 -1.91 11.75
CA THR F 117 -22.20 -1.59 11.62
C THR F 117 -22.40 -0.13 11.23
N GLN F 118 -21.62 0.76 11.82
CA GLN F 118 -21.74 2.17 11.45
C GLN F 118 -21.38 2.39 10.00
N LYS F 119 -20.30 1.76 9.53
CA LYS F 119 -19.94 1.88 8.12
C LYS F 119 -21.07 1.40 7.23
N PHE F 120 -21.67 0.26 7.56
CA PHE F 120 -22.76 -0.28 6.76
C PHE F 120 -23.94 0.68 6.72
N ASP F 121 -24.30 1.25 7.87
CA ASP F 121 -25.42 2.17 7.90
C ASP F 121 -25.15 3.40 7.05
N ASP F 122 -23.92 3.92 7.09
CA ASP F 122 -23.60 5.08 6.27
C ASP F 122 -23.72 4.76 4.78
N MET F 123 -23.19 3.60 4.36
CA MET F 123 -23.30 3.22 2.96
C MET F 123 -24.77 3.10 2.55
N GLN F 124 -25.58 2.47 3.40
CA GLN F 124 -26.99 2.31 3.08
C GLN F 124 -27.67 3.66 2.93
N ALA F 125 -27.34 4.60 3.83
CA ALA F 125 -27.94 5.92 3.76
C ALA F 125 -27.57 6.63 2.46
N GLU F 126 -26.31 6.54 2.05
CA GLU F 126 -25.93 7.18 0.78
C GLU F 126 -26.69 6.57 -0.38
N VAL F 127 -26.79 5.24 -0.42
CA VAL F 127 -27.51 4.60 -1.51
C VAL F 127 -28.95 5.09 -1.54
N GLY F 128 -29.56 5.22 -0.36
CA GLY F 128 -30.94 5.71 -0.32
C GLY F 128 -31.05 7.17 -0.77
N GLN F 129 -30.05 7.98 -0.44
CA GLN F 129 -30.13 9.41 -0.68
C GLN F 129 -29.71 9.82 -2.08
N ARG F 130 -29.20 8.90 -2.90
CA ARG F 130 -28.77 9.28 -4.25
C ARG F 130 -29.81 10.06 -5.04
N GLY F 131 -31.10 9.80 -4.85
CA GLY F 131 -32.12 10.47 -5.64
C GLY F 131 -32.24 11.95 -5.36
N ILE F 132 -32.14 12.32 -4.08
CA ILE F 132 -32.22 13.73 -3.72
C ILE F 132 -31.05 14.49 -4.33
N VAL F 133 -29.85 13.90 -4.29
CA VAL F 133 -28.69 14.54 -4.89
C VAL F 133 -28.90 14.70 -6.39
N ASP F 134 -29.49 13.69 -7.03
CA ASP F 134 -29.81 13.81 -8.44
C ASP F 134 -30.69 15.02 -8.71
N GLN F 135 -31.79 15.15 -7.97
CA GLN F 135 -32.69 16.27 -8.19
C GLN F 135 -31.99 17.59 -7.89
N LEU F 136 -31.12 17.61 -6.89
CA LEU F 136 -30.40 18.84 -6.56
C LEU F 136 -29.51 19.27 -7.70
N ARG F 137 -28.81 18.32 -8.32
CA ARG F 137 -27.97 18.65 -9.47
C ARG F 137 -28.82 19.21 -10.60
N THR F 138 -29.95 18.57 -10.88
CA THR F 138 -30.83 19.05 -11.95
C THR F 138 -31.27 20.48 -11.68
N LEU F 139 -31.67 20.77 -10.44
CA LEU F 139 -32.11 22.14 -10.11
C LEU F 139 -30.96 23.13 -10.24
N SER F 140 -29.79 22.78 -9.73
CA SER F 140 -28.68 23.72 -9.70
C SER F 140 -28.05 23.95 -11.06
N ALA F 141 -28.31 23.08 -12.02
CA ALA F 141 -27.79 23.29 -13.37
C ALA F 141 -28.62 24.29 -14.17
N GLU F 142 -29.70 24.81 -13.59
CA GLU F 142 -30.59 25.74 -14.27
C GLU F 142 -30.49 27.16 -13.73
N GLY F 143 -29.61 27.41 -12.77
CA GLY F 143 -29.46 28.72 -12.17
C GLY F 143 -30.27 28.93 -10.91
N ARG F 144 -31.29 28.11 -10.66
CA ARG F 144 -32.08 28.24 -9.45
C ARG F 144 -31.25 27.79 -8.26
N ALA F 145 -30.70 28.75 -7.52
CA ALA F 145 -29.93 28.46 -6.32
C ALA F 145 -30.70 28.73 -5.04
N GLY F 146 -31.79 29.52 -5.10
CA GLY F 146 -32.60 29.71 -3.92
C GLY F 146 -33.36 28.46 -3.53
N GLU F 147 -33.75 27.65 -4.50
CA GLU F 147 -34.40 26.38 -4.22
C GLU F 147 -33.41 25.31 -3.79
N VAL F 148 -32.12 25.55 -3.93
CA VAL F 148 -31.11 24.59 -3.48
C VAL F 148 -30.76 24.82 -2.03
N ASN F 149 -30.59 26.06 -1.61
CA ASN F 149 -30.41 26.36 -0.19
C ASN F 149 -31.76 26.55 0.50
N GLN F 150 -32.68 25.67 0.19
CA GLN F 150 -33.88 25.45 1.00
C GLN F 150 -34.27 23.98 1.05
N ILE F 151 -33.55 23.11 0.33
CA ILE F 151 -33.73 21.67 0.40
C ILE F 151 -32.58 21.13 1.22
N LEU F 152 -31.43 21.80 1.15
CA LEU F 152 -30.29 21.51 1.99
C LEU F 152 -30.38 22.18 3.35
N ALA F 153 -31.57 22.56 3.79
CA ALA F 153 -31.81 23.08 5.12
C ALA F 153 -32.88 22.32 5.88
N GLU F 154 -33.86 21.76 5.18
CA GLU F 154 -34.90 20.95 5.83
C GLU F 154 -34.53 19.48 5.77
N GLN F 155 -34.12 19.01 4.60
CA GLN F 155 -33.58 17.67 4.43
C GLN F 155 -32.10 17.61 4.78
N GLN F 156 -31.60 18.62 5.47
CA GLN F 156 -30.17 18.77 5.67
C GLN F 156 -29.65 17.72 6.63
N LEU F 157 -29.70 16.45 6.22
CA LEU F 157 -28.97 15.40 6.89
C LEU F 157 -28.35 14.45 5.88
N ILE F 158 -28.10 14.93 4.66
CA ILE F 158 -27.46 14.10 3.65
C ILE F 158 -26.11 13.67 4.19
N ASN F 159 -25.70 12.45 3.83
CA ASN F 159 -24.49 11.89 4.40
C ASN F 159 -23.26 12.40 3.67
N GLU F 160 -23.17 13.72 3.49
CA GLU F 160 -22.03 14.34 2.83
C GLU F 160 -22.15 15.85 3.00
N GLY F 161 -21.02 16.51 3.22
CA GLY F 161 -20.98 17.96 3.27
C GLY F 161 -20.12 18.54 2.17
N GLU F 162 -19.55 17.68 1.33
CA GLU F 162 -18.74 18.11 0.20
C GLU F 162 -19.53 18.21 -1.09
N ILE F 163 -20.80 17.80 -1.09
CA ILE F 163 -21.66 18.09 -2.23
C ILE F 163 -22.16 19.52 -2.21
N ARG F 164 -22.04 20.20 -1.08
CA ARG F 164 -22.36 21.63 -1.05
C ARG F 164 -21.36 22.43 -1.88
N LYS F 165 -20.10 22.00 -1.92
CA LYS F 165 -19.08 22.77 -2.62
C LYS F 165 -19.31 22.76 -4.12
N GLU F 166 -19.65 21.61 -4.70
CA GLU F 166 -19.74 21.53 -6.15
C GLU F 166 -20.90 22.38 -6.70
N LEU F 167 -22.01 22.46 -5.97
CA LEU F 167 -23.11 23.30 -6.42
C LEU F 167 -22.70 24.77 -6.46
N THR F 168 -21.98 25.22 -5.43
CA THR F 168 -21.47 26.58 -5.45
C THR F 168 -20.48 26.77 -6.60
N GLY F 169 -19.69 25.74 -6.90
CA GLY F 169 -18.81 25.83 -8.06
C GLY F 169 -19.57 26.04 -9.34
N VAL F 170 -20.68 25.31 -9.51
CA VAL F 170 -21.51 25.47 -10.70
C VAL F 170 -22.07 26.89 -10.77
N GLN F 171 -22.57 27.40 -9.65
CA GLN F 171 -23.13 28.75 -9.64
C GLN F 171 -22.07 29.77 -10.03
N ASP F 172 -20.88 29.64 -9.46
CA ASP F 172 -19.80 30.56 -9.78
C ASP F 172 -19.42 30.47 -11.25
N ALA F 173 -19.43 29.26 -11.81
CA ALA F 173 -19.12 29.11 -13.23
C ALA F 173 -20.13 29.86 -14.08
N ILE F 174 -21.41 29.74 -13.74
CA ILE F 174 -22.43 30.44 -14.52
C ILE F 174 -22.22 31.94 -14.46
N GLN F 175 -21.99 32.46 -13.25
CA GLN F 175 -21.80 33.91 -13.12
C GLN F 175 -20.57 34.37 -13.90
N ASN F 176 -19.49 33.61 -13.82
CA ASN F 176 -18.28 33.98 -14.55
C ASN F 176 -18.52 33.99 -16.05
N ARG F 177 -19.27 33.01 -16.55
CA ARG F 177 -19.56 33.00 -17.99
C ARG F 177 -20.32 34.25 -18.40
N GLN F 178 -21.32 34.63 -17.61
CA GLN F 178 -22.07 35.84 -17.95
C GLN F 178 -21.16 37.07 -17.97
N TYR F 179 -20.31 37.19 -16.94
CA TYR F 179 -19.44 38.36 -16.86
C TYR F 179 -18.46 38.40 -18.02
N ARG F 180 -17.92 37.25 -18.42
CA ARG F 180 -16.99 37.24 -19.54
C ARG F 180 -17.69 37.65 -20.83
N ALA F 181 -18.92 37.20 -21.04
CA ALA F 181 -19.64 37.62 -22.24
C ALA F 181 -19.83 39.14 -22.24
N ALA F 182 -20.22 39.71 -21.10
CA ALA F 182 -20.39 41.16 -21.04
C ALA F 182 -19.08 41.88 -21.33
N GLY F 183 -17.98 41.39 -20.77
CA GLY F 183 -16.69 42.01 -21.03
C GLY F 183 -16.31 41.97 -22.49
N GLU F 184 -16.58 40.85 -23.16
CA GLU F 184 -16.28 40.77 -24.59
C GLU F 184 -17.09 41.80 -25.37
N GLN F 185 -18.37 41.95 -25.04
CA GLN F 185 -19.18 42.95 -25.72
C GLN F 185 -18.59 44.35 -25.53
N ARG F 186 -18.20 44.67 -24.29
CA ARG F 186 -17.64 45.99 -24.02
C ARG F 186 -16.36 46.22 -24.82
N ALA F 187 -15.50 45.20 -24.89
CA ALA F 187 -14.26 45.34 -25.63
C ALA F 187 -14.52 45.59 -27.11
N GLN F 188 -15.49 44.88 -27.69
CA GLN F 188 -15.80 45.11 -29.10
C GLN F 188 -16.26 46.54 -29.33
N ALA F 189 -17.14 47.04 -28.46
CA ALA F 189 -17.61 48.42 -28.63
C ALA F 189 -16.46 49.41 -28.54
N ALA F 190 -15.55 49.19 -27.57
CA ALA F 190 -14.43 50.10 -27.43
C ALA F 190 -13.55 50.09 -28.67
N ALA F 191 -13.33 48.91 -29.25
CA ALA F 191 -12.51 48.83 -30.47
C ALA F 191 -13.15 49.62 -31.60
N ASN F 192 -14.47 49.49 -31.77
CA ASN F 192 -15.13 50.26 -32.84
C ASN F 192 -14.95 51.76 -32.62
N ARG F 193 -15.15 52.22 -31.38
CA ARG F 193 -14.99 53.64 -31.09
C ARG F 193 -13.57 54.10 -31.43
N ALA F 194 -12.58 53.32 -31.02
CA ALA F 194 -11.19 53.71 -31.28
C ALA F 194 -10.93 53.81 -32.78
N ALA F 195 -11.46 52.86 -33.56
CA ALA F 195 -11.25 52.90 -35.00
C ALA F 195 -11.83 54.18 -35.60
N GLU F 196 -13.06 54.52 -35.22
CA GLU F 196 -13.67 55.73 -35.77
C GLU F 196 -12.87 56.98 -35.41
N ALA F 197 -12.45 57.08 -34.15
CA ALA F 197 -11.70 58.25 -33.72
C ALA F 197 -10.40 58.37 -34.49
N HIS F 198 -9.70 57.24 -34.68
CA HIS F 198 -8.44 57.29 -35.40
C HIS F 198 -8.64 57.74 -36.84
N SER F 199 -9.69 57.24 -37.49
CA SER F 199 -9.93 57.66 -38.87
C SER F 199 -10.11 59.16 -38.96
N LEU F 200 -10.97 59.72 -38.09
CA LEU F 200 -11.20 61.16 -38.14
C LEU F 200 -9.92 61.94 -37.86
N SER F 201 -9.16 61.51 -36.86
CA SER F 201 -7.93 62.24 -36.50
C SER F 201 -6.93 62.21 -37.64
N MET F 202 -6.80 61.06 -38.32
CA MET F 202 -5.88 60.99 -39.44
C MET F 202 -6.29 61.93 -40.56
N ALA F 203 -7.59 61.98 -40.87
CA ALA F 203 -8.04 62.89 -41.92
C ALA F 203 -7.69 64.33 -41.57
N ALA F 204 -7.98 64.74 -40.33
CA ALA F 204 -7.70 66.11 -39.92
C ALA F 204 -6.21 66.41 -39.99
N GLY F 205 -5.38 65.49 -39.50
CA GLY F 205 -3.94 65.72 -39.53
C GLY F 205 -3.40 65.84 -40.94
N ARG F 206 -3.89 65.00 -41.85
CA ARG F 206 -3.43 65.10 -43.24
C ARG F 206 -3.79 66.44 -43.84
N GLU F 207 -5.01 66.91 -43.59
CA GLU F 207 -5.39 68.22 -44.11
C GLU F 207 -4.50 69.32 -43.54
N ASN F 208 -4.22 69.27 -42.24
CA ASN F 208 -3.38 70.30 -41.64
C ASN F 208 -1.98 70.28 -42.24
N LEU F 209 -1.42 69.09 -42.45
CA LEU F 209 -0.09 69.01 -43.04
C LEU F 209 -0.08 69.59 -44.44
N ALA F 210 -1.11 69.30 -45.24
CA ALA F 210 -1.17 69.86 -46.58
C ALA F 210 -1.22 71.38 -46.55
N PHE F 211 -2.03 71.95 -45.65
CA PHE F 211 -2.09 73.40 -45.54
C PHE F 211 -0.74 73.99 -45.14
N THR F 212 -0.08 73.39 -44.16
CA THR F 212 1.21 73.91 -43.74
C THR F 212 2.22 73.86 -44.88
N ARG F 213 2.23 72.77 -45.64
CA ARG F 213 3.16 72.66 -46.76
C ARG F 213 2.89 73.72 -47.81
N GLU F 214 1.60 73.97 -48.10
CA GLU F 214 1.27 75.00 -49.09
C GLU F 214 1.72 76.37 -48.62
N GLN F 215 1.48 76.70 -47.35
CA GLN F 215 1.90 78.00 -46.83
C GLN F 215 3.42 78.13 -46.87
N ARG F 216 4.13 77.06 -46.52
CA ARG F 216 5.59 77.08 -46.59
C ARG F 216 6.07 77.36 -48.00
N ASP F 217 5.48 76.67 -48.98
CA ASP F 217 5.90 76.87 -50.36
C ASP F 217 5.62 78.30 -50.80
N GLU F 218 4.47 78.86 -50.41
CA GLU F 218 4.15 80.23 -50.79
C GLU F 218 5.18 81.20 -50.23
N LEU F 219 5.50 81.06 -48.93
CA LEU F 219 6.46 81.98 -48.32
C LEU F 219 7.84 81.83 -48.96
N ARG F 220 8.27 80.61 -49.24
CA ARG F 220 9.57 80.41 -49.86
C ARG F 220 9.62 81.00 -51.26
N ARG F 221 8.54 80.82 -52.03
CA ARG F 221 8.50 81.44 -53.35
C ARG F 221 8.57 82.95 -53.25
N ASP F 222 7.88 83.53 -52.27
CA ASP F 222 7.92 84.98 -52.11
C ASP F 222 9.35 85.45 -51.81
N ARG F 223 10.03 84.76 -50.90
CA ARG F 223 11.39 85.16 -50.55
C ARG F 223 12.32 85.02 -51.75
N ASP F 224 12.20 83.90 -52.48
CA ASP F 224 13.06 83.70 -53.65
C ASP F 224 12.80 84.76 -54.70
N GLU F 225 11.53 85.11 -54.92
CA GLU F 225 11.21 86.13 -55.89
C GLU F 225 11.80 87.48 -55.49
N ALA F 226 11.69 87.82 -54.21
CA ALA F 226 12.26 89.08 -53.73
C ALA F 226 13.78 89.10 -53.94
N LYS F 227 14.45 88.01 -53.60
CA LYS F 227 15.91 87.97 -53.74
C LYS F 227 16.31 88.09 -55.21
N LEU F 228 15.69 87.28 -56.07
CA LEU F 228 16.09 87.29 -57.48
C LEU F 228 15.75 88.63 -58.14
N VAL F 229 14.62 89.23 -57.76
CA VAL F 229 14.24 90.49 -58.37
C VAL F 229 15.17 91.60 -57.91
N SER F 230 15.58 91.59 -56.64
CA SER F 230 16.56 92.56 -56.17
C SER F 230 17.88 92.40 -56.92
N GLY F 231 18.33 91.16 -57.08
CA GLY F 231 19.58 90.93 -57.81
C GLY F 231 19.51 91.37 -59.25
N THR F 232 18.40 91.06 -59.93
CA THR F 232 18.25 91.46 -61.32
C THR F 232 18.19 92.98 -61.45
N ILE F 233 17.48 93.64 -60.54
CA ILE F 233 17.42 95.11 -60.57
C ILE F 233 18.82 95.68 -60.37
N ALA F 234 19.58 95.14 -59.42
CA ALA F 234 20.91 95.68 -59.15
C ALA F 234 21.84 95.49 -60.35
N THR F 235 21.84 94.31 -60.96
CA THR F 235 22.72 94.09 -62.10
C THR F 235 22.28 94.91 -63.31
N THR F 236 20.97 95.09 -63.51
CA THR F 236 20.51 95.95 -64.60
C THR F 236 20.91 97.39 -64.38
N PHE F 237 20.80 97.88 -63.14
CA PHE F 237 21.26 99.24 -62.84
C PHE F 237 22.75 99.38 -63.08
N GLN F 238 23.52 98.37 -62.67
CA GLN F 238 24.97 98.40 -62.92
C GLN F 238 25.25 98.43 -64.41
N ASP F 239 24.53 97.63 -65.19
CA ASP F 239 24.75 97.59 -66.64
C ASP F 239 24.40 98.93 -67.28
N TYR F 240 23.29 99.54 -66.85
CA TYR F 240 22.90 100.83 -67.40
C TYR F 240 23.91 101.91 -67.02
N ASP F 241 24.42 101.87 -65.79
CA ASP F 241 25.43 102.83 -65.39
C ASP F 241 26.71 102.65 -66.19
N GLU F 242 27.09 101.41 -66.46
CA GLU F 242 28.26 101.15 -67.29
C GLU F 242 28.04 101.67 -68.70
N SER F 243 26.84 101.48 -69.25
CA SER F 243 26.53 102.00 -70.58
C SER F 243 26.60 103.52 -70.60
N ARG F 244 26.07 104.16 -69.56
CA ARG F 244 26.11 105.63 -69.49
C ARG F 244 27.54 106.13 -69.38
N GLN F 245 28.37 105.49 -68.56
CA GLN F 245 29.77 105.91 -68.49
C GLN F 245 30.50 105.64 -69.79
N ALA F 246 30.15 104.57 -70.50
CA ALA F 246 30.79 104.27 -71.77
C ALA F 246 30.45 105.32 -72.83
N GLN F 247 29.17 105.68 -72.94
CA GLN F 247 28.81 106.70 -73.91
C GLN F 247 29.36 108.07 -73.49
N SER F 248 29.42 108.35 -72.18
CA SER F 248 30.01 109.60 -71.73
C SER F 248 31.49 109.67 -72.09
N GLU F 249 32.23 108.57 -71.90
CA GLU F 249 33.66 108.58 -72.23
C GLU F 249 33.87 108.62 -73.73
N ILE F 250 32.97 108.00 -74.51
CA ILE F 250 33.06 108.12 -75.97
C ILE F 250 32.87 109.56 -76.40
N MET F 251 31.86 110.24 -75.85
CA MET F 251 31.63 111.64 -76.19
C MET F 251 32.80 112.50 -75.75
N ARG F 252 33.39 112.19 -74.59
CA ARG F 252 34.56 112.95 -74.13
C ARG F 252 35.75 112.74 -75.06
N ILE F 253 35.92 111.51 -75.55
CA ILE F 253 36.98 111.22 -76.51
C ILE F 253 36.76 112.05 -77.78
N VAL F 254 35.51 112.09 -78.26
CA VAL F 254 35.20 112.89 -79.44
C VAL F 254 35.52 114.36 -79.18
N GLY F 255 35.13 114.87 -78.01
CA GLY F 255 35.37 116.27 -77.70
C GLY F 255 36.85 116.61 -77.64
N LYS F 256 37.66 115.74 -77.01
CA LYS F 256 39.09 116.00 -76.96
C LYS F 256 39.72 115.89 -78.34
N GLU F 257 39.18 115.02 -79.20
CA GLU F 257 39.62 115.01 -80.59
C GLU F 257 39.31 116.34 -81.26
N VAL F 258 38.13 116.90 -80.98
CA VAL F 258 37.79 118.22 -81.52
C VAL F 258 38.74 119.28 -80.97
N GLY F 259 39.06 119.21 -79.68
CA GLY F 259 39.99 120.14 -79.07
C GLY F 259 39.59 120.65 -77.69
N MET F 260 38.49 120.13 -77.14
CA MET F 260 38.03 120.59 -75.84
C MET F 260 38.94 120.04 -74.74
N PRO F 261 39.47 120.88 -73.82
CA PRO F 261 40.27 120.39 -72.69
C PRO F 261 39.43 120.10 -71.45
N THR F 262 38.39 119.28 -71.61
CA THR F 262 37.49 118.92 -70.50
C THR F 262 36.87 120.18 -69.88
N ASP F 263 36.55 121.15 -70.74
CA ASP F 263 36.09 122.48 -70.30
C ASP F 263 37.17 123.02 -69.37
N ASP F 264 36.87 123.35 -68.12
CA ASP F 264 37.87 123.76 -67.14
C ASP F 264 37.84 122.90 -65.88
N GLN F 265 36.65 122.55 -65.40
CA GLN F 265 36.53 121.68 -64.23
C GLN F 265 35.19 120.96 -64.30
N GLY F 266 35.18 119.71 -63.84
CA GLY F 266 33.98 118.90 -63.84
C GLY F 266 33.51 118.53 -62.46
N MET F 267 34.44 118.38 -61.52
CA MET F 267 34.10 117.95 -60.16
C MET F 267 33.52 119.10 -59.34
N PRO F 268 34.25 120.23 -59.17
CA PRO F 268 33.76 121.25 -58.24
C PRO F 268 32.53 121.99 -58.76
N ASP F 269 32.56 122.40 -60.02
CA ASP F 269 31.48 123.17 -60.62
C ASP F 269 31.60 123.05 -62.14
N MET F 270 30.86 123.92 -62.85
CA MET F 270 30.90 123.99 -64.30
C MET F 270 31.62 125.26 -64.74
N SER F 271 32.03 125.27 -66.00
CA SER F 271 32.73 126.42 -66.56
C SER F 271 32.57 126.40 -68.08
N ARG F 272 33.13 127.44 -68.71
CA ARG F 272 33.06 127.57 -70.16
C ARG F 272 34.17 126.76 -70.83
N ALA F 273 34.10 126.70 -72.15
CA ALA F 273 35.09 126.00 -72.97
C ALA F 273 35.33 126.83 -74.22
N SER F 274 36.04 126.24 -75.19
CA SER F 274 36.32 126.96 -76.43
C SER F 274 35.04 127.28 -77.19
N GLN F 275 34.11 126.33 -77.25
CA GLN F 275 32.84 126.49 -77.94
C GLN F 275 31.71 126.02 -77.04
N ASP F 276 30.57 126.69 -77.12
CA ASP F 276 29.47 126.40 -76.22
C ASP F 276 28.60 125.24 -76.73
N GLN F 277 28.07 125.38 -77.95
CA GLN F 277 27.13 124.40 -78.48
C GLN F 277 27.32 124.30 -79.99
N LEU F 278 26.87 123.17 -80.54
CA LEU F 278 26.90 122.92 -81.99
C LEU F 278 28.32 122.97 -82.53
N ASP F 279 29.24 122.32 -81.82
CA ASP F 279 30.62 122.25 -82.30
C ASP F 279 30.73 121.41 -83.57
N ALA F 280 30.14 120.22 -83.56
CA ALA F 280 30.24 119.32 -84.70
C ALA F 280 29.10 118.32 -84.62
N PHE F 281 28.88 117.61 -85.73
CA PHE F 281 27.82 116.62 -85.78
C PHE F 281 28.10 115.45 -84.84
N SER F 282 29.38 115.07 -84.70
CA SER F 282 29.73 113.91 -83.90
C SER F 282 29.32 114.10 -82.44
N ASN F 283 29.64 115.26 -81.87
CA ASN F 283 29.24 115.54 -80.50
C ASN F 283 27.71 115.63 -80.39
N ALA F 284 27.11 116.47 -81.24
CA ALA F 284 25.67 116.73 -81.16
C ALA F 284 24.83 115.50 -81.42
N LEU F 285 25.40 114.43 -81.98
CA LEU F 285 24.64 113.21 -82.20
C LEU F 285 24.11 112.63 -80.90
N ASN F 286 24.94 112.66 -79.84
CA ASN F 286 24.57 112.10 -78.54
C ASN F 286 24.57 113.13 -77.43
N GLU F 287 25.65 113.90 -77.29
CA GLU F 287 25.82 114.83 -76.18
C GLU F 287 25.68 114.10 -74.84
N ALA F 288 26.16 112.84 -74.80
CA ALA F 288 26.14 112.03 -73.59
C ALA F 288 24.72 111.87 -73.06
N GLY F 289 23.77 111.70 -73.97
CA GLY F 289 22.38 111.57 -73.60
C GLY F 289 21.70 112.90 -73.41
N VAL F 290 21.81 113.77 -74.42
CA VAL F 290 21.19 115.09 -74.37
C VAL F 290 21.74 115.87 -73.18
N GLN F 291 22.99 116.29 -73.27
CA GLN F 291 23.63 117.12 -72.24
C GLN F 291 23.63 116.41 -70.88
N ALA F 292 23.96 115.11 -70.89
CA ALA F 292 24.04 114.32 -69.67
C ALA F 292 22.74 114.37 -68.89
N ASN F 293 21.63 114.24 -69.60
CA ASN F 293 20.30 114.26 -68.99
C ASN F 293 19.97 112.85 -68.49
N THR F 294 20.63 112.47 -67.39
CA THR F 294 20.38 111.20 -66.74
C THR F 294 19.15 111.36 -65.81
N SER F 295 18.02 111.65 -66.44
CA SER F 295 16.81 111.90 -65.70
C SER F 295 16.38 110.64 -64.95
N PRO F 296 15.76 110.79 -63.78
CA PRO F 296 15.31 109.58 -63.06
C PRO F 296 14.35 108.73 -63.85
N THR F 297 13.47 109.34 -64.65
CA THR F 297 12.47 108.58 -65.38
C THR F 297 13.11 107.62 -66.37
N GLU F 298 14.22 108.05 -67.00
CA GLU F 298 14.95 107.23 -68.00
C GLU F 298 15.66 106.04 -67.34
N ARG F 299 16.05 106.18 -66.09
CA ARG F 299 16.62 105.07 -65.36
C ARG F 299 15.53 104.11 -64.86
N ARG F 300 14.40 104.67 -64.40
CA ARG F 300 13.30 103.80 -63.98
C ARG F 300 12.79 102.96 -65.15
N ASN F 301 12.65 103.57 -66.32
CA ASN F 301 12.21 102.82 -67.49
C ASN F 301 13.22 101.74 -67.87
N ALA F 302 14.51 102.07 -67.80
CA ALA F 302 15.54 101.10 -68.15
C ALA F 302 15.54 99.91 -67.19
N VAL F 303 15.42 100.19 -65.89
CA VAL F 303 15.45 99.11 -64.90
C VAL F 303 14.14 98.33 -64.86
N LEU F 304 13.04 98.93 -65.33
CA LEU F 304 11.75 98.25 -65.32
C LEU F 304 11.52 97.39 -66.56
N LYS F 305 12.25 97.65 -67.65
CA LYS F 305 11.98 96.97 -68.91
C LYS F 305 12.17 95.45 -68.79
N SER F 306 13.09 95.01 -67.94
CA SER F 306 13.31 93.60 -67.68
C SER F 306 12.70 93.17 -66.35
N LEU F 307 11.91 94.03 -65.71
CA LEU F 307 11.36 93.77 -64.39
C LEU F 307 9.90 93.34 -64.44
N VAL F 308 9.06 94.09 -65.15
CA VAL F 308 7.62 93.86 -65.18
C VAL F 308 7.28 92.73 -66.15
N ASP F 309 8.31 92.08 -66.70
CA ASP F 309 8.06 91.00 -67.66
C ASP F 309 7.28 89.86 -67.03
N ALA F 310 7.61 89.49 -65.79
CA ALA F 310 6.92 88.40 -65.11
C ALA F 310 7.30 88.39 -63.64
N GLY F 311 6.50 87.68 -62.86
CA GLY F 311 6.85 87.43 -61.46
C GLY F 311 6.94 88.68 -60.61
N VAL F 312 5.98 89.58 -60.72
CA VAL F 312 5.95 90.79 -59.90
C VAL F 312 4.52 91.03 -59.43
N SER F 313 4.40 91.71 -58.29
CA SER F 313 3.11 92.00 -57.70
C SER F 313 3.18 93.37 -57.02
N SER F 314 2.16 93.67 -56.21
CA SER F 314 2.11 94.96 -55.53
C SER F 314 3.31 95.15 -54.61
N LYS F 315 3.80 94.08 -54.00
CA LYS F 315 5.00 94.14 -53.17
C LYS F 315 6.28 94.04 -53.98
N GLY F 316 6.20 94.31 -55.29
CA GLY F 316 7.33 94.18 -56.19
C GLY F 316 7.96 95.52 -56.52
N ILE F 317 7.55 96.10 -57.64
CA ILE F 317 8.12 97.37 -58.08
C ILE F 317 7.89 98.44 -57.03
N ALA F 318 6.76 98.40 -56.32
CA ALA F 318 6.53 99.37 -55.27
C ALA F 318 7.59 99.27 -54.18
N GLN F 319 7.93 98.04 -53.78
CA GLN F 319 9.01 97.85 -52.82
C GLN F 319 10.34 98.29 -53.40
N ALA F 320 10.55 98.05 -54.68
CA ALA F 320 11.81 98.40 -55.33
C ALA F 320 11.98 99.89 -55.56
N LYS F 321 10.89 100.66 -55.47
CA LYS F 321 10.98 102.10 -55.75
C LYS F 321 11.88 102.80 -54.74
N GLN F 322 11.83 102.42 -53.46
CA GLN F 322 12.74 103.04 -52.50
C GLN F 322 14.19 102.67 -52.79
N GLU F 323 14.44 101.46 -53.28
CA GLU F 323 15.80 101.11 -53.69
C GLU F 323 16.24 101.96 -54.87
N MET F 324 15.34 102.18 -55.83
CA MET F 324 15.68 103.02 -56.98
C MET F 324 15.97 104.46 -56.55
N GLU F 325 15.16 105.02 -55.65
CA GLU F 325 15.42 106.39 -55.23
C GLU F 325 16.68 106.48 -54.39
N LEU F 326 17.00 105.43 -53.63
CA LEU F 326 18.29 105.38 -52.93
C LEU F 326 19.44 105.37 -53.94
N ARG F 327 19.32 104.59 -55.00
CA ARG F 327 20.35 104.58 -56.03
C ARG F 327 20.48 105.95 -56.69
N GLU F 328 19.36 106.63 -56.91
CA GLU F 328 19.42 107.99 -57.47
C GLU F 328 20.14 108.93 -56.51
N SER F 329 19.83 108.83 -55.21
CA SER F 329 20.49 109.68 -54.22
C SER F 329 21.97 109.35 -54.08
N LEU F 330 22.39 108.14 -54.45
CA LEU F 330 23.80 107.80 -54.40
C LEU F 330 24.63 108.72 -55.28
N GLU F 331 24.15 109.00 -56.49
CA GLU F 331 24.87 109.87 -57.41
C GLU F 331 24.03 111.10 -57.77
N GLY G 25 6.83 -74.86 45.95
CA GLY G 25 7.03 -73.89 47.06
C GLY G 25 8.00 -72.78 46.72
N THR G 26 8.90 -73.05 45.77
CA THR G 26 9.90 -72.08 45.34
C THR G 26 9.66 -71.60 43.91
N THR G 27 8.55 -71.98 43.28
CA THR G 27 8.26 -71.59 41.91
C THR G 27 7.21 -70.50 41.81
N GLY G 28 6.24 -70.47 42.72
CA GLY G 28 5.22 -69.44 42.68
C GLY G 28 5.63 -68.11 43.27
N VAL G 29 6.74 -68.07 44.01
CA VAL G 29 7.18 -66.81 44.61
C VAL G 29 7.59 -65.79 43.55
N GLN G 30 8.00 -66.25 42.37
CA GLN G 30 8.36 -65.30 41.31
C GLN G 30 7.16 -64.46 40.90
N GLN G 31 6.00 -65.10 40.73
CA GLN G 31 4.79 -64.35 40.44
C GLN G 31 4.43 -63.43 41.59
N ALA G 32 4.69 -63.86 42.83
CA ALA G 32 4.45 -63.01 43.99
C ALA G 32 5.27 -61.74 43.91
N LEU G 33 6.56 -61.87 43.59
CA LEU G 33 7.41 -60.68 43.51
C LEU G 33 7.01 -59.80 42.34
N GLY G 34 6.63 -60.40 41.21
CA GLY G 34 6.17 -59.60 40.09
C GLY G 34 4.92 -58.81 40.42
N ALA G 35 3.97 -59.45 41.11
CA ALA G 35 2.75 -58.77 41.52
C ALA G 35 3.00 -57.77 42.64
N LEU G 36 4.09 -57.91 43.39
CA LEU G 36 4.45 -56.90 44.36
C LEU G 36 5.12 -55.70 43.70
N GLY G 37 5.83 -55.90 42.58
CA GLY G 37 6.53 -54.82 41.93
C GLY G 37 5.72 -54.01 40.94
N ASP G 38 4.78 -54.66 40.25
CA ASP G 38 4.01 -53.92 39.23
C ASP G 38 3.19 -52.80 39.86
N ILE G 39 2.73 -53.00 41.09
CA ILE G 39 1.97 -51.95 41.77
C ILE G 39 2.85 -50.72 41.99
N ILE G 40 4.12 -50.94 42.34
CA ILE G 40 5.03 -49.82 42.50
C ILE G 40 5.27 -49.15 41.16
N SER G 41 5.34 -49.94 40.09
CA SER G 41 5.50 -49.36 38.76
C SER G 41 4.35 -48.43 38.41
N ARG G 42 3.10 -48.88 38.60
CA ARG G 42 1.98 -48.02 38.24
C ARG G 42 1.87 -46.83 39.18
N GLN G 43 2.21 -47.00 40.45
CA GLN G 43 2.23 -45.85 41.35
C GLN G 43 3.23 -44.81 40.87
N GLN G 44 4.39 -45.26 40.41
CA GLN G 44 5.38 -44.31 39.90
C GLN G 44 4.87 -43.59 38.66
N GLU G 45 4.17 -44.31 37.77
CA GLU G 45 3.61 -43.65 36.60
C GLU G 45 2.60 -42.59 36.99
N MET G 46 1.73 -42.91 37.95
CA MET G 46 0.78 -41.92 38.45
C MET G 46 1.50 -40.72 39.04
N ASN G 47 2.58 -40.96 39.77
CA ASN G 47 3.35 -39.86 40.34
C ASN G 47 3.91 -38.97 39.24
N VAL G 48 4.38 -39.57 38.15
CA VAL G 48 4.91 -38.78 37.03
C VAL G 48 3.83 -37.89 36.46
N ASN G 49 2.64 -38.45 36.23
CA ASN G 49 1.57 -37.63 35.66
C ASN G 49 1.20 -36.49 36.60
N ASN G 50 1.11 -36.77 37.90
CA ASN G 50 0.78 -35.72 38.87
C ASN G 50 1.85 -34.64 38.86
N ALA G 51 3.12 -35.02 38.75
CA ALA G 51 4.19 -34.03 38.72
C ALA G 51 4.07 -33.13 37.51
N LYS G 52 3.78 -33.70 36.35
CA LYS G 52 3.62 -32.86 35.16
C LYS G 52 2.47 -31.88 35.34
N LEU G 53 1.35 -32.35 35.90
CA LEU G 53 0.23 -31.45 36.14
C LEU G 53 0.60 -30.35 37.11
N GLN G 54 1.37 -30.69 38.15
CA GLN G 54 1.78 -29.68 39.12
C GLN G 54 2.66 -28.62 38.46
N ARG G 55 3.55 -29.05 37.56
CA ARG G 55 4.38 -28.08 36.85
C ARG G 55 3.52 -27.14 36.02
N GLU G 56 2.53 -27.69 35.32
CA GLU G 56 1.64 -26.83 34.54
C GLU G 56 0.90 -25.85 35.44
N ALA G 57 0.45 -26.32 36.60
CA ALA G 57 -0.25 -25.44 37.53
C ALA G 57 0.65 -24.30 38.00
N ASN G 58 1.91 -24.61 38.32
CA ASN G 58 2.84 -23.56 38.73
C ASN G 58 3.02 -22.53 37.64
N THR G 59 3.20 -23.00 36.39
CA THR G 59 3.40 -22.06 35.29
C THR G 59 2.22 -21.12 35.16
N GLN G 60 1.00 -21.67 35.13
CA GLN G 60 -0.17 -20.81 34.94
C GLN G 60 -0.39 -19.90 36.13
N SER G 61 -0.11 -20.38 37.34
CA SER G 61 -0.28 -19.53 38.52
C SER G 61 0.64 -18.32 38.44
N TYR G 62 1.90 -18.52 38.02
CA TYR G 62 2.77 -17.37 37.84
C TYR G 62 2.24 -16.45 36.75
N LEU G 63 1.84 -17.02 35.61
CA LEU G 63 1.46 -16.19 34.48
C LEU G 63 0.25 -15.32 34.80
N ASP G 64 -0.64 -15.81 35.67
CA ASP G 64 -1.82 -15.03 36.04
C ASP G 64 -1.43 -13.73 36.72
N GLN G 65 -0.43 -13.77 37.60
CA GLN G 65 -0.04 -12.56 38.32
C GLN G 65 0.38 -11.45 37.36
N VAL G 66 1.25 -11.78 36.40
CA VAL G 66 1.66 -10.78 35.42
C VAL G 66 0.48 -10.37 34.56
N ALA G 67 -0.43 -11.30 34.27
CA ALA G 67 -1.58 -10.94 33.44
C ALA G 67 -2.56 -10.02 34.15
N ALA G 68 -2.52 -9.95 35.48
CA ALA G 68 -3.47 -9.19 36.26
C ALA G 68 -2.84 -7.98 36.93
N SER G 69 -1.96 -7.29 36.21
CA SER G 69 -1.29 -6.09 36.70
C SER G 69 -1.53 -4.94 35.73
N THR G 70 -1.76 -3.76 36.29
CA THR G 70 -2.02 -2.60 35.46
C THR G 70 -0.73 -2.12 34.79
N LEU G 71 -0.90 -1.39 33.68
CA LEU G 71 0.25 -0.98 32.87
C LEU G 71 1.20 -0.09 33.66
N GLU G 72 0.65 0.79 34.50
CA GLU G 72 1.51 1.67 35.28
C GLU G 72 2.41 0.87 36.21
N GLN G 73 1.89 -0.22 36.79
CA GLN G 73 2.70 -1.03 37.68
C GLN G 73 3.86 -1.67 36.93
N LEU G 74 3.59 -2.25 35.76
CA LEU G 74 4.66 -2.88 35.00
C LEU G 74 5.67 -1.88 34.49
N SER G 75 5.24 -0.65 34.20
CA SER G 75 6.17 0.36 33.75
C SER G 75 7.20 0.69 34.83
N ASN G 76 6.75 0.83 36.07
CA ASN G 76 7.66 1.14 37.17
C ASN G 76 8.62 -0.01 37.39
N ALA G 77 9.92 0.28 37.30
CA ALA G 77 10.94 -0.77 37.36
C ALA G 77 11.36 -1.09 38.78
N ASP G 78 10.38 -1.27 39.64
CA ASP G 78 10.58 -1.86 40.96
C ASP G 78 9.58 -2.97 41.24
N TYR G 79 8.35 -2.83 40.76
CA TYR G 79 7.37 -3.90 40.87
C TYR G 79 7.79 -5.10 40.03
N ARG G 80 8.25 -4.86 38.79
CA ARG G 80 8.62 -5.97 37.92
C ARG G 80 9.86 -6.68 38.42
N SER G 81 10.74 -5.98 39.14
CA SER G 81 11.90 -6.66 39.72
C SER G 81 11.46 -7.77 40.67
N GLY G 82 10.55 -7.45 41.59
CA GLY G 82 10.03 -8.49 42.47
C GLY G 82 9.23 -9.53 41.71
N LEU G 83 8.47 -9.09 40.70
CA LEU G 83 7.66 -10.04 39.95
C LEU G 83 8.53 -11.09 39.26
N GLU G 84 9.63 -10.68 38.66
CA GLU G 84 10.52 -11.60 37.98
C GLU G 84 11.53 -12.25 38.93
N ALA G 85 11.63 -11.77 40.16
CA ALA G 85 12.34 -12.51 41.19
C ALA G 85 11.54 -13.70 41.70
N GLN G 86 10.22 -13.57 41.78
CA GLN G 86 9.40 -14.76 42.06
C GLN G 86 9.55 -15.81 40.98
N ARG G 87 9.85 -15.41 39.75
CA ARG G 87 10.12 -16.34 38.66
C ARG G 87 11.48 -17.00 38.77
N ASP G 88 12.39 -16.44 39.55
CA ASP G 88 13.73 -16.98 39.70
C ASP G 88 13.89 -17.73 41.01
N ALA G 89 12.99 -17.54 41.96
CA ALA G 89 13.03 -18.34 43.18
C ALA G 89 12.65 -19.78 42.89
N MET G 90 11.56 -20.00 42.17
CA MET G 90 11.26 -21.32 41.64
C MET G 90 12.28 -21.63 40.55
N GLY G 91 12.78 -22.86 40.53
CA GLY G 91 13.82 -23.21 39.60
C GLY G 91 13.24 -23.68 38.28
N MET G 92 13.52 -24.93 37.93
CA MET G 92 12.95 -25.53 36.74
C MET G 92 11.57 -26.13 37.02
N ASN G 93 10.91 -25.70 38.09
CA ASN G 93 9.55 -26.10 38.40
C ASN G 93 8.52 -25.26 37.67
N LEU G 94 8.93 -24.56 36.62
CA LEU G 94 8.05 -23.79 35.75
C LEU G 94 8.27 -24.32 34.34
N ASP G 95 7.68 -23.66 33.36
CA ASP G 95 8.03 -23.97 31.98
C ASP G 95 9.37 -23.37 31.60
N ARG G 96 9.66 -22.15 32.06
CA ARG G 96 10.85 -21.37 31.75
C ARG G 96 10.89 -20.90 30.30
N ALA G 97 9.95 -21.32 29.46
CA ALA G 97 9.72 -20.75 28.15
C ALA G 97 8.23 -20.50 28.05
N ALA G 98 7.87 -19.47 27.29
CA ALA G 98 6.52 -18.91 27.29
C ALA G 98 6.19 -18.23 28.62
N THR G 99 7.17 -18.07 29.51
CA THR G 99 7.05 -17.22 30.69
C THR G 99 8.26 -16.31 30.80
N ARG G 100 8.99 -16.11 29.71
CA ARG G 100 10.16 -15.25 29.68
C ARG G 100 9.80 -13.84 29.21
N ASP G 101 9.21 -13.75 28.02
CA ASP G 101 8.77 -12.46 27.48
C ASP G 101 7.29 -12.25 27.77
N ALA G 102 6.95 -12.29 29.05
CA ALA G 102 5.59 -12.09 29.50
C ALA G 102 5.29 -10.64 29.84
N ILE G 103 6.19 -9.96 30.55
CA ILE G 103 5.96 -8.56 30.89
C ILE G 103 5.93 -7.71 29.64
N THR G 104 6.88 -7.93 28.73
CA THR G 104 6.92 -7.12 27.52
C THR G 104 5.68 -7.36 26.66
N LYS G 105 5.28 -8.62 26.50
CA LYS G 105 4.08 -8.91 25.73
C LYS G 105 2.87 -8.27 26.37
N GLN G 106 2.78 -8.33 27.70
CA GLN G 106 1.62 -7.76 28.37
C GLN G 106 1.54 -6.26 28.16
N ILE G 107 2.67 -5.56 28.30
CA ILE G 107 2.61 -4.11 28.14
C ILE G 107 2.30 -3.73 26.70
N SER G 108 2.85 -4.48 25.74
CA SER G 108 2.54 -4.17 24.34
C SER G 108 1.05 -4.38 24.07
N ALA G 109 0.48 -5.47 24.58
CA ALA G 109 -0.94 -5.71 24.37
C ALA G 109 -1.79 -4.61 25.01
N GLN G 110 -1.43 -4.20 26.22
CA GLN G 110 -2.21 -3.16 26.89
C GLN G 110 -2.13 -1.84 26.13
N GLN G 111 -0.94 -1.50 25.62
CA GLN G 111 -0.83 -0.27 24.84
C GLN G 111 -1.69 -0.33 23.59
N ASN G 112 -1.66 -1.46 22.87
CA ASN G 112 -2.48 -1.58 21.67
C ASN G 112 -3.96 -1.44 22.02
N GLN G 113 -4.38 -2.06 23.10
CA GLN G 113 -5.79 -2.00 23.48
C GLN G 113 -6.20 -0.58 23.83
N ALA G 114 -5.34 0.17 24.53
CA ALA G 114 -5.65 1.55 24.84
C ALA G 114 -5.78 2.39 23.57
N ALA G 115 -4.88 2.19 22.61
CA ALA G 115 -4.98 2.94 21.37
C ALA G 115 -6.29 2.63 20.65
N ALA G 116 -6.66 1.36 20.59
CA ALA G 116 -7.91 1.00 19.92
C ALA G 116 -9.10 1.61 20.62
N THR G 117 -9.09 1.63 21.96
CA THR G 117 -10.20 2.23 22.69
C THR G 117 -10.32 3.71 22.38
N GLN G 118 -9.18 4.40 22.29
CA GLN G 118 -9.25 5.83 21.97
C GLN G 118 -9.81 6.05 20.57
N LYS G 119 -9.39 5.22 19.61
CA LYS G 119 -9.95 5.36 18.26
C LYS G 119 -11.46 5.17 18.27
N PHE G 120 -11.93 4.16 19.00
CA PHE G 120 -13.37 3.92 19.08
C PHE G 120 -14.10 5.10 19.69
N ASP G 121 -13.54 5.65 20.77
CA ASP G 121 -14.19 6.79 21.41
C ASP G 121 -14.28 7.99 20.48
N ASP G 122 -13.21 8.25 19.72
CA ASP G 122 -13.25 9.37 18.78
C ASP G 122 -14.31 9.14 17.71
N MET G 123 -14.39 7.93 17.18
CA MET G 123 -15.39 7.65 16.14
C MET G 123 -16.80 7.89 16.68
N GLN G 124 -17.08 7.37 17.88
CA GLN G 124 -18.42 7.55 18.44
C GLN G 124 -18.70 9.03 18.70
N ALA G 125 -17.69 9.78 19.14
CA ALA G 125 -17.89 11.20 19.38
C ALA G 125 -18.25 11.93 18.09
N GLU G 126 -17.57 11.61 16.98
CA GLU G 126 -17.95 12.22 15.71
C GLU G 126 -19.37 11.87 15.32
N VAL G 127 -19.73 10.59 15.47
CA VAL G 127 -21.08 10.17 15.09
C VAL G 127 -22.11 10.94 15.90
N GLY G 128 -21.84 11.15 17.18
CA GLY G 128 -22.79 11.88 18.00
C GLY G 128 -22.81 13.36 17.70
N GLN G 129 -21.68 13.91 17.26
CA GLN G 129 -21.60 15.34 16.96
C GLN G 129 -22.08 15.70 15.57
N ARG G 130 -22.41 14.71 14.75
CA ARG G 130 -22.88 14.98 13.38
C ARG G 130 -24.04 15.97 13.29
N GLY G 131 -24.75 16.24 14.38
CA GLY G 131 -25.87 17.16 14.33
C GLY G 131 -25.50 18.62 14.45
N ILE G 132 -24.58 18.92 15.35
CA ILE G 132 -24.15 20.30 15.55
C ILE G 132 -23.44 20.81 14.30
N VAL G 133 -22.60 19.98 13.69
CA VAL G 133 -21.93 20.37 12.46
C VAL G 133 -22.96 20.68 11.38
N ASP G 134 -24.03 19.88 11.33
CA ASP G 134 -25.10 20.11 10.36
C ASP G 134 -25.75 21.47 10.58
N GLN G 135 -26.09 21.78 11.83
CA GLN G 135 -26.72 23.07 12.11
C GLN G 135 -25.78 24.21 11.75
N LEU G 136 -24.48 24.04 12.03
CA LEU G 136 -23.51 25.07 11.67
C LEU G 136 -23.47 25.28 10.17
N ARG G 137 -23.47 24.19 9.40
CA ARG G 137 -23.49 24.31 7.95
C ARG G 137 -24.72 25.07 7.48
N THR G 138 -25.88 24.75 8.05
CA THR G 138 -27.10 25.46 7.65
C THR G 138 -26.99 26.94 7.99
N LEU G 139 -26.44 27.27 9.15
CA LEU G 139 -26.39 28.67 9.59
C LEU G 139 -25.37 29.49 8.82
N SER G 140 -24.27 28.88 8.39
CA SER G 140 -23.19 29.63 7.77
C SER G 140 -23.45 29.95 6.31
N ALA G 141 -24.43 29.30 5.68
CA ALA G 141 -24.77 29.57 4.29
C ALA G 141 -25.77 30.71 4.14
N GLU G 142 -26.30 31.22 5.25
CA GLU G 142 -27.21 32.35 5.24
C GLU G 142 -26.51 33.66 5.52
N GLY G 143 -25.19 33.65 5.70
CA GLY G 143 -24.43 34.83 6.01
C GLY G 143 -24.21 35.09 7.48
N ARG G 144 -25.00 34.46 8.35
CA ARG G 144 -24.85 34.67 9.79
C ARG G 144 -23.58 33.97 10.27
N ALA G 145 -22.50 34.73 10.38
CA ALA G 145 -21.24 34.22 10.91
C ALA G 145 -21.02 34.57 12.37
N GLY G 146 -21.66 35.63 12.87
CA GLY G 146 -21.53 35.94 14.28
C GLY G 146 -22.06 34.83 15.17
N GLU G 147 -23.12 34.18 14.73
CA GLU G 147 -23.67 33.05 15.47
C GLU G 147 -22.91 31.76 15.23
N VAL G 148 -21.96 31.75 14.30
CA VAL G 148 -21.13 30.57 14.07
C VAL G 148 -19.91 30.58 14.98
N ASN G 149 -19.25 31.72 15.12
CA ASN G 149 -18.19 31.85 16.13
C ASN G 149 -18.78 32.31 17.46
N GLN G 150 -19.89 31.70 17.84
CA GLN G 150 -20.38 31.70 19.21
C GLN G 150 -20.97 30.36 19.61
N ILE G 151 -21.10 29.42 18.67
CA ILE G 151 -21.37 28.04 18.98
C ILE G 151 -20.10 27.20 18.91
N LEU G 152 -19.13 27.61 18.09
CA LEU G 152 -17.82 27.00 18.04
C LEU G 152 -16.87 27.55 19.09
N ALA G 153 -17.41 28.22 20.13
CA ALA G 153 -16.62 28.67 21.26
C ALA G 153 -17.11 28.15 22.59
N GLU G 154 -18.39 27.74 22.69
CA GLU G 154 -18.92 27.11 23.90
C GLU G 154 -19.11 25.62 23.72
N GLN G 155 -19.79 25.20 22.66
CA GLN G 155 -19.90 23.79 22.30
C GLN G 155 -18.64 23.39 21.53
N GLN G 156 -17.51 23.57 22.20
CA GLN G 156 -16.21 23.36 21.58
C GLN G 156 -15.79 21.91 21.81
N LEU G 157 -14.52 21.60 21.55
CA LEU G 157 -14.02 20.24 21.62
C LEU G 157 -14.76 19.34 20.64
N ILE G 158 -15.29 19.95 19.56
CA ILE G 158 -15.75 19.16 18.43
C ILE G 158 -14.55 18.39 17.91
N ASN G 159 -14.81 17.16 17.47
CA ASN G 159 -13.70 16.24 17.22
C ASN G 159 -12.84 16.61 16.02
N GLU G 160 -13.10 17.74 15.35
CA GLU G 160 -12.28 18.15 14.22
C GLU G 160 -12.15 19.67 14.21
N GLY G 161 -10.93 20.15 14.15
CA GLY G 161 -10.64 21.56 14.01
C GLY G 161 -10.52 22.04 12.58
N GLU G 162 -10.76 21.15 11.60
CA GLU G 162 -10.78 21.54 10.20
C GLU G 162 -12.16 21.95 9.71
N ILE G 163 -13.21 21.66 10.49
CA ILE G 163 -14.51 22.24 10.21
C ILE G 163 -14.47 23.75 10.38
N ARG G 164 -13.58 24.24 11.25
CA ARG G 164 -13.43 25.67 11.45
C ARG G 164 -12.87 26.38 10.24
N LYS G 165 -12.32 25.63 9.27
CA LYS G 165 -11.74 26.22 8.07
C LYS G 165 -12.70 26.19 6.89
N GLU G 166 -13.54 25.15 6.77
CA GLU G 166 -14.45 25.07 5.65
C GLU G 166 -15.47 26.20 5.66
N LEU G 167 -15.99 26.54 6.83
CA LEU G 167 -17.01 27.59 6.92
C LEU G 167 -16.44 28.95 6.54
N THR G 168 -15.21 29.23 6.99
CA THR G 168 -14.58 30.49 6.62
C THR G 168 -14.49 30.63 5.11
N GLY G 169 -14.17 29.54 4.42
CA GLY G 169 -14.18 29.57 2.97
C GLY G 169 -15.54 29.95 2.41
N VAL G 170 -16.60 29.46 3.04
CA VAL G 170 -17.94 29.78 2.57
C VAL G 170 -18.21 31.27 2.69
N GLN G 171 -17.92 31.85 3.85
CA GLN G 171 -18.22 33.27 4.02
C GLN G 171 -17.34 34.12 3.12
N ASP G 172 -16.07 33.72 2.92
CA ASP G 172 -15.21 34.43 2.00
C ASP G 172 -15.76 34.36 0.57
N ALA G 173 -16.27 33.20 0.17
CA ALA G 173 -16.85 33.09 -1.16
C ALA G 173 -18.04 34.02 -1.31
N ILE G 174 -18.88 34.12 -0.27
CA ILE G 174 -20.03 35.01 -0.36
C ILE G 174 -19.58 36.45 -0.54
N GLN G 175 -18.61 36.88 0.27
CA GLN G 175 -18.13 38.26 0.16
C GLN G 175 -17.52 38.51 -1.21
N ASN G 176 -16.74 37.56 -1.71
CA ASN G 176 -16.12 37.73 -3.02
C ASN G 176 -17.17 37.85 -4.12
N ARG G 177 -18.23 37.05 -4.04
CA ARG G 177 -19.29 37.15 -5.03
C ARG G 177 -19.94 38.52 -5.01
N GLN G 178 -20.22 39.03 -3.81
CA GLN G 178 -20.82 40.36 -3.73
C GLN G 178 -19.89 41.43 -4.33
N TYR G 179 -18.60 41.34 -4.04
CA TYR G 179 -17.66 42.32 -4.56
C TYR G 179 -17.58 42.26 -6.08
N ARG G 180 -17.58 41.04 -6.64
CA ARG G 180 -17.54 40.92 -8.09
C ARG G 180 -18.78 41.52 -8.73
N ALA G 181 -19.95 41.30 -8.12
CA ALA G 181 -21.16 41.90 -8.67
C ALA G 181 -21.07 43.42 -8.67
N ALA G 182 -20.59 44.00 -7.57
CA ALA G 182 -20.43 45.45 -7.51
C ALA G 182 -19.47 45.94 -8.58
N GLY G 183 -18.36 45.22 -8.78
CA GLY G 183 -17.40 45.64 -9.78
C GLY G 183 -17.97 45.64 -11.18
N GLU G 184 -18.74 44.60 -11.52
CA GLU G 184 -19.37 44.58 -12.83
C GLU G 184 -20.34 45.74 -12.99
N GLN G 185 -21.11 46.03 -11.94
CA GLN G 185 -22.03 47.15 -11.99
C GLN G 185 -21.29 48.45 -12.27
N ARG G 186 -20.14 48.64 -11.63
CA ARG G 186 -19.35 49.86 -11.88
C ARG G 186 -18.83 49.89 -13.31
N ALA G 187 -18.34 48.77 -13.81
CA ALA G 187 -17.76 48.74 -15.15
C ALA G 187 -18.79 49.11 -16.21
N GLN G 188 -20.04 48.66 -16.03
CA GLN G 188 -21.06 48.98 -17.01
C GLN G 188 -21.26 50.49 -17.14
N ALA G 189 -21.39 51.17 -16.00
CA ALA G 189 -21.58 52.61 -16.02
C ALA G 189 -20.36 53.32 -16.63
N ALA G 190 -19.16 52.82 -16.31
CA ALA G 190 -17.97 53.42 -16.90
C ALA G 190 -18.03 53.33 -18.42
N ALA G 191 -18.44 52.18 -18.95
CA ALA G 191 -18.53 52.02 -20.39
C ALA G 191 -19.56 52.99 -20.99
N ASN G 192 -20.71 53.14 -20.34
CA ASN G 192 -21.72 54.05 -20.86
C ASN G 192 -21.18 55.49 -20.92
N ARG G 193 -20.52 55.92 -19.85
CA ARG G 193 -19.95 57.27 -19.85
C ARG G 193 -18.94 57.44 -20.97
N ALA G 194 -18.08 56.44 -21.17
CA ALA G 194 -17.10 56.53 -22.24
C ALA G 194 -17.78 56.67 -23.59
N ALA G 195 -18.84 55.91 -23.83
CA ALA G 195 -19.53 55.99 -25.11
C ALA G 195 -20.10 57.38 -25.34
N GLU G 196 -20.75 57.95 -24.32
CA GLU G 196 -21.33 59.27 -24.48
C GLU G 196 -20.26 60.32 -24.77
N ALA G 197 -19.14 60.27 -24.03
CA ALA G 197 -18.08 61.23 -24.25
C ALA G 197 -17.53 61.11 -25.66
N HIS G 198 -17.33 59.89 -26.15
CA HIS G 198 -16.82 59.70 -27.49
C HIS G 198 -17.77 60.28 -28.53
N SER G 199 -19.08 60.06 -28.34
CA SER G 199 -20.03 60.60 -29.31
C SER G 199 -19.93 62.11 -29.39
N LEU G 200 -19.90 62.78 -28.23
CA LEU G 200 -19.81 64.24 -28.25
C LEU G 200 -18.52 64.70 -28.90
N SER G 201 -17.39 64.06 -28.54
CA SER G 201 -16.11 64.48 -29.09
C SER G 201 -16.07 64.33 -30.60
N MET G 202 -16.62 63.22 -31.11
CA MET G 202 -16.65 63.02 -32.55
C MET G 202 -17.47 64.09 -33.24
N ALA G 203 -18.64 64.43 -32.68
CA ALA G 203 -19.45 65.47 -33.30
C ALA G 203 -18.67 66.78 -33.37
N ALA G 204 -18.05 67.18 -32.25
CA ALA G 204 -17.31 68.44 -32.24
C ALA G 204 -16.16 68.40 -33.24
N GLY G 205 -15.43 67.29 -33.30
CA GLY G 205 -14.30 67.22 -34.21
C GLY G 205 -14.71 67.29 -35.66
N ARG G 206 -15.79 66.61 -36.03
CA ARG G 206 -16.27 66.68 -37.41
C ARG G 206 -16.67 68.10 -37.76
N GLU G 207 -17.37 68.78 -36.85
CA GLU G 207 -17.73 70.18 -37.09
C GLU G 207 -16.48 71.02 -37.33
N ASN G 208 -15.47 70.85 -36.48
CA ASN G 208 -14.25 71.65 -36.61
C ASN G 208 -13.56 71.37 -37.94
N LEU G 209 -13.55 70.10 -38.36
CA LEU G 209 -12.89 69.77 -39.62
C LEU G 209 -13.56 70.45 -40.79
N ALA G 210 -14.90 70.36 -40.86
CA ALA G 210 -15.59 71.03 -41.97
C ALA G 210 -15.40 72.54 -41.89
N PHE G 211 -15.35 73.08 -40.68
CA PHE G 211 -15.14 74.50 -40.45
C PHE G 211 -13.82 74.95 -41.07
N THR G 212 -12.74 74.25 -40.72
CA THR G 212 -11.42 74.59 -41.23
C THR G 212 -11.35 74.39 -42.74
N ARG G 213 -12.01 73.34 -43.26
CA ARG G 213 -11.99 73.12 -44.70
C ARG G 213 -12.64 74.27 -45.44
N GLU G 214 -13.77 74.77 -44.93
CA GLU G 214 -14.42 75.92 -45.57
C GLU G 214 -13.52 77.14 -45.54
N GLN G 215 -12.90 77.42 -44.39
CA GLN G 215 -12.00 78.58 -44.33
C GLN G 215 -10.85 78.42 -45.31
N ARG G 216 -10.29 77.23 -45.39
CA ARG G 216 -9.19 76.94 -46.32
C ARG G 216 -9.61 77.22 -47.75
N ASP G 217 -10.79 76.72 -48.14
CA ASP G 217 -11.25 76.92 -49.50
C ASP G 217 -11.44 78.39 -49.80
N GLU G 218 -12.00 79.15 -48.85
CA GLU G 218 -12.20 80.58 -49.07
C GLU G 218 -10.86 81.27 -49.30
N LEU G 219 -9.88 80.98 -48.45
CA LEU G 219 -8.57 81.63 -48.59
C LEU G 219 -7.92 81.27 -49.92
N ARG G 220 -7.99 80.00 -50.31
CA ARG G 220 -7.40 79.58 -51.57
C ARG G 220 -8.08 80.25 -52.76
N ARG G 221 -9.41 80.35 -52.71
CA ARG G 221 -10.13 81.03 -53.79
C ARG G 221 -9.70 82.48 -53.88
N ASP G 222 -9.54 83.14 -52.73
CA ASP G 222 -9.10 84.54 -52.74
C ASP G 222 -7.74 84.69 -53.39
N ARG G 223 -6.79 83.82 -53.00
CA ARG G 223 -5.44 83.91 -53.57
C ARG G 223 -5.47 83.64 -55.08
N ASP G 224 -6.24 82.62 -55.50
CA ASP G 224 -6.33 82.33 -56.92
C ASP G 224 -6.92 83.51 -57.69
N GLU G 225 -7.97 84.12 -57.15
CA GLU G 225 -8.56 85.26 -57.82
C GLU G 225 -7.58 86.42 -57.91
N ALA G 226 -6.81 86.66 -56.85
CA ALA G 226 -5.84 87.73 -56.86
C ALA G 226 -4.80 87.52 -57.95
N LYS G 227 -4.21 86.32 -58.01
CA LYS G 227 -3.19 86.08 -59.03
C LYS G 227 -3.79 86.14 -60.43
N LEU G 228 -4.99 85.58 -60.61
CA LEU G 228 -5.60 85.59 -61.94
C LEU G 228 -5.92 87.01 -62.39
N VAL G 229 -6.45 87.85 -61.50
CA VAL G 229 -6.77 89.21 -61.89
C VAL G 229 -5.50 89.99 -62.17
N SER G 230 -4.43 89.75 -61.40
CA SER G 230 -3.16 90.40 -61.70
C SER G 230 -2.67 90.01 -63.09
N GLY G 231 -2.72 88.73 -63.42
CA GLY G 231 -2.27 88.29 -64.74
C GLY G 231 -3.11 88.87 -65.85
N THR G 232 -4.44 88.86 -65.68
CA THR G 232 -5.32 89.43 -66.70
C THR G 232 -5.06 90.91 -66.89
N ILE G 233 -4.88 91.64 -65.79
CA ILE G 233 -4.60 93.07 -65.89
C ILE G 233 -3.30 93.30 -66.62
N ALA G 234 -2.27 92.51 -66.30
CA ALA G 234 -0.97 92.66 -66.96
C ALA G 234 -1.08 92.42 -68.46
N THR G 235 -1.76 91.34 -68.86
CA THR G 235 -1.84 91.03 -70.28
C THR G 235 -2.72 92.05 -71.01
N THR G 236 -3.77 92.54 -70.36
CA THR G 236 -4.61 93.58 -70.99
C THR G 236 -3.82 94.88 -71.16
N PHE G 237 -3.03 95.26 -70.15
CA PHE G 237 -2.21 96.46 -70.28
C PHE G 237 -1.19 96.29 -71.39
N GLN G 238 -0.58 95.11 -71.49
CA GLN G 238 0.37 94.85 -72.57
C GLN G 238 -0.32 94.94 -73.92
N ASP G 239 -1.52 94.38 -74.04
CA ASP G 239 -2.24 94.41 -75.31
C ASP G 239 -2.60 95.84 -75.69
N TYR G 240 -3.07 96.62 -74.72
CA TYR G 240 -3.43 98.01 -75.01
C TYR G 240 -2.20 98.82 -75.40
N ASP G 241 -1.08 98.59 -74.72
CA ASP G 241 0.15 99.31 -75.08
C ASP G 241 0.62 98.93 -76.47
N GLU G 242 0.51 97.64 -76.83
CA GLU G 242 0.88 97.22 -78.18
C GLU G 242 -0.05 97.86 -79.21
N SER G 243 -1.34 97.93 -78.91
CA SER G 243 -2.26 98.60 -79.84
C SER G 243 -1.92 100.07 -79.99
N ARG G 244 -1.59 100.75 -78.89
CA ARG G 244 -1.25 102.16 -78.95
C ARG G 244 0.02 102.39 -79.75
N GLN G 245 1.04 101.55 -79.53
CA GLN G 245 2.28 101.72 -80.30
C GLN G 245 2.06 101.37 -81.77
N ALA G 246 1.19 100.40 -82.06
CA ALA G 246 0.91 100.05 -83.44
C ALA G 246 0.21 101.20 -84.16
N GLN G 247 -0.82 101.78 -83.55
CA GLN G 247 -1.49 102.90 -84.19
C GLN G 247 -0.58 104.11 -84.29
N SER G 248 0.28 104.32 -83.27
CA SER G 248 1.23 105.43 -83.33
C SER G 248 2.21 105.25 -84.48
N GLU G 249 2.72 104.03 -84.68
CA GLU G 249 3.68 103.81 -85.77
C GLU G 249 3.00 103.86 -87.12
N ILE G 250 1.74 103.44 -87.22
CA ILE G 250 1.00 103.57 -88.48
C ILE G 250 0.81 105.04 -88.82
N MET G 251 0.43 105.86 -87.82
CA MET G 251 0.30 107.29 -88.06
C MET G 251 1.64 107.93 -88.41
N ARG G 252 2.73 107.45 -87.80
CA ARG G 252 4.05 107.96 -88.16
C ARG G 252 4.40 107.60 -89.60
N ILE G 253 4.05 106.39 -90.03
CA ILE G 253 4.27 106.00 -91.42
C ILE G 253 3.49 106.93 -92.34
N VAL G 254 2.24 107.22 -92.00
CA VAL G 254 1.43 108.14 -92.80
C VAL G 254 2.09 109.51 -92.85
N GLY G 255 2.57 110.00 -91.70
CA GLY G 255 3.18 111.31 -91.66
C GLY G 255 4.43 111.40 -92.52
N LYS G 256 5.29 110.38 -92.44
CA LYS G 256 6.49 110.38 -93.28
C LYS G 256 6.12 110.24 -94.75
N GLU G 257 5.01 109.55 -95.05
CA GLU G 257 4.52 109.53 -96.42
C GLU G 257 4.12 110.93 -96.88
N VAL G 258 3.48 111.70 -95.99
CA VAL G 258 3.17 113.09 -96.32
C VAL G 258 4.45 113.88 -96.56
N GLY G 259 5.42 113.72 -95.67
CA GLY G 259 6.71 114.38 -95.83
C GLY G 259 7.34 114.87 -94.54
N MET G 260 6.59 114.85 -93.45
CA MET G 260 7.10 115.37 -92.18
C MET G 260 8.20 114.46 -91.65
N PRO G 261 9.42 114.97 -91.39
CA PRO G 261 10.49 114.10 -90.86
C PRO G 261 10.55 114.08 -89.33
N THR G 262 9.53 113.47 -88.71
CA THR G 262 9.49 113.32 -87.25
C THR G 262 9.56 114.68 -86.55
N ASP G 263 8.99 115.70 -87.20
CA ASP G 263 9.15 117.09 -86.76
C ASP G 263 10.66 117.35 -86.70
N ASP G 264 11.23 117.69 -85.54
CA ASP G 264 12.67 117.82 -85.39
C ASP G 264 13.24 116.90 -84.32
N GLN G 265 12.56 116.76 -83.18
CA GLN G 265 13.02 115.89 -82.11
C GLN G 265 11.83 115.46 -81.26
N GLY G 266 11.89 114.24 -80.77
CA GLY G 266 10.83 113.70 -79.94
C GLY G 266 11.26 113.37 -78.54
N MET G 267 12.53 112.99 -78.36
CA MET G 267 13.04 112.60 -77.06
C MET G 267 13.40 113.82 -76.20
N PRO G 268 14.24 114.75 -76.70
CA PRO G 268 14.68 115.85 -75.83
C PRO G 268 13.54 116.79 -75.46
N ASP G 269 12.79 117.26 -76.46
CA ASP G 269 11.73 118.23 -76.27
C ASP G 269 10.84 118.21 -77.50
N MET G 270 9.95 119.19 -77.60
CA MET G 270 9.08 119.37 -78.76
C MET G 270 9.57 120.56 -79.59
N SER G 271 9.28 120.51 -80.88
CA SER G 271 9.72 121.55 -81.80
C SER G 271 8.78 121.62 -82.99
N ARG G 272 8.97 122.64 -83.82
CA ARG G 272 8.13 122.86 -84.98
C ARG G 272 8.49 121.88 -86.10
N ALA G 273 7.60 121.81 -87.09
CA ALA G 273 7.79 120.97 -88.27
C ALA G 273 7.47 121.76 -89.53
N SER G 274 7.41 121.08 -90.68
CA SER G 274 7.08 121.76 -91.92
C SER G 274 5.67 122.34 -91.88
N GLN G 275 4.71 121.57 -91.34
CA GLN G 275 3.34 122.00 -91.20
C GLN G 275 2.87 121.71 -89.78
N ASP G 276 2.00 122.58 -89.26
CA ASP G 276 1.61 122.49 -87.85
C ASP G 276 0.45 121.53 -87.64
N GLN G 277 -0.68 121.78 -88.30
CA GLN G 277 -1.89 121.00 -88.08
C GLN G 277 -2.66 120.90 -89.38
N LEU G 278 -3.59 119.93 -89.41
CA LEU G 278 -4.41 119.68 -90.59
C LEU G 278 -3.55 119.39 -91.82
N ASP G 279 -2.49 118.59 -91.62
CA ASP G 279 -1.61 118.23 -92.73
C ASP G 279 -2.37 117.45 -93.79
N ALA G 280 -3.18 116.48 -93.38
CA ALA G 280 -3.93 115.66 -94.32
C ALA G 280 -5.09 115.01 -93.59
N PHE G 281 -6.05 114.50 -94.36
CA PHE G 281 -7.21 113.85 -93.77
C PHE G 281 -6.81 112.56 -93.05
N SER G 282 -5.82 111.84 -93.59
CA SER G 282 -5.39 110.59 -92.97
C SER G 282 -4.84 110.84 -91.56
N ASN G 283 -4.01 111.87 -91.41
CA ASN G 283 -3.52 112.22 -90.08
C ASN G 283 -4.65 112.76 -89.21
N ALA G 284 -5.47 113.65 -89.76
CA ALA G 284 -6.55 114.23 -88.98
C ALA G 284 -7.55 113.18 -88.49
N LEU G 285 -7.57 112.01 -89.11
CA LEU G 285 -8.50 110.96 -88.69
C LEU G 285 -8.21 110.50 -87.26
N ASN G 286 -6.94 110.23 -86.95
CA ASN G 286 -6.55 109.68 -85.66
C ASN G 286 -5.61 110.56 -84.87
N GLU G 287 -4.53 111.05 -85.50
CA GLU G 287 -3.50 111.81 -84.80
C GLU G 287 -2.92 111.01 -83.64
N ALA G 288 -2.82 109.69 -83.81
CA ALA G 288 -2.23 108.79 -82.83
C ALA G 288 -2.95 108.90 -81.49
N GLY G 289 -4.27 108.93 -81.54
CA GLY G 289 -5.08 109.04 -80.34
C GLY G 289 -5.24 110.48 -79.89
N VAL G 290 -5.60 111.37 -80.83
CA VAL G 290 -5.80 112.78 -80.53
C VAL G 290 -4.51 113.37 -79.98
N GLN G 291 -3.51 113.51 -80.85
CA GLN G 291 -2.22 114.12 -80.48
C GLN G 291 -1.56 113.35 -79.33
N ALA G 292 -1.60 112.03 -79.42
CA ALA G 292 -0.99 111.16 -78.42
C ALA G 292 -1.53 111.47 -77.02
N ASN G 293 -2.85 111.64 -76.94
CA ASN G 293 -3.50 111.93 -75.66
C ASN G 293 -3.68 110.62 -74.90
N THR G 294 -2.59 110.20 -74.24
CA THR G 294 -2.61 109.00 -73.42
C THR G 294 -3.20 109.32 -72.04
N SER G 295 -4.47 109.73 -72.06
CA SER G 295 -5.13 110.14 -70.84
C SER G 295 -5.26 108.96 -69.89
N PRO G 296 -5.08 109.16 -68.58
CA PRO G 296 -5.21 108.01 -67.67
C PRO G 296 -6.60 107.39 -67.70
N THR G 297 -7.65 108.20 -67.89
CA THR G 297 -9.00 107.66 -67.82
C THR G 297 -9.25 106.63 -68.92
N GLU G 298 -8.68 106.87 -70.12
CA GLU G 298 -8.86 105.95 -71.28
C GLU G 298 -8.13 104.63 -71.05
N ARG G 299 -7.00 104.67 -70.35
CA ARG G 299 -6.31 103.44 -70.00
C ARG G 299 -7.03 102.69 -68.88
N ARG G 300 -7.54 103.41 -67.89
CA ARG G 300 -8.28 102.77 -66.81
C ARG G 300 -9.53 102.08 -67.36
N ASN G 301 -10.25 102.74 -68.25
CA ASN G 301 -11.43 102.11 -68.84
C ASN G 301 -11.04 100.88 -69.65
N ALA G 302 -9.96 100.98 -70.42
CA ALA G 302 -9.55 99.86 -71.25
C ALA G 302 -9.17 98.65 -70.40
N VAL G 303 -8.40 98.86 -69.33
CA VAL G 303 -7.98 97.74 -68.50
C VAL G 303 -9.16 97.20 -67.69
N LEU G 304 -10.09 98.07 -67.27
CA LEU G 304 -11.19 97.62 -66.43
C LEU G 304 -12.31 96.96 -67.21
N LYS G 305 -12.41 97.19 -68.53
CA LYS G 305 -13.52 96.67 -69.29
C LYS G 305 -13.63 95.15 -69.19
N SER G 306 -12.51 94.45 -69.01
CA SER G 306 -12.51 92.99 -68.86
C SER G 306 -12.32 92.55 -67.42
N LEU G 307 -12.35 93.49 -66.46
CA LEU G 307 -12.09 93.20 -65.06
C LEU G 307 -13.37 93.11 -64.23
N VAL G 308 -14.25 94.10 -64.37
CA VAL G 308 -15.45 94.19 -63.54
C VAL G 308 -16.53 93.23 -64.05
N ASP G 309 -16.21 92.41 -65.06
CA ASP G 309 -17.20 91.49 -65.58
C ASP G 309 -17.67 90.50 -64.53
N ALA G 310 -16.75 90.00 -63.70
CA ALA G 310 -17.12 89.05 -62.66
C ALA G 310 -15.94 88.86 -61.71
N GLY G 311 -16.24 88.32 -60.53
CA GLY G 311 -15.19 87.90 -59.61
C GLY G 311 -14.31 89.01 -59.12
N VAL G 312 -14.88 90.13 -58.70
CA VAL G 312 -14.13 91.24 -58.12
C VAL G 312 -14.87 91.79 -56.92
N SER G 313 -14.11 92.30 -55.97
CA SER G 313 -14.67 92.86 -54.74
C SER G 313 -13.79 94.02 -54.28
N SER G 314 -13.98 94.46 -53.04
CA SER G 314 -13.21 95.58 -52.52
C SER G 314 -11.72 95.30 -52.51
N LYS G 315 -11.33 94.04 -52.34
CA LYS G 315 -9.93 93.63 -52.42
C LYS G 315 -9.45 93.48 -53.86
N GLY G 316 -10.25 93.90 -54.83
CA GLY G 316 -9.93 93.76 -56.23
C GLY G 316 -9.40 95.04 -56.85
N ILE G 317 -10.29 95.79 -57.49
CA ILE G 317 -9.87 96.97 -58.24
C ILE G 317 -9.16 97.96 -57.33
N ALA G 318 -9.65 98.12 -56.10
CA ALA G 318 -9.00 99.04 -55.17
C ALA G 318 -7.57 98.59 -54.89
N GLN G 319 -7.36 97.28 -54.72
CA GLN G 319 -6.01 96.76 -54.51
C GLN G 319 -5.13 97.03 -55.73
N ALA G 320 -5.69 96.88 -56.93
CA ALA G 320 -4.94 97.06 -58.17
C ALA G 320 -4.77 98.51 -58.55
N LYS G 321 -5.40 99.45 -57.84
CA LYS G 321 -5.28 100.86 -58.21
C LYS G 321 -3.85 101.35 -58.03
N GLN G 322 -3.17 100.95 -56.96
CA GLN G 322 -1.78 101.36 -56.81
C GLN G 322 -0.93 100.83 -57.95
N GLU G 323 -1.22 99.62 -58.42
CA GLU G 323 -0.50 99.08 -59.58
C GLU G 323 -0.82 99.90 -60.85
N MET G 324 -2.07 100.33 -60.99
CA MET G 324 -2.41 101.21 -62.12
C MET G 324 -1.63 102.52 -62.05
N GLU G 325 -1.56 103.12 -60.86
CA GLU G 325 -0.76 104.34 -60.71
C GLU G 325 0.69 104.09 -61.06
N LEU G 326 1.25 102.95 -60.63
CA LEU G 326 2.63 102.64 -60.96
C LEU G 326 2.81 102.50 -62.47
N ARG G 327 1.88 101.81 -63.13
CA ARG G 327 1.98 101.65 -64.58
C ARG G 327 1.92 102.99 -65.30
N GLU G 328 1.04 103.90 -64.84
CA GLU G 328 1.00 105.22 -65.44
C GLU G 328 2.29 105.99 -65.18
N SER G 329 2.83 105.88 -63.96
CA SER G 329 4.07 106.58 -63.62
C SER G 329 5.26 106.03 -64.37
N LEU G 330 5.19 104.79 -64.86
CA LEU G 330 6.29 104.24 -65.64
C LEU G 330 6.56 105.08 -66.89
N GLU G 331 5.50 105.47 -67.60
CA GLU G 331 5.64 106.27 -68.80
C GLU G 331 5.06 107.67 -68.59
N GLY H 25 18.50 -77.28 37.85
CA GLY H 25 19.51 -76.43 38.55
C GLY H 25 20.22 -75.47 37.60
N THR H 26 20.46 -75.94 36.38
CA THR H 26 21.14 -75.15 35.36
C THR H 26 20.19 -74.51 34.36
N THR H 27 18.88 -74.68 34.54
CA THR H 27 17.90 -74.15 33.60
C THR H 27 17.24 -72.87 34.09
N GLY H 28 17.09 -72.70 35.40
CA GLY H 28 16.47 -71.50 35.93
C GLY H 28 17.38 -70.30 36.03
N VAL H 29 18.69 -70.49 35.91
CA VAL H 29 19.61 -69.36 36.00
C VAL H 29 19.46 -68.41 34.82
N GLN H 30 18.97 -68.89 33.68
CA GLN H 30 18.79 -68.00 32.53
C GLN H 30 17.78 -66.91 32.84
N GLN H 31 16.65 -67.27 33.45
CA GLN H 31 15.68 -66.26 33.85
C GLN H 31 16.27 -65.34 34.91
N ALA H 32 17.10 -65.87 35.80
CA ALA H 32 17.77 -65.04 36.80
C ALA H 32 18.60 -63.96 36.12
N LEU H 33 19.43 -64.34 35.16
CA LEU H 33 20.28 -63.37 34.48
C LEU H 33 19.45 -62.38 33.68
N GLY H 34 18.39 -62.86 33.02
CA GLY H 34 17.54 -61.95 32.27
C GLY H 34 16.88 -60.91 33.16
N ALA H 35 16.36 -61.33 34.31
CA ALA H 35 15.77 -60.38 35.25
C ALA H 35 16.83 -59.44 35.80
N LEU H 36 18.04 -59.93 36.05
CA LEU H 36 19.10 -59.05 36.55
C LEU H 36 19.47 -57.99 35.52
N GLY H 37 19.44 -58.33 34.24
CA GLY H 37 19.78 -57.38 33.20
C GLY H 37 18.67 -56.40 32.86
N ASP H 38 17.42 -56.83 33.01
CA ASP H 38 16.30 -55.96 32.64
C ASP H 38 16.29 -54.70 33.50
N ILE H 39 16.55 -54.83 34.81
CA ILE H 39 16.54 -53.66 35.67
C ILE H 39 17.64 -52.70 35.27
N ILE H 40 18.80 -53.23 34.85
CA ILE H 40 19.87 -52.37 34.38
C ILE H 40 19.42 -51.61 33.15
N SER H 41 18.73 -52.29 32.24
CA SER H 41 18.25 -51.61 31.03
C SER H 41 17.29 -50.48 31.39
N ARG H 42 16.36 -50.74 32.32
CA ARG H 42 15.44 -49.69 32.73
C ARG H 42 16.18 -48.51 33.34
N GLN H 43 17.18 -48.78 34.18
CA GLN H 43 17.95 -47.71 34.78
C GLN H 43 18.66 -46.89 33.69
N GLN H 44 19.19 -47.56 32.67
CA GLN H 44 19.86 -46.83 31.60
C GLN H 44 18.88 -45.92 30.86
N GLU H 45 17.67 -46.41 30.59
CA GLU H 45 16.69 -45.57 29.92
C GLU H 45 16.33 -44.36 30.78
N MET H 46 16.19 -44.57 32.09
CA MET H 46 15.92 -43.45 32.99
C MET H 46 17.06 -42.43 32.95
N ASN H 47 18.30 -42.92 32.91
CA ASN H 47 19.43 -42.01 32.82
C ASN H 47 19.38 -41.20 31.53
N VAL H 48 18.99 -41.84 30.44
CA VAL H 48 18.88 -41.12 29.16
C VAL H 48 17.87 -39.98 29.28
N ASN H 49 16.70 -40.27 29.86
CA ASN H 49 15.70 -39.23 30.00
C ASN H 49 16.21 -38.09 30.89
N ASN H 50 16.85 -38.43 31.99
CA ASN H 50 17.39 -37.41 32.88
C ASN H 50 18.41 -36.54 32.15
N ALA H 51 19.26 -37.16 31.33
CA ALA H 51 20.26 -36.40 30.60
C ALA H 51 19.61 -35.42 29.63
N LYS H 52 18.57 -35.86 28.94
CA LYS H 52 17.88 -34.95 28.03
C LYS H 52 17.31 -33.76 28.79
N LEU H 53 16.68 -34.02 29.93
CA LEU H 53 16.13 -32.92 30.72
C LEU H 53 17.22 -31.98 31.21
N GLN H 54 18.38 -32.53 31.58
CA GLN H 54 19.49 -31.69 32.03
C GLN H 54 19.97 -30.79 30.90
N ARG H 55 20.01 -31.33 29.67
CA ARG H 55 20.39 -30.49 28.53
C ARG H 55 19.40 -29.35 28.35
N GLU H 56 18.11 -29.66 28.46
CA GLU H 56 17.10 -28.60 28.33
C GLU H 56 17.30 -27.53 29.40
N ALA H 57 17.58 -27.96 30.63
CA ALA H 57 17.79 -27.01 31.71
C ALA H 57 18.99 -26.12 31.44
N ASN H 58 20.08 -26.70 30.92
CA ASN H 58 21.25 -25.90 30.60
C ASN H 58 20.91 -24.85 29.55
N THR H 59 20.18 -25.24 28.51
CA THR H 59 19.81 -24.29 27.47
C THR H 59 19.00 -23.13 28.04
N GLN H 60 17.98 -23.46 28.84
CA GLN H 60 17.14 -22.40 29.39
C GLN H 60 17.94 -21.50 30.31
N SER H 61 18.82 -22.07 31.12
CA SER H 61 19.62 -21.26 32.04
C SER H 61 20.49 -20.27 31.27
N TYR H 62 21.10 -20.71 30.17
CA TYR H 62 21.87 -19.76 29.38
C TYR H 62 20.98 -18.69 28.79
N LEU H 63 19.86 -19.08 28.19
CA LEU H 63 19.01 -18.10 27.51
C LEU H 63 18.50 -17.05 28.47
N ASP H 64 18.31 -17.39 29.74
CA ASP H 64 17.81 -16.42 30.69
C ASP H 64 18.79 -15.26 30.86
N GLN H 65 20.09 -15.55 30.90
CA GLN H 65 21.07 -14.49 31.10
C GLN H 65 21.00 -13.45 29.99
N VAL H 66 20.98 -13.91 28.74
CA VAL H 66 20.90 -12.97 27.63
C VAL H 66 19.55 -12.29 27.59
N ALA H 67 18.50 -12.95 28.06
CA ALA H 67 17.18 -12.31 28.06
C ALA H 67 17.03 -11.27 29.14
N ALA H 68 17.85 -11.31 30.18
CA ALA H 68 17.74 -10.40 31.32
C ALA H 68 18.87 -9.39 31.35
N SER H 69 19.25 -8.88 30.18
CA SER H 69 20.31 -7.89 30.04
C SER H 69 19.76 -6.64 29.35
N THR H 70 20.17 -5.48 29.83
CA THR H 70 19.68 -4.24 29.25
C THR H 70 20.36 -3.98 27.91
N LEU H 71 19.72 -3.15 27.10
CA LEU H 71 20.19 -2.92 25.74
C LEU H 71 21.56 -2.30 25.71
N GLU H 72 21.83 -1.36 26.62
CA GLU H 72 23.14 -0.72 26.65
C GLU H 72 24.24 -1.73 26.89
N GLN H 73 23.98 -2.72 27.76
CA GLN H 73 24.98 -3.74 28.03
C GLN H 73 25.28 -4.56 26.78
N LEU H 74 24.23 -5.00 26.08
CA LEU H 74 24.44 -5.83 24.89
C LEU H 74 25.11 -5.04 23.77
N SER H 75 24.86 -3.74 23.69
CA SER H 75 25.51 -2.94 22.66
C SER H 75 27.02 -2.90 22.86
N ASN H 76 27.46 -2.75 24.11
CA ASN H 76 28.89 -2.70 24.39
C ASN H 76 29.54 -4.03 24.07
N ALA H 77 30.63 -4.00 23.31
CA ALA H 77 31.27 -5.23 22.84
C ALA H 77 32.37 -5.70 23.78
N ASP H 78 32.05 -5.73 25.05
CA ASP H 78 32.84 -6.41 26.07
C ASP H 78 31.97 -7.32 26.92
N TYR H 79 30.74 -6.89 27.20
CA TYR H 79 29.81 -7.74 27.93
C TYR H 79 29.42 -8.95 27.08
N ARG H 80 29.10 -8.74 25.81
CA ARG H 80 28.66 -9.84 24.97
C ARG H 80 29.80 -10.81 24.67
N SER H 81 31.03 -10.33 24.65
CA SER H 81 32.16 -11.24 24.44
C SER H 81 32.21 -12.29 25.54
N GLY H 82 32.16 -11.87 26.80
CA GLY H 82 32.12 -12.83 27.89
C GLY H 82 30.84 -13.63 27.88
N LEU H 83 29.72 -12.99 27.53
CA LEU H 83 28.45 -13.68 27.54
C LEU H 83 28.45 -14.87 26.59
N GLU H 84 29.05 -14.70 25.42
CA GLU H 84 29.15 -15.80 24.47
C GLU H 84 30.36 -16.70 24.73
N ALA H 85 31.35 -16.23 25.49
CA ALA H 85 32.38 -17.13 25.96
C ALA H 85 31.85 -18.12 26.97
N GLN H 86 30.80 -17.77 27.72
CA GLN H 86 30.12 -18.77 28.54
C GLN H 86 29.32 -19.77 27.71
N ARG H 87 28.99 -19.44 26.46
CA ARG H 87 28.32 -20.35 25.56
C ARG H 87 29.30 -21.24 24.80
N ASP H 88 30.51 -20.76 24.55
CA ASP H 88 31.50 -21.51 23.80
C ASP H 88 32.32 -22.43 24.70
N ALA H 89 31.96 -22.53 25.98
CA ALA H 89 32.68 -23.37 26.92
C ALA H 89 31.84 -24.51 27.49
N MET H 90 30.52 -24.43 27.40
CA MET H 90 29.71 -25.56 27.85
C MET H 90 29.84 -26.73 26.90
N GLY H 91 30.09 -26.46 25.62
CA GLY H 91 30.27 -27.51 24.66
C GLY H 91 28.98 -27.83 23.94
N MET H 92 28.74 -29.11 23.67
CA MET H 92 27.50 -29.56 23.05
C MET H 92 26.50 -30.06 24.07
N ASN H 93 26.68 -29.71 25.35
CA ASN H 93 25.64 -29.95 26.36
C ASN H 93 24.73 -28.74 26.45
N LEU H 94 24.29 -28.27 25.28
CA LEU H 94 23.52 -27.04 25.17
C LEU H 94 22.98 -26.96 23.75
N ASP H 95 21.69 -26.77 23.57
CA ASP H 95 21.15 -26.63 22.22
C ASP H 95 21.85 -25.50 21.50
N ARG H 96 22.63 -25.84 20.49
CA ARG H 96 23.45 -24.86 19.78
C ARG H 96 22.78 -24.32 18.54
N ALA H 97 21.56 -24.75 18.25
CA ALA H 97 20.79 -24.23 17.12
C ALA H 97 19.67 -23.32 17.56
N ALA H 98 19.43 -23.17 18.86
CA ALA H 98 18.44 -22.27 19.39
C ALA H 98 19.03 -21.15 20.22
N THR H 99 20.33 -21.18 20.49
CA THR H 99 21.02 -20.16 21.26
C THR H 99 22.19 -19.58 20.46
N ARG H 100 22.02 -19.49 19.14
CA ARG H 100 23.03 -18.88 18.28
C ARG H 100 22.70 -17.41 18.02
N ASP H 101 21.54 -17.13 17.45
CA ASP H 101 21.04 -15.77 17.32
C ASP H 101 20.11 -15.48 18.49
N ALA H 102 20.73 -15.27 19.65
CA ALA H 102 20.04 -14.84 20.85
C ALA H 102 20.25 -13.37 21.15
N ILE H 103 21.47 -12.87 20.97
CA ILE H 103 21.76 -11.47 21.26
C ILE H 103 21.10 -10.56 20.24
N THR H 104 21.23 -10.89 18.95
CA THR H 104 20.72 -10.01 17.91
C THR H 104 19.20 -9.89 17.99
N LYS H 105 18.51 -11.01 18.16
CA LYS H 105 17.06 -10.95 18.32
C LYS H 105 16.68 -10.17 19.56
N GLN H 106 17.43 -10.32 20.64
CA GLN H 106 17.10 -9.60 21.86
C GLN H 106 17.20 -8.09 21.64
N ILE H 107 18.29 -7.63 21.01
CA ILE H 107 18.44 -6.19 20.83
C ILE H 107 17.40 -5.67 19.84
N SER H 108 17.10 -6.44 18.80
CA SER H 108 16.08 -5.99 17.85
C SER H 108 14.72 -5.88 18.54
N ALA H 109 14.36 -6.85 19.37
CA ALA H 109 13.10 -6.79 20.08
C ALA H 109 13.05 -5.60 21.02
N GLN H 110 14.15 -5.35 21.74
CA GLN H 110 14.16 -4.22 22.66
C GLN H 110 14.01 -2.91 21.92
N GLN H 111 14.67 -2.78 20.76
CA GLN H 111 14.53 -1.57 19.98
C GLN H 111 13.10 -1.37 19.51
N ASN H 112 12.46 -2.44 19.02
CA ASN H 112 11.08 -2.31 18.58
C ASN H 112 10.17 -1.90 19.73
N GLN H 113 10.39 -2.48 20.92
CA GLN H 113 9.56 -2.15 22.06
C GLN H 113 9.76 -0.69 22.47
N ALA H 114 10.99 -0.19 22.42
CA ALA H 114 11.23 1.20 22.75
C ALA H 114 10.51 2.12 21.77
N ALA H 115 10.56 1.81 20.48
CA ALA H 115 9.87 2.64 19.50
C ALA H 115 8.37 2.64 19.75
N ALA H 116 7.80 1.47 20.03
CA ALA H 116 6.37 1.42 20.30
C ALA H 116 6.00 2.23 21.53
N THR H 117 6.83 2.15 22.58
CA THR H 117 6.55 2.93 23.78
C THR H 117 6.57 4.42 23.49
N GLN H 118 7.52 4.87 22.67
CA GLN H 118 7.57 6.29 22.34
C GLN H 118 6.32 6.72 21.57
N LYS H 119 5.87 5.89 20.62
CA LYS H 119 4.64 6.22 19.91
C LYS H 119 3.46 6.33 20.86
N PHE H 120 3.35 5.39 21.79
CA PHE H 120 2.25 5.41 22.74
C PHE H 120 2.29 6.67 23.60
N ASP H 121 3.48 7.06 24.06
CA ASP H 121 3.60 8.26 24.87
C ASP H 121 3.18 9.50 24.07
N ASP H 122 3.58 9.58 22.80
CA ASP H 122 3.18 10.73 22.00
C ASP H 122 1.67 10.79 21.83
N MET H 123 1.03 9.65 21.57
CA MET H 123 -0.42 9.66 21.42
C MET H 123 -1.09 10.12 22.71
N GLN H 124 -0.62 9.61 23.85
CA GLN H 124 -1.21 10.01 25.13
C GLN H 124 -1.03 11.52 25.34
N ALA H 125 0.13 12.05 24.97
CA ALA H 125 0.36 13.48 25.12
C ALA H 125 -0.61 14.29 24.26
N GLU H 126 -0.85 13.86 23.03
CA GLU H 126 -1.84 14.56 22.21
C GLU H 126 -3.21 14.55 22.87
N VAL H 127 -3.64 13.39 23.33
CA VAL H 127 -4.97 13.30 23.93
C VAL H 127 -5.05 14.22 25.14
N GLY H 128 -3.99 14.29 25.94
CA GLY H 128 -3.99 15.17 27.08
C GLY H 128 -3.94 16.64 26.73
N GLN H 129 -3.36 16.97 25.58
CA GLN H 129 -3.21 18.37 25.17
C GLN H 129 -4.37 18.87 24.33
N ARG H 130 -5.31 18.01 23.97
CA ARG H 130 -6.44 18.43 23.13
C ARG H 130 -7.21 19.64 23.64
N GLY H 131 -7.07 20.01 24.91
CA GLY H 131 -7.82 21.13 25.45
C GLY H 131 -7.16 22.48 25.23
N ILE H 132 -5.84 22.52 25.38
CA ILE H 132 -5.11 23.77 25.15
C ILE H 132 -5.27 24.21 23.71
N VAL H 133 -5.25 23.27 22.77
CA VAL H 133 -5.44 23.61 21.37
C VAL H 133 -6.82 24.22 21.15
N ASP H 134 -7.83 23.66 21.81
CA ASP H 134 -9.18 24.21 21.69
C ASP H 134 -9.23 25.65 22.17
N GLN H 135 -8.66 25.90 23.35
CA GLN H 135 -8.67 27.26 23.87
C GLN H 135 -7.89 28.20 22.96
N LEU H 136 -6.79 27.71 22.38
CA LEU H 136 -6.00 28.54 21.48
C LEU H 136 -6.80 28.90 20.24
N ARG H 137 -7.54 27.94 19.68
CA ARG H 137 -8.36 28.24 18.51
C ARG H 137 -9.42 29.28 18.86
N THR H 138 -10.06 29.12 20.02
CA THR H 138 -11.08 30.08 20.41
C THR H 138 -10.49 31.48 20.54
N LEU H 139 -9.32 31.59 21.16
CA LEU H 139 -8.68 32.91 21.29
C LEU H 139 -8.29 33.46 19.93
N SER H 140 -7.73 32.62 19.06
CA SER H 140 -7.22 33.09 17.78
C SER H 140 -8.34 33.61 16.89
N ALA H 141 -9.49 32.93 16.87
CA ALA H 141 -10.58 33.39 16.03
C ALA H 141 -11.37 34.50 16.72
N GLU H 142 -10.66 35.50 17.23
CA GLU H 142 -11.29 36.69 17.78
C GLU H 142 -10.47 37.94 17.51
N GLY H 143 -9.36 37.86 16.79
CA GLY H 143 -8.44 38.96 16.62
C GLY H 143 -7.31 38.97 17.62
N ARG H 144 -7.53 38.42 18.81
CA ARG H 144 -6.50 38.43 19.85
C ARG H 144 -5.34 37.54 19.42
N ALA H 145 -4.27 38.15 18.93
CA ALA H 145 -3.11 37.42 18.44
C ALA H 145 -1.91 37.51 19.38
N GLY H 146 -2.01 38.27 20.47
CA GLY H 146 -0.90 38.43 21.39
C GLY H 146 -0.95 37.45 22.54
N GLU H 147 -2.13 36.95 22.87
CA GLU H 147 -2.28 35.96 23.91
C GLU H 147 -2.20 34.53 23.38
N VAL H 148 -1.98 34.36 22.08
CA VAL H 148 -1.70 33.05 21.50
C VAL H 148 -0.20 32.83 21.35
N ASN H 149 0.55 33.88 21.03
CA ASN H 149 2.00 33.74 20.94
C ASN H 149 2.65 33.62 22.32
N GLN H 150 1.97 34.05 23.38
CA GLN H 150 2.53 33.95 24.71
C GLN H 150 2.20 32.63 25.38
N ILE H 151 1.03 32.07 25.12
CA ILE H 151 0.74 30.72 25.62
C ILE H 151 1.64 29.71 24.93
N LEU H 152 1.93 29.93 23.66
CA LEU H 152 2.81 29.07 22.90
C LEU H 152 4.29 29.34 23.17
N ALA H 153 4.60 30.10 24.23
CA ALA H 153 5.97 30.23 24.70
C ALA H 153 6.21 29.58 26.05
N GLU H 154 5.16 29.39 26.85
CA GLU H 154 5.26 28.66 28.11
C GLU H 154 4.97 27.18 27.95
N GLN H 155 3.82 26.85 27.35
CA GLN H 155 3.46 25.47 27.04
C GLN H 155 3.99 25.04 25.69
N GLN H 156 5.05 25.68 25.19
CA GLN H 156 5.46 25.48 23.80
C GLN H 156 5.81 24.02 23.54
N LEU H 157 6.12 23.25 24.58
CA LEU H 157 6.39 21.84 24.38
C LEU H 157 5.06 21.12 24.12
N ILE H 158 4.51 21.31 22.92
CA ILE H 158 3.33 20.60 22.46
C ILE H 158 3.78 19.54 21.47
N ASN H 159 3.29 18.32 21.63
CA ASN H 159 3.91 17.17 20.98
C ASN H 159 3.75 17.18 19.47
N GLU H 160 2.94 18.06 18.90
CA GLU H 160 2.81 18.17 17.46
C GLU H 160 2.83 19.64 17.04
N GLY H 161 3.84 20.38 17.49
CA GLY H 161 3.82 21.80 17.18
C GLY H 161 3.96 22.03 15.70
N GLU H 162 2.79 22.15 15.08
CA GLU H 162 2.59 22.68 13.73
C GLU H 162 1.35 23.54 13.69
N ILE H 163 0.56 23.57 14.78
CA ILE H 163 -0.55 24.48 14.92
C ILE H 163 -0.09 25.92 14.92
N ARG H 164 1.21 26.14 15.06
CA ARG H 164 1.86 27.43 14.91
C ARG H 164 1.80 27.93 13.49
N LYS H 165 1.21 27.19 12.55
CA LYS H 165 1.08 27.62 11.17
C LYS H 165 -0.35 27.95 10.79
N GLU H 166 -1.33 27.14 11.21
CA GLU H 166 -2.71 27.47 10.91
C GLU H 166 -3.20 28.67 11.72
N LEU H 167 -2.75 28.78 12.97
CA LEU H 167 -3.17 29.90 13.81
C LEU H 167 -2.66 31.22 13.26
N THR H 168 -1.62 31.21 12.44
CA THR H 168 -1.21 32.42 11.74
C THR H 168 -2.01 32.63 10.46
N GLY H 169 -2.37 31.54 9.78
CA GLY H 169 -3.22 31.67 8.62
C GLY H 169 -4.55 32.31 8.95
N VAL H 170 -5.08 32.02 10.12
CA VAL H 170 -6.35 32.62 10.53
C VAL H 170 -6.24 34.14 10.59
N GLN H 171 -5.22 34.64 11.28
CA GLN H 171 -5.09 36.09 11.41
C GLN H 171 -4.73 36.73 10.08
N ASP H 172 -3.96 36.04 9.24
CA ASP H 172 -3.69 36.58 7.91
C ASP H 172 -4.97 36.70 7.10
N ALA H 173 -5.86 35.70 7.20
CA ALA H 173 -7.13 35.79 6.51
C ALA H 173 -7.95 36.96 7.04
N ILE H 174 -7.94 37.18 8.35
CA ILE H 174 -8.70 38.29 8.92
C ILE H 174 -8.19 39.62 8.36
N GLN H 175 -6.86 39.79 8.37
CA GLN H 175 -6.29 41.04 7.87
C GLN H 175 -6.61 41.23 6.39
N ASN H 176 -6.50 40.16 5.60
CA ASN H 176 -6.80 40.26 4.19
C ASN H 176 -8.25 40.66 3.96
N ARG H 177 -9.18 40.10 4.74
CA ARG H 177 -10.57 40.47 4.61
C ARG H 177 -10.77 41.95 4.90
N GLN H 178 -10.15 42.44 5.97
CA GLN H 178 -10.28 43.86 6.29
C GLN H 178 -9.77 44.74 5.15
N TYR H 179 -8.61 44.38 4.60
CA TYR H 179 -8.03 45.19 3.54
C TYR H 179 -8.92 45.17 2.29
N ARG H 180 -9.50 44.02 1.96
CA ARG H 180 -10.39 43.96 0.82
C ARG H 180 -11.61 44.85 1.02
N ALA H 181 -12.18 44.84 2.23
CA ALA H 181 -13.31 45.72 2.49
C ALA H 181 -12.93 47.18 2.31
N ALA H 182 -11.77 47.57 2.82
CA ALA H 182 -11.33 48.96 2.66
C ALA H 182 -11.15 49.30 1.19
N GLY H 183 -10.58 48.38 0.42
CA GLY H 183 -10.39 48.64 -1.00
C GLY H 183 -11.70 48.85 -1.73
N GLU H 184 -12.70 48.02 -1.43
CA GLU H 184 -14.00 48.20 -2.07
C GLU H 184 -14.59 49.56 -1.68
N GLN H 185 -14.45 49.94 -0.41
CA GLN H 185 -14.96 51.24 0.03
C GLN H 185 -14.31 52.36 -0.76
N ARG H 186 -13.00 52.28 -0.99
CA ARG H 186 -12.32 53.32 -1.76
C ARG H 186 -12.79 53.35 -3.20
N ALA H 187 -12.95 52.17 -3.80
CA ALA H 187 -13.33 52.10 -5.21
C ALA H 187 -14.70 52.74 -5.44
N GLN H 188 -15.63 52.54 -4.51
CA GLN H 188 -16.97 53.12 -4.70
C GLN H 188 -16.89 54.64 -4.78
N ALA H 189 -16.16 55.26 -3.86
CA ALA H 189 -16.04 56.71 -3.88
C ALA H 189 -15.34 57.19 -5.14
N ALA H 190 -14.32 56.45 -5.59
CA ALA H 190 -13.66 56.84 -6.83
C ALA H 190 -14.65 56.84 -7.99
N ALA H 191 -15.50 55.83 -8.07
CA ALA H 191 -16.48 55.77 -9.14
C ALA H 191 -17.45 56.95 -9.07
N ASN H 192 -17.91 57.30 -7.86
CA ASN H 192 -18.82 58.42 -7.73
C ASN H 192 -18.16 59.72 -8.22
N ARG H 193 -16.92 59.95 -7.82
CA ARG H 193 -16.22 61.15 -8.27
C ARG H 193 -16.09 61.18 -9.78
N ALA H 194 -15.76 60.03 -10.39
CA ALA H 194 -15.64 59.98 -11.83
C ALA H 194 -16.96 60.35 -12.50
N ALA H 195 -18.07 59.83 -11.98
CA ALA H 195 -19.37 60.12 -12.57
C ALA H 195 -19.69 61.61 -12.51
N GLU H 196 -19.45 62.24 -11.36
CA GLU H 196 -19.73 63.66 -11.23
C GLU H 196 -18.90 64.48 -12.21
N ALA H 197 -17.60 64.17 -12.28
CA ALA H 197 -16.73 64.90 -13.20
C ALA H 197 -17.19 64.75 -14.63
N HIS H 198 -17.59 63.53 -15.02
CA HIS H 198 -18.05 63.32 -16.39
C HIS H 198 -19.29 64.14 -16.68
N SER H 199 -20.24 64.18 -15.75
CA SER H 199 -21.46 64.94 -16.00
C SER H 199 -21.14 66.42 -16.24
N LEU H 200 -20.30 66.99 -15.37
CA LEU H 200 -19.96 68.40 -15.54
C LEU H 200 -19.25 68.64 -16.86
N SER H 201 -18.29 67.78 -17.21
CA SER H 201 -17.55 67.97 -18.45
C SER H 201 -18.46 67.88 -19.65
N MET H 202 -19.41 66.94 -19.64
CA MET H 202 -20.34 66.82 -20.76
C MET H 202 -21.18 68.08 -20.90
N ALA H 203 -21.68 68.61 -19.79
CA ALA H 203 -22.46 69.84 -19.87
C ALA H 203 -21.65 70.96 -20.52
N ALA H 204 -20.43 71.17 -20.03
CA ALA H 204 -19.60 72.25 -20.57
C ALA H 204 -19.31 72.04 -22.05
N GLY H 205 -18.98 70.80 -22.44
CA GLY H 205 -18.66 70.54 -23.83
C GLY H 205 -19.83 70.77 -24.76
N ARG H 206 -21.03 70.33 -24.35
CA ARG H 206 -22.20 70.54 -25.19
C ARG H 206 -22.47 72.03 -25.38
N GLU H 207 -22.37 72.80 -24.29
CA GLU H 207 -22.54 74.24 -24.40
C GLU H 207 -21.56 74.81 -25.43
N ASN H 208 -20.27 74.47 -25.28
CA ASN H 208 -19.27 75.02 -26.18
C ASN H 208 -19.52 74.62 -27.63
N LEU H 209 -19.97 73.39 -27.86
CA LEU H 209 -20.20 72.95 -29.23
C LEU H 209 -21.30 73.76 -29.89
N ALA H 210 -22.48 73.81 -29.26
CA ALA H 210 -23.57 74.56 -29.86
C ALA H 210 -23.19 76.03 -30.02
N PHE H 211 -22.39 76.60 -29.17
CA PHE H 211 -22.09 78.02 -29.48
C PHE H 211 -21.07 78.12 -30.59
N THR H 212 -19.94 77.45 -30.51
CA THR H 212 -19.08 77.66 -31.67
C THR H 212 -19.89 77.53 -32.94
N ARG H 213 -20.88 76.62 -32.94
CA ARG H 213 -21.77 76.50 -34.10
C ARG H 213 -22.51 77.81 -34.37
N GLU H 214 -23.08 78.42 -33.32
CA GLU H 214 -23.77 79.69 -33.51
C GLU H 214 -22.83 80.77 -34.03
N GLN H 215 -21.64 80.87 -33.44
CA GLN H 215 -20.69 81.89 -33.87
C GLN H 215 -20.39 81.75 -35.36
N ARG H 216 -20.02 80.56 -35.80
CA ARG H 216 -19.62 80.43 -37.19
C ARG H 216 -20.82 80.48 -38.13
N ASP H 217 -22.01 80.13 -37.65
CA ASP H 217 -23.19 80.36 -38.47
C ASP H 217 -23.39 81.84 -38.75
N GLU H 218 -23.21 82.68 -37.72
CA GLU H 218 -23.29 84.12 -37.94
C GLU H 218 -22.22 84.60 -38.90
N LEU H 219 -21.00 84.08 -38.76
CA LEU H 219 -19.92 84.51 -39.65
C LEU H 219 -20.25 84.14 -41.10
N ARG H 220 -20.74 82.93 -41.32
CA ARG H 220 -21.10 82.52 -42.68
C ARG H 220 -22.25 83.35 -43.22
N ARG H 221 -23.22 83.69 -42.36
CA ARG H 221 -24.30 84.58 -42.79
C ARG H 221 -23.75 85.91 -43.27
N ASP H 222 -22.80 86.47 -42.51
CA ASP H 222 -22.22 87.76 -42.90
C ASP H 222 -21.50 87.65 -44.24
N ARG H 223 -20.71 86.58 -44.42
CA ARG H 223 -19.98 86.43 -45.67
C ARG H 223 -20.95 86.27 -46.85
N ASP H 224 -22.01 85.48 -46.66
CA ASP H 224 -22.99 85.30 -47.72
C ASP H 224 -23.68 86.61 -48.06
N GLU H 225 -24.03 87.39 -47.03
CA GLU H 225 -24.65 88.70 -47.29
C GLU H 225 -23.70 89.61 -48.05
N ALA H 226 -22.40 89.57 -47.69
CA ALA H 226 -21.43 90.40 -48.40
C ALA H 226 -21.35 90.04 -49.87
N LYS H 227 -21.26 88.74 -50.17
CA LYS H 227 -21.18 88.34 -51.57
C LYS H 227 -22.48 88.67 -52.31
N LEU H 228 -23.63 88.52 -51.65
CA LEU H 228 -24.90 88.81 -52.29
C LEU H 228 -25.02 90.30 -52.60
N VAL H 229 -24.62 91.16 -51.65
CA VAL H 229 -24.72 92.59 -51.91
C VAL H 229 -23.73 93.00 -52.99
N SER H 230 -22.55 92.40 -53.01
CA SER H 230 -21.60 92.70 -54.09
C SER H 230 -22.18 92.32 -55.44
N GLY H 231 -22.79 91.14 -55.54
CA GLY H 231 -23.37 90.73 -56.81
C GLY H 231 -24.53 91.62 -57.24
N THR H 232 -25.42 91.94 -56.30
CA THR H 232 -26.56 92.81 -56.63
C THR H 232 -26.08 94.20 -57.03
N ILE H 233 -25.07 94.72 -56.34
CA ILE H 233 -24.48 96.01 -56.71
C ILE H 233 -23.93 95.95 -58.13
N ALA H 234 -23.16 94.90 -58.44
CA ALA H 234 -22.55 94.82 -59.77
C ALA H 234 -23.61 94.74 -60.86
N THR H 235 -24.63 93.90 -60.66
CA THR H 235 -25.65 93.77 -61.69
C THR H 235 -26.50 95.03 -61.81
N THR H 236 -26.77 95.71 -60.69
CA THR H 236 -27.52 96.97 -60.77
C THR H 236 -26.72 98.04 -61.48
N PHE H 237 -25.42 98.14 -61.20
CA PHE H 237 -24.57 99.10 -61.90
C PHE H 237 -24.53 98.80 -63.38
N GLN H 238 -24.40 97.51 -63.75
CA GLN H 238 -24.42 97.13 -65.16
C GLN H 238 -25.75 97.50 -65.80
N ASP H 239 -26.86 97.24 -65.11
CA ASP H 239 -28.17 97.55 -65.66
C ASP H 239 -28.33 99.04 -65.88
N TYR H 240 -27.90 99.86 -64.91
CA TYR H 240 -28.03 101.30 -65.05
C TYR H 240 -27.13 101.83 -66.16
N ASP H 241 -25.92 101.29 -66.28
CA ASP H 241 -25.03 101.71 -67.37
C ASP H 241 -25.63 101.34 -68.72
N GLU H 242 -26.23 100.15 -68.83
CA GLU H 242 -26.88 99.76 -70.08
C GLU H 242 -28.06 100.67 -70.38
N SER H 243 -28.84 101.03 -69.37
CA SER H 243 -29.95 101.96 -69.59
C SER H 243 -29.44 103.32 -70.06
N ARG H 244 -28.36 103.81 -69.45
CA ARG H 244 -27.82 105.10 -69.83
C ARG H 244 -27.28 105.07 -71.26
N GLN H 245 -26.58 104.00 -71.63
CA GLN H 245 -26.07 103.92 -73.00
C GLN H 245 -27.21 103.76 -73.99
N ALA H 246 -28.28 103.04 -73.61
CA ALA H 246 -29.42 102.89 -74.49
C ALA H 246 -30.12 104.22 -74.75
N GLN H 247 -30.38 104.98 -73.69
CA GLN H 247 -31.00 106.29 -73.89
C GLN H 247 -30.07 107.24 -74.63
N SER H 248 -28.76 107.18 -74.36
CA SER H 248 -27.82 108.02 -75.07
C SER H 248 -27.81 107.70 -76.56
N GLU H 249 -27.82 106.42 -76.92
CA GLU H 249 -27.81 106.05 -78.33
C GLU H 249 -29.14 106.37 -78.99
N ILE H 250 -30.26 106.27 -78.26
CA ILE H 250 -31.54 106.69 -78.81
C ILE H 250 -31.52 108.18 -79.10
N MET H 251 -31.01 108.98 -78.17
CA MET H 251 -30.92 110.42 -78.40
C MET H 251 -29.99 110.73 -79.56
N ARG H 252 -28.90 109.99 -79.69
CA ARG H 252 -27.99 110.18 -80.82
C ARG H 252 -28.67 109.83 -82.14
N ILE H 253 -29.48 108.77 -82.15
CA ILE H 253 -30.22 108.44 -83.36
C ILE H 253 -31.17 109.58 -83.72
N VAL H 254 -31.86 110.12 -82.72
CA VAL H 254 -32.76 111.24 -82.96
C VAL H 254 -31.98 112.44 -83.50
N GLY H 255 -30.81 112.71 -82.92
CA GLY H 255 -30.02 113.84 -83.37
C GLY H 255 -29.56 113.69 -84.81
N LYS H 256 -29.06 112.51 -85.17
CA LYS H 256 -28.65 112.29 -86.55
C LYS H 256 -29.85 112.36 -87.50
N GLU H 257 -31.04 111.99 -87.02
CA GLU H 257 -32.24 112.19 -87.80
C GLU H 257 -32.49 113.69 -88.02
N VAL H 258 -32.26 114.50 -86.99
CA VAL H 258 -32.42 115.94 -87.14
C VAL H 258 -31.41 116.50 -88.15
N GLY H 259 -30.15 116.06 -88.05
CA GLY H 259 -29.16 116.42 -89.06
C GLY H 259 -27.75 116.66 -88.58
N MET H 260 -27.55 116.96 -87.30
CA MET H 260 -26.20 117.25 -86.82
C MET H 260 -25.38 115.96 -86.81
N PRO H 261 -24.16 115.95 -87.40
CA PRO H 261 -23.34 114.72 -87.35
C PRO H 261 -22.42 114.66 -86.14
N THR H 262 -23.02 114.38 -84.98
CA THR H 262 -22.27 114.25 -83.73
C THR H 262 -21.51 115.54 -83.40
N ASP H 263 -22.17 116.68 -83.64
CA ASP H 263 -21.57 118.00 -83.44
C ASP H 263 -20.32 118.05 -84.32
N ASP H 264 -19.12 118.20 -83.77
CA ASP H 264 -17.88 118.11 -84.53
C ASP H 264 -16.94 117.04 -84.00
N GLN H 265 -16.84 116.89 -82.68
CA GLN H 265 -15.98 115.87 -82.09
C GLN H 265 -16.47 115.57 -80.68
N GLY H 266 -16.28 114.33 -80.24
CA GLY H 266 -16.70 113.90 -78.92
C GLY H 266 -15.57 113.50 -78.01
N MET H 267 -14.50 112.95 -78.58
CA MET H 267 -13.37 112.49 -77.78
C MET H 267 -12.43 113.63 -77.40
N PRO H 268 -11.94 114.42 -78.38
CA PRO H 268 -10.97 115.47 -78.00
C PRO H 268 -11.57 116.53 -77.10
N ASP H 269 -12.69 117.13 -77.50
CA ASP H 269 -13.34 118.18 -76.76
C ASP H 269 -14.77 118.31 -77.27
N MET H 270 -15.45 119.37 -76.87
CA MET H 270 -16.82 119.66 -77.28
C MET H 270 -16.83 120.96 -78.07
N SER H 271 -17.48 120.92 -79.24
CA SER H 271 -17.50 122.06 -80.16
C SER H 271 -18.92 122.39 -80.62
N ARG H 272 -19.04 123.29 -81.60
CA ARG H 272 -20.35 123.71 -82.06
C ARG H 272 -20.97 122.63 -82.96
N ALA H 273 -22.26 122.79 -83.23
CA ALA H 273 -23.02 121.86 -84.05
C ALA H 273 -23.91 122.68 -84.99
N SER H 274 -24.84 122.00 -85.65
CA SER H 274 -25.77 122.69 -86.54
C SER H 274 -26.62 123.70 -85.78
N GLN H 275 -27.17 123.29 -84.64
CA GLN H 275 -27.92 124.18 -83.77
C GLN H 275 -27.53 123.90 -82.32
N ASP H 276 -27.55 124.95 -81.50
CA ASP H 276 -27.04 124.85 -80.14
C ASP H 276 -28.05 124.16 -79.22
N GLN H 277 -29.24 124.71 -79.11
CA GLN H 277 -30.23 124.20 -78.17
C GLN H 277 -31.63 124.53 -78.67
N LEU H 278 -32.61 123.82 -78.12
CA LEU H 278 -34.02 124.03 -78.44
C LEU H 278 -34.29 123.85 -79.93
N ASP H 279 -33.63 122.86 -80.54
CA ASP H 279 -33.85 122.57 -81.95
C ASP H 279 -35.23 121.97 -82.18
N ALA H 280 -35.61 121.01 -81.35
CA ALA H 280 -36.90 120.34 -81.50
C ALA H 280 -37.34 119.79 -80.14
N PHE H 281 -38.63 119.49 -80.04
CA PHE H 281 -39.16 118.96 -78.78
C PHE H 281 -38.58 117.59 -78.48
N SER H 282 -38.32 116.78 -79.50
CA SER H 282 -37.77 115.44 -79.27
C SER H 282 -36.40 115.52 -78.63
N ASN H 283 -35.55 116.43 -79.12
CA ASN H 283 -34.21 116.57 -78.54
C ASN H 283 -34.29 117.02 -77.09
N ALA H 284 -35.17 117.98 -76.79
CA ALA H 284 -35.25 118.56 -75.45
C ALA H 284 -36.05 117.70 -74.48
N LEU H 285 -36.75 116.67 -74.96
CA LEU H 285 -37.55 115.86 -74.05
C LEU H 285 -36.68 115.14 -73.03
N ASN H 286 -35.55 114.58 -73.47
CA ASN H 286 -34.64 113.85 -72.59
C ASN H 286 -33.25 114.46 -72.54
N GLU H 287 -32.67 114.80 -73.69
CA GLU H 287 -31.31 115.35 -73.76
C GLU H 287 -30.29 114.41 -73.13
N ALA H 288 -30.57 113.10 -73.18
CA ALA H 288 -29.65 112.08 -72.66
C ALA H 288 -29.39 112.29 -71.17
N GLY H 289 -30.44 112.67 -70.43
CA GLY H 289 -30.32 112.87 -69.01
C GLY H 289 -29.89 114.28 -68.64
N VAL H 290 -30.60 115.27 -69.16
CA VAL H 290 -30.31 116.68 -68.87
C VAL H 290 -28.89 116.99 -69.30
N GLN H 291 -28.66 117.04 -70.62
CA GLN H 291 -27.34 117.36 -71.18
C GLN H 291 -26.27 116.40 -70.70
N ALA H 292 -26.60 115.10 -70.71
CA ALA H 292 -25.67 114.06 -70.29
C ALA H 292 -25.17 114.30 -68.87
N ASN H 293 -26.08 114.72 -68.00
CA ASN H 293 -25.73 114.98 -66.60
C ASN H 293 -25.80 113.66 -65.84
N THR H 294 -24.79 112.83 -66.06
CA THR H 294 -24.65 111.55 -65.36
C THR H 294 -24.09 111.83 -63.96
N SER H 295 -24.90 112.53 -63.16
CA SER H 295 -24.45 112.96 -61.86
C SER H 295 -24.20 111.74 -60.97
N PRO H 296 -23.15 111.76 -60.13
CA PRO H 296 -22.91 110.61 -59.25
C PRO H 296 -24.08 110.35 -58.30
N THR H 297 -24.77 111.39 -57.87
CA THR H 297 -25.86 111.21 -56.92
C THR H 297 -26.98 110.38 -57.53
N GLU H 298 -27.26 110.59 -58.81
CA GLU H 298 -28.28 109.77 -59.48
C GLU H 298 -27.89 108.30 -59.49
N ARG H 299 -26.61 108.00 -59.77
CA ARG H 299 -26.16 106.61 -59.77
C ARG H 299 -26.25 106.01 -58.36
N ARG H 300 -25.86 106.78 -57.35
CA ARG H 300 -25.98 106.28 -55.97
C ARG H 300 -27.43 105.98 -55.63
N ASN H 301 -28.34 106.89 -55.99
CA ASN H 301 -29.75 106.65 -55.74
C ASN H 301 -30.24 105.41 -56.48
N ALA H 302 -29.80 105.23 -57.72
CA ALA H 302 -30.25 104.09 -58.50
C ALA H 302 -29.78 102.77 -57.88
N VAL H 303 -28.53 102.73 -57.42
CA VAL H 303 -28.01 101.47 -56.87
C VAL H 303 -28.48 101.23 -55.45
N LEU H 304 -28.80 102.27 -54.68
CA LEU H 304 -29.28 102.11 -53.32
C LEU H 304 -30.79 101.93 -53.22
N LYS H 305 -31.51 102.08 -54.33
CA LYS H 305 -32.97 102.00 -54.27
C LYS H 305 -33.45 100.60 -53.93
N SER H 306 -32.72 99.56 -54.33
CA SER H 306 -33.05 98.19 -54.02
C SER H 306 -32.09 97.56 -53.03
N LEU H 307 -31.26 98.36 -52.36
CA LEU H 307 -30.24 97.88 -51.44
C LEU H 307 -30.65 98.04 -49.97
N VAL H 308 -31.36 99.12 -49.64
CA VAL H 308 -31.77 99.37 -48.27
C VAL H 308 -33.09 98.65 -48.00
N ASP H 309 -33.52 97.79 -48.92
CA ASP H 309 -34.77 97.06 -48.74
C ASP H 309 -34.72 96.19 -47.49
N ALA H 310 -33.65 95.41 -47.34
CA ALA H 310 -33.51 94.53 -46.19
C ALA H 310 -32.12 93.94 -46.18
N GLY H 311 -31.74 93.38 -45.03
CA GLY H 311 -30.52 92.60 -44.92
C GLY H 311 -29.24 93.38 -45.17
N VAL H 312 -29.14 94.59 -44.65
CA VAL H 312 -27.91 95.37 -44.73
C VAL H 312 -27.70 96.09 -43.41
N SER H 313 -26.43 96.29 -43.05
CA SER H 313 -26.07 96.90 -41.78
C SER H 313 -24.94 97.89 -42.03
N SER H 314 -24.33 98.37 -40.94
CA SER H 314 -23.27 99.36 -41.02
C SER H 314 -22.03 98.85 -41.72
N LYS H 315 -21.85 97.53 -41.81
CA LYS H 315 -20.74 96.94 -42.57
C LYS H 315 -21.12 96.64 -44.00
N GLY H 316 -22.24 97.17 -44.47
CA GLY H 316 -22.75 96.89 -45.80
C GLY H 316 -22.47 98.01 -46.78
N ILE H 317 -23.45 98.90 -46.97
CA ILE H 317 -23.28 99.97 -47.94
C ILE H 317 -22.13 100.88 -47.56
N ALA H 318 -21.81 100.96 -46.27
CA ALA H 318 -20.77 101.89 -45.82
C ALA H 318 -19.42 101.55 -46.45
N GLN H 319 -19.01 100.27 -46.38
CA GLN H 319 -17.78 99.88 -47.05
C GLN H 319 -17.95 99.84 -48.56
N ALA H 320 -19.18 99.65 -49.04
CA ALA H 320 -19.43 99.70 -50.47
C ALA H 320 -19.28 101.09 -51.06
N LYS H 321 -19.27 102.12 -50.21
CA LYS H 321 -19.04 103.48 -50.71
C LYS H 321 -17.72 103.60 -51.45
N GLN H 322 -16.70 102.85 -51.00
CA GLN H 322 -15.43 102.85 -51.71
C GLN H 322 -15.60 102.33 -53.14
N GLU H 323 -16.38 101.25 -53.29
CA GLU H 323 -16.61 100.69 -54.63
C GLU H 323 -17.44 101.62 -55.50
N MET H 324 -18.46 102.27 -54.91
CA MET H 324 -19.17 103.32 -55.64
C MET H 324 -18.21 104.41 -56.11
N GLU H 325 -17.33 104.89 -55.24
CA GLU H 325 -16.41 105.95 -55.61
C GLU H 325 -15.48 105.49 -56.73
N LEU H 326 -15.00 104.24 -56.65
CA LEU H 326 -14.08 103.75 -57.66
C LEU H 326 -14.77 103.61 -59.01
N ARG H 327 -15.98 103.04 -59.03
CA ARG H 327 -16.69 102.90 -60.30
C ARG H 327 -17.08 104.26 -60.87
N GLU H 328 -17.29 105.26 -60.02
CA GLU H 328 -17.49 106.61 -60.52
C GLU H 328 -16.21 107.17 -61.12
N SER H 329 -15.07 106.92 -60.47
CA SER H 329 -13.79 107.37 -61.00
C SER H 329 -13.42 106.64 -62.28
N LEU H 330 -14.03 105.49 -62.56
CA LEU H 330 -13.79 104.80 -63.82
C LEU H 330 -14.18 105.68 -65.00
N GLU H 331 -15.33 106.33 -64.92
CA GLU H 331 -15.81 107.18 -66.00
C GLU H 331 -15.70 108.65 -65.62
N GLY I 25 16.49 -85.91 11.94
CA GLY I 25 17.49 -85.30 11.01
C GLY I 25 16.86 -84.58 9.84
N THR I 26 15.63 -84.98 9.49
CA THR I 26 14.91 -84.40 8.38
C THR I 26 13.96 -83.29 8.80
N THR I 27 13.91 -82.94 10.09
CA THR I 27 13.01 -81.91 10.59
C THR I 27 13.74 -80.64 11.02
N GLY I 28 14.96 -80.74 11.53
CA GLY I 28 15.70 -79.57 11.96
C GLY I 28 16.32 -78.78 10.84
N VAL I 29 16.40 -79.35 9.64
CA VAL I 29 16.99 -78.63 8.50
C VAL I 29 16.14 -77.42 8.12
N GLN I 30 14.85 -77.43 8.42
CA GLN I 30 14.00 -76.29 8.07
C GLN I 30 14.46 -75.04 8.81
N GLN I 31 14.70 -75.15 10.11
CA GLN I 31 15.19 -74.01 10.87
C GLN I 31 16.58 -73.60 10.40
N ALA I 32 17.40 -74.58 10.01
CA ALA I 32 18.71 -74.27 9.45
C ALA I 32 18.58 -73.40 8.21
N LEU I 33 17.70 -73.79 7.29
CA LEU I 33 17.52 -73.01 6.07
C LEU I 33 16.95 -71.63 6.38
N GLY I 34 16.01 -71.55 7.32
CA GLY I 34 15.47 -70.24 7.68
C GLY I 34 16.52 -69.31 8.24
N ALA I 35 17.37 -69.83 9.13
CA ALA I 35 18.45 -69.02 9.68
C ALA I 35 19.45 -68.63 8.60
N LEU I 36 19.73 -69.53 7.65
CA LEU I 36 20.64 -69.19 6.57
C LEU I 36 20.04 -68.13 5.66
N GLY I 37 18.73 -68.13 5.50
CA GLY I 37 18.08 -67.25 4.54
C GLY I 37 17.57 -65.93 5.08
N ASP I 38 17.57 -65.74 6.40
CA ASP I 38 17.15 -64.44 6.93
C ASP I 38 18.31 -63.44 6.99
N ILE I 39 19.54 -63.91 7.15
CA ILE I 39 20.68 -63.00 7.20
C ILE I 39 20.83 -62.28 5.86
N ILE I 40 20.58 -62.99 4.76
CA ILE I 40 20.66 -62.35 3.45
C ILE I 40 19.59 -61.27 3.33
N SER I 41 18.42 -61.49 3.92
CA SER I 41 17.38 -60.47 3.89
C SER I 41 17.81 -59.23 4.66
N ARG I 42 18.40 -59.41 5.84
CA ARG I 42 18.87 -58.24 6.59
C ARG I 42 19.95 -57.51 5.81
N GLN I 43 20.86 -58.25 5.18
CA GLN I 43 21.88 -57.61 4.36
C GLN I 43 21.24 -56.82 3.22
N GLN I 44 20.20 -57.35 2.61
CA GLN I 44 19.54 -56.64 1.52
C GLN I 44 18.91 -55.35 2.03
N GLU I 45 18.28 -55.38 3.21
CA GLU I 45 17.71 -54.15 3.75
C GLU I 45 18.79 -53.11 4.00
N MET I 46 19.92 -53.53 4.55
CA MET I 46 21.03 -52.60 4.74
C MET I 46 21.50 -52.04 3.40
N ASN I 47 21.54 -52.88 2.36
CA ASN I 47 21.94 -52.43 1.04
C ASN I 47 20.98 -51.36 0.53
N VAL I 48 19.67 -51.55 0.77
CA VAL I 48 18.69 -50.56 0.34
C VAL I 48 18.95 -49.22 1.01
N ASN I 49 19.19 -49.25 2.32
CA ASN I 49 19.45 -48.00 3.04
C ASN I 49 20.71 -47.32 2.50
N ASN I 50 21.77 -48.10 2.27
CA ASN I 50 22.99 -47.54 1.71
C ASN I 50 22.75 -46.91 0.35
N ALA I 51 21.95 -47.56 -0.49
CA ALA I 51 21.67 -47.02 -1.82
C ALA I 51 20.93 -45.70 -1.72
N LYS I 52 19.96 -45.60 -0.82
CA LYS I 52 19.25 -44.33 -0.66
C LYS I 52 20.19 -43.22 -0.23
N LEU I 53 21.08 -43.53 0.72
CA LEU I 53 22.04 -42.52 1.16
C LEU I 53 22.96 -42.11 0.02
N GLN I 54 23.37 -43.08 -0.80
CA GLN I 54 24.24 -42.76 -1.93
C GLN I 54 23.52 -41.83 -2.90
N ARG I 55 22.24 -42.07 -3.14
CA ARG I 55 21.48 -41.18 -4.03
C ARG I 55 21.44 -39.77 -3.47
N GLU I 56 21.17 -39.64 -2.16
CA GLU I 56 21.14 -38.32 -1.56
C GLU I 56 22.48 -37.62 -1.69
N ALA I 57 23.57 -38.35 -1.44
CA ALA I 57 24.89 -37.76 -1.55
C ALA I 57 25.17 -37.29 -2.97
N ASN I 58 24.77 -38.10 -3.95
CA ASN I 58 24.95 -37.71 -5.35
C ASN I 58 24.21 -36.41 -5.66
N THR I 59 22.97 -36.31 -5.18
CA THR I 59 22.19 -35.10 -5.43
C THR I 59 22.88 -33.87 -4.85
N GLN I 60 23.29 -33.94 -3.59
CA GLN I 60 23.94 -32.79 -2.99
C GLN I 60 25.27 -32.47 -3.66
N SER I 61 26.01 -33.49 -4.07
CA SER I 61 27.28 -33.24 -4.76
C SER I 61 27.04 -32.45 -6.03
N TYR I 62 26.01 -32.80 -6.79
CA TYR I 62 25.71 -32.01 -7.98
C TYR I 62 25.29 -30.59 -7.59
N LEU I 63 24.39 -30.46 -6.62
CA LEU I 63 23.84 -29.14 -6.31
C LEU I 63 24.92 -28.18 -5.83
N ASP I 64 25.98 -28.70 -5.20
CA ASP I 64 27.05 -27.83 -4.74
C ASP I 64 27.74 -27.13 -5.91
N GLN I 65 27.93 -27.83 -7.03
CA GLN I 65 28.59 -27.22 -8.17
C GLN I 65 27.85 -25.99 -8.65
N VAL I 66 26.53 -26.10 -8.83
CA VAL I 66 25.77 -24.94 -9.26
C VAL I 66 25.75 -23.88 -8.17
N ALA I 67 25.73 -24.28 -6.91
CA ALA I 67 25.72 -23.29 -5.83
C ALA I 67 27.02 -22.50 -5.75
N ALA I 68 28.12 -23.05 -6.24
CA ALA I 68 29.43 -22.44 -6.09
C ALA I 68 29.96 -21.88 -7.42
N SER I 69 29.08 -21.26 -8.19
CA SER I 69 29.44 -20.66 -9.47
C SER I 69 29.05 -19.20 -9.47
N THR I 70 29.91 -18.36 -10.05
CA THR I 70 29.65 -16.93 -10.08
C THR I 70 28.56 -16.61 -11.09
N LEU I 71 27.89 -15.47 -10.86
CA LEU I 71 26.73 -15.11 -11.68
C LEU I 71 27.12 -14.94 -13.14
N GLU I 72 28.30 -14.36 -13.40
CA GLU I 72 28.72 -14.14 -14.78
C GLU I 72 28.85 -15.47 -15.50
N GLN I 73 29.35 -16.50 -14.83
CA GLN I 73 29.49 -17.80 -15.46
C GLN I 73 28.13 -18.37 -15.84
N LEU I 74 27.17 -18.36 -14.90
CA LEU I 74 25.87 -18.93 -15.19
C LEU I 74 25.13 -18.14 -16.26
N SER I 75 25.40 -16.83 -16.37
CA SER I 75 24.79 -16.05 -17.43
C SER I 75 25.27 -16.51 -18.81
N ASN I 76 26.56 -16.82 -18.94
CA ASN I 76 27.09 -17.27 -20.22
C ASN I 76 26.51 -18.62 -20.57
N ALA I 77 25.89 -18.72 -21.74
CA ALA I 77 25.19 -19.95 -22.13
C ALA I 77 26.11 -20.94 -22.83
N ASP I 78 27.26 -21.16 -22.25
CA ASP I 78 28.13 -22.27 -22.61
C ASP I 78 28.59 -23.05 -21.38
N TYR I 79 28.81 -22.35 -20.26
CA TYR I 79 29.11 -23.03 -19.00
C TYR I 79 27.91 -23.83 -18.52
N ARG I 80 26.73 -23.23 -18.56
CA ARG I 80 25.55 -23.94 -18.06
C ARG I 80 25.19 -25.12 -18.93
N SER I 81 25.55 -25.09 -20.23
CA SER I 81 25.29 -26.23 -21.08
C SER I 81 25.99 -27.48 -20.55
N GLY I 82 27.30 -27.37 -20.28
CA GLY I 82 28.00 -28.50 -19.69
C GLY I 82 27.54 -28.80 -18.29
N LEU I 83 27.26 -27.76 -17.50
CA LEU I 83 26.86 -27.97 -16.12
C LEU I 83 25.56 -28.76 -16.03
N GLU I 84 24.63 -28.54 -16.95
CA GLU I 84 23.38 -29.28 -16.97
C GLU I 84 23.45 -30.53 -17.85
N ALA I 85 24.53 -30.70 -18.63
CA ALA I 85 24.78 -31.98 -19.25
C ALA I 85 25.36 -32.98 -18.27
N GLN I 86 26.00 -32.51 -17.19
CA GLN I 86 26.42 -33.45 -16.16
C GLN I 86 25.22 -34.13 -15.48
N ARG I 87 24.13 -33.39 -15.26
CA ARG I 87 22.96 -33.97 -14.62
C ARG I 87 22.11 -34.80 -15.57
N ASP I 88 22.33 -34.69 -16.88
CA ASP I 88 21.60 -35.49 -17.86
C ASP I 88 22.32 -36.78 -18.19
N ALA I 89 23.46 -37.04 -17.54
CA ALA I 89 24.19 -38.29 -17.72
C ALA I 89 24.20 -39.14 -16.47
N MET I 90 23.74 -38.62 -15.34
CA MET I 90 23.62 -39.40 -14.12
C MET I 90 22.30 -40.17 -14.07
N GLY I 91 21.46 -40.02 -15.08
CA GLY I 91 20.23 -40.79 -15.12
C GLY I 91 19.33 -40.46 -13.96
N MET I 92 18.63 -41.48 -13.45
CA MET I 92 17.77 -41.32 -12.29
C MET I 92 18.49 -41.66 -10.99
N ASN I 93 19.81 -41.51 -10.96
CA ASN I 93 20.60 -41.66 -9.74
C ASN I 93 20.69 -40.34 -8.98
N LEU I 94 19.77 -39.42 -9.23
CA LEU I 94 19.73 -38.12 -8.60
C LEU I 94 18.31 -37.93 -8.08
N ASP I 95 17.99 -36.71 -7.68
CA ASP I 95 16.62 -36.31 -7.39
C ASP I 95 16.27 -35.29 -8.47
N ARG I 96 15.70 -35.77 -9.57
CA ARG I 96 15.47 -34.92 -10.74
C ARG I 96 14.27 -34.01 -10.57
N ALA I 97 13.70 -33.93 -9.37
CA ALA I 97 12.63 -33.00 -9.06
C ALA I 97 13.09 -31.86 -8.16
N ALA I 98 14.28 -31.96 -7.58
CA ALA I 98 14.87 -30.89 -6.77
C ALA I 98 16.16 -30.38 -7.39
N THR I 99 16.44 -30.73 -8.64
CA THR I 99 17.63 -30.29 -9.33
C THR I 99 17.30 -29.84 -10.75
N ARG I 100 16.07 -29.35 -10.96
CA ARG I 100 15.63 -28.92 -12.28
C ARG I 100 15.63 -27.40 -12.39
N ASP I 101 14.93 -26.72 -11.51
CA ASP I 101 14.92 -25.27 -11.46
C ASP I 101 15.96 -24.73 -10.47
N ALA I 102 17.18 -25.27 -10.55
CA ALA I 102 18.24 -24.85 -9.66
C ALA I 102 19.01 -23.67 -10.25
N ILE I 103 19.61 -23.88 -11.43
CA ILE I 103 20.46 -22.87 -12.04
C ILE I 103 19.74 -21.53 -12.08
N THR I 104 18.56 -21.49 -12.71
CA THR I 104 17.80 -20.26 -12.79
C THR I 104 17.59 -19.69 -11.39
N LYS I 105 17.06 -20.50 -10.47
CA LYS I 105 16.84 -20.02 -9.12
C LYS I 105 18.11 -19.41 -8.56
N GLN I 106 19.23 -20.10 -8.73
CA GLN I 106 20.49 -19.61 -8.19
C GLN I 106 20.75 -18.20 -8.68
N ILE I 107 20.70 -17.98 -9.99
CA ILE I 107 21.06 -16.66 -10.49
C ILE I 107 20.10 -15.63 -9.92
N SER I 108 18.81 -15.96 -9.88
CA SER I 108 17.85 -15.02 -9.33
C SER I 108 18.27 -14.62 -7.92
N ALA I 109 18.56 -15.61 -7.08
CA ALA I 109 19.00 -15.30 -5.72
C ALA I 109 20.18 -14.35 -5.76
N GLN I 110 21.21 -14.70 -6.54
CA GLN I 110 22.40 -13.87 -6.59
C GLN I 110 22.03 -12.44 -6.95
N GLN I 111 21.20 -12.29 -7.98
CA GLN I 111 20.81 -10.95 -8.41
C GLN I 111 20.25 -10.18 -7.23
N ASN I 112 19.25 -10.77 -6.56
CA ASN I 112 18.64 -10.09 -5.42
C ASN I 112 19.70 -9.65 -4.44
N GLN I 113 20.59 -10.57 -4.05
CA GLN I 113 21.59 -10.24 -3.05
C GLN I 113 22.41 -9.05 -3.51
N ALA I 114 22.87 -9.07 -4.76
CA ALA I 114 23.67 -7.96 -5.26
C ALA I 114 22.93 -6.65 -5.07
N ALA I 115 21.67 -6.62 -5.50
CA ALA I 115 20.90 -5.39 -5.35
C ALA I 115 20.91 -4.92 -3.91
N ALA I 116 20.59 -5.83 -2.99
CA ALA I 116 20.54 -5.46 -1.58
C ALA I 116 21.84 -4.83 -1.15
N THR I 117 22.96 -5.46 -1.53
CA THR I 117 24.25 -4.94 -1.12
C THR I 117 24.39 -3.49 -1.50
N GLN I 118 24.07 -3.17 -2.75
CA GLN I 118 24.22 -1.79 -3.21
C GLN I 118 23.44 -0.85 -2.31
N LYS I 119 22.17 -1.17 -2.04
CA LYS I 119 21.36 -0.30 -1.20
C LYS I 119 22.08 -0.05 0.11
N PHE I 120 22.54 -1.11 0.76
CA PHE I 120 23.23 -0.97 2.03
C PHE I 120 24.37 0.03 1.90
N ASP I 121 25.22 -0.16 0.90
CA ASP I 121 26.37 0.72 0.72
C ASP I 121 25.90 2.17 0.62
N ASP I 122 24.88 2.43 -0.21
CA ASP I 122 24.41 3.79 -0.37
C ASP I 122 24.05 4.40 0.98
N MET I 123 23.27 3.66 1.77
CA MET I 123 22.88 4.20 3.07
C MET I 123 24.12 4.56 3.88
N GLN I 124 25.08 3.65 3.93
CA GLN I 124 26.30 3.92 4.69
C GLN I 124 26.92 5.23 4.22
N ALA I 125 27.05 5.38 2.89
CA ALA I 125 27.68 6.58 2.36
C ALA I 125 26.97 7.82 2.86
N GLU I 126 25.64 7.80 2.83
CA GLU I 126 24.89 8.99 3.24
C GLU I 126 25.28 9.37 4.66
N VAL I 127 25.34 8.40 5.57
CA VAL I 127 25.73 8.69 6.94
C VAL I 127 27.12 9.32 6.95
N GLY I 128 28.07 8.69 6.26
CA GLY I 128 29.43 9.22 6.26
C GLY I 128 29.51 10.61 5.68
N GLN I 129 28.53 10.99 4.88
CA GLN I 129 28.55 12.30 4.25
C GLN I 129 27.80 13.35 5.07
N ARG I 130 27.05 12.94 6.08
CA ARG I 130 26.17 13.87 6.78
C ARG I 130 26.92 15.12 7.22
N GLY I 131 28.04 14.93 7.90
CA GLY I 131 28.79 16.06 8.41
C GLY I 131 29.12 17.05 7.33
N ILE I 132 29.59 16.57 6.18
CA ILE I 132 29.96 17.47 5.10
C ILE I 132 28.74 18.30 4.70
N VAL I 133 27.60 17.63 4.49
CA VAL I 133 26.40 18.35 4.09
C VAL I 133 26.08 19.42 5.12
N ASP I 134 26.25 19.09 6.41
CA ASP I 134 25.99 20.05 7.46
C ASP I 134 26.75 21.34 7.22
N GLN I 135 28.06 21.23 6.96
CA GLN I 135 28.87 22.42 6.76
C GLN I 135 28.30 23.24 5.62
N LEU I 136 27.83 22.58 4.56
CA LEU I 136 27.32 23.33 3.42
C LEU I 136 26.15 24.20 3.84
N ARG I 137 25.24 23.65 4.67
CA ARG I 137 24.10 24.45 5.10
C ARG I 137 24.54 25.66 5.89
N THR I 138 25.66 25.57 6.60
CA THR I 138 26.17 26.72 7.33
C THR I 138 26.75 27.78 6.40
N LEU I 139 27.23 27.38 5.23
CA LEU I 139 27.87 28.33 4.33
C LEU I 139 26.86 29.02 3.43
N SER I 140 25.84 28.32 2.96
CA SER I 140 24.88 28.90 2.04
C SER I 140 23.90 29.84 2.72
N ALA I 141 23.79 29.79 4.05
CA ALA I 141 22.91 30.68 4.78
C ALA I 141 23.58 31.98 5.18
N GLU I 142 24.88 32.12 4.90
CA GLU I 142 25.60 33.36 5.19
C GLU I 142 25.85 34.17 3.93
N GLY I 143 25.29 33.77 2.79
CA GLY I 143 25.48 34.46 1.55
C GLY I 143 26.65 33.95 0.73
N ARG I 144 27.62 33.31 1.37
CA ARG I 144 28.78 32.79 0.64
C ARG I 144 28.34 31.67 -0.28
N ALA I 145 28.22 31.96 -1.57
CA ALA I 145 27.77 31.00 -2.55
C ALA I 145 28.89 30.50 -3.45
N GLY I 146 30.07 31.12 -3.40
CA GLY I 146 31.19 30.66 -4.20
C GLY I 146 31.97 29.54 -3.59
N GLU I 147 31.84 29.32 -2.28
CA GLU I 147 32.51 28.22 -1.60
C GLU I 147 31.61 26.99 -1.48
N VAL I 148 30.38 27.05 -1.96
CA VAL I 148 29.50 25.89 -1.96
C VAL I 148 29.55 25.27 -3.35
N ASN I 149 29.65 26.11 -4.38
CA ASN I 149 29.80 25.61 -5.73
C ASN I 149 31.21 25.12 -6.01
N GLN I 150 32.16 25.33 -5.10
CA GLN I 150 33.51 24.81 -5.22
C GLN I 150 33.78 23.63 -4.32
N ILE I 151 33.03 23.49 -3.21
CA ILE I 151 33.11 22.28 -2.42
C ILE I 151 32.30 21.18 -3.08
N LEU I 152 31.25 21.54 -3.81
CA LEU I 152 30.45 20.59 -4.57
C LEU I 152 30.99 20.34 -5.96
N ALA I 153 32.28 20.56 -6.17
CA ALA I 153 32.95 20.21 -7.42
C ALA I 153 34.14 19.28 -7.21
N GLU I 154 34.75 19.26 -6.04
CA GLU I 154 35.83 18.34 -5.71
C GLU I 154 35.33 17.17 -4.87
N GLN I 155 34.54 17.46 -3.84
CA GLN I 155 33.85 16.45 -3.05
C GLN I 155 32.56 16.01 -3.70
N GLN I 156 32.39 16.25 -4.99
CA GLN I 156 31.11 16.07 -5.67
C GLN I 156 30.86 14.59 -5.94
N LEU I 157 30.87 13.81 -4.86
CA LEU I 157 30.51 12.40 -4.90
C LEU I 157 29.33 12.14 -3.97
N ILE I 158 28.58 13.18 -3.60
CA ILE I 158 27.53 13.02 -2.62
C ILE I 158 26.46 12.10 -3.20
N ASN I 159 25.98 11.16 -2.38
CA ASN I 159 25.08 10.14 -2.86
C ASN I 159 23.70 10.65 -3.23
N GLU I 160 23.39 11.91 -2.89
CA GLU I 160 22.05 12.45 -3.04
C GLU I 160 22.11 13.82 -3.68
N GLY I 161 22.79 13.92 -4.83
CA GLY I 161 23.00 15.22 -5.44
C GLY I 161 21.75 15.89 -5.98
N GLU I 162 20.75 16.04 -5.11
CA GLU I 162 19.61 16.92 -5.33
C GLU I 162 19.56 18.04 -4.31
N ILE I 163 20.40 17.98 -3.27
CA ILE I 163 20.63 19.11 -2.39
C ILE I 163 21.22 20.29 -3.14
N ARG I 164 21.73 20.06 -4.35
CA ARG I 164 22.14 21.15 -5.22
C ARG I 164 21.00 22.08 -5.56
N LYS I 165 19.76 21.64 -5.38
CA LYS I 165 18.59 22.45 -5.67
C LYS I 165 18.14 23.29 -4.48
N GLU I 166 18.19 22.74 -3.27
CA GLU I 166 17.75 23.50 -2.10
C GLU I 166 18.73 24.64 -1.80
N LEU I 167 20.02 24.38 -1.90
CA LEU I 167 21.00 25.41 -1.60
C LEU I 167 20.89 26.57 -2.57
N THR I 168 20.49 26.32 -3.81
CA THR I 168 20.20 27.42 -4.73
C THR I 168 18.96 28.19 -4.29
N GLY I 169 17.94 27.46 -3.80
CA GLY I 169 16.74 28.13 -3.34
C GLY I 169 17.01 29.07 -2.19
N VAL I 170 17.95 28.70 -1.31
CA VAL I 170 18.27 29.57 -0.18
C VAL I 170 18.78 30.92 -0.68
N GLN I 171 19.76 30.89 -1.59
CA GLN I 171 20.32 32.16 -2.06
C GLN I 171 19.31 32.94 -2.91
N ASP I 172 18.45 32.24 -3.65
CA ASP I 172 17.40 32.94 -4.36
C ASP I 172 16.46 33.66 -3.39
N ALA I 173 16.11 33.01 -2.29
CA ALA I 173 15.27 33.65 -1.29
C ALA I 173 15.98 34.88 -0.71
N ILE I 174 17.28 34.77 -0.45
CA ILE I 174 18.02 35.90 0.09
C ILE I 174 17.95 37.08 -0.87
N GLN I 175 18.22 36.82 -2.16
CA GLN I 175 18.21 37.91 -3.13
C GLN I 175 16.82 38.52 -3.25
N ASN I 176 15.78 37.69 -3.24
CA ASN I 176 14.42 38.20 -3.32
C ASN I 176 14.11 39.10 -2.13
N ARG I 177 14.52 38.69 -0.93
CA ARG I 177 14.27 39.51 0.24
C ARG I 177 14.94 40.87 0.10
N GLN I 178 16.19 40.89 -0.34
CA GLN I 178 16.89 42.16 -0.50
C GLN I 178 16.18 43.05 -1.51
N TYR I 179 15.77 42.47 -2.64
CA TYR I 179 15.11 43.26 -3.67
C TYR I 179 13.79 43.82 -3.16
N ARG I 180 13.03 43.02 -2.41
CA ARG I 180 11.77 43.51 -1.87
C ARG I 180 11.99 44.68 -0.93
N ALA I 181 13.02 44.59 -0.07
CA ALA I 181 13.31 45.70 0.82
C ALA I 181 13.62 46.97 0.05
N ALA I 182 14.46 46.86 -0.99
CA ALA I 182 14.78 48.03 -1.79
C ALA I 182 13.54 48.62 -2.44
N GLY I 183 12.67 47.76 -2.98
CA GLY I 183 11.45 48.25 -3.60
C GLY I 183 10.56 48.98 -2.62
N GLU I 184 10.45 48.45 -1.40
CA GLU I 184 9.61 49.12 -0.40
C GLU I 184 10.16 50.50 -0.09
N GLN I 185 11.48 50.62 0.06
CA GLN I 185 12.06 51.94 0.33
C GLN I 185 11.77 52.91 -0.82
N ARG I 186 11.90 52.43 -2.05
CA ARG I 186 11.64 53.30 -3.20
C ARG I 186 10.19 53.76 -3.20
N ALA I 187 9.26 52.85 -2.91
CA ALA I 187 7.85 53.23 -2.89
C ALA I 187 7.57 54.29 -1.83
N GLN I 188 8.18 54.14 -0.66
CA GLN I 188 7.98 55.15 0.38
C GLN I 188 8.45 56.51 -0.07
N ALA I 189 9.65 56.57 -0.68
CA ALA I 189 10.15 57.85 -1.15
C ALA I 189 9.21 58.46 -2.19
N ALA I 190 8.71 57.64 -3.11
CA ALA I 190 7.80 58.15 -4.12
C ALA I 190 6.53 58.71 -3.49
N ALA I 191 6.00 58.04 -2.46
CA ALA I 191 4.81 58.55 -1.80
C ALA I 191 5.07 59.91 -1.17
N ASN I 192 6.21 60.07 -0.51
CA ASN I 192 6.51 61.38 0.09
C ASN I 192 6.57 62.46 -0.98
N ARG I 193 7.23 62.19 -2.11
CA ARG I 193 7.30 63.18 -3.17
C ARG I 193 5.91 63.55 -3.67
N ALA I 194 5.06 62.54 -3.87
CA ALA I 194 3.72 62.81 -4.36
C ALA I 194 2.95 63.70 -3.39
N ALA I 195 3.09 63.44 -2.09
CA ALA I 195 2.39 64.26 -1.10
C ALA I 195 2.82 65.71 -1.19
N GLU I 196 4.13 65.94 -1.27
CA GLU I 196 4.62 67.32 -1.35
C GLU I 196 4.08 68.02 -2.59
N ALA I 197 4.15 67.33 -3.73
CA ALA I 197 3.67 67.94 -4.97
C ALA I 197 2.20 68.29 -4.88
N HIS I 198 1.39 67.39 -4.30
CA HIS I 198 -0.04 67.65 -4.19
C HIS I 198 -0.30 68.86 -3.31
N SER I 199 0.43 69.00 -2.20
CA SER I 199 0.23 70.15 -1.34
C SER I 199 0.49 71.45 -2.09
N LEU I 200 1.62 71.52 -2.80
CA LEU I 200 1.92 72.75 -3.52
C LEU I 200 0.87 73.03 -4.59
N SER I 201 0.44 72.00 -5.32
CA SER I 201 -0.53 72.19 -6.37
C SER I 201 -1.86 72.71 -5.82
N MET I 202 -2.29 72.16 -4.67
CA MET I 202 -3.52 72.64 -4.07
C MET I 202 -3.41 74.10 -3.68
N ALA I 203 -2.28 74.51 -3.10
CA ALA I 203 -2.12 75.90 -2.72
C ALA I 203 -2.25 76.81 -3.94
N ALA I 204 -1.54 76.47 -5.02
CA ALA I 204 -1.61 77.30 -6.22
C ALA I 204 -3.02 77.37 -6.78
N GLY I 205 -3.70 76.22 -6.85
CA GLY I 205 -5.04 76.21 -7.40
C GLY I 205 -6.01 77.04 -6.59
N ARG I 206 -5.91 76.96 -5.26
CA ARG I 206 -6.80 77.76 -4.42
C ARG I 206 -6.56 79.24 -4.63
N GLU I 207 -5.30 79.66 -4.73
CA GLU I 207 -5.03 81.07 -5.00
C GLU I 207 -5.63 81.50 -6.32
N ASN I 208 -5.47 80.68 -7.36
CA ASN I 208 -6.00 81.04 -8.67
C ASN I 208 -7.52 81.17 -8.63
N LEU I 209 -8.19 80.24 -7.94
CA LEU I 209 -9.65 80.32 -7.85
C LEU I 209 -10.08 81.59 -7.13
N ALA I 210 -9.39 81.94 -6.05
CA ALA I 210 -9.74 83.17 -5.34
C ALA I 210 -9.61 84.38 -6.25
N PHE I 211 -8.53 84.44 -7.02
CA PHE I 211 -8.36 85.56 -7.94
C PHE I 211 -9.48 85.61 -8.97
N THR I 212 -9.82 84.46 -9.56
CA THR I 212 -10.85 84.46 -10.58
C THR I 212 -12.18 84.93 -10.00
N ARG I 213 -12.50 84.49 -8.78
CA ARG I 213 -13.75 84.93 -8.15
C ARG I 213 -13.74 86.44 -7.92
N GLU I 214 -12.61 86.99 -7.47
CA GLU I 214 -12.55 88.43 -7.24
C GLU I 214 -12.71 89.20 -8.55
N GLN I 215 -12.05 88.76 -9.61
CA GLN I 215 -12.23 89.41 -10.91
C GLN I 215 -13.67 89.36 -11.37
N ARG I 216 -14.35 88.30 -11.17
CA ARG I 216 -15.70 88.46 -11.72
C ARG I 216 -16.39 89.45 -10.80
N ASP I 217 -16.39 89.17 -9.51
CA ASP I 217 -17.19 90.09 -8.73
C ASP I 217 -16.98 91.53 -9.17
N GLU I 218 -15.72 91.91 -9.42
CA GLU I 218 -15.44 93.27 -9.83
C GLU I 218 -16.10 93.59 -11.18
N LEU I 219 -15.97 92.69 -12.15
CA LEU I 219 -16.55 92.96 -13.46
C LEU I 219 -18.07 93.04 -13.39
N ARG I 220 -18.69 92.14 -12.63
CA ARG I 220 -20.15 92.18 -12.51
C ARG I 220 -20.60 93.44 -11.79
N ARG I 221 -19.86 93.88 -10.77
CA ARG I 221 -20.19 95.15 -10.13
C ARG I 221 -20.12 96.30 -11.13
N ASP I 222 -19.08 96.32 -11.95
CA ASP I 222 -18.94 97.40 -12.93
C ASP I 222 -20.12 97.40 -13.90
N ARG I 223 -20.47 96.23 -14.43
CA ARG I 223 -21.56 96.17 -15.40
C ARG I 223 -22.89 96.58 -14.75
N ASP I 224 -23.14 96.11 -13.53
CA ASP I 224 -24.38 96.48 -12.85
C ASP I 224 -24.43 97.98 -12.60
N GLU I 225 -23.31 98.57 -12.18
CA GLU I 225 -23.28 100.01 -11.94
C GLU I 225 -23.53 100.77 -13.22
N ALA I 226 -22.94 100.32 -14.33
CA ALA I 226 -23.13 101.01 -15.61
C ALA I 226 -24.60 100.97 -16.02
N LYS I 227 -25.23 99.79 -15.95
CA LYS I 227 -26.62 99.73 -16.37
C LYS I 227 -27.52 100.52 -15.43
N LEU I 228 -27.24 100.50 -14.12
CA LEU I 228 -28.07 101.24 -13.18
C LEU I 228 -27.92 102.74 -13.39
N VAL I 229 -26.70 103.22 -13.62
CA VAL I 229 -26.53 104.65 -13.82
C VAL I 229 -27.17 105.09 -15.13
N SER I 230 -27.08 104.25 -16.17
CA SER I 230 -27.77 104.58 -17.42
C SER I 230 -29.27 104.68 -17.20
N GLY I 231 -29.85 103.72 -16.48
CA GLY I 231 -31.28 103.77 -16.22
C GLY I 231 -31.68 104.99 -15.40
N THR I 232 -30.90 105.31 -14.37
CA THR I 232 -31.21 106.47 -13.55
C THR I 232 -31.10 107.76 -14.34
N ILE I 233 -30.07 107.86 -15.20
CA ILE I 233 -29.94 109.05 -16.04
C ILE I 233 -31.14 109.17 -16.96
N ALA I 234 -31.55 108.06 -17.57
CA ALA I 234 -32.68 108.09 -18.50
C ALA I 234 -33.95 108.53 -17.80
N THR I 235 -34.25 107.94 -16.63
CA THR I 235 -35.48 108.29 -15.94
C THR I 235 -35.43 109.71 -15.39
N THR I 236 -34.27 110.18 -14.94
CA THR I 236 -34.15 111.56 -14.48
C THR I 236 -34.35 112.54 -15.63
N PHE I 237 -33.78 112.24 -16.81
CA PHE I 237 -34.00 113.08 -17.97
C PHE I 237 -35.46 113.11 -18.36
N GLN I 238 -36.12 111.94 -18.31
CA GLN I 238 -37.55 111.89 -18.62
C GLN I 238 -38.33 112.73 -17.62
N ASP I 239 -38.01 112.63 -16.33
CA ASP I 239 -38.72 113.39 -15.31
C ASP I 239 -38.52 114.89 -15.52
N TYR I 240 -37.29 115.30 -15.82
CA TYR I 240 -37.03 116.72 -16.03
C TYR I 240 -37.74 117.23 -17.29
N ASP I 241 -37.77 116.42 -18.34
CA ASP I 241 -38.49 116.82 -19.55
C ASP I 241 -39.98 116.94 -19.29
N GLU I 242 -40.55 116.02 -18.51
CA GLU I 242 -41.96 116.12 -18.14
C GLU I 242 -42.22 117.37 -17.31
N SER I 243 -41.31 117.69 -16.39
CA SER I 243 -41.48 118.91 -15.60
C SER I 243 -41.41 120.15 -16.49
N ARG I 244 -40.48 120.16 -17.45
CA ARG I 244 -40.35 121.30 -18.35
C ARG I 244 -41.59 121.46 -19.23
N GLN I 245 -42.12 120.36 -19.76
CA GLN I 245 -43.31 120.47 -20.57
C GLN I 245 -44.52 120.85 -19.73
N ALA I 246 -44.58 120.40 -18.47
CA ALA I 246 -45.69 120.77 -17.60
C ALA I 246 -45.67 122.26 -17.30
N GLN I 247 -44.50 122.81 -16.93
CA GLN I 247 -44.43 124.24 -16.67
C GLN I 247 -44.66 125.03 -17.96
N SER I 248 -44.18 124.53 -19.10
CA SER I 248 -44.43 125.22 -20.36
C SER I 248 -45.92 125.28 -20.68
N GLU I 249 -46.64 124.16 -20.47
CA GLU I 249 -48.06 124.16 -20.77
C GLU I 249 -48.84 125.00 -19.76
N ILE I 250 -48.39 125.05 -18.50
CA ILE I 250 -49.03 125.93 -17.53
C ILE I 250 -48.86 127.39 -17.94
N MET I 251 -47.65 127.76 -18.36
CA MET I 251 -47.42 129.12 -18.85
C MET I 251 -48.26 129.41 -20.09
N ARG I 252 -48.40 128.43 -20.98
CA ARG I 252 -49.23 128.62 -22.16
C ARG I 252 -50.70 128.81 -21.77
N ILE I 253 -51.17 128.06 -20.77
CA ILE I 253 -52.54 128.25 -20.30
C ILE I 253 -52.71 129.66 -19.76
N VAL I 254 -51.73 130.13 -18.98
CA VAL I 254 -51.79 131.50 -18.46
C VAL I 254 -51.83 132.50 -19.62
N GLY I 255 -50.98 132.29 -20.63
CA GLY I 255 -50.95 133.22 -21.75
C GLY I 255 -52.26 133.28 -22.51
N LYS I 256 -52.86 132.11 -22.77
CA LYS I 256 -54.15 132.10 -23.44
C LYS I 256 -55.24 132.71 -22.56
N GLU I 257 -55.11 132.59 -21.24
CA GLU I 257 -56.02 133.28 -20.34
C GLU I 257 -55.89 134.79 -20.50
N VAL I 258 -54.66 135.29 -20.63
CA VAL I 258 -54.45 136.71 -20.90
C VAL I 258 -55.08 137.08 -22.24
N GLY I 259 -54.84 136.26 -23.27
CA GLY I 259 -55.44 136.47 -24.57
C GLY I 259 -54.53 136.16 -25.75
N MET I 260 -53.25 135.94 -25.48
CA MET I 260 -52.27 135.68 -26.54
C MET I 260 -52.64 134.39 -27.25
N PRO I 261 -52.81 134.40 -28.60
CA PRO I 261 -53.14 133.14 -29.30
C PRO I 261 -51.89 132.43 -29.85
N THR I 262 -51.05 131.93 -28.94
CA THR I 262 -49.86 131.16 -29.32
C THR I 262 -48.95 131.97 -30.26
N ASP I 263 -48.91 133.29 -30.06
CA ASP I 263 -48.24 134.20 -30.98
C ASP I 263 -48.87 133.97 -32.34
N ASP I 264 -48.11 133.60 -33.38
CA ASP I 264 -48.67 133.25 -34.68
C ASP I 264 -48.24 131.87 -35.16
N GLN I 265 -46.99 131.48 -34.92
CA GLN I 265 -46.53 130.15 -35.30
C GLN I 265 -45.33 129.77 -34.43
N GLY I 266 -45.23 128.49 -34.13
CA GLY I 266 -44.13 127.98 -33.33
C GLY I 266 -43.26 126.97 -34.07
N MET I 267 -43.88 126.17 -34.95
CA MET I 267 -43.16 125.13 -35.66
C MET I 267 -42.32 125.70 -36.81
N PRO I 268 -42.91 126.48 -37.73
CA PRO I 268 -42.11 126.90 -38.89
C PRO I 268 -41.06 127.95 -38.57
N ASP I 269 -41.43 128.97 -37.80
CA ASP I 269 -40.53 130.06 -37.47
C ASP I 269 -41.09 130.79 -36.24
N MET I 270 -40.50 131.94 -35.93
CA MET I 270 -40.96 132.80 -34.86
C MET I 270 -41.63 134.04 -35.45
N SER I 271 -42.57 134.62 -34.71
CA SER I 271 -43.31 135.77 -35.20
C SER I 271 -43.81 136.58 -34.01
N ARG I 272 -44.29 137.79 -34.32
CA ARG I 272 -44.78 138.70 -33.30
C ARG I 272 -46.15 138.24 -32.79
N ALA I 273 -46.53 138.79 -31.64
CA ALA I 273 -47.82 138.52 -31.01
C ALA I 273 -48.53 139.83 -30.70
N SER I 274 -49.64 139.76 -29.97
CA SER I 274 -50.36 140.98 -29.61
C SER I 274 -49.51 141.87 -28.71
N GLN I 275 -48.80 141.28 -27.75
CA GLN I 275 -47.90 142.01 -26.86
C GLN I 275 -46.55 141.32 -26.83
N ASP I 276 -45.50 142.12 -26.70
CA ASP I 276 -44.15 141.59 -26.80
C ASP I 276 -43.67 141.01 -25.46
N GLN I 277 -43.63 141.84 -24.42
CA GLN I 277 -43.07 141.43 -23.14
C GLN I 277 -43.83 142.11 -22.02
N LEU I 278 -43.68 141.57 -20.81
CA LEU I 278 -44.34 142.10 -19.62
C LEU I 278 -45.85 142.14 -19.81
N ASP I 279 -46.41 141.06 -20.37
CA ASP I 279 -47.85 140.98 -20.55
C ASP I 279 -48.58 141.02 -19.21
N ALA I 280 -48.08 140.28 -18.23
CA ALA I 280 -48.69 140.23 -16.91
C ALA I 280 -47.67 139.68 -15.92
N PHE I 281 -47.96 139.88 -14.63
CA PHE I 281 -47.05 139.38 -13.60
C PHE I 281 -46.99 137.86 -13.62
N SER I 282 -48.12 137.20 -13.87
CA SER I 282 -48.13 135.74 -13.90
C SER I 282 -47.26 135.21 -15.04
N ASN I 283 -47.34 135.83 -16.22
CA ASN I 283 -46.50 135.41 -17.33
C ASN I 283 -45.03 135.66 -17.02
N ALA I 284 -44.70 136.79 -16.41
CA ALA I 284 -43.32 137.15 -16.13
C ALA I 284 -42.74 136.42 -14.91
N LEU I 285 -43.57 135.73 -14.13
CA LEU I 285 -43.07 135.05 -12.95
C LEU I 285 -42.08 133.95 -13.32
N ASN I 286 -42.40 133.15 -14.34
CA ASN I 286 -41.56 132.05 -14.78
C ASN I 286 -41.12 132.16 -16.23
N GLU I 287 -42.02 132.53 -17.14
CA GLU I 287 -41.71 132.64 -18.56
C GLU I 287 -41.15 131.33 -19.11
N ALA I 288 -41.63 130.21 -18.57
CA ALA I 288 -41.26 128.88 -19.04
C ALA I 288 -39.75 128.65 -18.92
N GLY I 289 -39.18 129.12 -17.82
CA GLY I 289 -37.76 128.96 -17.58
C GLY I 289 -36.93 130.07 -18.19
N VAL I 290 -37.26 131.31 -17.85
CA VAL I 290 -36.53 132.47 -18.35
C VAL I 290 -36.58 132.49 -19.87
N GLN I 291 -37.76 132.77 -20.42
CA GLN I 291 -37.95 132.86 -21.87
C GLN I 291 -37.53 131.57 -22.57
N ALA I 292 -37.98 130.44 -22.02
CA ALA I 292 -37.70 129.12 -22.58
C ALA I 292 -36.20 128.89 -22.75
N ASN I 293 -35.42 129.29 -21.74
CA ASN I 293 -33.97 129.12 -21.76
C ASN I 293 -33.66 127.69 -21.33
N THR I 294 -33.79 126.77 -22.28
CA THR I 294 -33.44 125.37 -22.05
C THR I 294 -31.93 125.17 -22.21
N SER I 295 -31.19 125.88 -21.37
CA SER I 295 -29.73 125.86 -21.47
C SER I 295 -29.22 124.45 -21.17
N PRO I 296 -28.18 123.99 -21.89
CA PRO I 296 -27.67 122.64 -21.59
C PRO I 296 -27.17 122.50 -20.16
N THR I 297 -26.59 123.56 -19.60
CA THR I 297 -25.99 123.45 -18.27
C THR I 297 -27.04 123.12 -17.22
N GLU I 298 -28.26 123.69 -17.36
CA GLU I 298 -29.37 123.44 -16.40
C GLU I 298 -29.84 121.99 -16.49
N ARG I 299 -29.83 121.43 -17.69
CA ARG I 299 -30.18 120.02 -17.85
C ARG I 299 -29.10 119.11 -17.29
N ARG I 300 -27.82 119.45 -17.51
CA ARG I 300 -26.74 118.65 -16.95
C ARG I 300 -26.79 118.66 -15.43
N ASN I 301 -27.02 119.81 -14.84
CA ASN I 301 -27.09 119.87 -13.37
C ASN I 301 -28.29 119.07 -12.87
N ALA I 302 -29.43 119.16 -13.55
CA ALA I 302 -30.61 118.43 -13.11
C ALA I 302 -30.39 116.92 -13.20
N VAL I 303 -29.83 116.44 -14.31
CA VAL I 303 -29.63 115.00 -14.48
C VAL I 303 -28.45 114.49 -13.65
N LEU I 304 -27.55 115.38 -13.23
CA LEU I 304 -26.36 114.97 -12.49
C LEU I 304 -26.53 115.08 -10.98
N LYS I 305 -27.55 115.80 -10.51
CA LYS I 305 -27.68 116.05 -9.08
C LYS I 305 -27.85 114.76 -8.28
N SER I 306 -28.43 113.72 -8.90
CA SER I 306 -28.59 112.42 -8.26
C SER I 306 -27.59 111.39 -8.77
N LEU I 307 -26.61 111.81 -9.58
CA LEU I 307 -25.64 110.91 -10.20
C LEU I 307 -24.33 110.86 -9.44
N VAL I 308 -23.76 112.01 -9.11
CA VAL I 308 -22.49 112.08 -8.38
C VAL I 308 -22.63 111.71 -6.91
N ASP I 309 -23.84 111.33 -6.47
CA ASP I 309 -24.05 111.03 -5.05
C ASP I 309 -23.11 109.94 -4.57
N ALA I 310 -23.03 108.83 -5.31
CA ALA I 310 -22.18 107.72 -4.89
C ALA I 310 -22.03 106.75 -6.04
N GLY I 311 -21.00 105.91 -5.94
CA GLY I 311 -20.80 104.83 -6.90
C GLY I 311 -20.58 105.28 -8.31
N VAL I 312 -19.70 106.26 -8.52
CA VAL I 312 -19.38 106.77 -9.85
C VAL I 312 -17.90 107.05 -9.93
N SER I 313 -17.31 106.78 -11.10
CA SER I 313 -15.89 106.97 -11.33
C SER I 313 -15.69 107.50 -12.74
N SER I 314 -14.45 107.45 -13.22
CA SER I 314 -14.12 108.00 -14.53
C SER I 314 -14.90 107.31 -15.65
N LYS I 315 -15.28 106.05 -15.46
CA LYS I 315 -16.13 105.37 -16.44
C LYS I 315 -17.60 105.74 -16.30
N GLY I 316 -17.92 106.71 -15.45
CA GLY I 316 -19.29 107.08 -15.17
C GLY I 316 -19.73 108.33 -15.89
N ILE I 317 -19.65 109.48 -15.20
CA ILE I 317 -20.18 110.72 -15.76
C ILE I 317 -19.51 111.03 -17.10
N ALA I 318 -18.23 110.69 -17.24
CA ALA I 318 -17.58 110.87 -18.54
C ALA I 318 -18.28 110.06 -19.62
N GLN I 319 -18.64 108.81 -19.29
CA GLN I 319 -19.39 108.00 -20.24
C GLN I 319 -20.78 108.59 -20.49
N ALA I 320 -21.42 109.11 -19.45
CA ALA I 320 -22.75 109.69 -19.60
C ALA I 320 -22.74 111.02 -20.33
N LYS I 321 -21.57 111.65 -20.49
CA LYS I 321 -21.54 112.96 -21.15
C LYS I 321 -22.01 112.86 -22.59
N GLN I 322 -21.50 111.87 -23.35
CA GLN I 322 -21.96 111.72 -24.72
C GLN I 322 -23.44 111.36 -24.76
N GLU I 323 -23.94 110.65 -23.75
CA GLU I 323 -25.37 110.39 -23.65
C GLU I 323 -26.16 111.69 -23.52
N MET I 324 -25.66 112.62 -22.70
CA MET I 324 -26.33 113.91 -22.56
C MET I 324 -26.23 114.73 -23.86
N GLU I 325 -25.09 114.65 -24.54
CA GLU I 325 -24.99 115.30 -25.85
C GLU I 325 -26.04 114.75 -26.82
N LEU I 326 -26.20 113.43 -26.83
CA LEU I 326 -27.20 112.82 -27.70
C LEU I 326 -28.61 113.27 -27.32
N ARG I 327 -28.89 113.34 -26.00
CA ARG I 327 -30.21 113.78 -25.56
C ARG I 327 -30.48 115.21 -26.00
N GLU I 328 -29.47 116.09 -25.89
CA GLU I 328 -29.63 117.45 -26.38
C GLU I 328 -29.87 117.46 -27.89
N SER I 329 -29.11 116.66 -28.63
CA SER I 329 -29.26 116.62 -30.09
C SER I 329 -30.62 116.07 -30.50
N LEU I 330 -31.26 115.27 -29.65
CA LEU I 330 -32.59 114.76 -29.98
C LEU I 330 -33.59 115.90 -30.13
N GLU I 331 -33.55 116.87 -29.24
CA GLU I 331 -34.44 118.02 -29.31
C GLU I 331 -33.66 119.31 -29.54
N MET J 1 -54.89 -76.93 19.41
CA MET J 1 -54.81 -75.57 18.80
C MET J 1 -55.67 -75.55 17.53
N ALA J 2 -55.57 -74.47 16.75
CA ALA J 2 -56.36 -74.37 15.53
C ALA J 2 -56.00 -75.47 14.54
N TYR J 3 -54.71 -75.78 14.41
CA TYR J 3 -54.21 -76.78 13.47
C TYR J 3 -53.30 -77.74 14.24
N PRO J 4 -53.88 -78.67 15.01
CA PRO J 4 -53.03 -79.62 15.76
C PRO J 4 -52.16 -80.48 14.85
N TYR J 5 -52.61 -80.77 13.64
CA TYR J 5 -51.87 -81.61 12.68
C TYR J 5 -51.67 -82.98 13.35
N SER J 6 -50.51 -83.63 13.17
CA SER J 6 -50.26 -84.96 13.73
C SER J 6 -48.86 -85.02 14.31
N ASP J 7 -48.47 -83.99 15.07
CA ASP J 7 -47.16 -83.96 15.71
C ASP J 7 -47.15 -84.57 17.10
N MET J 8 -48.31 -84.84 17.69
CA MET J 8 -48.33 -85.47 19.01
C MET J 8 -47.73 -86.86 19.03
N PRO J 9 -47.97 -87.76 18.06
CA PRO J 9 -47.25 -89.05 18.11
C PRO J 9 -45.75 -88.87 17.97
N PHE J 10 -45.30 -87.91 17.15
CA PHE J 10 -43.88 -87.63 17.02
C PHE J 10 -43.28 -87.19 18.35
N GLY J 11 -43.97 -86.27 19.03
CA GLY J 11 -43.49 -85.82 20.33
C GLY J 11 -43.48 -86.93 21.36
N VAL J 12 -44.50 -87.79 21.34
CA VAL J 12 -44.55 -88.90 22.28
C VAL J 12 -43.39 -89.86 22.02
N GLU J 13 -43.15 -90.20 20.76
CA GLU J 13 -42.08 -91.14 20.43
C GLU J 13 -40.71 -90.56 20.77
N LEU J 14 -40.48 -89.28 20.46
CA LEU J 14 -39.16 -88.69 20.69
C LEU J 14 -38.86 -88.58 22.18
N ASP J 15 -39.86 -88.28 22.99
CA ASP J 15 -39.72 -88.15 24.45
C ASP J 15 -38.71 -87.02 24.68
N THR J 16 -37.60 -87.25 25.40
CA THR J 16 -36.63 -86.20 25.68
C THR J 16 -35.20 -86.74 25.60
N SER J 17 -34.99 -87.83 24.87
CA SER J 17 -33.66 -88.41 24.77
C SER J 17 -32.71 -87.47 24.05
N THR J 18 -31.46 -87.42 24.51
CA THR J 18 -30.45 -86.56 23.92
C THR J 18 -29.77 -87.30 22.77
N LEU J 19 -28.78 -86.66 22.15
CA LEU J 19 -28.05 -87.27 21.05
C LEU J 19 -27.28 -88.50 21.55
N GLY J 20 -27.27 -89.54 20.72
CA GLY J 20 -26.56 -90.76 21.06
C GLY J 20 -26.97 -91.92 20.19
N SER J 21 -27.27 -93.07 20.81
CA SER J 21 -27.70 -94.28 20.10
C SER J 21 -26.57 -94.72 19.18
N PHE J 22 -26.79 -94.89 17.88
CA PHE J 22 -25.76 -95.37 16.97
C PHE J 22 -25.63 -94.54 15.69
N GLY J 23 -26.63 -93.75 15.32
CA GLY J 23 -26.57 -93.00 14.08
C GLY J 23 -25.85 -91.68 14.20
N LEU J 24 -24.62 -91.71 14.69
CA LEU J 24 -23.80 -90.52 14.85
C LEU J 24 -24.53 -89.46 15.68
N GLY J 25 -25.21 -89.92 16.73
CA GLY J 25 -25.94 -89.02 17.60
C GLY J 25 -27.38 -88.80 17.15
N GLY J 26 -28.12 -89.90 16.99
CA GLY J 26 -29.50 -89.83 16.54
C GLY J 26 -29.67 -90.46 15.16
N PRO J 27 -30.19 -91.69 15.11
CA PRO J 27 -30.35 -92.37 13.82
C PRO J 27 -31.61 -91.90 13.10
N GLN J 28 -31.86 -92.53 11.94
CA GLN J 28 -33.01 -92.19 11.10
C GLN J 28 -34.24 -92.86 11.70
N THR J 29 -34.78 -92.23 12.75
CA THR J 29 -35.95 -92.77 13.43
C THR J 29 -37.16 -92.77 12.50
N GLN J 30 -37.32 -91.72 11.70
CA GLN J 30 -38.48 -91.57 10.85
C GLN J 30 -38.29 -92.39 9.57
N LEU J 31 -39.24 -92.30 8.64
CA LEU J 31 -39.24 -93.07 7.41
C LEU J 31 -39.27 -92.11 6.23
N GLN J 32 -38.63 -92.51 5.14
CA GLN J 32 -38.57 -91.67 3.95
C GLN J 32 -39.97 -91.45 3.37
N MET J 33 -40.18 -90.28 2.79
CA MET J 33 -41.46 -89.90 2.21
C MET J 33 -41.26 -89.36 0.80
N GLN J 34 -42.29 -89.53 -0.03
CA GLN J 34 -42.22 -89.07 -1.41
C GLN J 34 -42.24 -87.55 -1.46
N MET J 35 -41.76 -87.01 -2.58
CA MET J 35 -41.72 -85.57 -2.76
C MET J 35 -43.14 -85.02 -2.88
N PRO J 36 -43.37 -83.78 -2.45
CA PRO J 36 -44.72 -83.20 -2.57
C PRO J 36 -45.23 -83.13 -4.00
N ALA J 37 -44.36 -82.84 -4.97
CA ALA J 37 -44.79 -82.70 -6.35
C ALA J 37 -43.59 -82.94 -7.27
N VAL J 38 -43.88 -83.46 -8.46
CA VAL J 38 -42.81 -83.71 -9.44
C VAL J 38 -42.23 -82.40 -9.93
N ASP J 39 -43.09 -81.45 -10.30
CA ASP J 39 -42.64 -80.16 -10.82
C ASP J 39 -42.64 -79.11 -9.72
N VAL J 40 -41.68 -78.19 -9.79
CA VAL J 40 -41.55 -77.16 -8.76
C VAL J 40 -42.79 -76.29 -8.73
N ASN J 41 -43.28 -75.88 -9.90
CA ASN J 41 -44.48 -75.04 -10.01
C ASN J 41 -44.37 -73.80 -9.14
N ALA J 42 -43.18 -73.21 -9.11
CA ALA J 42 -42.91 -72.00 -8.33
C ALA J 42 -43.24 -72.23 -6.86
N ALA J 43 -42.54 -73.20 -6.27
CA ALA J 43 -42.73 -73.58 -4.86
C ALA J 43 -44.19 -74.02 -4.71
N ALA J 44 -44.86 -73.66 -3.61
CA ALA J 44 -46.25 -74.06 -3.38
C ALA J 44 -47.23 -73.03 -3.92
N SER J 45 -47.05 -72.66 -5.19
CA SER J 45 -47.93 -71.70 -5.87
C SER J 45 -48.00 -70.40 -5.07
N GLY J 46 -49.20 -69.98 -4.66
CA GLY J 46 -49.32 -68.76 -3.90
C GLY J 46 -48.68 -68.84 -2.53
N SER J 47 -48.77 -70.03 -1.90
CA SER J 47 -48.19 -70.19 -0.57
C SER J 47 -46.68 -69.98 -0.60
N GLY J 48 -46.01 -70.53 -1.62
CA GLY J 48 -44.57 -70.38 -1.72
C GLY J 48 -44.13 -68.96 -2.00
N GLY J 49 -44.50 -68.45 -3.17
CA GLY J 49 -44.13 -67.09 -3.52
C GLY J 49 -42.63 -66.88 -3.62
N PHE J 50 -41.92 -67.82 -4.23
CA PHE J 50 -40.48 -67.76 -4.39
C PHE J 50 -40.13 -67.50 -5.85
N MET J 51 -38.84 -67.41 -6.14
CA MET J 51 -38.33 -67.13 -7.47
C MET J 51 -37.36 -68.23 -7.90
N ALA J 52 -37.72 -69.49 -7.62
CA ALA J 52 -36.84 -70.60 -7.97
C ALA J 52 -36.63 -70.68 -9.48
N GLY J 53 -37.69 -70.55 -10.26
CA GLY J 53 -37.63 -70.64 -11.71
C GLY J 53 -37.64 -69.33 -12.45
N PHE J 54 -37.47 -68.19 -11.75
CA PHE J 54 -37.51 -66.89 -12.39
C PHE J 54 -36.26 -66.06 -12.10
N SER J 55 -35.57 -66.35 -10.99
CA SER J 55 -34.36 -65.62 -10.65
C SER J 55 -33.30 -65.82 -11.74
N ASN J 56 -32.82 -67.05 -11.90
CA ASN J 56 -31.87 -67.42 -12.94
C ASN J 56 -30.72 -66.42 -12.98
N ILE J 57 -30.01 -66.34 -11.85
CA ILE J 57 -28.94 -65.34 -11.70
C ILE J 57 -27.84 -65.60 -12.72
N PHE J 58 -27.15 -66.72 -12.59
CA PHE J 58 -26.14 -67.16 -13.57
C PHE J 58 -25.10 -66.07 -13.81
N SER J 59 -24.65 -65.42 -12.74
CA SER J 59 -23.66 -64.34 -12.83
C SER J 59 -22.60 -64.54 -11.77
N ARG J 60 -21.32 -64.44 -12.17
CA ARG J 60 -20.23 -64.73 -11.24
C ARG J 60 -20.20 -63.75 -10.07
N ASP J 61 -20.59 -62.49 -10.31
CA ASP J 61 -20.52 -61.49 -9.26
C ASP J 61 -21.34 -61.88 -8.05
N SER J 62 -22.44 -62.62 -8.25
CA SER J 62 -23.29 -63.00 -7.13
C SER J 62 -22.59 -63.99 -6.22
N MET J 63 -21.91 -64.98 -6.80
CA MET J 63 -21.18 -65.93 -5.98
C MET J 63 -19.95 -65.28 -5.34
N PHE J 64 -19.17 -64.55 -6.13
CA PHE J 64 -17.88 -64.04 -5.69
C PHE J 64 -17.91 -62.55 -5.37
N GLY J 65 -19.09 -61.95 -5.30
CA GLY J 65 -19.16 -60.55 -4.92
C GLY J 65 -18.70 -59.64 -6.07
N GLY J 66 -18.44 -58.39 -5.70
CA GLY J 66 -18.00 -57.40 -6.67
C GLY J 66 -18.10 -55.98 -6.15
N VAL J 67 -17.15 -55.14 -6.55
CA VAL J 67 -17.09 -53.75 -6.10
C VAL J 67 -17.10 -52.86 -7.33
N ALA J 68 -18.02 -51.90 -7.36
CA ALA J 68 -18.08 -50.92 -8.43
C ALA J 68 -17.19 -49.74 -8.08
N PRO J 69 -16.87 -48.89 -9.06
CA PRO J 69 -16.07 -47.70 -8.77
C PRO J 69 -16.76 -46.82 -7.75
N SER J 70 -15.96 -46.14 -6.93
CA SER J 70 -16.47 -45.28 -5.88
C SER J 70 -17.08 -46.10 -4.74
N GLY J 71 -16.39 -47.16 -4.34
CA GLY J 71 -16.88 -47.97 -3.23
C GLY J 71 -18.21 -48.62 -3.56
N ALA J 72 -19.03 -48.79 -2.52
CA ALA J 72 -20.34 -49.42 -2.65
C ALA J 72 -20.21 -50.84 -3.20
N GLN J 73 -19.57 -51.69 -2.41
CA GLN J 73 -19.36 -53.08 -2.79
C GLN J 73 -20.46 -53.96 -2.26
N THR J 74 -20.64 -55.10 -2.92
CA THR J 74 -21.59 -56.13 -2.53
C THR J 74 -20.83 -57.44 -2.35
N GLY J 75 -21.28 -58.25 -1.40
CA GLY J 75 -20.62 -59.51 -1.06
C GLY J 75 -21.46 -60.69 -1.52
N GLY J 76 -20.80 -61.70 -2.08
CA GLY J 76 -21.50 -62.88 -2.51
C GLY J 76 -21.85 -63.80 -1.36
N TRP J 77 -22.63 -64.83 -1.67
CA TRP J 77 -23.02 -65.80 -0.67
C TRP J 77 -21.97 -66.87 -0.41
N VAL J 78 -20.85 -66.84 -1.16
CA VAL J 78 -19.85 -67.88 -1.04
C VAL J 78 -19.23 -67.89 0.35
N LEU J 79 -18.89 -66.72 0.89
CA LEU J 79 -18.30 -66.67 2.22
C LEU J 79 -19.26 -67.16 3.30
N PRO J 80 -20.51 -66.69 3.35
CA PRO J 80 -21.46 -67.30 4.30
C PRO J 80 -21.61 -68.81 4.11
N ALA J 81 -21.62 -69.29 2.87
CA ALA J 81 -21.78 -70.72 2.65
C ALA J 81 -20.60 -71.50 3.24
N LEU J 82 -19.37 -71.04 3.00
CA LEU J 82 -18.22 -71.72 3.59
C LEU J 82 -18.24 -71.61 5.10
N GLY J 83 -18.66 -70.47 5.65
CA GLY J 83 -18.75 -70.37 7.10
C GLY J 83 -19.72 -71.38 7.69
N ILE J 84 -20.90 -71.50 7.08
CA ILE J 84 -21.90 -72.45 7.58
C ILE J 84 -21.38 -73.88 7.47
N GLY J 85 -20.76 -74.21 6.33
CA GLY J 85 -20.19 -75.54 6.19
C GLY J 85 -19.12 -75.82 7.22
N GLN J 86 -18.28 -74.82 7.49
CA GLN J 86 -17.25 -74.97 8.52
C GLN J 86 -17.86 -75.29 9.87
N ALA J 87 -18.88 -74.52 10.25
CA ALA J 87 -19.54 -74.75 11.53
C ALA J 87 -20.14 -76.15 11.60
N VAL J 88 -20.87 -76.55 10.56
CA VAL J 88 -21.55 -77.84 10.58
C VAL J 88 -20.53 -78.97 10.68
N PHE J 89 -19.45 -78.89 9.89
CA PHE J 89 -18.49 -79.97 9.89
C PHE J 89 -17.71 -80.03 11.20
N GLY J 90 -17.42 -78.88 11.80
CA GLY J 90 -16.80 -78.89 13.12
C GLY J 90 -17.68 -79.55 14.15
N ALA J 91 -18.99 -79.23 14.14
CA ALA J 91 -19.90 -79.87 15.08
C ALA J 91 -19.96 -81.39 14.85
N ILE J 92 -20.00 -81.80 13.59
CA ILE J 92 -20.04 -83.24 13.29
C ILE J 92 -18.77 -83.92 13.79
N GLY J 93 -17.62 -83.28 13.60
CA GLY J 93 -16.39 -83.86 14.09
C GLY J 93 -16.36 -84.01 15.59
N ALA J 94 -16.82 -82.99 16.31
CA ALA J 94 -16.89 -83.09 17.77
C ALA J 94 -17.81 -84.22 18.20
N ASN J 95 -18.98 -84.34 17.55
CA ASN J 95 -19.89 -85.42 17.87
C ASN J 95 -19.25 -86.77 17.62
N ARG J 96 -18.53 -86.90 16.51
CA ARG J 96 -17.86 -88.17 16.20
C ARG J 96 -16.82 -88.52 17.25
N GLN J 97 -16.05 -87.54 17.70
CA GLN J 97 -15.04 -87.82 18.72
C GLN J 97 -15.69 -88.26 20.02
N GLN J 98 -16.77 -87.59 20.43
CA GLN J 98 -17.47 -87.99 21.64
C GLN J 98 -18.01 -89.41 21.51
N ARG J 99 -18.59 -89.74 20.35
CA ARG J 99 -19.11 -91.08 20.15
C ARG J 99 -18.00 -92.12 20.20
N ALA J 100 -16.85 -91.81 19.62
CA ALA J 100 -15.74 -92.76 19.65
C ALA J 100 -15.27 -93.01 21.08
N ALA J 101 -15.17 -91.94 21.88
CA ALA J 101 -14.77 -92.11 23.27
C ALA J 101 -15.77 -92.98 24.03
N ARG J 102 -17.07 -92.71 23.84
CA ARG J 102 -18.07 -93.52 24.52
C ARG J 102 -17.98 -94.98 24.08
N ASP J 103 -17.75 -95.21 22.79
CA ASP J 103 -17.64 -96.58 22.29
C ASP J 103 -16.45 -97.29 22.92
N GLN J 104 -15.32 -96.60 23.05
CA GLN J 104 -14.15 -97.22 23.67
C GLN J 104 -14.44 -97.58 25.13
N LEU J 105 -15.10 -96.68 25.86
CA LEU J 105 -15.41 -96.97 27.25
C LEU J 105 -16.35 -98.17 27.36
N ALA J 106 -17.36 -98.23 26.51
CA ALA J 106 -18.27 -99.37 26.53
C ALA J 106 -17.54 -100.66 26.18
N GLU J 107 -16.59 -100.58 25.25
CA GLU J 107 -15.81 -101.76 24.90
C GLU J 107 -15.01 -102.28 26.09
N SER J 108 -14.39 -101.37 26.84
CA SER J 108 -13.64 -101.80 28.02
C SER J 108 -14.57 -102.42 29.07
N ARG J 109 -15.74 -101.81 29.27
CA ARG J 109 -16.69 -102.36 30.24
C ARG J 109 -17.11 -103.77 29.84
N ARG J 110 -17.44 -103.97 28.56
CA ARG J 110 -17.79 -105.30 28.08
C ARG J 110 -16.63 -106.26 28.26
N GLN J 111 -15.41 -105.79 27.99
CA GLN J 111 -14.21 -106.61 28.14
C GLN J 111 -14.16 -107.22 29.54
N PHE J 112 -14.22 -106.38 30.58
CA PHE J 112 -14.12 -106.93 31.92
C PHE J 112 -15.36 -107.73 32.31
N ASP J 113 -16.56 -107.29 31.94
CA ASP J 113 -17.72 -108.07 32.32
C ASP J 113 -17.64 -109.48 31.73
N MET J 114 -17.23 -109.59 30.48
CA MET J 114 -17.09 -110.90 29.83
C MET J 114 -16.01 -111.72 30.53
N ASN J 115 -14.86 -111.11 30.84
CA ASN J 115 -13.78 -111.86 31.46
C ASN J 115 -14.21 -112.37 32.83
N TYR J 116 -14.89 -111.52 33.61
CA TYR J 116 -15.32 -111.93 34.94
C TYR J 116 -16.36 -113.04 34.88
N GLY J 117 -17.33 -112.92 33.97
CA GLY J 117 -18.30 -114.00 33.82
C GLY J 117 -17.62 -115.32 33.49
N ALA J 118 -16.62 -115.26 32.62
CA ALA J 118 -15.87 -116.45 32.27
C ALA J 118 -15.18 -117.06 33.49
N GLN J 119 -14.45 -116.25 34.23
CA GLN J 119 -13.72 -116.77 35.39
C GLN J 119 -14.70 -117.31 36.42
N ARG J 120 -15.83 -116.63 36.61
CA ARG J 120 -16.84 -117.10 37.55
C ARG J 120 -17.39 -118.46 37.16
N GLN J 121 -17.72 -118.64 35.88
CA GLN J 121 -18.23 -119.94 35.46
C GLN J 121 -17.16 -121.01 35.58
N SER J 122 -15.90 -120.66 35.35
CA SER J 122 -14.82 -121.63 35.52
C SER J 122 -14.71 -122.09 36.97
N ILE J 123 -14.73 -121.14 37.91
CA ILE J 123 -14.69 -121.54 39.32
C ILE J 123 -15.96 -122.30 39.70
N ASN J 124 -17.10 -121.97 39.10
CA ASN J 124 -18.31 -122.72 39.38
C ASN J 124 -18.16 -124.18 38.98
N THR J 125 -17.64 -124.42 37.78
CA THR J 125 -17.39 -125.79 37.36
C THR J 125 -16.39 -126.47 38.28
N ASN J 126 -15.33 -125.76 38.65
CA ASN J 126 -14.30 -126.35 39.51
C ASN J 126 -14.90 -126.78 40.85
N LEU J 127 -15.63 -125.88 41.51
CA LEU J 127 -16.18 -126.21 42.82
C LEU J 127 -17.24 -127.30 42.71
N GLU J 128 -18.05 -127.29 41.64
CA GLU J 128 -19.08 -128.31 41.49
C GLU J 128 -18.43 -129.69 41.34
N ASP J 129 -17.39 -129.79 40.51
CA ASP J 129 -16.75 -131.09 40.33
C ASP J 129 -15.97 -131.51 41.59
N ARG J 130 -15.39 -130.55 42.32
CA ARG J 130 -14.71 -130.90 43.56
C ARG J 130 -15.70 -131.43 44.59
N GLN J 131 -16.88 -130.82 44.70
CA GLN J 131 -17.87 -131.26 45.67
C GLN J 131 -18.63 -132.51 45.23
N ARG J 132 -18.63 -132.82 43.94
CA ARG J 132 -19.28 -134.05 43.49
C ARG J 132 -18.61 -135.26 44.11
N ALA J 133 -17.28 -135.28 44.19
CA ALA J 133 -16.58 -136.38 44.82
C ALA J 133 -16.94 -136.48 46.30
N ARG J 134 -17.02 -135.34 46.99
CA ARG J 134 -17.36 -135.35 48.41
C ARG J 134 -18.75 -135.94 48.63
N VAL J 135 -19.73 -135.51 47.82
CA VAL J 135 -21.08 -136.00 48.02
C VAL J 135 -21.27 -137.42 47.51
N ALA J 136 -20.39 -137.91 46.62
CA ALA J 136 -20.48 -139.28 46.14
C ALA J 136 -19.74 -140.27 47.03
N SER J 137 -18.73 -139.83 47.77
CA SER J 137 -17.96 -140.74 48.61
C SER J 137 -18.72 -141.09 49.88
N ASN J 138 -18.97 -140.09 50.74
CA ASN J 138 -19.67 -140.29 52.01
C ASN J 138 -20.74 -139.21 52.14
N PRO J 139 -21.93 -139.44 51.61
CA PRO J 139 -22.98 -138.39 51.71
C PRO J 139 -23.33 -138.01 53.13
N THR J 140 -23.31 -138.95 54.08
CA THR J 140 -23.84 -138.68 55.41
C THR J 140 -22.95 -137.72 56.19
N ALA J 141 -21.63 -137.96 56.21
CA ALA J 141 -20.73 -137.14 57.00
C ALA J 141 -20.23 -135.91 56.25
N TYR J 142 -20.67 -135.68 55.01
CA TYR J 142 -20.32 -134.51 54.25
C TYR J 142 -21.58 -133.75 53.87
N GLU J 143 -21.39 -132.47 53.50
CA GLU J 143 -22.51 -131.60 53.21
C GLU J 143 -23.18 -132.02 51.90
N SER J 144 -24.44 -131.61 51.75
CA SER J 144 -25.21 -131.94 50.56
C SER J 144 -24.86 -131.01 49.41
N VAL J 145 -25.33 -131.37 48.22
CA VAL J 145 -25.08 -130.54 47.04
C VAL J 145 -25.80 -129.20 47.16
N ASP J 146 -27.01 -129.21 47.72
CA ASP J 146 -27.77 -127.97 47.83
C ASP J 146 -27.10 -126.98 48.78
N SER J 147 -26.56 -127.48 49.90
CA SER J 147 -25.92 -126.58 50.86
C SER J 147 -24.73 -125.87 50.23
N TYR J 148 -23.89 -126.61 49.49
CA TYR J 148 -22.78 -126.00 48.79
C TYR J 148 -23.28 -125.08 47.68
N MET J 149 -24.37 -125.46 47.01
CA MET J 149 -24.91 -124.66 45.92
C MET J 149 -25.33 -123.28 46.42
N GLU J 150 -26.00 -123.22 47.57
CA GLU J 150 -26.46 -121.95 48.11
C GLU J 150 -25.38 -121.18 48.85
N ARG J 151 -24.61 -121.84 49.72
CA ARG J 151 -23.73 -121.14 50.65
C ARG J 151 -22.29 -121.07 50.18
N ASN J 152 -21.78 -122.09 49.49
CA ASN J 152 -20.39 -122.18 49.10
C ASN J 152 -20.24 -122.15 47.58
N ARG J 153 -20.99 -121.27 46.92
CA ARG J 153 -20.91 -121.07 45.48
C ARG J 153 -20.66 -119.60 45.18
N ILE J 154 -19.85 -119.35 44.15
CA ILE J 154 -19.49 -118.00 43.75
C ILE J 154 -20.65 -117.41 42.95
N ARG J 155 -21.05 -116.20 43.30
CA ARG J 155 -22.18 -115.56 42.63
C ARG J 155 -21.98 -115.48 41.11
N MET K 1 -40.19 -87.00 -16.35
CA MET K 1 -39.04 -86.24 -16.90
C MET K 1 -38.91 -86.60 -18.37
N ALA K 2 -38.65 -85.61 -19.22
CA ALA K 2 -38.60 -85.87 -20.65
C ALA K 2 -37.50 -86.87 -21.00
N TYR K 3 -36.34 -86.75 -20.35
CA TYR K 3 -35.18 -87.57 -20.63
C TYR K 3 -34.69 -88.18 -19.31
N PRO K 4 -35.38 -89.20 -18.80
CA PRO K 4 -34.94 -89.81 -17.52
C PRO K 4 -33.56 -90.44 -17.59
N TYR K 5 -33.07 -90.77 -18.78
CA TYR K 5 -31.75 -91.39 -18.97
C TYR K 5 -31.75 -92.72 -18.20
N SER K 6 -30.62 -93.13 -17.64
CA SER K 6 -30.52 -94.42 -16.96
C SER K 6 -29.73 -94.29 -15.67
N ASP K 7 -29.98 -93.22 -14.92
CA ASP K 7 -29.34 -93.03 -13.62
C ASP K 7 -30.14 -93.65 -12.47
N MET K 8 -31.37 -94.11 -12.73
CA MET K 8 -32.13 -94.76 -11.67
C MET K 8 -31.47 -96.05 -11.15
N PRO K 9 -30.93 -96.95 -11.99
CA PRO K 9 -30.21 -98.09 -11.40
C PRO K 9 -29.02 -97.66 -10.58
N PHE K 10 -28.31 -96.61 -11.01
CA PHE K 10 -27.18 -96.10 -10.23
C PHE K 10 -27.65 -95.61 -8.86
N GLY K 11 -28.73 -94.85 -8.83
CA GLY K 11 -29.25 -94.38 -7.56
C GLY K 11 -29.72 -95.50 -6.67
N VAL K 12 -30.35 -96.52 -7.26
CA VAL K 12 -30.80 -97.66 -6.47
C VAL K 12 -29.62 -98.41 -5.88
N GLU K 13 -28.58 -98.64 -6.68
CA GLU K 13 -27.42 -99.38 -6.18
C GLU K 13 -26.67 -98.60 -5.12
N LEU K 14 -26.50 -97.29 -5.32
CA LEU K 14 -25.75 -96.48 -4.36
C LEU K 14 -26.49 -96.40 -3.02
N ASP K 15 -27.82 -96.35 -3.07
CA ASP K 15 -28.66 -96.28 -1.85
C ASP K 15 -28.26 -94.99 -1.12
N THR K 16 -27.95 -95.04 0.18
CA THR K 16 -27.57 -93.85 0.94
C THR K 16 -26.41 -94.12 1.87
N SER K 17 -25.59 -95.12 1.55
CA SER K 17 -24.44 -95.44 2.39
C SER K 17 -23.43 -94.30 2.35
N THR K 18 -22.79 -94.06 3.50
CA THR K 18 -21.79 -93.00 3.61
C THR K 18 -20.43 -93.53 3.17
N LEU K 19 -19.40 -92.68 3.30
CA LEU K 19 -18.05 -93.08 2.94
C LEU K 19 -17.54 -94.15 3.90
N GLY K 20 -16.76 -95.08 3.35
CA GLY K 20 -16.21 -96.17 4.15
C GLY K 20 -15.71 -97.32 3.30
N SER K 21 -16.10 -98.53 3.67
CA SER K 21 -15.71 -99.76 2.96
C SER K 21 -14.18 -99.86 3.03
N PHE K 22 -13.48 -100.01 1.91
CA PHE K 22 -12.03 -100.19 1.91
C PHE K 22 -11.29 -99.28 0.94
N GLY K 23 -11.97 -98.65 -0.01
CA GLY K 23 -11.30 -97.82 -0.99
C GLY K 23 -11.05 -96.40 -0.51
N LEU K 24 -10.51 -96.26 0.70
CA LEU K 24 -10.25 -94.96 1.30
C LEU K 24 -11.51 -94.09 1.30
N GLY K 25 -12.63 -94.71 1.67
CA GLY K 25 -13.90 -94.00 1.73
C GLY K 25 -14.69 -94.07 0.45
N GLY K 26 -14.92 -95.29 -0.05
CA GLY K 26 -15.67 -95.50 -1.27
C GLY K 26 -14.79 -96.06 -2.37
N PRO K 27 -14.90 -97.36 -2.65
CA PRO K 27 -14.08 -97.95 -3.72
C PRO K 27 -14.71 -97.71 -5.08
N GLN K 28 -14.06 -98.25 -6.11
CA GLN K 28 -14.51 -98.10 -7.49
C GLN K 28 -15.70 -99.04 -7.72
N THR K 29 -16.87 -98.59 -7.24
CA THR K 29 -18.08 -99.37 -7.42
C THR K 29 -18.43 -99.55 -8.89
N GLN K 30 -18.28 -98.49 -9.68
CA GLN K 30 -18.59 -98.52 -11.10
C GLN K 30 -17.40 -99.08 -11.88
N LEU K 31 -17.56 -99.20 -13.19
CA LEU K 31 -16.56 -99.74 -14.09
C LEU K 31 -15.94 -98.62 -14.91
N GLN K 32 -15.03 -98.99 -15.80
CA GLN K 32 -14.33 -98.05 -16.66
C GLN K 32 -14.97 -98.04 -18.04
N MET K 33 -15.21 -96.84 -18.57
CA MET K 33 -15.87 -96.66 -19.86
C MET K 33 -14.92 -96.00 -20.86
N GLN K 34 -15.08 -96.36 -22.12
CA GLN K 34 -14.24 -95.83 -23.18
C GLN K 34 -14.51 -94.34 -23.39
N MET K 35 -13.49 -93.64 -23.90
CA MET K 35 -13.62 -92.21 -24.14
C MET K 35 -14.69 -91.95 -25.20
N PRO K 36 -15.46 -90.87 -25.08
CA PRO K 36 -16.47 -90.60 -26.12
C PRO K 36 -15.91 -90.44 -27.52
N ALA K 37 -14.73 -89.85 -27.66
CA ALA K 37 -14.14 -89.61 -28.97
C ALA K 37 -12.63 -89.52 -28.83
N VAL K 38 -11.91 -90.03 -29.83
CA VAL K 38 -10.45 -89.97 -29.80
C VAL K 38 -9.98 -88.53 -29.89
N ASP K 39 -10.53 -87.78 -30.84
CA ASP K 39 -10.16 -86.38 -31.04
C ASP K 39 -11.08 -85.48 -30.24
N VAL K 40 -10.52 -84.38 -29.73
CA VAL K 40 -11.30 -83.45 -28.92
C VAL K 40 -12.43 -82.84 -29.74
N ASN K 41 -12.14 -82.42 -30.98
CA ASN K 41 -13.15 -81.87 -31.88
C ASN K 41 -13.89 -80.71 -31.22
N ALA K 42 -13.16 -79.87 -30.49
CA ALA K 42 -13.75 -78.76 -29.74
C ALA K 42 -14.85 -79.26 -28.81
N ALA K 43 -14.51 -80.26 -28.00
CA ALA K 43 -15.46 -80.90 -27.08
C ALA K 43 -16.57 -81.52 -27.93
N ALA K 44 -17.83 -81.43 -27.51
CA ALA K 44 -18.95 -82.04 -28.24
C ALA K 44 -19.52 -81.09 -29.29
N SER K 45 -18.64 -80.55 -30.14
CA SER K 45 -19.04 -79.65 -31.21
C SER K 45 -19.85 -78.48 -30.66
N GLY K 46 -21.09 -78.29 -31.13
CA GLY K 46 -21.91 -77.21 -30.63
C GLY K 46 -22.29 -77.37 -29.18
N SER K 47 -22.52 -78.61 -28.74
CA SER K 47 -22.91 -78.84 -27.34
C SER K 47 -21.81 -78.40 -26.38
N GLY K 48 -20.55 -78.70 -26.71
CA GLY K 48 -19.44 -78.30 -25.88
C GLY K 48 -19.22 -76.80 -25.88
N GLY K 49 -18.82 -76.27 -27.02
CA GLY K 49 -18.62 -74.83 -27.15
C GLY K 49 -17.56 -74.27 -26.22
N PHE K 50 -16.44 -74.98 -26.09
CA PHE K 50 -15.33 -74.54 -25.24
C PHE K 50 -14.22 -73.96 -26.12
N MET K 51 -13.14 -73.53 -25.47
CA MET K 51 -12.01 -72.91 -26.14
C MET K 51 -10.71 -73.67 -25.84
N ALA K 52 -10.81 -74.97 -25.58
CA ALA K 52 -9.63 -75.75 -25.24
C ALA K 52 -8.62 -75.78 -26.38
N GLY K 53 -9.10 -75.95 -27.61
CA GLY K 53 -8.24 -76.06 -28.77
C GLY K 53 -7.85 -74.76 -29.41
N PHE K 54 -8.24 -73.61 -28.84
CA PHE K 54 -7.95 -72.31 -29.42
C PHE K 54 -7.37 -71.30 -28.45
N SER K 55 -7.47 -71.51 -27.13
CA SER K 55 -6.96 -70.53 -26.17
C SER K 55 -5.45 -70.37 -26.31
N ASN K 56 -4.70 -71.43 -26.00
CA ASN K 56 -3.25 -71.45 -26.16
C ASN K 56 -2.59 -70.21 -25.57
N ILE K 57 -2.83 -70.00 -24.27
CA ILE K 57 -2.33 -68.79 -23.63
C ILE K 57 -0.81 -68.78 -23.59
N PHE K 58 -0.20 -69.89 -23.15
CA PHE K 58 1.26 -70.05 -23.10
C PHE K 58 1.98 -68.79 -22.65
N SER K 59 1.46 -68.16 -21.60
CA SER K 59 1.97 -66.88 -21.10
C SER K 59 2.29 -67.00 -19.62
N ARG K 60 3.50 -66.56 -19.25
CA ARG K 60 3.94 -66.68 -17.87
C ARG K 60 3.21 -65.71 -16.94
N ASP K 61 2.84 -64.53 -17.44
CA ASP K 61 2.15 -63.55 -16.60
C ASP K 61 0.82 -64.11 -16.10
N SER K 62 0.17 -64.95 -16.90
CA SER K 62 -1.05 -65.59 -16.44
C SER K 62 -0.78 -66.49 -15.24
N MET K 63 0.32 -67.23 -15.26
CA MET K 63 0.64 -68.10 -14.14
C MET K 63 1.01 -67.30 -12.90
N PHE K 64 1.90 -66.32 -13.05
CA PHE K 64 2.48 -65.61 -11.90
C PHE K 64 1.97 -64.18 -11.78
N GLY K 65 0.88 -63.83 -12.46
CA GLY K 65 0.34 -62.50 -12.32
C GLY K 65 1.23 -61.45 -12.95
N GLY K 66 1.15 -60.24 -12.41
CA GLY K 66 1.92 -59.12 -12.90
C GLY K 66 1.20 -57.81 -12.63
N VAL K 67 1.98 -56.76 -12.43
CA VAL K 67 1.47 -55.43 -12.12
C VAL K 67 2.02 -54.45 -13.15
N ALA K 68 1.13 -53.69 -13.76
CA ALA K 68 1.52 -52.65 -14.71
C ALA K 68 1.78 -51.34 -13.97
N PRO K 69 2.44 -50.38 -14.60
CA PRO K 69 2.66 -49.09 -13.95
C PRO K 69 1.34 -48.44 -13.59
N SER K 70 1.35 -47.69 -12.49
CA SER K 70 0.14 -47.06 -11.97
C SER K 70 -0.81 -48.09 -11.37
N GLY K 71 -0.26 -49.03 -10.61
CA GLY K 71 -1.09 -50.02 -9.97
C GLY K 71 -1.85 -50.88 -10.99
N ALA K 72 -3.07 -51.25 -10.61
CA ALA K 72 -3.91 -52.10 -11.45
C ALA K 72 -3.23 -53.44 -11.72
N GLN K 73 -3.03 -54.19 -10.65
CA GLN K 73 -2.37 -55.49 -10.74
C GLN K 73 -3.39 -56.61 -10.88
N THR K 74 -2.89 -57.77 -11.30
CA THR K 74 -3.69 -58.98 -11.40
C THR K 74 -2.92 -60.13 -10.78
N GLY K 75 -3.65 -61.10 -10.26
CA GLY K 75 -3.08 -62.28 -9.63
C GLY K 75 -3.23 -63.50 -10.53
N GLY K 76 -2.19 -64.31 -10.60
CA GLY K 76 -2.22 -65.51 -11.41
C GLY K 76 -2.94 -66.65 -10.71
N TRP K 77 -3.18 -67.73 -11.46
CA TRP K 77 -3.89 -68.87 -10.90
C TRP K 77 -3.02 -69.72 -9.98
N VAL K 78 -1.73 -69.45 -9.90
CA VAL K 78 -0.84 -70.31 -9.12
C VAL K 78 -1.23 -70.26 -7.65
N LEU K 79 -1.53 -69.08 -7.12
CA LEU K 79 -1.91 -68.99 -5.71
C LEU K 79 -3.20 -69.74 -5.41
N PRO K 80 -4.31 -69.52 -6.13
CA PRO K 80 -5.50 -70.34 -5.87
C PRO K 80 -5.27 -71.82 -6.05
N ALA K 81 -4.48 -72.22 -7.05
CA ALA K 81 -4.21 -73.65 -7.24
C ALA K 81 -3.47 -74.21 -6.05
N LEU K 82 -2.47 -73.48 -5.55
CA LEU K 82 -1.74 -73.93 -4.38
C LEU K 82 -2.67 -74.01 -3.17
N GLY K 83 -3.55 -73.04 -3.02
CA GLY K 83 -4.46 -73.07 -1.88
C GLY K 83 -5.39 -74.28 -1.91
N ILE K 84 -6.00 -74.54 -3.06
CA ILE K 84 -6.93 -75.66 -3.13
C ILE K 84 -6.19 -76.98 -2.98
N GLY K 85 -4.97 -77.08 -3.51
CA GLY K 85 -4.18 -78.28 -3.28
C GLY K 85 -3.87 -78.47 -1.81
N GLN K 86 -3.52 -77.39 -1.12
CA GLN K 86 -3.27 -77.47 0.31
C GLN K 86 -4.49 -77.98 1.06
N ALA K 87 -5.66 -77.43 0.73
CA ALA K 87 -6.89 -77.86 1.39
C ALA K 87 -7.16 -79.33 1.15
N VAL K 88 -7.05 -79.77 -0.10
CA VAL K 88 -7.34 -81.16 -0.43
C VAL K 88 -6.39 -82.09 0.30
N PHE K 89 -5.10 -81.75 0.32
CA PHE K 89 -4.13 -82.62 0.96
C PHE K 89 -4.35 -82.67 2.48
N GLY K 90 -4.70 -81.54 3.08
CA GLY K 90 -5.03 -81.56 4.50
C GLY K 90 -6.21 -82.46 4.81
N ALA K 91 -7.27 -82.37 4.00
CA ALA K 91 -8.43 -83.22 4.20
C ALA K 91 -8.06 -84.69 4.05
N ILE K 92 -7.26 -85.01 3.02
CA ILE K 92 -6.84 -86.39 2.81
C ILE K 92 -6.06 -86.90 4.01
N GLY K 93 -5.16 -86.08 4.54
CA GLY K 93 -4.40 -86.49 5.70
C GLY K 93 -5.27 -86.76 6.91
N ALA K 94 -6.24 -85.87 7.16
CA ALA K 94 -7.15 -86.09 8.27
C ALA K 94 -7.93 -87.39 8.11
N ASN K 95 -8.44 -87.65 6.90
CA ASN K 95 -9.17 -88.88 6.65
C ASN K 95 -8.27 -90.09 6.88
N ARG K 96 -7.03 -90.03 6.43
CA ARG K 96 -6.10 -91.14 6.62
C ARG K 96 -5.86 -91.40 8.10
N GLN K 97 -5.68 -90.34 8.89
CA GLN K 97 -5.47 -90.53 10.32
C GLN K 97 -6.68 -91.17 10.97
N GLN K 98 -7.88 -90.72 10.62
CA GLN K 98 -9.08 -91.32 11.19
C GLN K 98 -9.18 -92.80 10.83
N ARG K 99 -8.91 -93.13 9.57
CA ARG K 99 -8.95 -94.53 9.14
C ARG K 99 -7.92 -95.36 9.89
N ALA K 100 -6.72 -94.81 10.10
CA ALA K 100 -5.69 -95.55 10.82
C ALA K 100 -6.12 -95.83 12.25
N ALA K 101 -6.72 -94.83 12.92
CA ALA K 101 -7.18 -95.05 14.29
C ALA K 101 -8.26 -96.12 14.34
N ARG K 102 -9.22 -96.06 13.41
CA ARG K 102 -10.28 -97.07 13.38
C ARG K 102 -9.70 -98.46 13.15
N ASP K 103 -8.74 -98.56 12.23
CA ASP K 103 -8.12 -99.86 11.95
C ASP K 103 -7.40 -100.40 13.17
N GLN K 104 -6.69 -99.53 13.90
CA GLN K 104 -6.00 -99.99 15.10
C GLN K 104 -6.98 -100.51 16.14
N LEU K 105 -8.08 -99.77 16.37
CA LEU K 105 -9.06 -100.23 17.34
C LEU K 105 -9.68 -101.55 16.93
N ALA K 106 -10.02 -101.69 15.66
CA ALA K 106 -10.61 -102.94 15.19
C ALA K 106 -9.62 -104.10 15.34
N GLU K 107 -8.34 -103.83 15.08
CA GLU K 107 -7.32 -104.86 15.24
C GLU K 107 -7.23 -105.32 16.68
N SER K 108 -7.26 -104.37 17.62
CA SER K 108 -7.21 -104.75 19.03
C SER K 108 -8.42 -105.59 19.42
N ARG K 109 -9.61 -105.20 18.95
CA ARG K 109 -10.82 -105.96 19.24
C ARG K 109 -10.70 -107.38 18.70
N ARG K 110 -10.24 -107.51 17.45
CA ARG K 110 -10.10 -108.83 16.85
C ARG K 110 -9.06 -109.66 17.61
N GLN K 111 -7.97 -109.02 18.04
CA GLN K 111 -6.95 -109.73 18.79
C GLN K 111 -7.53 -110.34 20.06
N PHE K 112 -8.26 -109.52 20.84
CA PHE K 112 -8.83 -110.07 22.06
C PHE K 112 -9.84 -111.17 21.75
N ASP K 113 -10.67 -110.96 20.72
CA ASP K 113 -11.69 -111.96 20.40
C ASP K 113 -11.07 -113.29 20.01
N MET K 114 -9.98 -113.25 19.23
CA MET K 114 -9.36 -114.49 18.76
C MET K 114 -8.59 -115.19 19.89
N ASN K 115 -7.87 -114.43 20.71
CA ASN K 115 -7.29 -115.02 21.93
C ASN K 115 -8.37 -115.70 22.76
N TYR K 116 -9.52 -115.05 22.91
CA TYR K 116 -10.62 -115.69 23.62
C TYR K 116 -11.12 -116.95 22.94
N GLY K 117 -11.27 -116.93 21.62
CA GLY K 117 -11.73 -118.14 20.95
C GLY K 117 -10.83 -119.30 21.26
N ALA K 118 -9.51 -119.06 21.22
CA ALA K 118 -8.55 -120.10 21.56
C ALA K 118 -8.75 -120.59 22.99
N GLN K 119 -8.79 -119.67 23.95
CA GLN K 119 -8.89 -120.08 25.35
C GLN K 119 -10.19 -120.84 25.62
N ARG K 120 -11.31 -120.35 25.06
CA ARG K 120 -12.59 -120.98 25.28
C ARG K 120 -12.63 -122.38 24.70
N GLN K 121 -12.12 -122.56 23.49
CA GLN K 121 -12.14 -123.91 22.92
C GLN K 121 -11.21 -124.84 23.68
N SER K 122 -10.08 -124.33 24.19
CA SER K 122 -9.20 -125.18 24.99
C SER K 122 -9.88 -125.63 26.28
N ILE K 123 -10.54 -124.71 26.99
CA ILE K 123 -11.19 -125.10 28.24
C ILE K 123 -12.38 -126.02 27.95
N ASN K 124 -13.05 -125.83 26.82
CA ASN K 124 -14.11 -126.77 26.44
C ASN K 124 -13.55 -128.16 26.19
N THR K 125 -12.39 -128.24 25.53
CA THR K 125 -11.74 -129.54 25.36
C THR K 125 -11.43 -130.16 26.72
N ASN K 126 -10.92 -129.36 27.65
CA ASN K 126 -10.60 -129.86 28.97
C ASN K 126 -11.84 -130.44 29.67
N LEU K 127 -12.93 -129.67 29.68
CA LEU K 127 -14.12 -130.15 30.38
C LEU K 127 -14.72 -131.37 29.68
N GLU K 128 -14.63 -131.43 28.35
CA GLU K 128 -15.14 -132.57 27.62
C GLU K 128 -14.37 -133.84 27.98
N ASP K 129 -13.04 -133.77 27.96
CA ASP K 129 -12.25 -134.95 28.28
C ASP K 129 -12.38 -135.31 29.76
N ARG K 130 -12.68 -134.33 30.62
CA ARG K 130 -12.91 -134.64 32.02
C ARG K 130 -14.23 -135.40 32.20
N GLN K 131 -15.31 -134.92 31.57
CA GLN K 131 -16.61 -135.55 31.71
C GLN K 131 -16.71 -136.87 30.96
N ARG K 132 -15.84 -137.10 29.98
CA ARG K 132 -15.87 -138.37 29.25
C ARG K 132 -15.62 -139.54 30.20
N ALA K 133 -14.63 -139.43 31.08
CA ALA K 133 -14.35 -140.50 32.02
C ALA K 133 -15.49 -140.67 33.01
N ARG K 134 -16.12 -139.57 33.43
CA ARG K 134 -17.29 -139.67 34.30
C ARG K 134 -18.40 -140.48 33.63
N VAL K 135 -18.71 -140.17 32.37
CA VAL K 135 -19.80 -140.87 31.71
C VAL K 135 -19.40 -142.30 31.34
N ALA K 136 -18.10 -142.60 31.22
CA ALA K 136 -17.65 -143.93 30.86
C ALA K 136 -17.38 -144.83 32.05
N SER K 137 -17.28 -144.28 33.27
CA SER K 137 -16.93 -145.10 34.43
C SER K 137 -18.16 -145.84 34.97
N ASN K 138 -19.16 -145.09 35.42
CA ASN K 138 -20.38 -145.65 36.00
C ASN K 138 -21.56 -144.98 35.32
N PRO K 139 -21.94 -145.44 34.11
CA PRO K 139 -23.00 -144.73 33.37
C PRO K 139 -24.31 -144.64 34.13
N THR K 140 -24.65 -145.66 34.92
CA THR K 140 -25.90 -145.60 35.69
C THR K 140 -25.79 -144.64 36.87
N ALA K 141 -24.62 -144.55 37.48
CA ALA K 141 -24.43 -143.73 38.67
C ALA K 141 -23.93 -142.33 38.36
N TYR K 142 -23.72 -142.00 37.08
CA TYR K 142 -23.23 -140.69 36.68
C TYR K 142 -24.26 -140.02 35.75
N GLU K 143 -23.90 -138.83 35.28
CA GLU K 143 -24.72 -138.01 34.40
C GLU K 143 -24.57 -138.44 32.94
N SER K 144 -25.35 -137.80 32.08
CA SER K 144 -25.26 -137.98 30.64
C SER K 144 -24.53 -136.80 30.00
N VAL K 145 -23.87 -137.08 28.87
CA VAL K 145 -23.06 -136.06 28.21
C VAL K 145 -23.92 -134.85 27.82
N ASP K 146 -25.17 -135.09 27.45
CA ASP K 146 -26.05 -133.99 27.06
C ASP K 146 -26.22 -133.02 28.22
N SER K 147 -26.32 -133.55 29.44
CA SER K 147 -26.52 -132.68 30.61
C SER K 147 -25.36 -131.70 30.77
N TYR K 148 -24.12 -132.21 30.80
CA TYR K 148 -22.97 -131.32 30.93
C TYR K 148 -22.82 -130.41 29.73
N MET K 149 -23.12 -130.89 28.53
CA MET K 149 -22.99 -130.05 27.35
C MET K 149 -23.93 -128.86 27.43
N GLU K 150 -25.17 -129.08 27.89
CA GLU K 150 -26.17 -128.01 27.92
C GLU K 150 -26.21 -127.26 29.25
N ARG K 151 -25.40 -127.67 30.25
CA ARG K 151 -25.48 -127.09 31.58
C ARG K 151 -24.18 -126.40 31.99
N ASN K 152 -23.04 -127.07 31.82
CA ASN K 152 -21.77 -126.55 32.33
C ASN K 152 -20.73 -126.52 31.22
N ARG K 153 -21.10 -125.95 30.07
CA ARG K 153 -20.19 -125.78 28.94
C ARG K 153 -19.95 -124.29 28.71
N ILE K 154 -18.68 -123.92 28.55
CA ILE K 154 -18.33 -122.52 28.38
C ILE K 154 -18.89 -122.03 27.05
N ARG K 155 -19.49 -120.84 27.07
CA ARG K 155 -20.07 -120.27 25.87
C ARG K 155 -18.98 -119.75 24.94
N MET L 1 57.79 -76.27 14.06
CA MET L 1 57.67 -75.04 14.89
C MET L 1 58.93 -74.82 15.72
N ALA L 2 59.39 -73.58 15.78
CA ALA L 2 60.61 -73.26 16.51
C ALA L 2 60.47 -73.48 18.01
N TYR L 3 59.26 -73.36 18.56
CA TYR L 3 59.00 -73.49 19.98
C TYR L 3 57.97 -74.60 20.15
N PRO L 4 58.39 -75.86 20.01
CA PRO L 4 57.42 -76.96 20.14
C PRO L 4 56.78 -77.05 21.52
N TYR L 5 57.49 -76.66 22.57
CA TYR L 5 56.99 -76.75 23.95
C TYR L 5 56.67 -78.22 24.22
N SER L 6 55.52 -78.55 24.81
CA SER L 6 55.17 -79.93 25.13
C SER L 6 53.71 -80.22 24.81
N ASP L 7 53.15 -79.55 23.79
CA ASP L 7 51.75 -79.76 23.43
C ASP L 7 51.54 -81.01 22.60
N MET L 8 52.60 -81.58 22.03
CA MET L 8 52.45 -82.80 21.24
C MET L 8 51.93 -83.97 22.07
N PRO L 9 52.52 -84.31 23.22
CA PRO L 9 51.92 -85.39 24.04
C PRO L 9 50.50 -85.10 24.49
N PHE L 10 50.19 -83.83 24.78
CA PHE L 10 48.82 -83.49 25.15
C PHE L 10 47.86 -83.78 24.01
N GLY L 11 48.22 -83.37 22.79
CA GLY L 11 47.38 -83.67 21.64
C GLY L 11 47.27 -85.16 21.37
N VAL L 12 48.36 -85.89 21.58
CA VAL L 12 48.32 -87.35 21.41
C VAL L 12 47.35 -87.96 22.41
N GLU L 13 47.39 -87.51 23.66
CA GLU L 13 46.48 -88.04 24.67
C GLU L 13 45.03 -87.69 24.33
N LEU L 14 44.79 -86.48 23.84
CA LEU L 14 43.42 -86.07 23.51
C LEU L 14 42.83 -86.96 22.42
N ASP L 15 43.62 -87.30 21.40
CA ASP L 15 43.18 -88.13 20.29
C ASP L 15 42.00 -87.41 19.62
N THR L 16 40.85 -88.06 19.42
CA THR L 16 39.71 -87.42 18.77
C THR L 16 38.40 -87.77 19.48
N SER L 17 38.47 -88.05 20.78
CA SER L 17 37.26 -88.36 21.53
C SER L 17 36.37 -87.12 21.65
N THR L 18 35.06 -87.34 21.54
CA THR L 18 34.10 -86.25 21.63
C THR L 18 33.62 -86.10 23.08
N LEU L 19 32.67 -85.20 23.31
CA LEU L 19 32.16 -84.98 24.66
C LEU L 19 31.41 -86.21 25.14
N GLY L 20 31.50 -86.47 26.44
CA GLY L 20 30.83 -87.60 27.05
C GLY L 20 31.52 -88.06 28.32
N SER L 21 31.81 -89.35 28.40
CA SER L 21 32.50 -89.96 29.54
C SER L 21 31.66 -89.71 30.79
N PHE L 22 32.20 -89.10 31.86
CA PHE L 22 31.47 -88.91 33.10
C PHE L 22 31.60 -87.53 33.70
N GLY L 23 32.55 -86.71 33.26
CA GLY L 23 32.76 -85.40 33.86
C GLY L 23 31.99 -84.29 33.19
N LEU L 24 30.67 -84.43 33.08
CA LEU L 24 29.81 -83.43 32.46
C LEU L 24 30.28 -83.13 31.03
N GLY L 25 30.71 -84.18 30.32
CA GLY L 25 31.22 -84.02 28.98
C GLY L 25 32.68 -83.62 28.96
N GLY L 26 33.53 -84.43 29.60
CA GLY L 26 34.94 -84.14 29.70
C GLY L 26 35.35 -83.84 31.13
N PRO L 27 35.95 -84.81 31.83
CA PRO L 27 36.37 -84.58 33.21
C PRO L 27 37.70 -83.82 33.27
N GLN L 28 38.17 -83.62 34.50
CA GLN L 28 39.45 -82.94 34.73
C GLN L 28 40.58 -83.93 34.46
N THR L 29 40.84 -84.16 33.18
CA THR L 29 41.88 -85.09 32.78
C THR L 29 43.25 -84.63 33.26
N GLN L 30 43.53 -83.34 33.18
CA GLN L 30 44.82 -82.80 33.57
C GLN L 30 44.85 -82.63 35.09
N LEU L 31 45.97 -82.09 35.60
CA LEU L 31 46.18 -81.92 37.03
C LEU L 31 46.35 -80.44 37.35
N GLN L 32 45.90 -80.06 38.54
CA GLN L 32 45.99 -78.66 38.97
C GLN L 32 47.45 -78.23 39.03
N MET L 33 47.73 -77.04 38.50
CA MET L 33 49.08 -76.50 38.42
C MET L 33 49.16 -75.18 39.17
N GLN L 34 50.21 -75.05 39.99
CA GLN L 34 50.34 -73.92 40.90
C GLN L 34 50.36 -72.60 40.14
N MET L 35 50.17 -71.52 40.88
CA MET L 35 50.14 -70.19 40.29
C MET L 35 51.52 -69.85 39.71
N PRO L 36 51.59 -69.22 38.53
CA PRO L 36 52.91 -68.84 38.00
C PRO L 36 53.67 -67.87 38.90
N ALA L 37 52.98 -66.95 39.56
CA ALA L 37 53.64 -65.96 40.41
C ALA L 37 52.66 -65.48 41.46
N VAL L 38 53.16 -65.31 42.69
CA VAL L 38 52.31 -64.82 43.78
C VAL L 38 51.90 -63.36 43.53
N ASP L 39 52.87 -62.52 43.17
CA ASP L 39 52.60 -61.12 42.91
C ASP L 39 52.19 -60.92 41.46
N VAL L 40 51.20 -60.05 41.25
CA VAL L 40 50.69 -59.80 39.89
C VAL L 40 51.80 -59.22 39.03
N ASN L 41 52.53 -58.22 39.55
CA ASN L 41 53.64 -57.59 38.83
C ASN L 41 53.21 -57.09 37.46
N ALA L 42 51.98 -56.56 37.39
CA ALA L 42 51.42 -56.04 36.15
C ALA L 42 51.41 -57.11 35.06
N ALA L 43 50.66 -58.17 35.33
CA ALA L 43 50.54 -59.33 34.42
C ALA L 43 51.94 -59.92 34.24
N ALA L 44 52.33 -60.31 33.03
CA ALA L 44 53.63 -60.92 32.78
C ALA L 44 54.69 -59.87 32.46
N SER L 45 54.79 -58.85 33.32
CA SER L 45 55.77 -57.78 33.16
C SER L 45 55.67 -57.16 31.77
N GLY L 46 56.74 -57.19 30.98
CA GLY L 46 56.68 -56.65 29.64
C GLY L 46 55.76 -57.45 28.73
N SER L 47 55.75 -58.78 28.89
CA SER L 47 54.92 -59.62 28.03
C SER L 47 53.44 -59.31 28.21
N GLY L 48 53.01 -59.11 29.45
CA GLY L 48 51.63 -58.78 29.72
C GLY L 48 51.24 -57.40 29.22
N GLY L 49 51.82 -56.37 29.82
CA GLY L 49 51.54 -55.01 29.39
C GLY L 49 50.09 -54.61 29.55
N PHE L 50 49.47 -54.98 30.66
CA PHE L 50 48.07 -54.67 30.94
C PHE L 50 48.00 -53.64 32.07
N MET L 51 46.76 -53.29 32.44
CA MET L 51 46.48 -52.28 33.45
C MET L 51 45.79 -52.90 34.65
N ALA L 52 46.22 -54.10 35.05
CA ALA L 52 45.61 -54.77 36.19
C ALA L 52 45.79 -53.96 37.47
N GLY L 53 46.99 -53.45 37.69
CA GLY L 53 47.30 -52.58 38.81
C GLY L 53 47.34 -51.10 38.48
N PHE L 54 47.03 -50.73 37.24
CA PHE L 54 47.07 -49.33 36.80
C PHE L 54 45.69 -48.74 36.56
N SER L 55 44.78 -49.51 35.97
CA SER L 55 43.45 -48.99 35.66
C SER L 55 42.72 -48.57 36.91
N ASN L 56 42.41 -49.53 37.79
CA ASN L 56 41.68 -49.27 39.02
C ASN L 56 40.42 -48.45 38.73
N ILE L 57 39.53 -49.05 37.95
CA ILE L 57 38.39 -48.33 37.40
C ILE L 57 37.51 -47.81 38.52
N PHE L 58 36.91 -48.72 39.28
CA PHE L 58 36.08 -48.36 40.44
C PHE L 58 35.04 -47.30 40.09
N SER L 59 34.44 -47.41 38.90
CA SER L 59 33.47 -46.45 38.43
C SER L 59 32.26 -47.16 37.86
N ARG L 60 31.07 -46.68 38.22
CA ARG L 60 29.85 -47.25 37.68
C ARG L 60 29.72 -47.02 36.18
N ASP L 61 30.38 -45.99 35.65
CA ASP L 61 30.23 -45.68 34.24
C ASP L 61 30.72 -46.82 33.34
N SER L 62 31.71 -47.59 33.80
CA SER L 62 32.23 -48.69 33.00
C SER L 62 31.47 -49.98 33.25
N MET L 63 31.16 -50.29 34.51
CA MET L 63 30.39 -51.50 34.79
C MET L 63 28.98 -51.39 34.22
N PHE L 64 28.28 -50.31 34.51
CA PHE L 64 26.86 -50.18 34.18
C PHE L 64 26.60 -49.16 33.08
N GLY L 65 27.64 -48.66 32.42
CA GLY L 65 27.46 -47.69 31.37
C GLY L 65 27.14 -46.31 31.90
N GLY L 66 26.91 -45.39 30.97
CA GLY L 66 26.58 -44.03 31.34
C GLY L 66 26.32 -43.16 30.13
N VAL L 67 25.45 -42.18 30.27
CA VAL L 67 25.05 -41.30 29.18
C VAL L 67 25.28 -39.86 29.61
N ALA L 68 26.14 -39.16 28.89
CA ALA L 68 26.36 -37.75 29.10
C ALA L 68 25.25 -36.95 28.42
N PRO L 69 25.08 -35.67 28.78
CA PRO L 69 24.06 -34.86 28.12
C PRO L 69 24.30 -34.81 26.62
N SER L 70 23.22 -34.56 25.88
CA SER L 70 23.27 -34.56 24.41
C SER L 70 23.51 -35.96 23.88
N GLY L 71 22.90 -36.95 24.51
CA GLY L 71 23.04 -38.31 24.04
C GLY L 71 24.47 -38.79 24.11
N ALA L 72 24.86 -39.57 23.11
CA ALA L 72 26.21 -40.15 23.04
C ALA L 72 26.49 -41.02 24.26
N GLN L 73 25.72 -42.10 24.38
CA GLN L 73 25.84 -43.02 25.49
C GLN L 73 26.82 -44.13 25.18
N THR L 74 27.29 -44.79 26.24
CA THR L 74 28.15 -45.95 26.14
C THR L 74 27.61 -47.04 27.05
N GLY L 75 27.74 -48.29 26.61
CA GLY L 75 27.27 -49.43 27.36
C GLY L 75 28.41 -50.10 28.11
N GLY L 76 28.13 -50.55 29.33
CA GLY L 76 29.12 -51.26 30.11
C GLY L 76 29.25 -52.71 29.68
N TRP L 77 30.26 -53.37 30.23
CA TRP L 77 30.51 -54.77 29.93
C TRP L 77 29.64 -55.72 30.75
N VAL L 78 28.86 -55.19 31.69
CA VAL L 78 28.06 -56.06 32.55
C VAL L 78 27.03 -56.82 31.71
N LEU L 79 26.35 -56.13 30.79
CA LEU L 79 25.36 -56.82 29.96
C LEU L 79 25.98 -57.89 29.07
N PRO L 80 27.08 -57.62 28.34
CA PRO L 80 27.73 -58.73 27.63
C PRO L 80 28.17 -59.87 28.54
N ALA L 81 28.67 -59.57 29.74
CA ALA L 81 29.07 -60.64 30.64
C ALA L 81 27.88 -61.50 31.02
N LEU L 82 26.75 -60.86 31.34
CA LEU L 82 25.56 -61.61 31.70
C LEU L 82 25.08 -62.45 30.53
N GLY L 83 25.12 -61.91 29.32
CA GLY L 83 24.73 -62.69 28.16
C GLY L 83 25.60 -63.91 27.95
N ILE L 84 26.92 -63.73 28.09
CA ILE L 84 27.85 -64.84 27.92
C ILE L 84 27.60 -65.91 28.98
N GLY L 85 27.41 -65.49 30.23
CA GLY L 85 27.10 -66.45 31.27
C GLY L 85 25.81 -67.20 30.99
N GLN L 86 24.79 -66.48 30.50
CA GLN L 86 23.53 -67.12 30.18
C GLN L 86 23.72 -68.20 29.12
N ALA L 87 24.46 -67.87 28.06
CA ALA L 87 24.70 -68.83 27.00
C ALA L 87 25.43 -70.06 27.52
N VAL L 88 26.49 -69.83 28.31
CA VAL L 88 27.30 -70.95 28.80
C VAL L 88 26.45 -71.86 29.68
N PHE L 89 25.65 -71.26 30.58
CA PHE L 89 24.87 -72.08 31.49
C PHE L 89 23.76 -72.83 30.76
N GLY L 90 23.17 -72.21 29.73
CA GLY L 90 22.20 -72.94 28.93
C GLY L 90 22.82 -74.14 28.24
N ALA L 91 24.01 -73.97 27.67
CA ALA L 91 24.68 -75.09 27.03
C ALA L 91 24.99 -76.19 28.05
N ILE L 92 25.45 -75.80 29.24
CA ILE L 92 25.75 -76.78 30.27
C ILE L 92 24.49 -77.55 30.65
N GLY L 93 23.37 -76.84 30.79
CA GLY L 93 22.12 -77.53 31.12
C GLY L 93 21.69 -78.52 30.06
N ALA L 94 21.82 -78.12 28.78
CA ALA L 94 21.47 -79.05 27.71
C ALA L 94 22.35 -80.29 27.75
N ASN L 95 23.66 -80.09 27.95
CA ASN L 95 24.56 -81.23 28.05
C ASN L 95 24.18 -82.13 29.23
N ARG L 96 23.81 -81.52 30.36
CA ARG L 96 23.42 -82.31 31.52
C ARG L 96 22.17 -83.15 31.22
N GLN L 97 21.19 -82.56 30.54
CA GLN L 97 19.98 -83.31 30.23
C GLN L 97 20.29 -84.48 29.29
N GLN L 98 21.12 -84.23 28.27
CA GLN L 98 21.48 -85.32 27.37
C GLN L 98 22.21 -86.43 28.12
N ARG L 99 23.14 -86.06 29.01
CA ARG L 99 23.86 -87.06 29.78
C ARG L 99 22.92 -87.86 30.67
N ALA L 100 21.95 -87.19 31.30
CA ALA L 100 21.00 -87.89 32.16
C ALA L 100 20.17 -88.89 31.35
N ALA L 101 19.72 -88.49 30.17
CA ALA L 101 18.96 -89.42 29.33
C ALA L 101 19.79 -90.63 28.95
N ARG L 102 21.05 -90.40 28.54
CA ARG L 102 21.92 -91.52 28.19
C ARG L 102 22.12 -92.43 29.40
N ASP L 103 22.27 -91.80 30.54
CA ASP L 103 22.48 -92.63 31.74
C ASP L 103 21.28 -93.54 31.86
N GLN L 104 20.12 -92.93 31.95
CA GLN L 104 18.92 -93.72 32.22
C GLN L 104 18.78 -94.88 31.24
N LEU L 105 19.02 -94.62 29.95
CA LEU L 105 18.90 -95.69 28.96
C LEU L 105 19.91 -96.80 29.23
N ALA L 106 21.16 -96.42 29.48
CA ALA L 106 22.20 -97.42 29.74
C ALA L 106 21.88 -98.21 31.01
N GLU L 107 21.35 -97.52 32.03
CA GLU L 107 20.97 -98.21 33.25
C GLU L 107 19.91 -99.27 32.98
N SER L 108 18.87 -98.90 32.24
CA SER L 108 17.81 -99.86 31.94
C SER L 108 18.35 -101.06 31.18
N ARG L 109 19.22 -100.80 30.19
CA ARG L 109 19.83 -101.90 29.46
C ARG L 109 20.62 -102.80 30.41
N ARG L 110 21.34 -102.21 31.36
CA ARG L 110 22.09 -103.00 32.32
C ARG L 110 21.15 -103.90 33.13
N GLN L 111 20.04 -103.34 33.61
CA GLN L 111 19.13 -104.17 34.41
C GLN L 111 18.58 -105.33 33.59
N PHE L 112 18.19 -105.07 32.34
CA PHE L 112 17.66 -106.15 31.51
C PHE L 112 18.71 -107.24 31.31
N ASP L 113 19.94 -106.83 30.96
CA ASP L 113 20.98 -107.82 30.70
C ASP L 113 21.29 -108.63 31.95
N MET L 114 21.35 -107.98 33.10
CA MET L 114 21.64 -108.69 34.35
C MET L 114 20.52 -109.66 34.71
N ASN L 115 19.27 -109.24 34.52
CA ASN L 115 18.15 -110.14 34.78
C ASN L 115 18.23 -111.36 33.88
N TYR L 116 18.52 -111.15 32.59
CA TYR L 116 18.65 -112.27 31.68
C TYR L 116 19.78 -113.19 32.13
N GLY L 117 20.91 -112.62 32.54
CA GLY L 117 22.02 -113.45 32.97
C GLY L 117 21.66 -114.32 34.16
N ALA L 118 20.98 -113.74 35.15
CA ALA L 118 20.56 -114.51 36.32
C ALA L 118 19.61 -115.63 35.92
N GLN L 119 18.60 -115.30 35.10
CA GLN L 119 17.65 -116.32 34.68
C GLN L 119 18.33 -117.41 33.87
N ARG L 120 19.29 -117.03 33.02
CA ARG L 120 20.02 -118.01 32.22
C ARG L 120 20.82 -118.96 33.09
N GLN L 121 21.51 -118.41 34.11
CA GLN L 121 22.26 -119.27 35.01
C GLN L 121 21.33 -120.21 35.76
N SER L 122 20.17 -119.71 36.20
CA SER L 122 19.21 -120.57 36.89
C SER L 122 18.70 -121.68 35.98
N ILE L 123 18.40 -121.34 34.73
CA ILE L 123 17.90 -122.34 33.78
C ILE L 123 18.97 -123.40 33.53
N ASN L 124 20.22 -122.96 33.38
CA ASN L 124 21.32 -123.91 33.15
C ASN L 124 21.48 -124.84 34.35
N THR L 125 21.38 -124.30 35.56
CA THR L 125 21.47 -125.14 36.74
C THR L 125 20.33 -126.16 36.77
N ASN L 126 19.11 -125.72 36.44
CA ASN L 126 17.98 -126.65 36.42
C ASN L 126 18.21 -127.76 35.41
N LEU L 127 18.68 -127.41 34.20
CA LEU L 127 18.94 -128.41 33.19
C LEU L 127 20.03 -129.38 33.64
N GLU L 128 21.08 -128.85 34.26
CA GLU L 128 22.18 -129.71 34.71
C GLU L 128 21.70 -130.70 35.77
N ASP L 129 20.92 -130.23 36.73
CA ASP L 129 20.47 -131.15 37.78
C ASP L 129 19.40 -132.12 37.27
N ARG L 130 18.65 -131.74 36.23
CA ARG L 130 17.69 -132.67 35.64
C ARG L 130 18.42 -133.74 34.82
N GLN L 131 19.49 -133.36 34.12
CA GLN L 131 20.28 -134.30 33.34
C GLN L 131 21.16 -135.19 34.20
N ARG L 132 21.45 -134.76 35.43
CA ARG L 132 22.21 -135.60 36.35
C ARG L 132 21.52 -136.95 36.58
N ALA L 133 20.20 -136.93 36.77
CA ALA L 133 19.48 -138.18 36.97
C ALA L 133 19.59 -139.08 35.76
N ARG L 134 19.46 -138.51 34.56
CA ARG L 134 19.57 -139.31 33.34
C ARG L 134 20.94 -139.95 33.21
N VAL L 135 22.00 -139.19 33.48
CA VAL L 135 23.35 -139.74 33.34
C VAL L 135 23.75 -140.62 34.51
N ALA L 136 23.02 -140.59 35.62
CA ALA L 136 23.31 -141.44 36.76
C ALA L 136 22.48 -142.72 36.79
N SER L 137 21.34 -142.74 36.11
CA SER L 137 20.48 -143.93 36.14
C SER L 137 20.97 -145.00 35.18
N ASN L 138 20.98 -144.70 33.88
CA ASN L 138 21.37 -145.65 32.84
C ASN L 138 22.35 -144.95 31.89
N PRO L 139 23.61 -144.82 32.29
CA PRO L 139 24.57 -144.13 31.41
C PRO L 139 24.72 -144.77 30.04
N THR L 140 24.62 -146.09 29.96
CA THR L 140 24.83 -146.78 28.69
C THR L 140 23.72 -146.47 27.70
N ALA L 141 22.47 -146.51 28.15
CA ALA L 141 21.32 -146.31 27.28
C ALA L 141 20.97 -144.83 27.09
N TYR L 142 21.65 -143.91 27.76
CA TYR L 142 21.38 -142.49 27.66
C TYR L 142 22.65 -141.76 27.25
N GLU L 143 22.49 -140.48 26.92
CA GLU L 143 23.57 -139.65 26.43
C GLU L 143 24.49 -139.21 27.56
N SER L 144 25.58 -138.54 27.20
CA SER L 144 26.55 -138.05 28.16
C SER L 144 26.28 -136.58 28.51
N VAL L 145 26.97 -136.10 29.55
CA VAL L 145 26.78 -134.73 29.99
C VAL L 145 27.27 -133.75 28.94
N ASP L 146 28.36 -134.08 28.24
CA ASP L 146 28.94 -133.15 27.27
C ASP L 146 27.98 -132.88 26.12
N SER L 147 27.26 -133.92 25.67
CA SER L 147 26.34 -133.74 24.56
C SER L 147 25.25 -132.73 24.91
N TYR L 148 24.64 -132.87 26.09
CA TYR L 148 23.61 -131.92 26.51
C TYR L 148 24.21 -130.54 26.76
N MET L 149 25.43 -130.48 27.32
CA MET L 149 26.04 -129.20 27.64
C MET L 149 26.52 -128.46 26.40
N GLU L 150 26.66 -129.16 25.27
CA GLU L 150 27.13 -128.53 24.04
C GLU L 150 26.09 -128.52 22.93
N ARG L 151 24.90 -129.09 23.14
CA ARG L 151 23.86 -129.13 22.12
C ARG L 151 22.54 -128.52 22.57
N ASN L 152 22.15 -128.72 23.83
CA ASN L 152 20.91 -128.17 24.38
C ASN L 152 21.21 -127.31 25.59
N ARG L 153 22.26 -126.50 25.51
CA ARG L 153 22.65 -125.60 26.59
C ARG L 153 22.32 -124.16 26.21
N ILE L 154 21.69 -123.45 27.13
CA ILE L 154 21.31 -122.06 26.92
C ILE L 154 22.56 -121.18 26.93
N ARG L 155 22.65 -120.29 25.96
CA ARG L 155 23.80 -119.39 25.86
C ARG L 155 23.80 -118.37 27.00
N MET M 1 3.18 -95.33 -32.26
CA MET M 1 3.07 -93.96 -32.82
C MET M 1 4.26 -93.73 -33.75
N ALA M 2 4.55 -92.47 -34.09
CA ALA M 2 5.66 -92.17 -34.99
C ALA M 2 6.99 -92.66 -34.41
N TYR M 3 7.23 -92.41 -33.12
CA TYR M 3 8.46 -92.80 -32.44
C TYR M 3 8.10 -93.54 -31.16
N PRO M 4 7.70 -94.81 -31.26
CA PRO M 4 7.32 -95.54 -30.04
C PRO M 4 8.45 -95.69 -29.04
N TYR M 5 9.69 -95.79 -29.50
CA TYR M 5 10.87 -95.97 -28.63
C TYR M 5 10.65 -97.28 -27.85
N SER M 6 10.95 -97.31 -26.55
CA SER M 6 10.84 -98.54 -25.76
C SER M 6 10.26 -98.27 -24.38
N ASP M 7 9.41 -97.24 -24.26
CA ASP M 7 8.76 -96.96 -22.98
C ASP M 7 7.57 -97.86 -22.70
N MET M 8 7.08 -98.61 -23.70
CA MET M 8 5.96 -99.51 -23.47
C MET M 8 6.29 -100.61 -22.48
N PRO M 9 7.40 -101.35 -22.60
CA PRO M 9 7.71 -102.34 -21.55
C PRO M 9 7.90 -101.72 -20.18
N PHE M 10 8.47 -100.51 -20.11
CA PHE M 10 8.62 -99.84 -18.82
C PHE M 10 7.26 -99.54 -18.20
N GLY M 11 6.32 -99.04 -19.02
CA GLY M 11 4.99 -98.78 -18.51
C GLY M 11 4.28 -100.05 -18.08
N VAL M 12 4.46 -101.13 -18.85
CA VAL M 12 3.84 -102.41 -18.49
C VAL M 12 4.40 -102.90 -17.16
N GLU M 13 5.72 -102.82 -16.98
CA GLU M 13 6.34 -103.28 -15.73
C GLU M 13 5.88 -102.42 -14.56
N LEU M 14 5.74 -101.10 -14.77
CA LEU M 14 5.32 -100.22 -13.68
C LEU M 14 3.92 -100.57 -13.20
N ASP M 15 3.03 -100.93 -14.12
CA ASP M 15 1.64 -101.29 -13.81
C ASP M 15 0.99 -100.07 -13.18
N THR M 16 0.37 -100.17 -11.99
CA THR M 16 -0.30 -99.04 -11.37
C THR M 16 -0.06 -98.96 -9.87
N SER M 17 0.90 -99.72 -9.32
CA SER M 17 1.17 -99.67 -7.89
C SER M 17 1.66 -98.28 -7.50
N THR M 18 1.20 -97.80 -6.34
CA THR M 18 1.56 -96.49 -5.85
C THR M 18 2.91 -96.57 -5.11
N LEU M 19 3.31 -95.47 -4.50
CA LEU M 19 4.57 -95.45 -3.77
C LEU M 19 4.49 -96.36 -2.55
N GLY M 20 5.64 -96.96 -2.21
CA GLY M 20 5.72 -97.86 -1.08
C GLY M 20 6.91 -98.79 -1.17
N SER M 21 6.66 -100.09 -1.01
CA SER M 21 7.70 -101.13 -1.07
C SER M 21 8.70 -100.86 0.05
N PHE M 22 10.00 -100.72 -0.24
CA PHE M 22 11.01 -100.54 0.79
C PHE M 22 11.98 -99.40 0.53
N GLY M 23 12.06 -98.87 -0.69
CA GLY M 23 13.00 -97.81 -1.00
C GLY M 23 12.48 -96.43 -0.70
N LEU M 24 11.96 -96.23 0.51
CA LEU M 24 11.40 -94.95 0.93
C LEU M 24 10.32 -94.48 -0.05
N GLY M 25 9.49 -95.42 -0.50
CA GLY M 25 8.42 -95.11 -1.42
C GLY M 25 8.82 -95.31 -2.87
N GLY M 26 9.36 -96.49 -3.19
CA GLY M 26 9.81 -96.79 -4.53
C GLY M 26 11.31 -97.07 -4.57
N PRO M 27 11.71 -98.32 -4.75
CA PRO M 27 13.14 -98.65 -4.81
C PRO M 27 13.70 -98.42 -6.21
N GLN M 28 14.98 -98.76 -6.37
CA GLN M 28 15.67 -98.61 -7.65
C GLN M 28 15.24 -99.76 -8.55
N THR M 29 14.01 -99.66 -9.06
CA THR M 29 13.49 -100.69 -9.97
C THR M 29 14.32 -100.77 -11.24
N GLN M 30 14.71 -99.62 -11.79
CA GLN M 30 15.49 -99.58 -13.02
C GLN M 30 16.96 -99.87 -12.69
N LEU M 31 17.82 -99.80 -13.69
CA LEU M 31 19.24 -100.07 -13.54
C LEU M 31 20.04 -98.89 -14.06
N GLN M 32 21.26 -98.74 -13.53
CA GLN M 32 22.12 -97.63 -13.90
C GLN M 32 22.50 -97.71 -15.38
N MET M 33 22.53 -96.56 -16.03
CA MET M 33 22.84 -96.46 -17.46
C MET M 33 24.07 -95.59 -17.65
N GLN M 34 24.93 -95.99 -18.58
CA GLN M 34 26.14 -95.23 -18.85
C GLN M 34 25.77 -93.86 -19.44
N MET M 35 26.67 -92.90 -19.23
CA MET M 35 26.42 -91.55 -19.71
C MET M 35 26.39 -91.53 -21.23
N PRO M 36 25.56 -90.68 -21.85
CA PRO M 36 25.54 -90.64 -23.32
C PRO M 36 26.88 -90.26 -23.94
N ALA M 37 27.64 -89.38 -23.30
CA ALA M 37 28.90 -88.93 -23.84
C ALA M 37 29.80 -88.45 -22.71
N VAL M 38 31.11 -88.68 -22.87
CA VAL M 38 32.07 -88.25 -21.87
C VAL M 38 32.13 -86.72 -21.82
N ASP M 39 32.18 -86.08 -22.99
CA ASP M 39 32.30 -84.64 -23.08
C ASP M 39 30.92 -84.00 -23.31
N VAL M 40 30.73 -82.82 -22.72
CA VAL M 40 29.44 -82.14 -22.83
C VAL M 40 29.12 -81.79 -24.27
N ASN M 41 30.12 -81.29 -25.01
CA ASN M 41 29.97 -80.86 -26.40
C ASN M 41 28.68 -80.09 -26.64
N ALA M 42 28.32 -79.22 -25.71
CA ALA M 42 27.08 -78.43 -25.80
C ALA M 42 25.86 -79.34 -25.91
N ALA M 43 25.71 -80.19 -24.89
CA ALA M 43 24.58 -81.14 -24.81
C ALA M 43 24.66 -82.04 -26.04
N ALA M 44 23.53 -82.35 -26.69
CA ALA M 44 23.52 -83.24 -27.85
C ALA M 44 23.70 -82.46 -29.15
N SER M 45 24.75 -81.63 -29.20
CA SER M 45 25.10 -80.87 -30.40
C SER M 45 23.93 -80.00 -30.86
N GLY M 46 23.42 -80.23 -32.07
CA GLY M 46 22.34 -79.39 -32.57
C GLY M 46 21.04 -79.56 -31.80
N SER M 47 20.77 -80.77 -31.32
CA SER M 47 19.52 -81.01 -30.59
C SER M 47 19.45 -80.16 -29.33
N GLY M 48 20.53 -80.12 -28.55
CA GLY M 48 20.52 -79.37 -27.31
C GLY M 48 20.49 -77.87 -27.52
N GLY M 49 21.59 -77.31 -28.01
CA GLY M 49 21.69 -75.87 -28.18
C GLY M 49 21.47 -75.13 -26.88
N PHE M 50 22.10 -75.58 -25.80
CA PHE M 50 21.86 -75.07 -24.46
C PHE M 50 22.90 -74.03 -24.09
N MET M 51 22.83 -73.55 -22.85
CA MET M 51 23.59 -72.40 -22.37
C MET M 51 24.67 -72.82 -21.36
N ALA M 52 25.15 -74.06 -21.48
CA ALA M 52 25.99 -74.63 -20.43
C ALA M 52 27.39 -74.01 -20.43
N GLY M 53 28.13 -74.17 -21.51
CA GLY M 53 29.53 -73.83 -21.56
C GLY M 53 29.84 -72.40 -21.98
N PHE M 54 28.84 -71.54 -22.13
CA PHE M 54 29.05 -70.18 -22.62
C PHE M 54 28.49 -69.10 -21.71
N SER M 55 27.52 -69.43 -20.84
CA SER M 55 26.97 -68.45 -19.90
C SER M 55 28.03 -67.93 -18.94
N ASN M 56 28.52 -68.80 -18.05
CA ASN M 56 29.59 -68.48 -17.12
C ASN M 56 29.29 -67.19 -16.35
N ILE M 57 28.23 -67.25 -15.52
CA ILE M 57 27.74 -66.06 -14.86
C ILE M 57 28.76 -65.55 -13.84
N PHE M 58 29.00 -66.35 -12.80
CA PHE M 58 30.09 -66.09 -11.84
C PHE M 58 29.90 -64.70 -11.19
N SER M 59 28.65 -64.23 -11.18
CA SER M 59 28.28 -62.91 -10.68
C SER M 59 27.53 -63.06 -9.38
N ARG M 60 28.02 -62.40 -8.33
CA ARG M 60 27.30 -62.41 -7.06
C ARG M 60 25.97 -61.69 -7.14
N ASP M 61 25.81 -60.77 -8.09
CA ASP M 61 24.55 -60.06 -8.22
C ASP M 61 23.40 -61.02 -8.46
N SER M 62 23.60 -61.99 -9.36
CA SER M 62 22.53 -62.94 -9.67
C SER M 62 22.19 -63.80 -8.46
N MET M 63 23.20 -64.31 -7.75
CA MET M 63 22.93 -65.20 -6.64
C MET M 63 22.30 -64.47 -5.47
N PHE M 64 22.87 -63.33 -5.09
CA PHE M 64 22.51 -62.64 -3.85
C PHE M 64 21.62 -61.42 -4.11
N GLY M 65 21.19 -61.18 -5.34
CA GLY M 65 20.39 -60.02 -5.62
C GLY M 65 21.23 -58.75 -5.66
N GLY M 66 20.55 -57.63 -5.45
CA GLY M 66 21.20 -56.34 -5.46
C GLY M 66 20.24 -55.20 -5.75
N VAL M 67 20.51 -54.02 -5.17
CA VAL M 67 19.66 -52.84 -5.32
C VAL M 67 20.52 -51.70 -5.83
N ALA M 68 20.09 -51.09 -6.93
CA ALA M 68 20.75 -49.92 -7.47
C ALA M 68 20.22 -48.66 -6.79
N PRO M 69 20.92 -47.53 -6.95
CA PRO M 69 20.39 -46.29 -6.38
C PRO M 69 19.03 -45.96 -6.96
N SER M 70 18.18 -45.36 -6.13
CA SER M 70 16.80 -45.05 -6.51
C SER M 70 15.97 -46.33 -6.64
N GLY M 71 16.10 -47.20 -5.64
CA GLY M 71 15.30 -48.40 -5.62
C GLY M 71 15.56 -49.28 -6.83
N ALA M 72 14.49 -49.91 -7.31
CA ALA M 72 14.56 -50.81 -8.46
C ALA M 72 15.51 -51.98 -8.17
N GLN M 73 15.12 -52.79 -7.18
CA GLN M 73 15.97 -53.90 -6.76
C GLN M 73 15.54 -55.20 -7.45
N THR M 74 16.41 -56.19 -7.33
CA THR M 74 16.15 -57.53 -7.84
C THR M 74 16.52 -58.55 -6.77
N GLY M 75 15.85 -59.70 -6.82
CA GLY M 75 16.12 -60.79 -5.89
C GLY M 75 16.81 -61.94 -6.60
N GLY M 76 17.82 -62.51 -5.92
CA GLY M 76 18.53 -63.63 -6.49
C GLY M 76 17.78 -64.93 -6.35
N TRP M 77 18.28 -65.96 -7.05
CA TRP M 77 17.64 -67.27 -6.99
C TRP M 77 17.87 -67.98 -5.67
N VAL M 78 18.74 -67.46 -4.80
CA VAL M 78 19.07 -68.16 -3.57
C VAL M 78 17.84 -68.32 -2.69
N LEU M 79 17.03 -67.27 -2.58
CA LEU M 79 15.84 -67.36 -1.74
C LEU M 79 14.84 -68.38 -2.26
N PRO M 80 14.43 -68.36 -3.53
CA PRO M 80 13.56 -69.44 -4.03
C PRO M 80 14.17 -70.82 -3.89
N ALA M 81 15.48 -70.96 -4.14
CA ALA M 81 16.10 -72.27 -3.99
C ALA M 81 16.02 -72.75 -2.56
N LEU M 82 16.30 -71.86 -1.61
CA LEU M 82 16.19 -72.24 -0.20
C LEU M 82 14.76 -72.61 0.16
N GLY M 83 13.78 -71.86 -0.36
CA GLY M 83 12.40 -72.17 -0.04
C GLY M 83 11.99 -73.54 -0.56
N ILE M 84 12.32 -73.84 -1.82
CA ILE M 84 11.90 -75.12 -2.38
C ILE M 84 12.63 -76.26 -1.68
N GLY M 85 13.90 -76.04 -1.30
CA GLY M 85 14.60 -77.06 -0.53
C GLY M 85 13.95 -77.30 0.82
N GLN M 86 13.53 -76.23 1.49
CA GLN M 86 12.84 -76.36 2.76
C GLN M 86 11.56 -77.18 2.59
N ALA M 87 10.78 -76.87 1.55
CA ALA M 87 9.54 -77.61 1.32
C ALA M 87 9.81 -79.09 1.07
N VAL M 88 10.80 -79.38 0.21
CA VAL M 88 11.08 -80.77 -0.13
C VAL M 88 11.52 -81.53 1.12
N PHE M 89 12.40 -80.93 1.91
CA PHE M 89 12.90 -81.64 3.10
C PHE M 89 11.80 -81.84 4.13
N GLY M 90 10.89 -80.86 4.28
CA GLY M 90 9.76 -81.07 5.17
C GLY M 90 8.88 -82.22 4.72
N ALA M 91 8.60 -82.30 3.42
CA ALA M 91 7.80 -83.41 2.90
C ALA M 91 8.50 -84.74 3.14
N ILE M 92 9.81 -84.78 2.91
CA ILE M 92 10.56 -86.02 3.13
C ILE M 92 10.47 -86.43 4.58
N GLY M 93 10.61 -85.47 5.50
CA GLY M 93 10.51 -85.80 6.92
C GLY M 93 9.15 -86.35 7.29
N ALA M 94 8.08 -85.74 6.77
CA ALA M 94 6.74 -86.25 7.05
C ALA M 94 6.58 -87.67 6.53
N ASN M 95 7.05 -87.92 5.32
CA ASN M 95 6.95 -89.27 4.76
C ASN M 95 7.72 -90.27 5.61
N ARG M 96 8.91 -89.88 6.08
CA ARG M 96 9.71 -90.77 6.92
C ARG M 96 8.99 -91.08 8.22
N GLN M 97 8.36 -90.07 8.83
CA GLN M 97 7.62 -90.33 10.06
C GLN M 97 6.46 -91.29 9.83
N GLN M 98 5.72 -91.09 8.73
CA GLN M 98 4.61 -91.99 8.44
C GLN M 98 5.11 -93.42 8.23
N ARG M 99 6.21 -93.57 7.50
CA ARG M 99 6.76 -94.90 7.26
C ARG M 99 7.19 -95.55 8.57
N ALA M 100 7.81 -94.77 9.47
CA ALA M 100 8.24 -95.32 10.75
C ALA M 100 7.04 -95.80 11.56
N ALA M 101 5.96 -95.01 11.58
CA ALA M 101 4.77 -95.43 12.31
C ALA M 101 4.19 -96.71 11.74
N ARG M 102 4.11 -96.80 10.40
CA ARG M 102 3.59 -98.02 9.78
C ARG M 102 4.46 -99.21 10.13
N ASP M 103 5.78 -99.04 10.09
CA ASP M 103 6.69 -100.14 10.42
C ASP M 103 6.50 -100.60 11.86
N GLN M 104 6.33 -99.66 12.79
CA GLN M 104 6.14 -100.03 14.19
C GLN M 104 4.83 -100.81 14.36
N LEU M 105 3.76 -100.37 13.71
CA LEU M 105 2.50 -101.09 13.83
C LEU M 105 2.61 -102.50 13.25
N ALA M 106 3.27 -102.62 12.10
CA ALA M 106 3.47 -103.95 11.52
C ALA M 106 4.31 -104.83 12.43
N GLU M 107 5.29 -104.24 13.10
CA GLU M 107 6.07 -104.99 14.09
C GLU M 107 5.18 -105.53 15.19
N SER M 108 4.32 -104.69 15.75
CA SER M 108 3.44 -105.16 16.82
C SER M 108 2.55 -106.28 16.32
N ARG M 109 2.00 -106.14 15.12
CA ARG M 109 1.15 -107.18 14.56
C ARG M 109 1.91 -108.49 14.41
N ARG M 110 3.12 -108.45 13.82
CA ARG M 110 3.82 -109.69 13.56
C ARG M 110 4.20 -110.37 14.87
N GLN M 111 4.61 -109.59 15.87
CA GLN M 111 5.05 -110.23 17.11
C GLN M 111 3.88 -110.85 17.85
N PHE M 112 2.73 -110.18 17.89
CA PHE M 112 1.58 -110.80 18.53
C PHE M 112 1.17 -112.07 17.80
N ASP M 113 1.16 -112.02 16.46
CA ASP M 113 0.77 -113.19 15.69
C ASP M 113 1.71 -114.36 15.93
N MET M 114 3.02 -114.11 15.97
CA MET M 114 3.99 -115.19 16.14
C MET M 114 3.92 -115.76 17.55
N ASN M 115 3.69 -114.91 18.55
CA ASN M 115 3.50 -115.43 19.90
C ASN M 115 2.26 -116.32 19.98
N TYR M 116 1.16 -115.89 19.35
CA TYR M 116 -0.04 -116.73 19.35
C TYR M 116 0.24 -118.05 18.65
N GLY M 117 0.96 -118.02 17.54
CA GLY M 117 1.25 -119.25 16.83
C GLY M 117 2.06 -120.22 17.67
N ALA M 118 3.06 -119.70 18.39
CA ALA M 118 3.85 -120.56 19.26
C ALA M 118 2.97 -121.18 20.34
N GLN M 119 2.13 -120.37 20.99
CA GLN M 119 1.26 -120.91 22.04
C GLN M 119 0.29 -121.93 21.48
N ARG M 120 -0.29 -121.65 20.29
CA ARG M 120 -1.24 -122.57 19.69
C ARG M 120 -0.58 -123.91 19.39
N GLN M 121 0.62 -123.89 18.84
CA GLN M 121 1.32 -125.14 18.57
C GLN M 121 1.63 -125.87 19.88
N SER M 122 1.92 -125.10 20.94
CA SER M 122 2.19 -125.73 22.24
C SER M 122 0.97 -126.49 22.75
N ILE M 123 -0.21 -125.86 22.68
CA ILE M 123 -1.43 -126.55 23.09
C ILE M 123 -1.69 -127.73 22.18
N ASN M 124 -1.39 -127.59 20.89
CA ASN M 124 -1.58 -128.70 19.96
C ASN M 124 -0.77 -129.91 20.38
N THR M 125 0.52 -129.73 20.66
CA THR M 125 1.35 -130.86 21.04
C THR M 125 0.95 -131.41 22.40
N ASN M 126 0.51 -130.54 23.32
CA ASN M 126 0.02 -131.02 24.60
C ASN M 126 -1.18 -131.96 24.40
N LEU M 127 -2.11 -131.55 23.54
CA LEU M 127 -3.25 -132.41 23.23
C LEU M 127 -2.81 -133.71 22.58
N GLU M 128 -1.84 -133.64 21.68
CA GLU M 128 -1.39 -134.84 20.98
C GLU M 128 -0.81 -135.85 21.97
N ASP M 129 0.05 -135.38 22.88
CA ASP M 129 0.65 -136.31 23.84
C ASP M 129 -0.37 -136.77 24.88
N ARG M 130 -1.40 -135.97 25.17
CA ARG M 130 -2.45 -136.44 26.08
C ARG M 130 -3.29 -137.52 25.43
N GLN M 131 -3.67 -137.33 24.16
CA GLN M 131 -4.46 -138.30 23.42
C GLN M 131 -3.67 -139.56 23.08
N ARG M 132 -2.34 -139.48 23.04
CA ARG M 132 -1.55 -140.67 22.75
C ARG M 132 -1.77 -141.74 23.81
N ALA M 133 -1.80 -141.36 25.09
CA ALA M 133 -2.05 -142.33 26.15
C ALA M 133 -3.45 -142.94 26.01
N ARG M 134 -4.45 -142.13 25.69
CA ARG M 134 -5.80 -142.65 25.53
C ARG M 134 -5.87 -143.67 24.42
N VAL M 135 -5.24 -143.38 23.27
CA VAL M 135 -5.30 -144.33 22.16
C VAL M 135 -4.37 -145.53 22.34
N ALA M 136 -3.37 -145.42 23.22
CA ALA M 136 -2.49 -146.55 23.48
C ALA M 136 -2.98 -147.45 24.61
N SER M 137 -3.89 -146.96 25.45
CA SER M 137 -4.36 -147.77 26.58
C SER M 137 -5.46 -148.74 26.15
N ASN M 138 -6.58 -148.21 25.67
CA ASN M 138 -7.74 -149.02 25.28
C ASN M 138 -8.19 -148.55 23.90
N PRO M 139 -7.46 -148.95 22.84
CA PRO M 139 -7.80 -148.43 21.49
C PRO M 139 -9.22 -148.76 21.06
N THR M 140 -9.74 -149.93 21.43
CA THR M 140 -11.08 -150.31 21.01
C THR M 140 -12.13 -149.40 21.65
N ALA M 141 -11.96 -149.06 22.93
CA ALA M 141 -12.96 -148.32 23.68
C ALA M 141 -12.72 -146.81 23.68
N TYR M 142 -11.69 -146.33 22.97
CA TYR M 142 -11.35 -144.91 22.93
C TYR M 142 -11.42 -144.39 21.51
N GLU M 143 -11.28 -143.07 21.38
CA GLU M 143 -11.30 -142.40 20.08
C GLU M 143 -10.08 -142.78 19.26
N SER M 144 -10.14 -142.44 17.97
CA SER M 144 -9.02 -142.62 17.06
C SER M 144 -8.20 -141.34 16.96
N VAL M 145 -6.92 -141.49 16.64
CA VAL M 145 -6.01 -140.35 16.58
C VAL M 145 -6.53 -139.31 15.60
N ASP M 146 -7.03 -139.77 14.44
CA ASP M 146 -7.48 -138.86 13.39
C ASP M 146 -8.58 -137.95 13.90
N SER M 147 -9.65 -138.53 14.47
CA SER M 147 -10.83 -137.75 14.82
C SER M 147 -10.49 -136.71 15.89
N TYR M 148 -9.74 -137.12 16.91
CA TYR M 148 -9.33 -136.17 17.94
C TYR M 148 -8.50 -135.04 17.33
N MET M 149 -7.64 -135.36 16.36
CA MET M 149 -6.81 -134.31 15.79
C MET M 149 -7.57 -133.38 14.85
N GLU M 150 -8.69 -133.83 14.25
CA GLU M 150 -9.39 -132.92 13.33
C GLU M 150 -10.51 -132.15 14.00
N ARG M 151 -11.24 -132.77 14.93
CA ARG M 151 -12.44 -132.15 15.48
C ARG M 151 -12.18 -131.36 16.75
N ASN M 152 -11.29 -131.83 17.62
CA ASN M 152 -11.10 -131.20 18.92
C ASN M 152 -9.65 -130.74 19.07
N ARG M 153 -9.11 -130.14 18.02
CA ARG M 153 -7.71 -129.70 17.99
C ARG M 153 -7.66 -128.21 17.73
N ILE M 154 -6.62 -127.56 18.28
CA ILE M 154 -6.48 -126.12 18.18
C ILE M 154 -6.05 -125.76 16.76
N ARG M 155 -6.79 -124.85 16.14
CA ARG M 155 -6.50 -124.42 14.78
C ARG M 155 -5.33 -123.44 14.74
N MET N 1 -45.16 -64.90 54.14
CA MET N 1 -45.29 -63.49 53.72
C MET N 1 -46.72 -63.25 53.23
N ALA N 2 -46.96 -62.14 52.52
CA ALA N 2 -48.31 -61.85 52.05
C ALA N 2 -48.83 -62.93 51.11
N TYR N 3 -47.96 -63.44 50.23
CA TYR N 3 -48.32 -64.47 49.25
C TYR N 3 -47.31 -65.60 49.39
N PRO N 4 -47.46 -66.47 50.39
CA PRO N 4 -46.51 -67.58 50.55
C PRO N 4 -46.52 -68.54 49.38
N TYR N 5 -47.63 -68.66 48.67
CA TYR N 5 -47.78 -69.58 47.52
C TYR N 5 -47.52 -70.99 48.05
N SER N 6 -46.78 -71.83 47.34
CA SER N 6 -46.51 -73.21 47.75
C SER N 6 -45.05 -73.56 47.51
N ASP N 7 -44.16 -72.60 47.74
CA ASP N 7 -42.73 -72.84 47.56
C ASP N 7 -42.09 -73.54 48.75
N MET N 8 -42.75 -73.59 49.90
CA MET N 8 -42.19 -74.26 51.06
C MET N 8 -41.98 -75.77 50.83
N PRO N 9 -42.94 -76.53 50.30
CA PRO N 9 -42.66 -77.94 50.04
C PRO N 9 -41.51 -78.15 49.07
N PHE N 10 -41.38 -77.32 48.04
CA PHE N 10 -40.25 -77.44 47.12
C PHE N 10 -38.94 -77.12 47.83
N GLY N 11 -38.94 -76.08 48.66
CA GLY N 11 -37.74 -75.75 49.42
C GLY N 11 -37.32 -76.87 50.34
N VAL N 12 -38.29 -77.56 50.94
CA VAL N 12 -37.98 -78.72 51.78
C VAL N 12 -37.46 -79.87 50.91
N GLU N 13 -38.04 -80.03 49.71
CA GLU N 13 -37.71 -81.18 48.88
C GLU N 13 -36.29 -81.10 48.34
N LEU N 14 -35.90 -79.95 47.76
CA LEU N 14 -34.61 -79.90 47.08
C LEU N 14 -33.45 -79.87 48.07
N ASP N 15 -33.69 -79.38 49.29
CA ASP N 15 -32.67 -79.35 50.35
C ASP N 15 -31.51 -78.49 49.82
N THR N 16 -30.27 -79.00 49.78
CA THR N 16 -29.13 -78.22 49.32
C THR N 16 -28.20 -79.05 48.44
N SER N 17 -28.71 -80.12 47.82
CA SER N 17 -27.88 -80.97 46.98
C SER N 17 -27.42 -80.20 45.75
N THR N 18 -26.16 -80.40 45.36
CA THR N 18 -25.58 -79.75 44.21
C THR N 18 -25.90 -80.55 42.95
N LEU N 19 -25.41 -80.09 41.80
CA LEU N 19 -25.64 -80.80 40.55
C LEU N 19 -24.98 -82.17 40.58
N GLY N 20 -25.69 -83.16 40.03
CA GLY N 20 -25.18 -84.51 39.98
C GLY N 20 -26.24 -85.53 39.63
N SER N 21 -26.32 -86.61 40.42
CA SER N 21 -27.31 -87.67 40.22
C SER N 21 -27.08 -88.28 38.85
N PHE N 22 -28.08 -88.33 37.96
CA PHE N 22 -27.93 -88.96 36.64
C PHE N 22 -28.44 -88.11 35.49
N GLY N 23 -29.28 -87.11 35.73
CA GLY N 23 -29.84 -86.32 34.65
C GLY N 23 -28.95 -85.19 34.20
N LEU N 24 -27.71 -85.51 33.83
CA LEU N 24 -26.75 -84.51 33.36
C LEU N 24 -26.59 -83.38 34.38
N GLY N 25 -26.54 -83.75 35.65
CA GLY N 25 -26.40 -82.78 36.72
C GLY N 25 -27.73 -82.23 37.20
N GLY N 26 -28.61 -83.12 37.64
CA GLY N 26 -29.93 -82.73 38.09
C GLY N 26 -31.01 -83.24 37.16
N PRO N 27 -31.71 -84.32 37.54
CA PRO N 27 -32.75 -84.87 36.66
C PRO N 27 -34.06 -84.11 36.82
N GLN N 28 -35.07 -84.58 36.09
CA GLN N 28 -36.40 -83.96 36.11
C GLN N 28 -37.10 -84.39 37.40
N THR N 29 -36.72 -83.73 38.49
CA THR N 29 -37.32 -84.03 39.78
C THR N 29 -38.81 -83.71 39.78
N GLN N 30 -39.20 -82.61 39.16
CA GLN N 30 -40.60 -82.18 39.11
C GLN N 30 -41.31 -82.96 38.00
N LEU N 31 -42.59 -82.68 37.81
CA LEU N 31 -43.43 -83.35 36.83
C LEU N 31 -43.90 -82.35 35.79
N GLN N 32 -44.71 -82.81 34.85
CA GLN N 32 -45.22 -81.99 33.76
C GLN N 32 -46.58 -81.39 34.13
N MET N 33 -46.85 -80.20 33.59
CA MET N 33 -48.08 -79.49 33.86
C MET N 33 -48.66 -78.94 32.56
N GLN N 34 -49.99 -78.80 32.54
CA GLN N 34 -50.67 -78.27 31.36
C GLN N 34 -50.33 -76.79 31.17
N MET N 35 -50.59 -76.29 29.96
CA MET N 35 -50.31 -74.91 29.65
C MET N 35 -51.28 -73.98 30.41
N PRO N 36 -50.86 -72.75 30.71
CA PRO N 36 -51.79 -71.83 31.39
C PRO N 36 -53.06 -71.55 30.60
N ALA N 37 -52.95 -71.47 29.27
CA ALA N 37 -54.11 -71.16 28.44
C ALA N 37 -53.84 -71.62 27.02
N VAL N 38 -54.91 -72.05 26.34
CA VAL N 38 -54.79 -72.49 24.96
C VAL N 38 -54.37 -71.34 24.05
N ASP N 39 -55.03 -70.20 24.20
CA ASP N 39 -54.75 -69.02 23.39
C ASP N 39 -53.88 -68.04 24.17
N VAL N 40 -52.99 -67.35 23.45
CA VAL N 40 -52.06 -66.43 24.11
C VAL N 40 -52.83 -65.31 24.80
N ASN N 41 -53.82 -64.74 24.12
CA ASN N 41 -54.65 -63.67 24.69
C ASN N 41 -53.78 -62.52 25.21
N ALA N 42 -52.72 -62.19 24.46
CA ALA N 42 -51.80 -61.12 24.82
C ALA N 42 -51.21 -61.37 26.21
N ALA N 43 -50.54 -62.50 26.34
CA ALA N 43 -49.90 -62.92 27.61
C ALA N 43 -51.02 -63.03 28.65
N ALA N 44 -50.79 -62.60 29.89
CA ALA N 44 -51.79 -62.70 30.95
C ALA N 44 -52.66 -61.44 31.02
N SER N 45 -53.22 -61.06 29.87
CA SER N 45 -54.10 -59.90 29.79
C SER N 45 -53.42 -58.65 30.36
N GLY N 46 -54.00 -58.01 31.38
CA GLY N 46 -53.38 -56.83 31.94
C GLY N 46 -52.07 -57.13 32.63
N SER N 47 -51.96 -58.29 33.27
CA SER N 47 -50.73 -58.65 33.97
C SER N 47 -49.55 -58.74 33.01
N GLY N 48 -49.77 -59.34 31.84
CA GLY N 48 -48.71 -59.49 30.86
C GLY N 48 -48.29 -58.17 30.25
N GLY N 49 -49.19 -57.55 29.49
CA GLY N 49 -48.87 -56.28 28.85
C GLY N 49 -47.73 -56.37 27.87
N PHE N 50 -47.70 -57.43 27.05
CA PHE N 50 -46.66 -57.66 26.06
C PHE N 50 -47.24 -57.48 24.66
N MET N 51 -46.36 -57.60 23.66
CA MET N 51 -46.74 -57.42 22.26
C MET N 51 -46.49 -58.70 21.47
N ALA N 52 -46.87 -59.86 22.03
CA ALA N 52 -46.64 -61.12 21.35
C ALA N 52 -47.39 -61.18 20.02
N GLY N 53 -48.67 -60.82 20.03
CA GLY N 53 -49.50 -60.82 18.85
C GLY N 53 -49.60 -59.50 18.12
N PHE N 54 -48.85 -58.48 18.55
CA PHE N 54 -48.94 -57.15 17.96
C PHE N 54 -47.62 -56.64 17.39
N SER N 55 -46.48 -57.11 17.90
CA SER N 55 -45.20 -56.65 17.37
C SER N 55 -45.05 -57.03 15.91
N ASN N 56 -44.97 -58.34 15.64
CA ASN N 56 -44.88 -58.86 14.27
C ASN N 56 -43.80 -58.13 13.47
N ILE N 57 -42.55 -58.28 13.93
CA ILE N 57 -41.44 -57.55 13.32
C ILE N 57 -41.33 -57.91 11.84
N PHE N 58 -41.28 -59.21 11.53
CA PHE N 58 -41.22 -59.74 10.18
C PHE N 58 -40.31 -58.92 9.26
N SER N 59 -39.14 -58.51 9.75
CA SER N 59 -38.24 -57.66 8.98
C SER N 59 -36.80 -58.08 9.23
N ARG N 60 -35.96 -57.87 8.23
CA ARG N 60 -34.55 -58.25 8.36
C ARG N 60 -33.80 -57.28 9.27
N ASP N 61 -34.25 -56.03 9.35
CA ASP N 61 -33.52 -55.05 10.16
C ASP N 61 -33.52 -55.44 11.64
N SER N 62 -34.66 -55.95 12.13
CA SER N 62 -34.74 -56.31 13.54
C SER N 62 -33.81 -57.46 13.87
N MET N 63 -33.70 -58.45 12.98
CA MET N 63 -32.89 -59.62 13.27
C MET N 63 -31.41 -59.34 13.01
N PHE N 64 -31.07 -58.90 11.80
CA PHE N 64 -29.68 -58.75 11.41
C PHE N 64 -29.15 -57.35 11.64
N GLY N 65 -29.95 -56.45 12.22
CA GLY N 65 -29.50 -55.10 12.44
C GLY N 65 -29.60 -54.24 11.19
N GLY N 66 -29.01 -53.06 11.28
CA GLY N 66 -29.02 -52.13 10.16
C GLY N 66 -28.54 -50.74 10.54
N VAL N 67 -27.88 -50.07 9.61
CA VAL N 67 -27.31 -48.75 9.82
C VAL N 67 -27.88 -47.79 8.79
N ALA N 68 -28.45 -46.69 9.27
CA ALA N 68 -28.96 -45.65 8.39
C ALA N 68 -27.84 -44.71 7.98
N PRO N 69 -28.04 -43.89 6.94
CA PRO N 69 -27.02 -42.92 6.57
C PRO N 69 -26.72 -41.98 7.71
N SER N 70 -25.46 -41.54 7.78
CA SER N 70 -25.01 -40.68 8.88
C SER N 70 -24.91 -41.47 10.17
N GLY N 71 -24.41 -42.70 10.09
CA GLY N 71 -24.23 -43.50 11.29
C GLY N 71 -25.56 -43.79 11.97
N ALA N 72 -25.53 -43.81 13.30
CA ALA N 72 -26.70 -44.11 14.10
C ALA N 72 -27.24 -45.51 13.78
N GLN N 73 -26.41 -46.51 14.07
CA GLN N 73 -26.76 -47.89 13.78
C GLN N 73 -27.48 -48.54 14.97
N THR N 74 -28.13 -49.66 14.68
CA THR N 74 -28.79 -50.48 15.69
C THR N 74 -28.39 -51.93 15.47
N GLY N 75 -28.15 -52.65 16.55
CA GLY N 75 -27.80 -54.07 16.49
C GLY N 75 -29.02 -54.95 16.70
N GLY N 76 -29.07 -56.04 15.95
CA GLY N 76 -30.17 -56.98 16.09
C GLY N 76 -29.97 -57.91 17.27
N TRP N 77 -31.00 -58.72 17.53
CA TRP N 77 -30.93 -59.66 18.64
C TRP N 77 -30.17 -60.94 18.29
N VAL N 78 -29.79 -61.12 17.03
CA VAL N 78 -29.14 -62.37 16.63
C VAL N 78 -27.81 -62.55 17.36
N LEU N 79 -27.00 -61.49 17.45
CA LEU N 79 -25.73 -61.62 18.14
C LEU N 79 -25.90 -61.95 19.62
N PRO N 80 -26.75 -61.26 20.38
CA PRO N 80 -27.01 -61.71 21.75
C PRO N 80 -27.51 -63.14 21.85
N ALA N 81 -28.39 -63.56 20.94
CA ALA N 81 -28.91 -64.92 21.02
C ALA N 81 -27.81 -65.94 20.77
N LEU N 82 -26.96 -65.68 19.77
CA LEU N 82 -25.82 -66.56 19.52
C LEU N 82 -24.88 -66.60 20.73
N GLY N 83 -24.63 -65.46 21.35
CA GLY N 83 -23.77 -65.46 22.52
C GLY N 83 -24.35 -66.28 23.66
N ILE N 84 -25.66 -66.12 23.91
CA ILE N 84 -26.30 -66.87 24.98
C ILE N 84 -26.24 -68.36 24.70
N GLY N 85 -26.54 -68.75 23.46
CA GLY N 85 -26.44 -70.16 23.11
C GLY N 85 -25.04 -70.69 23.28
N GLN N 86 -24.04 -69.91 22.90
CA GLN N 86 -22.65 -70.32 23.07
C GLN N 86 -22.35 -70.59 24.54
N ALA N 87 -22.75 -69.66 25.40
CA ALA N 87 -22.49 -69.82 26.83
C ALA N 87 -23.18 -71.08 27.37
N VAL N 88 -24.45 -71.26 27.02
CA VAL N 88 -25.21 -72.38 27.55
C VAL N 88 -24.58 -73.70 27.11
N PHE N 89 -24.21 -73.79 25.83
CA PHE N 89 -23.65 -75.04 25.32
C PHE N 89 -22.28 -75.31 25.92
N GLY N 90 -21.47 -74.27 26.13
CA GLY N 90 -20.21 -74.48 26.81
C GLY N 90 -20.39 -75.02 28.21
N ALA N 91 -21.33 -74.45 28.96
CA ALA N 91 -21.59 -74.94 30.31
C ALA N 91 -22.07 -76.38 30.30
N ILE N 92 -22.96 -76.71 29.35
CA ILE N 92 -23.46 -78.08 29.26
C ILE N 92 -22.33 -79.04 28.96
N GLY N 93 -21.43 -78.65 28.05
CA GLY N 93 -20.30 -79.52 27.74
C GLY N 93 -19.40 -79.75 28.93
N ALA N 94 -19.11 -78.68 29.70
CA ALA N 94 -18.29 -78.86 30.89
C ALA N 94 -18.96 -79.79 31.89
N ASN N 95 -20.26 -79.62 32.09
CA ASN N 95 -20.97 -80.51 33.01
C ASN N 95 -20.92 -81.95 32.53
N ARG N 96 -21.07 -82.16 31.21
CA ARG N 96 -21.02 -83.51 30.67
C ARG N 96 -19.65 -84.14 30.91
N GLN N 97 -18.57 -83.38 30.70
CA GLN N 97 -17.25 -83.93 30.92
C GLN N 97 -17.04 -84.29 32.38
N GLN N 98 -17.48 -83.42 33.29
CA GLN N 98 -17.35 -83.74 34.72
C GLN N 98 -18.12 -85.00 35.07
N ARG N 99 -19.34 -85.13 34.55
CA ARG N 99 -20.15 -86.31 34.81
C ARG N 99 -19.48 -87.57 34.27
N ALA N 100 -18.90 -87.49 33.08
CA ALA N 100 -18.23 -88.65 32.51
C ALA N 100 -17.05 -89.07 33.37
N ALA N 101 -16.25 -88.11 33.84
CA ALA N 101 -15.13 -88.45 34.69
C ALA N 101 -15.59 -89.11 35.99
N ARG N 102 -16.64 -88.55 36.61
CA ARG N 102 -17.17 -89.15 37.84
C ARG N 102 -17.66 -90.56 37.58
N ASP N 103 -18.36 -90.78 36.46
CA ASP N 103 -18.86 -92.10 36.14
C ASP N 103 -17.72 -93.09 35.95
N GLN N 104 -16.65 -92.67 35.28
CA GLN N 104 -15.51 -93.57 35.08
C GLN N 104 -14.88 -93.95 36.41
N LEU N 105 -14.70 -92.97 37.31
CA LEU N 105 -14.11 -93.29 38.61
C LEU N 105 -15.00 -94.24 39.40
N ALA N 106 -16.31 -93.99 39.40
CA ALA N 106 -17.23 -94.89 40.10
C ALA N 106 -17.20 -96.29 39.49
N GLU N 107 -17.06 -96.37 38.17
CA GLU N 107 -16.97 -97.68 37.52
C GLU N 107 -15.73 -98.41 37.98
N SER N 108 -14.60 -97.70 38.10
CA SER N 108 -13.38 -98.34 38.59
C SER N 108 -13.56 -98.84 40.02
N ARG N 109 -14.23 -98.03 40.84
CA ARG N 109 -14.47 -98.45 42.23
C ARG N 109 -15.31 -99.72 42.27
N ARG N 110 -16.40 -99.77 41.49
CA ARG N 110 -17.25 -100.95 41.47
C ARG N 110 -16.49 -102.15 40.92
N GLN N 111 -15.75 -101.94 39.84
CA GLN N 111 -14.77 -102.88 39.32
C GLN N 111 -14.01 -103.61 40.43
N PHE N 112 -13.22 -102.86 41.20
CA PHE N 112 -12.39 -103.59 42.14
C PHE N 112 -13.20 -104.09 43.33
N ASP N 113 -14.24 -103.39 43.77
CA ASP N 113 -15.00 -103.88 44.90
C ASP N 113 -15.60 -105.25 44.58
N MET N 114 -16.15 -105.40 43.38
CA MET N 114 -16.74 -106.67 42.97
C MET N 114 -15.67 -107.74 42.77
N ASN N 115 -14.52 -107.39 42.19
CA ASN N 115 -13.45 -108.37 42.03
C ASN N 115 -12.99 -108.88 43.39
N TYR N 116 -12.78 -107.96 44.34
CA TYR N 116 -12.33 -108.35 45.67
C TYR N 116 -13.38 -109.20 46.38
N GLY N 117 -14.65 -108.85 46.23
CA GLY N 117 -15.69 -109.67 46.83
C GLY N 117 -15.68 -111.09 46.31
N ALA N 118 -15.55 -111.24 44.99
CA ALA N 118 -15.50 -112.59 44.41
C ALA N 118 -14.29 -113.36 44.94
N GLN N 119 -13.12 -112.73 44.94
CA GLN N 119 -11.93 -113.42 45.42
C GLN N 119 -12.06 -113.80 46.89
N ARG N 120 -12.62 -112.90 47.70
CA ARG N 120 -12.79 -113.18 49.12
C ARG N 120 -13.73 -114.35 49.34
N GLN N 121 -14.85 -114.38 48.60
CA GLN N 121 -15.78 -115.49 48.77
C GLN N 121 -15.16 -116.81 48.33
N SER N 122 -14.36 -116.78 47.26
CA SER N 122 -13.65 -118.00 46.85
C SER N 122 -12.66 -118.45 47.93
N ILE N 123 -11.94 -117.51 48.53
CA ILE N 123 -11.00 -117.85 49.60
C ILE N 123 -11.74 -118.45 50.78
N ASN N 124 -12.90 -117.88 51.12
CA ASN N 124 -13.69 -118.42 52.22
C ASN N 124 -14.17 -119.83 51.91
N THR N 125 -14.57 -120.09 50.66
CA THR N 125 -14.97 -121.45 50.27
C THR N 125 -13.80 -122.42 50.43
N ASN N 126 -12.62 -122.02 49.96
CA ASN N 126 -11.45 -122.87 50.13
C ASN N 126 -11.22 -123.16 51.60
N LEU N 127 -11.31 -122.13 52.43
CA LEU N 127 -11.06 -122.30 53.86
C LEU N 127 -12.06 -123.28 54.47
N GLU N 128 -13.36 -123.12 54.19
CA GLU N 128 -14.31 -123.94 54.92
C GLU N 128 -14.32 -125.37 54.40
N ASP N 129 -14.01 -125.59 53.11
CA ASP N 129 -13.90 -126.97 52.64
C ASP N 129 -12.63 -127.62 53.17
N ARG N 130 -11.56 -126.85 53.42
CA ARG N 130 -10.39 -127.42 54.08
C ARG N 130 -10.68 -127.74 55.54
N GLN N 131 -11.46 -126.88 56.21
CA GLN N 131 -11.76 -127.07 57.63
C GLN N 131 -12.79 -128.18 57.85
N ARG N 132 -13.64 -128.46 56.85
CA ARG N 132 -14.64 -129.50 57.00
C ARG N 132 -13.97 -130.86 57.23
N ALA N 133 -12.90 -131.15 56.47
CA ALA N 133 -12.19 -132.41 56.66
C ALA N 133 -11.57 -132.48 58.05
N ARG N 134 -11.00 -131.36 58.53
CA ARG N 134 -10.40 -131.35 59.85
C ARG N 134 -11.44 -131.65 60.93
N VAL N 135 -12.61 -131.00 60.84
CA VAL N 135 -13.62 -131.21 61.88
C VAL N 135 -14.32 -132.56 61.73
N ALA N 136 -14.29 -133.17 60.54
CA ALA N 136 -14.91 -134.48 60.35
C ALA N 136 -13.95 -135.63 60.62
N SER N 137 -12.65 -135.37 60.69
CA SER N 137 -11.69 -136.46 60.91
C SER N 137 -11.71 -136.91 62.37
N ASN N 138 -11.41 -136.00 63.29
CA ASN N 138 -11.39 -136.31 64.72
C ASN N 138 -11.82 -135.07 65.49
N PRO N 139 -13.04 -135.03 66.06
CA PRO N 139 -13.44 -133.82 66.78
C PRO N 139 -12.77 -133.63 68.13
N THR N 140 -12.27 -134.70 68.76
CA THR N 140 -11.75 -134.59 70.11
C THR N 140 -10.48 -133.72 70.14
N ALA N 141 -9.54 -134.00 69.25
CA ALA N 141 -8.24 -133.31 69.26
C ALA N 141 -8.21 -132.09 68.35
N TYR N 142 -9.30 -131.78 67.66
CA TYR N 142 -9.37 -130.64 66.75
C TYR N 142 -10.39 -129.63 67.27
N GLU N 143 -10.50 -128.52 66.55
CA GLU N 143 -11.36 -127.40 66.95
C GLU N 143 -12.73 -127.53 66.30
N SER N 144 -13.60 -126.58 66.63
CA SER N 144 -14.93 -126.52 66.04
C SER N 144 -14.93 -125.57 64.84
N VAL N 145 -16.01 -125.63 64.06
CA VAL N 145 -16.13 -124.76 62.89
C VAL N 145 -16.23 -123.30 63.32
N ASP N 146 -16.88 -123.03 64.45
CA ASP N 146 -17.10 -121.65 64.87
C ASP N 146 -15.79 -120.92 65.14
N SER N 147 -14.82 -121.62 65.76
CA SER N 147 -13.55 -120.97 66.08
C SER N 147 -12.84 -120.50 64.82
N TYR N 148 -12.80 -121.34 63.80
CA TYR N 148 -12.13 -120.96 62.56
C TYR N 148 -12.96 -119.96 61.75
N MET N 149 -14.29 -120.02 61.86
CA MET N 149 -15.13 -119.07 61.16
C MET N 149 -15.14 -117.70 61.82
N GLU N 150 -14.72 -117.60 63.08
CA GLU N 150 -14.68 -116.33 63.79
C GLU N 150 -13.27 -115.73 63.83
N ARG N 151 -12.25 -116.54 64.09
CA ARG N 151 -10.90 -116.01 64.29
C ARG N 151 -10.12 -115.87 63.00
N ASN N 152 -10.19 -116.86 62.11
CA ASN N 152 -9.38 -116.91 60.90
C ASN N 152 -10.25 -116.98 59.65
N ARG N 153 -11.28 -116.15 59.60
CA ARG N 153 -12.19 -116.08 58.46
C ARG N 153 -12.02 -114.72 57.78
N ILE N 154 -11.74 -114.73 56.49
CA ILE N 154 -11.47 -113.50 55.76
C ILE N 154 -12.75 -112.68 55.69
N ARG N 155 -12.67 -111.42 56.09
CA ARG N 155 -13.83 -110.53 56.07
C ARG N 155 -14.25 -110.20 54.66
N MET O 1 -13.95 -57.13 75.77
CA MET O 1 -14.26 -55.75 75.31
C MET O 1 -15.60 -55.33 75.88
N ALA O 2 -16.09 -54.15 75.49
CA ALA O 2 -17.37 -53.67 75.99
C ALA O 2 -18.52 -54.59 75.57
N TYR O 3 -18.48 -55.11 74.35
CA TYR O 3 -19.54 -55.95 73.78
C TYR O 3 -18.91 -57.26 73.32
N PRO O 4 -18.55 -58.15 74.23
CA PRO O 4 -17.97 -59.44 73.79
C PRO O 4 -18.93 -60.29 72.99
N TYR O 5 -20.24 -60.10 73.16
CA TYR O 5 -21.27 -60.90 72.46
C TYR O 5 -21.05 -62.36 72.86
N SER O 6 -21.20 -63.31 71.93
CA SER O 6 -21.04 -64.74 72.22
C SER O 6 -20.24 -65.41 71.12
N ASP O 7 -19.13 -64.79 70.73
CA ASP O 7 -18.28 -65.33 69.67
C ASP O 7 -17.18 -66.26 70.18
N MET O 8 -16.96 -66.31 71.50
CA MET O 8 -15.92 -67.19 72.02
C MET O 8 -16.20 -68.68 71.77
N PRO O 9 -17.43 -69.22 71.93
CA PRO O 9 -17.60 -70.64 71.60
C PRO O 9 -17.36 -70.93 70.13
N PHE O 10 -17.71 -69.99 69.24
CA PHE O 10 -17.43 -70.17 67.82
C PHE O 10 -15.93 -70.28 67.56
N GLY O 11 -15.14 -69.41 68.18
CA GLY O 11 -13.70 -69.48 68.01
C GLY O 11 -13.12 -70.75 68.60
N VAL O 12 -13.64 -71.19 69.76
CA VAL O 12 -13.14 -72.42 70.38
C VAL O 12 -13.44 -73.62 69.49
N GLU O 13 -14.65 -73.68 68.93
CA GLU O 13 -15.02 -74.82 68.10
C GLU O 13 -14.27 -74.81 66.78
N LEU O 14 -14.13 -73.64 66.14
CA LEU O 14 -13.49 -73.58 64.84
C LEU O 14 -12.02 -73.97 64.91
N ASP O 15 -11.33 -73.54 65.97
CA ASP O 15 -9.90 -73.82 66.17
C ASP O 15 -9.17 -73.19 64.99
N THR O 16 -8.41 -73.95 64.18
CA THR O 16 -7.66 -73.40 63.07
C THR O 16 -7.69 -74.31 61.86
N SER O 17 -8.69 -75.18 61.76
CA SER O 17 -8.77 -76.11 60.64
C SER O 17 -9.03 -75.35 59.34
N THR O 18 -8.32 -75.77 58.29
CA THR O 18 -8.45 -75.14 56.98
C THR O 18 -9.56 -75.84 56.19
N LEU O 19 -9.72 -75.44 54.93
CA LEU O 19 -10.75 -76.05 54.09
C LEU O 19 -10.43 -77.51 53.82
N GLY O 20 -11.47 -78.34 53.82
CA GLY O 20 -11.31 -79.75 53.55
C GLY O 20 -12.48 -80.58 54.05
N SER O 21 -12.19 -81.70 54.70
CA SER O 21 -13.21 -82.60 55.25
C SER O 21 -14.09 -83.08 54.10
N PHE O 22 -15.41 -82.84 54.12
CA PHE O 22 -16.31 -83.38 53.10
C PHE O 22 -17.26 -82.35 52.51
N GLY O 23 -17.50 -81.22 53.16
CA GLY O 23 -18.47 -80.25 52.67
C GLY O 23 -17.91 -79.31 51.62
N LEU O 24 -17.24 -79.86 50.61
CA LEU O 24 -16.65 -79.07 49.54
C LEU O 24 -15.74 -77.97 50.11
N GLY O 25 -14.99 -78.32 51.14
CA GLY O 25 -14.11 -77.36 51.78
C GLY O 25 -14.78 -76.61 52.91
N GLY O 26 -15.39 -77.34 53.85
CA GLY O 26 -16.08 -76.75 54.96
C GLY O 26 -17.57 -77.04 54.92
N PRO O 27 -18.07 -77.94 55.76
CA PRO O 27 -19.49 -78.26 55.76
C PRO O 27 -20.29 -77.27 56.61
N GLN O 28 -21.58 -77.54 56.72
CA GLN O 28 -22.49 -76.70 57.51
C GLN O 28 -22.30 -77.04 58.98
N THR O 29 -21.20 -76.54 59.55
CA THR O 29 -20.91 -76.79 60.95
C THR O 29 -21.99 -76.20 61.86
N GLN O 30 -22.45 -75.00 61.54
CA GLN O 30 -23.48 -74.33 62.34
C GLN O 30 -24.86 -74.85 61.94
N LEU O 31 -25.88 -74.37 62.64
CA LEU O 31 -27.27 -74.77 62.41
C LEU O 31 -28.02 -73.62 61.74
N GLN O 32 -29.33 -73.84 61.53
CA GLN O 32 -30.20 -72.87 60.90
C GLN O 32 -30.91 -72.03 61.95
N MET O 33 -31.20 -70.78 61.60
CA MET O 33 -31.84 -69.83 62.49
C MET O 33 -32.96 -69.10 61.75
N GLN O 34 -33.98 -68.71 62.51
CA GLN O 34 -35.11 -67.99 61.93
C GLN O 34 -34.67 -66.59 61.51
N MET O 35 -35.49 -65.97 60.66
CA MET O 35 -35.20 -64.64 60.17
C MET O 35 -35.35 -63.62 61.31
N PRO O 36 -34.60 -62.51 61.26
CA PRO O 36 -34.76 -61.49 62.32
C PRO O 36 -36.16 -60.92 62.40
N ALA O 37 -36.84 -60.75 61.28
CA ALA O 37 -38.18 -60.17 61.28
C ALA O 37 -38.91 -60.59 60.01
N VAL O 38 -40.23 -60.77 60.13
CA VAL O 38 -41.03 -61.15 58.97
C VAL O 38 -41.04 -60.04 57.94
N ASP O 39 -41.25 -58.80 58.38
CA ASP O 39 -41.30 -57.65 57.49
C ASP O 39 -39.95 -56.93 57.49
N VAL O 40 -39.59 -56.39 56.32
CA VAL O 40 -38.29 -55.73 56.19
C VAL O 40 -38.21 -54.54 57.13
N ASN O 41 -39.27 -53.73 57.17
CA ASN O 41 -39.33 -52.55 58.04
C ASN O 41 -38.13 -51.64 57.82
N ALA O 42 -37.74 -51.48 56.56
CA ALA O 42 -36.62 -50.64 56.17
C ALA O 42 -35.34 -51.06 56.90
N ALA O 43 -34.94 -52.31 56.65
CA ALA O 43 -33.75 -52.91 57.28
C ALA O 43 -33.97 -52.89 58.79
N ALA O 44 -32.96 -52.59 59.59
CA ALA O 44 -33.09 -52.57 61.05
C ALA O 44 -33.48 -51.19 61.57
N SER O 45 -34.55 -50.63 61.00
CA SER O 45 -35.06 -49.32 61.40
C SER O 45 -33.96 -48.27 61.33
N GLY O 46 -33.67 -47.60 62.45
CA GLY O 46 -32.62 -46.58 62.43
C GLY O 46 -31.24 -47.19 62.21
N SER O 47 -31.00 -48.37 62.75
CA SER O 47 -29.70 -49.01 62.59
C SER O 47 -29.40 -49.30 61.12
N GLY O 48 -30.40 -49.78 60.39
CA GLY O 48 -30.22 -50.09 58.99
C GLY O 48 -30.02 -48.86 58.13
N GLY O 49 -31.04 -48.02 58.05
CA GLY O 49 -30.94 -46.81 57.24
C GLY O 49 -30.69 -47.07 55.77
N PHE O 50 -31.39 -48.05 55.20
CA PHE O 50 -31.25 -48.44 53.81
C PHE O 50 -32.48 -47.98 53.03
N MET O 51 -32.46 -48.22 51.73
CA MET O 51 -33.53 -47.82 50.82
C MET O 51 -34.09 -49.03 50.08
N ALA O 52 -34.27 -50.14 50.81
CA ALA O 52 -34.76 -51.37 50.19
C ALA O 52 -36.16 -51.19 49.63
N GLY O 53 -37.07 -50.64 50.43
CA GLY O 53 -38.45 -50.43 50.04
C GLY O 53 -38.74 -49.07 49.47
N PHE O 54 -37.73 -48.22 49.26
CA PHE O 54 -37.92 -46.86 48.76
C PHE O 54 -37.20 -46.57 47.46
N SER O 55 -36.09 -47.26 47.16
CA SER O 55 -35.39 -47.02 45.91
C SER O 55 -36.29 -47.35 44.73
N ASN O 56 -36.67 -48.62 44.60
CA ASN O 56 -37.58 -49.09 43.55
C ASN O 56 -37.15 -48.56 42.19
N ILE O 57 -35.94 -48.96 41.79
CA ILE O 57 -35.34 -48.42 40.56
C ILE O 57 -36.18 -48.81 39.35
N PHE O 58 -36.24 -50.11 39.06
CA PHE O 58 -37.07 -50.65 37.98
C PHE O 58 -36.78 -49.96 36.65
N SER O 59 -35.50 -49.70 36.37
CA SER O 59 -35.08 -49.05 35.13
C SER O 59 -33.96 -49.83 34.47
N ARG O 60 -33.93 -49.78 33.14
CA ARG O 60 -32.90 -50.50 32.39
C ARG O 60 -31.56 -49.81 32.48
N ASP O 61 -31.54 -48.48 32.62
CA ASP O 61 -30.26 -47.76 32.61
C ASP O 61 -29.39 -48.16 33.79
N SER O 62 -29.98 -48.32 34.97
CA SER O 62 -29.18 -48.66 36.15
C SER O 62 -28.55 -50.04 36.00
N MET O 63 -29.26 -50.99 35.39
CA MET O 63 -28.70 -52.33 35.24
C MET O 63 -27.68 -52.39 34.10
N PHE O 64 -28.04 -51.88 32.93
CA PHE O 64 -27.22 -52.02 31.73
C PHE O 64 -26.40 -50.77 31.44
N GLY O 65 -26.38 -49.79 32.34
CA GLY O 65 -25.63 -48.58 32.11
C GLY O 65 -26.35 -47.64 31.17
N GLY O 66 -25.61 -46.63 30.71
CA GLY O 66 -26.17 -45.63 29.82
C GLY O 66 -25.28 -44.41 29.69
N VAL O 67 -25.26 -43.82 28.50
CA VAL O 67 -24.43 -42.66 28.18
C VAL O 67 -25.32 -41.55 27.66
N ALA O 68 -25.27 -40.40 28.32
CA ALA O 68 -25.98 -39.22 27.86
C ALA O 68 -25.16 -38.52 26.78
N PRO O 69 -25.77 -37.61 26.03
CA PRO O 69 -25.02 -36.87 25.01
C PRO O 69 -23.88 -36.08 25.65
N SER O 70 -22.81 -35.92 24.88
CA SER O 70 -21.63 -35.19 25.35
C SER O 70 -20.95 -35.94 26.49
N GLY O 71 -20.64 -37.22 26.26
CA GLY O 71 -19.91 -37.99 27.24
C GLY O 71 -20.70 -38.12 28.53
N ALA O 72 -19.96 -38.23 29.64
CA ALA O 72 -20.55 -38.35 30.97
C ALA O 72 -21.45 -39.58 31.05
N GLN O 73 -20.83 -40.74 30.92
CA GLN O 73 -21.56 -42.00 30.97
C GLN O 73 -21.58 -42.55 32.39
N THR O 74 -22.48 -43.52 32.60
CA THR O 74 -22.59 -44.25 33.85
C THR O 74 -22.68 -45.73 33.54
N GLY O 75 -22.02 -46.55 34.34
CA GLY O 75 -22.00 -48.00 34.17
C GLY O 75 -22.90 -48.66 35.18
N GLY O 76 -23.63 -49.69 34.73
CA GLY O 76 -24.51 -50.42 35.61
C GLY O 76 -23.76 -51.43 36.44
N TRP O 77 -24.49 -52.07 37.34
CA TRP O 77 -23.90 -53.08 38.23
C TRP O 77 -23.82 -54.46 37.58
N VAL O 78 -24.33 -54.62 36.36
CA VAL O 78 -24.35 -55.94 35.74
C VAL O 78 -22.93 -56.45 35.53
N LEU O 79 -22.03 -55.61 35.03
CA LEU O 79 -20.65 -56.05 34.82
C LEU O 79 -19.95 -56.43 36.11
N PRO O 80 -19.98 -55.61 37.17
CA PRO O 80 -19.44 -56.08 38.45
C PRO O 80 -20.06 -57.36 38.96
N ALA O 81 -21.38 -57.52 38.81
CA ALA O 81 -22.02 -58.74 39.28
C ALA O 81 -21.50 -59.95 38.52
N LEU O 82 -21.39 -59.82 37.19
CA LEU O 82 -20.88 -60.93 36.40
C LEU O 82 -19.43 -61.24 36.76
N GLY O 83 -18.62 -60.22 36.99
CA GLY O 83 -17.24 -60.47 37.40
C GLY O 83 -17.16 -61.20 38.73
N ILE O 84 -17.96 -60.77 39.70
CA ILE O 84 -17.96 -61.41 41.01
C ILE O 84 -18.39 -62.87 40.89
N GLY O 85 -19.45 -63.12 40.13
CA GLY O 85 -19.88 -64.49 39.91
C GLY O 85 -18.80 -65.32 39.24
N GLN O 86 -18.11 -64.75 38.27
CA GLN O 86 -17.03 -65.45 37.59
C GLN O 86 -15.95 -65.86 38.58
N ALA O 87 -15.53 -64.91 39.42
CA ALA O 87 -14.49 -65.20 40.40
C ALA O 87 -14.93 -66.31 41.35
N VAL O 88 -16.15 -66.19 41.88
CA VAL O 88 -16.63 -67.16 42.85
C VAL O 88 -16.68 -68.55 42.23
N PHE O 89 -17.21 -68.65 41.01
CA PHE O 89 -17.35 -69.96 40.39
C PHE O 89 -16.00 -70.55 40.03
N GLY O 90 -15.04 -69.72 39.62
CA GLY O 90 -13.70 -70.22 39.38
C GLY O 90 -13.07 -70.79 40.65
N ALA O 91 -13.22 -70.08 41.76
CA ALA O 91 -12.68 -70.57 43.02
C ALA O 91 -13.35 -71.88 43.43
N ILE O 92 -14.67 -71.97 43.25
CA ILE O 92 -15.38 -73.19 43.59
C ILE O 92 -14.88 -74.35 42.73
N GLY O 93 -14.67 -74.11 41.44
CA GLY O 93 -14.17 -75.16 40.58
C GLY O 93 -12.78 -75.64 40.99
N ALA O 94 -11.90 -74.70 41.33
CA ALA O 94 -10.57 -75.09 41.78
C ALA O 94 -10.66 -75.93 43.05
N ASN O 95 -11.50 -75.52 44.00
CA ASN O 95 -11.66 -76.29 45.23
C ASN O 95 -12.19 -77.68 44.93
N ARG O 96 -13.15 -77.78 44.01
CA ARG O 96 -13.70 -79.09 43.66
C ARG O 96 -12.65 -79.99 43.05
N GLN O 97 -11.81 -79.44 42.17
CA GLN O 97 -10.76 -80.27 41.57
C GLN O 97 -9.77 -80.75 42.62
N GLN O 98 -9.38 -79.86 43.54
CA GLN O 98 -8.47 -80.28 44.61
C GLN O 98 -9.09 -81.38 45.46
N ARG O 99 -10.37 -81.22 45.80
CA ARG O 99 -11.05 -82.23 46.60
C ARG O 99 -11.11 -83.56 45.87
N ALA O 100 -11.39 -83.53 44.57
CA ALA O 100 -11.45 -84.77 43.81
C ALA O 100 -10.11 -85.48 43.79
N ALA O 101 -9.02 -84.72 43.60
CA ALA O 101 -7.71 -85.34 43.61
C ALA O 101 -7.39 -85.95 44.97
N ARG O 102 -7.71 -85.22 46.05
CA ARG O 102 -7.48 -85.76 47.39
C ARG O 102 -8.27 -87.04 47.60
N ASP O 103 -9.54 -87.05 47.16
CA ASP O 103 -10.36 -88.24 47.32
C ASP O 103 -9.80 -89.42 46.56
N GLN O 104 -9.31 -89.19 45.33
CA GLN O 104 -8.73 -90.28 44.57
C GLN O 104 -7.50 -90.84 45.26
N LEU O 105 -6.64 -89.96 45.79
CA LEU O 105 -5.44 -90.44 46.48
C LEU O 105 -5.82 -91.25 47.72
N ALA O 106 -6.80 -90.76 48.49
CA ALA O 106 -7.25 -91.49 49.67
C ALA O 106 -7.84 -92.83 49.29
N GLU O 107 -8.56 -92.89 48.17
CA GLU O 107 -9.11 -94.16 47.71
C GLU O 107 -8.00 -95.14 47.37
N SER O 108 -6.94 -94.66 46.71
CA SER O 108 -5.81 -95.54 46.40
C SER O 108 -5.15 -96.06 47.68
N ARG O 109 -5.06 -95.20 48.70
CA ARG O 109 -4.50 -95.64 49.98
C ARG O 109 -5.38 -96.70 50.64
N ARG O 110 -6.70 -96.49 50.69
CA ARG O 110 -7.57 -97.50 51.26
C ARG O 110 -7.46 -98.80 50.47
N GLN O 111 -7.41 -98.70 49.14
CA GLN O 111 -7.12 -99.84 48.28
C GLN O 111 -5.91 -100.64 48.74
N PHE O 112 -4.73 -100.02 48.75
CA PHE O 112 -3.52 -100.78 49.05
C PHE O 112 -3.59 -101.36 50.46
N ASP O 113 -4.07 -100.57 51.42
CA ASP O 113 -4.12 -101.05 52.81
C ASP O 113 -5.04 -102.25 52.93
N MET O 114 -6.22 -102.20 52.29
CA MET O 114 -7.16 -103.31 52.39
C MET O 114 -6.62 -104.56 51.72
N ASN O 115 -5.98 -104.39 50.56
CA ASN O 115 -5.40 -105.56 49.89
C ASN O 115 -4.33 -106.21 50.75
N TYR O 116 -3.45 -105.40 51.34
CA TYR O 116 -2.43 -105.97 52.21
C TYR O 116 -3.05 -106.65 53.42
N GLY O 117 -4.09 -106.05 53.99
CA GLY O 117 -4.73 -106.66 55.15
C GLY O 117 -5.30 -108.02 54.83
N ALA O 118 -5.99 -108.14 53.69
CA ALA O 118 -6.54 -109.42 53.28
C ALA O 118 -5.43 -110.44 53.07
N GLN O 119 -4.37 -110.06 52.36
CA GLN O 119 -3.28 -110.99 52.11
C GLN O 119 -2.62 -111.43 53.40
N ARG O 120 -2.42 -110.49 54.33
CA ARG O 120 -1.80 -110.81 55.60
C ARG O 120 -2.65 -111.78 56.40
N GLN O 121 -3.97 -111.56 56.43
CA GLN O 121 -4.84 -112.49 57.15
C GLN O 121 -4.79 -113.87 56.53
N SER O 122 -4.77 -113.93 55.19
CA SER O 122 -4.66 -115.23 54.53
C SER O 122 -3.35 -115.92 54.89
N ILE O 123 -2.24 -115.18 54.89
CA ILE O 123 -0.94 -115.75 55.21
C ILE O 123 -0.93 -116.26 56.64
N ASN O 124 -1.49 -115.49 57.57
CA ASN O 124 -1.54 -115.91 58.96
C ASN O 124 -2.38 -117.17 59.12
N THR O 125 -3.51 -117.25 58.41
CA THR O 125 -4.32 -118.46 58.44
C THR O 125 -3.51 -119.66 57.96
N ASN O 126 -2.80 -119.51 56.84
CA ASN O 126 -1.99 -120.60 56.31
C ASN O 126 -0.95 -121.03 57.33
N LEU O 127 -0.29 -120.06 57.97
CA LEU O 127 0.76 -120.38 58.93
C LEU O 127 0.19 -121.14 60.12
N GLU O 128 -0.94 -120.68 60.66
CA GLU O 128 -1.45 -121.32 61.87
C GLU O 128 -2.02 -122.70 61.58
N ASP O 129 -2.63 -122.89 60.40
CA ASP O 129 -3.13 -124.23 60.08
C ASP O 129 -1.98 -125.17 59.74
N ARG O 130 -0.87 -124.65 59.22
CA ARG O 130 0.31 -125.48 59.02
C ARG O 130 0.92 -125.90 60.35
N GLN O 131 0.98 -124.98 61.31
CA GLN O 131 1.59 -125.28 62.61
C GLN O 131 0.67 -126.07 63.53
N ARG O 132 -0.64 -126.07 63.28
CA ARG O 132 -1.54 -126.87 64.11
C ARG O 132 -1.19 -128.34 64.02
N ALA O 133 -0.90 -128.84 62.82
CA ALA O 133 -0.50 -130.23 62.66
C ALA O 133 0.79 -130.52 63.42
N ARG O 134 1.76 -129.60 63.36
CA ARG O 134 3.01 -129.80 64.08
C ARG O 134 2.79 -129.90 65.58
N VAL O 135 1.97 -128.99 66.14
CA VAL O 135 1.76 -129.00 67.58
C VAL O 135 0.83 -130.13 68.01
N ALA O 136 0.03 -130.68 67.10
CA ALA O 136 -0.85 -131.79 67.44
C ALA O 136 -0.20 -133.15 67.26
N SER O 137 0.84 -133.24 66.44
CA SER O 137 1.47 -134.53 66.19
C SER O 137 2.33 -134.97 67.38
N ASN O 138 3.32 -134.16 67.74
CA ASN O 138 4.26 -134.49 68.81
C ASN O 138 4.49 -133.20 69.60
N PRO O 139 3.80 -133.01 70.72
CA PRO O 139 4.02 -131.78 71.52
C PRO O 139 5.36 -131.75 72.22
N THR O 140 6.09 -132.86 72.30
CA THR O 140 7.33 -132.90 73.06
C THR O 140 8.50 -132.33 72.26
N ALA O 141 8.79 -132.93 71.10
CA ALA O 141 9.96 -132.56 70.33
C ALA O 141 9.76 -131.31 69.48
N TYR O 142 8.52 -130.83 69.34
CA TYR O 142 8.21 -129.67 68.53
C TYR O 142 7.92 -128.47 69.42
N GLU O 143 7.80 -127.31 68.78
CA GLU O 143 7.57 -126.06 69.50
C GLU O 143 6.10 -125.92 69.85
N SER O 144 5.78 -124.84 70.55
CA SER O 144 4.42 -124.54 70.98
C SER O 144 3.80 -123.45 70.13
N VAL O 145 2.48 -123.30 70.26
CA VAL O 145 1.77 -122.26 69.52
C VAL O 145 2.23 -120.87 69.96
N ASP O 146 2.64 -120.74 71.23
CA ASP O 146 3.03 -119.42 71.74
C ASP O 146 4.25 -118.88 71.00
N SER O 147 5.27 -119.72 70.81
CA SER O 147 6.44 -119.29 70.06
C SER O 147 6.04 -118.80 68.68
N TYR O 148 5.12 -119.53 68.03
CA TYR O 148 4.74 -119.16 66.67
C TYR O 148 3.95 -117.86 66.63
N MET O 149 3.02 -117.65 67.56
CA MET O 149 2.25 -116.41 67.46
C MET O 149 3.06 -115.22 67.97
N GLU O 150 4.13 -115.44 68.74
CA GLU O 150 4.94 -114.33 69.22
C GLU O 150 6.11 -113.97 68.31
N ARG O 151 6.67 -114.92 67.55
CA ARG O 151 7.79 -114.61 66.67
C ARG O 151 7.65 -115.11 65.24
N ASN O 152 6.76 -116.06 64.95
CA ASN O 152 6.52 -116.52 63.59
C ASN O 152 5.16 -116.07 63.05
N ARG O 153 4.68 -114.92 63.50
CA ARG O 153 3.38 -114.40 63.10
C ARG O 153 3.57 -113.10 62.33
N ILE O 154 2.90 -112.99 61.19
CA ILE O 154 2.99 -111.80 60.35
C ILE O 154 2.16 -110.68 60.98
N ARG O 155 2.75 -109.49 61.05
CA ARG O 155 2.07 -108.32 61.60
C ARG O 155 0.84 -107.96 60.77
N MET P 1 24.18 -56.19 75.28
CA MET P 1 23.13 -55.17 75.02
C MET P 1 22.47 -54.75 76.32
N ALA P 2 21.82 -53.59 76.31
CA ALA P 2 21.25 -53.03 77.54
C ALA P 2 20.14 -53.91 78.09
N TYR P 3 19.23 -54.37 77.22
CA TYR P 3 18.03 -55.11 77.63
C TYR P 3 17.98 -56.44 76.89
N PRO P 4 18.56 -57.51 77.45
CA PRO P 4 18.45 -58.82 76.79
C PRO P 4 17.03 -59.38 76.78
N TYR P 5 16.17 -58.98 77.72
CA TYR P 5 14.82 -59.53 77.85
C TYR P 5 14.97 -61.04 78.06
N SER P 6 14.31 -61.88 77.28
CA SER P 6 14.39 -63.34 77.43
C SER P 6 14.52 -64.00 76.07
N ASP P 7 15.27 -63.39 75.17
CA ASP P 7 15.49 -63.93 73.83
C ASP P 7 16.74 -64.80 73.74
N MET P 8 17.52 -64.90 74.81
CA MET P 8 18.74 -65.71 74.77
C MET P 8 18.46 -67.17 74.48
N PRO P 9 17.56 -67.86 75.18
CA PRO P 9 17.33 -69.28 74.89
C PRO P 9 16.46 -69.54 73.68
N PHE P 10 15.77 -68.53 73.15
CA PHE P 10 14.93 -68.74 71.97
C PHE P 10 15.74 -69.18 70.77
N GLY P 11 16.87 -68.50 70.53
CA GLY P 11 17.71 -68.86 69.40
C GLY P 11 18.28 -70.26 69.52
N VAL P 12 18.65 -70.66 70.74
CA VAL P 12 19.18 -72.00 70.94
C VAL P 12 18.08 -73.04 70.77
N GLU P 13 16.85 -72.72 71.22
CA GLU P 13 15.74 -73.65 71.04
C GLU P 13 15.41 -73.84 69.57
N LEU P 14 15.42 -72.75 68.79
CA LEU P 14 15.04 -72.86 67.39
C LEU P 14 16.13 -73.57 66.57
N ASP P 15 17.38 -73.49 67.00
CA ASP P 15 18.51 -74.10 66.28
C ASP P 15 18.53 -73.47 64.88
N THR P 16 18.62 -74.26 63.80
CA THR P 16 18.67 -73.72 62.45
C THR P 16 17.82 -74.54 61.49
N SER P 17 16.82 -75.24 62.01
CA SER P 17 15.98 -76.08 61.17
C SER P 17 15.16 -75.22 60.22
N THR P 18 15.00 -75.70 58.98
CA THR P 18 14.23 -75.01 57.97
C THR P 18 12.75 -75.40 58.11
N LEU P 19 11.93 -74.91 57.20
CA LEU P 19 10.51 -75.24 57.23
C LEU P 19 10.29 -76.71 56.90
N GLY P 20 9.34 -77.33 57.60
CA GLY P 20 9.01 -78.72 57.38
C GLY P 20 8.23 -79.32 58.52
N SER P 21 8.65 -80.48 58.99
CA SER P 21 8.00 -81.19 60.12
C SER P 21 6.55 -81.44 59.72
N PHE P 22 5.56 -81.06 60.53
CA PHE P 22 4.16 -81.37 60.25
C PHE P 22 3.23 -80.15 60.31
N GLY P 23 3.65 -79.03 60.87
CA GLY P 23 2.77 -77.88 61.00
C GLY P 23 2.74 -76.99 59.77
N LEU P 24 2.65 -77.60 58.59
CA LEU P 24 2.64 -76.87 57.33
C LEU P 24 3.86 -75.95 57.22
N GLY P 25 5.00 -76.47 57.64
CA GLY P 25 6.24 -75.72 57.59
C GLY P 25 6.54 -74.98 58.88
N GLY P 26 6.44 -75.68 60.00
CA GLY P 26 6.69 -75.10 61.30
C GLY P 26 5.43 -75.08 62.16
N PRO P 27 5.33 -75.95 63.15
CA PRO P 27 4.16 -75.96 64.02
C PRO P 27 4.29 -74.89 65.11
N GLN P 28 3.30 -74.87 66.00
CA GLN P 28 3.28 -73.91 67.10
C GLN P 28 4.30 -74.35 68.14
N THR P 29 5.56 -74.04 67.87
CA THR P 29 6.63 -74.40 68.80
C THR P 29 6.45 -73.70 70.14
N GLN P 30 6.07 -72.42 70.12
CA GLN P 30 5.85 -71.66 71.34
C GLN P 30 4.44 -71.92 71.86
N LEU P 31 4.13 -71.33 73.02
CA LEU P 31 2.83 -71.45 73.66
C LEU P 31 2.03 -70.16 73.45
N GLN P 32 0.83 -70.14 74.03
CA GLN P 32 -0.08 -69.01 73.93
C GLN P 32 0.09 -68.09 75.13
N MET P 33 0.21 -66.79 74.87
CA MET P 33 0.43 -65.79 75.90
C MET P 33 -0.80 -64.90 76.03
N GLN P 34 -1.15 -64.57 77.27
CA GLN P 34 -2.32 -63.74 77.52
C GLN P 34 -2.14 -62.36 76.92
N MET P 35 -3.24 -61.81 76.41
CA MET P 35 -3.19 -60.47 75.84
C MET P 35 -2.92 -59.44 76.94
N PRO P 36 -2.08 -58.41 76.68
CA PRO P 36 -1.60 -57.56 77.78
C PRO P 36 -2.69 -56.76 78.49
N ALA P 37 -3.43 -55.94 77.75
CA ALA P 37 -4.30 -54.93 78.33
C ALA P 37 -5.72 -55.07 77.80
N VAL P 38 -6.71 -55.02 78.71
CA VAL P 38 -8.10 -55.13 78.31
C VAL P 38 -8.49 -53.97 77.40
N ASP P 39 -8.09 -52.76 77.78
CA ASP P 39 -8.42 -51.57 77.00
C ASP P 39 -7.25 -51.21 76.09
N VAL P 40 -7.57 -50.73 74.89
CA VAL P 40 -6.53 -50.39 73.92
C VAL P 40 -5.64 -49.27 74.47
N ASN P 41 -6.27 -48.22 74.99
CA ASN P 41 -5.55 -47.09 75.59
C ASN P 41 -4.52 -46.50 74.63
N ALA P 42 -4.90 -46.45 73.34
CA ALA P 42 -4.02 -45.95 72.30
C ALA P 42 -2.70 -46.73 72.29
N ALA P 43 -2.82 -48.03 72.06
CA ALA P 43 -1.67 -48.95 72.03
C ALA P 43 -1.00 -48.88 73.41
N ALA P 44 0.33 -48.86 73.49
CA ALA P 44 1.03 -48.84 74.76
C ALA P 44 1.23 -47.42 75.29
N SER P 45 0.13 -46.66 75.36
CA SER P 45 0.16 -45.30 75.86
C SER P 45 1.18 -44.45 75.10
N GLY P 46 2.18 -43.89 75.80
CA GLY P 46 3.18 -43.08 75.13
C GLY P 46 4.04 -43.90 74.18
N SER P 47 4.34 -45.15 74.57
CA SER P 47 5.19 -45.99 73.72
C SER P 47 4.55 -46.25 72.37
N GLY P 48 3.24 -46.51 72.36
CA GLY P 48 2.55 -46.80 71.12
C GLY P 48 2.43 -45.59 70.22
N GLY P 49 1.66 -44.59 70.66
CA GLY P 49 1.49 -43.38 69.89
C GLY P 49 0.85 -43.59 68.54
N PHE P 50 -0.22 -44.38 68.50
CA PHE P 50 -0.96 -44.68 67.27
C PHE P 50 -2.32 -44.01 67.31
N MET P 51 -2.97 -43.97 66.15
CA MET P 51 -4.26 -43.30 65.96
C MET P 51 -5.39 -44.32 65.76
N ALA P 52 -5.33 -45.44 66.49
CA ALA P 52 -6.36 -46.46 66.35
C ALA P 52 -7.73 -45.93 66.76
N GLY P 53 -7.80 -45.20 67.87
CA GLY P 53 -9.03 -44.66 68.39
C GLY P 53 -9.34 -43.24 67.99
N PHE P 54 -8.57 -42.64 67.07
CA PHE P 54 -8.78 -41.27 66.65
C PHE P 54 -8.95 -41.10 65.15
N SER P 55 -8.27 -41.89 64.32
CA SER P 55 -8.36 -41.73 62.88
C SER P 55 -9.80 -41.88 62.40
N ASN P 56 -10.34 -43.09 62.51
CA ASN P 56 -11.74 -43.39 62.20
C ASN P 56 -12.18 -42.71 60.91
N ILE P 57 -11.49 -43.07 59.82
CA ILE P 57 -11.69 -42.36 58.55
C ILE P 57 -13.11 -42.57 58.04
N PHE P 58 -13.60 -43.81 58.06
CA PHE P 58 -14.95 -44.15 57.61
C PHE P 58 -15.29 -43.47 56.29
N SER P 59 -14.34 -43.50 55.35
CA SER P 59 -14.46 -42.82 54.07
C SER P 59 -14.42 -43.82 52.93
N ARG P 60 -15.34 -43.67 51.98
CA ARG P 60 -15.42 -44.60 50.87
C ARG P 60 -14.36 -44.32 49.80
N ASP P 61 -13.94 -43.06 49.64
CA ASP P 61 -12.97 -42.73 48.61
C ASP P 61 -11.60 -43.33 48.88
N SER P 62 -11.25 -43.56 50.14
CA SER P 62 -9.94 -44.11 50.45
C SER P 62 -9.76 -45.49 49.84
N MET P 63 -10.79 -46.34 49.94
CA MET P 63 -10.67 -47.69 49.41
C MET P 63 -10.56 -47.68 47.89
N PHE P 64 -11.44 -46.93 47.23
CA PHE P 64 -11.57 -46.98 45.77
C PHE P 64 -10.86 -45.86 45.06
N GLY P 65 -10.11 -45.02 45.78
CA GLY P 65 -9.42 -43.92 45.14
C GLY P 65 -10.39 -42.83 44.69
N GLY P 66 -10.00 -42.14 43.65
CA GLY P 66 -10.81 -41.06 43.08
C GLY P 66 -9.94 -40.06 42.37
N VAL P 67 -10.52 -39.41 41.36
CA VAL P 67 -9.83 -38.43 40.53
C VAL P 67 -10.64 -37.15 40.53
N ALA P 68 -9.99 -36.04 40.86
CA ALA P 68 -10.62 -34.73 40.82
C ALA P 68 -10.48 -34.13 39.43
N PRO P 69 -11.24 -33.07 39.12
CA PRO P 69 -11.09 -32.43 37.82
C PRO P 69 -9.66 -31.92 37.63
N SER P 70 -9.22 -31.94 36.37
CA SER P 70 -7.85 -31.57 36.04
C SER P 70 -6.85 -32.61 36.52
N GLY P 71 -7.19 -33.89 36.32
CA GLY P 71 -6.28 -34.96 36.69
C GLY P 71 -5.99 -34.96 38.17
N ALA P 72 -4.74 -35.28 38.52
CA ALA P 72 -4.31 -35.38 39.91
C ALA P 72 -5.13 -36.44 40.65
N GLN P 73 -4.99 -37.68 40.20
CA GLN P 73 -5.72 -38.79 40.77
C GLN P 73 -4.93 -39.44 41.89
N THR P 74 -5.63 -40.23 42.70
CA THR P 74 -5.04 -41.01 43.77
C THR P 74 -5.60 -42.43 43.71
N GLY P 75 -4.78 -43.39 44.11
CA GLY P 75 -5.17 -44.80 44.14
C GLY P 75 -5.43 -45.24 45.57
N GLY P 76 -6.51 -45.98 45.75
CA GLY P 76 -6.84 -46.51 47.06
C GLY P 76 -6.02 -47.74 47.40
N TRP P 77 -6.15 -48.19 48.64
CA TRP P 77 -5.39 -49.34 49.09
C TRP P 77 -5.95 -50.66 48.59
N VAL P 78 -7.11 -50.65 47.93
CA VAL P 78 -7.72 -51.90 47.51
C VAL P 78 -6.83 -52.63 46.52
N LEU P 79 -6.25 -51.91 45.55
CA LEU P 79 -5.39 -52.58 44.58
C LEU P 79 -4.15 -53.19 45.22
N PRO P 80 -3.37 -52.47 46.03
CA PRO P 80 -2.27 -53.13 46.73
C PRO P 80 -2.70 -54.29 47.60
N ALA P 81 -3.84 -54.17 48.29
CA ALA P 81 -4.29 -55.28 49.12
C ALA P 81 -4.61 -56.51 48.27
N LEU P 82 -5.27 -56.30 47.14
CA LEU P 82 -5.58 -57.42 46.25
C LEU P 82 -4.30 -58.05 45.72
N GLY P 83 -3.32 -57.24 45.34
CA GLY P 83 -2.07 -57.80 44.87
C GLY P 83 -1.35 -58.61 45.93
N ILE P 84 -1.31 -58.09 47.16
CA ILE P 84 -0.63 -58.80 48.25
C ILE P 84 -1.34 -60.12 48.53
N GLY P 85 -2.68 -60.10 48.57
CA GLY P 85 -3.41 -61.33 48.77
C GLY P 85 -3.15 -62.34 47.66
N GLN P 86 -3.10 -61.86 46.41
CA GLN P 86 -2.81 -62.74 45.29
C GLN P 86 -1.45 -63.41 45.46
N ALA P 87 -0.43 -62.63 45.81
CA ALA P 87 0.90 -63.17 45.99
C ALA P 87 0.92 -64.21 47.10
N VAL P 88 0.32 -63.88 48.25
CA VAL P 88 0.34 -64.78 49.39
C VAL P 88 -0.36 -66.09 49.04
N PHE P 89 -1.51 -66.01 48.38
CA PHE P 89 -2.25 -67.22 48.07
C PHE P 89 -1.50 -68.08 47.05
N GLY P 90 -0.85 -67.44 46.07
CA GLY P 90 -0.03 -68.21 45.15
C GLY P 90 1.10 -68.95 45.85
N ALA P 91 1.78 -68.27 46.77
CA ALA P 91 2.86 -68.91 47.51
C ALA P 91 2.35 -70.08 48.34
N ILE P 92 1.21 -69.88 49.01
CA ILE P 92 0.64 -70.96 49.81
C ILE P 92 0.29 -72.15 48.94
N GLY P 93 -0.30 -71.90 47.76
CA GLY P 93 -0.63 -72.98 46.87
C GLY P 93 0.59 -73.76 46.41
N ALA P 94 1.67 -73.05 46.06
CA ALA P 94 2.89 -73.74 45.65
C ALA P 94 3.44 -74.59 46.79
N ASN P 95 3.46 -74.04 48.00
CA ASN P 95 3.96 -74.81 49.15
C ASN P 95 3.11 -76.04 49.38
N ARG P 96 1.79 -75.91 49.25
CA ARG P 96 0.91 -77.06 49.45
C ARG P 96 1.17 -78.14 48.41
N GLN P 97 1.37 -77.74 47.15
CA GLN P 97 1.66 -78.73 46.12
C GLN P 97 2.97 -79.46 46.40
N GLN P 98 4.00 -78.71 46.80
CA GLN P 98 5.28 -79.36 47.13
C GLN P 98 5.11 -80.34 48.28
N ARG P 99 4.39 -79.93 49.33
CA ARG P 99 4.19 -80.82 50.46
C ARG P 99 3.42 -82.06 50.06
N ALA P 100 2.41 -81.91 49.19
CA ALA P 100 1.66 -83.07 48.74
C ALA P 100 2.55 -84.04 47.98
N ALA P 101 3.40 -83.53 47.10
CA ALA P 101 4.31 -84.41 46.35
C ALA P 101 5.25 -85.14 47.29
N ARG P 102 5.83 -84.44 48.26
CA ARG P 102 6.73 -85.09 49.21
C ARG P 102 6.00 -86.16 50.01
N ASP P 103 4.77 -85.86 50.44
CA ASP P 103 4.00 -86.84 51.20
C ASP P 103 3.74 -88.08 50.37
N GLN P 104 3.39 -87.90 49.09
CA GLN P 104 3.12 -89.06 48.24
C GLN P 104 4.37 -89.92 48.07
N LEU P 105 5.52 -89.27 47.85
CA LEU P 105 6.76 -90.05 47.67
C LEU P 105 7.12 -90.81 48.94
N ALA P 106 7.00 -90.16 50.10
CA ALA P 106 7.31 -90.85 51.35
C ALA P 106 6.31 -91.99 51.59
N GLU P 107 5.06 -91.79 51.20
CA GLU P 107 4.07 -92.86 51.30
C GLU P 107 4.46 -94.07 50.45
N SER P 108 4.88 -93.84 49.20
CA SER P 108 5.29 -94.96 48.36
C SER P 108 6.50 -95.68 48.95
N ARG P 109 7.46 -94.91 49.45
CA ARG P 109 8.63 -95.52 50.09
C ARG P 109 8.21 -96.39 51.26
N ARG P 110 7.31 -95.88 52.10
CA ARG P 110 6.87 -96.65 53.27
C ARG P 110 6.18 -97.93 52.83
N GLN P 111 5.32 -97.86 51.81
CA GLN P 111 4.59 -99.05 51.40
C GLN P 111 5.54 -100.12 50.86
N PHE P 112 6.52 -99.71 50.06
CA PHE P 112 7.51 -100.68 49.57
C PHE P 112 8.29 -101.29 50.72
N ASP P 113 8.72 -100.45 51.67
CA ASP P 113 9.53 -100.96 52.78
C ASP P 113 8.74 -101.96 53.61
N MET P 114 7.48 -101.67 53.90
CA MET P 114 6.68 -102.59 54.71
C MET P 114 6.36 -103.87 53.96
N ASN P 115 6.11 -103.79 52.65
CA ASN P 115 5.92 -105.02 51.89
C ASN P 115 7.17 -105.90 51.94
N TYR P 116 8.36 -105.30 51.76
CA TYR P 116 9.58 -106.10 51.87
C TYR P 116 9.72 -106.68 53.26
N GLY P 117 9.41 -105.90 54.29
CA GLY P 117 9.55 -106.41 55.65
C GLY P 117 8.69 -107.63 55.88
N ALA P 118 7.45 -107.60 55.39
CA ALA P 118 6.59 -108.77 55.50
C ALA P 118 7.18 -109.97 54.78
N GLN P 119 7.62 -109.76 53.52
CA GLN P 119 8.17 -110.87 52.76
C GLN P 119 9.41 -111.46 53.45
N ARG P 120 10.27 -110.58 53.96
CA ARG P 120 11.50 -111.03 54.61
C ARG P 120 11.22 -111.79 55.88
N GLN P 121 10.28 -111.32 56.70
CA GLN P 121 9.98 -112.07 57.93
C GLN P 121 9.38 -113.43 57.58
N SER P 122 8.55 -113.48 56.53
CA SER P 122 7.98 -114.76 56.13
C SER P 122 9.05 -115.74 55.68
N ILE P 123 9.97 -115.28 54.82
CA ILE P 123 11.01 -116.20 54.33
C ILE P 123 11.96 -116.59 55.47
N ASN P 124 12.24 -115.66 56.39
CA ASN P 124 13.12 -115.99 57.51
C ASN P 124 12.50 -117.06 58.40
N THR P 125 11.21 -116.92 58.73
CA THR P 125 10.58 -117.95 59.55
C THR P 125 10.46 -119.28 58.79
N ASN P 126 10.26 -119.22 57.47
CA ASN P 126 10.25 -120.45 56.68
C ASN P 126 11.60 -121.16 56.78
N LEU P 127 12.70 -120.41 56.63
CA LEU P 127 14.02 -121.02 56.73
C LEU P 127 14.28 -121.54 58.14
N GLU P 128 13.83 -120.82 59.16
CA GLU P 128 14.02 -121.27 60.53
C GLU P 128 13.32 -122.60 60.75
N ASP P 129 12.06 -122.71 60.29
CA ASP P 129 11.34 -123.97 60.44
C ASP P 129 12.02 -125.08 59.63
N ARG P 130 12.51 -124.74 58.43
CA ARG P 130 13.16 -125.74 57.59
C ARG P 130 14.39 -126.32 58.27
N GLN P 131 15.22 -125.46 58.85
CA GLN P 131 16.45 -125.93 59.50
C GLN P 131 16.20 -126.50 60.88
N ARG P 132 15.04 -126.22 61.49
CA ARG P 132 14.73 -126.80 62.79
C ARG P 132 14.68 -128.33 62.70
N ALA P 133 14.04 -128.86 61.65
CA ALA P 133 13.98 -130.31 61.48
C ALA P 133 15.37 -130.87 61.24
N ARG P 134 16.20 -130.18 60.46
CA ARG P 134 17.56 -130.65 60.21
C ARG P 134 18.35 -130.75 61.50
N VAL P 135 18.28 -129.73 62.35
CA VAL P 135 19.03 -129.77 63.61
C VAL P 135 18.41 -130.74 64.61
N ALA P 136 17.12 -131.05 64.47
CA ALA P 136 16.48 -132.01 65.37
C ALA P 136 16.69 -133.46 64.95
N SER P 137 16.98 -133.71 63.68
CA SER P 137 17.10 -135.08 63.20
C SER P 137 18.45 -135.68 63.54
N ASN P 138 19.54 -135.10 63.01
CA ASN P 138 20.90 -135.58 63.23
C ASN P 138 21.75 -134.40 63.69
N PRO P 139 21.68 -134.04 64.98
CA PRO P 139 22.46 -132.87 65.44
C PRO P 139 23.96 -133.01 65.20
N THR P 140 24.50 -134.22 65.32
CA THR P 140 25.93 -134.42 65.14
C THR P 140 26.32 -134.34 63.66
N ALA P 141 25.47 -134.84 62.78
CA ALA P 141 25.78 -134.91 61.35
C ALA P 141 25.33 -133.67 60.58
N TYR P 142 24.75 -132.68 61.24
CA TYR P 142 24.28 -131.46 60.58
C TYR P 142 24.80 -130.24 61.33
N GLU P 143 24.78 -129.11 60.63
CA GLU P 143 25.25 -127.86 61.21
C GLU P 143 24.30 -127.38 62.31
N SER P 144 24.82 -126.56 63.19
CA SER P 144 24.05 -126.02 64.30
C SER P 144 23.10 -124.93 63.81
N VAL P 145 22.05 -124.69 64.61
CA VAL P 145 21.08 -123.64 64.26
C VAL P 145 21.73 -122.27 64.33
N ASP P 146 22.63 -122.05 65.29
CA ASP P 146 23.30 -120.76 65.40
C ASP P 146 24.13 -120.46 64.16
N SER P 147 24.84 -121.47 63.65
CA SER P 147 25.62 -121.28 62.43
C SER P 147 24.74 -120.90 61.26
N TYR P 148 23.60 -121.59 61.11
CA TYR P 148 22.68 -121.26 60.02
C TYR P 148 22.14 -119.84 60.17
N MET P 149 21.79 -119.45 61.39
CA MET P 149 21.25 -118.11 61.61
C MET P 149 22.31 -117.05 61.28
N GLU P 150 23.56 -117.29 61.67
CA GLU P 150 24.61 -116.31 61.43
C GLU P 150 25.21 -116.38 60.03
N ARG P 151 24.85 -117.37 59.22
CA ARG P 151 25.39 -117.53 57.89
C ARG P 151 24.33 -117.64 56.80
N ASN P 152 23.20 -118.30 57.08
CA ASN P 152 22.17 -118.52 56.06
C ASN P 152 20.80 -117.98 56.46
N ARG P 153 20.75 -116.76 56.98
CA ARG P 153 19.50 -116.12 57.35
C ARG P 153 19.36 -114.80 56.59
N ILE P 154 18.17 -114.56 56.05
CA ILE P 154 17.96 -113.39 55.20
C ILE P 154 17.95 -112.13 56.05
N ARG P 155 18.71 -111.13 55.63
CA ARG P 155 18.83 -109.89 56.39
C ARG P 155 17.56 -109.06 56.21
N MET Q 1 50.47 -64.90 53.84
CA MET Q 1 50.56 -63.47 53.44
C MET Q 1 50.76 -62.60 54.67
N ALA Q 2 50.49 -61.30 54.54
CA ALA Q 2 50.65 -60.39 55.69
C ALA Q 2 49.71 -60.77 56.82
N TYR Q 3 48.47 -61.12 56.50
CA TYR Q 3 47.45 -61.48 57.48
C TYR Q 3 46.85 -62.81 57.08
N PRO Q 4 47.55 -63.92 57.33
CA PRO Q 4 47.02 -65.22 56.89
C PRO Q 4 45.69 -65.59 57.52
N TYR Q 5 45.43 -65.18 58.76
CA TYR Q 5 44.21 -65.53 59.49
C TYR Q 5 44.15 -67.06 59.55
N SER Q 6 42.99 -67.69 59.28
CA SER Q 6 42.86 -69.14 59.36
C SER Q 6 42.01 -69.68 58.21
N ASP Q 7 42.06 -69.03 57.05
CA ASP Q 7 41.27 -69.49 55.91
C ASP Q 7 41.87 -70.72 55.24
N MET Q 8 43.15 -70.99 55.44
CA MET Q 8 43.78 -72.15 54.82
C MET Q 8 43.17 -73.48 55.27
N PRO Q 9 42.98 -73.74 56.57
CA PRO Q 9 42.30 -75.00 56.93
C PRO Q 9 40.89 -75.10 56.40
N PHE Q 10 40.16 -73.97 56.34
CA PHE Q 10 38.82 -74.00 55.75
C PHE Q 10 38.87 -74.38 54.28
N GLY Q 11 39.82 -73.81 53.54
CA GLY Q 11 39.95 -74.17 52.13
C GLY Q 11 40.35 -75.62 51.95
N VAL Q 12 41.23 -76.13 52.82
CA VAL Q 12 41.61 -77.54 52.75
C VAL Q 12 40.41 -78.44 53.01
N GLU Q 13 39.60 -78.09 54.02
CA GLU Q 13 38.42 -78.88 54.32
C GLU Q 13 37.42 -78.84 53.16
N LEU Q 14 37.26 -77.68 52.53
CA LEU Q 14 36.32 -77.58 51.43
C LEU Q 14 36.72 -78.48 50.26
N ASP Q 15 38.02 -78.54 49.98
CA ASP Q 15 38.54 -79.37 48.87
C ASP Q 15 37.96 -78.82 47.57
N THR Q 16 37.36 -79.65 46.71
CA THR Q 16 36.82 -79.19 45.44
C THR Q 16 35.46 -79.82 45.15
N SER Q 17 34.70 -80.15 46.19
CA SER Q 17 33.37 -80.73 46.00
C SER Q 17 32.42 -79.70 45.42
N THR Q 18 31.53 -80.15 44.54
CA THR Q 18 30.55 -79.28 43.90
C THR Q 18 29.27 -79.27 44.72
N LEU Q 19 28.23 -78.61 44.19
CA LEU Q 19 26.96 -78.53 44.88
C LEU Q 19 26.30 -79.91 44.97
N GLY Q 20 25.55 -80.12 46.04
CA GLY Q 20 24.85 -81.37 46.26
C GLY Q 20 24.70 -81.71 47.72
N SER Q 21 25.11 -82.91 48.11
CA SER Q 21 25.06 -83.38 49.49
C SER Q 21 23.58 -83.47 49.89
N PHE Q 22 23.18 -82.95 51.06
CA PHE Q 22 21.82 -83.10 51.55
C PHE Q 22 21.16 -81.80 51.98
N GLY Q 23 21.92 -80.74 52.27
CA GLY Q 23 21.34 -79.51 52.74
C GLY Q 23 20.87 -78.58 51.63
N LEU Q 24 20.01 -79.10 50.75
CA LEU Q 24 19.47 -78.32 49.63
C LEU Q 24 20.60 -77.72 48.80
N GLY Q 25 21.63 -78.51 48.55
CA GLY Q 25 22.77 -78.06 47.76
C GLY Q 25 23.80 -77.34 48.60
N GLY Q 26 24.34 -78.02 49.61
CA GLY Q 26 25.32 -77.45 50.50
C GLY Q 26 24.76 -77.27 51.90
N PRO Q 27 25.09 -78.18 52.83
CA PRO Q 27 24.56 -78.07 54.19
C PRO Q 27 25.40 -77.10 55.02
N GLN Q 28 25.00 -76.95 56.28
CA GLN Q 28 25.67 -76.07 57.22
C GLN Q 28 26.88 -76.79 57.80
N THR Q 29 27.93 -76.87 56.98
CA THR Q 29 29.15 -77.55 57.40
C THR Q 29 29.79 -76.87 58.60
N GLN Q 30 29.79 -75.53 58.60
CA GLN Q 30 30.40 -74.77 59.67
C GLN Q 30 29.41 -74.71 60.85
N LEU Q 31 29.73 -73.91 61.87
CA LEU Q 31 28.92 -73.78 63.07
C LEU Q 31 28.47 -72.33 63.23
N GLN Q 32 27.47 -72.14 64.09
CA GLN Q 32 26.91 -70.82 64.32
C GLN Q 32 27.83 -70.00 65.21
N MET Q 33 28.36 -68.91 64.67
CA MET Q 33 29.29 -68.06 65.41
C MET Q 33 28.52 -67.07 66.28
N GLN Q 34 29.22 -66.51 67.26
CA GLN Q 34 28.62 -65.53 68.17
C GLN Q 34 28.64 -64.14 67.53
N MET Q 35 27.93 -63.22 68.16
CA MET Q 35 27.85 -61.85 67.65
C MET Q 35 29.24 -61.21 67.73
N PRO Q 36 29.65 -60.43 66.72
CA PRO Q 36 30.98 -59.79 66.81
C PRO Q 36 31.05 -58.71 67.87
N ALA Q 37 30.04 -57.86 67.98
CA ALA Q 37 30.06 -56.71 68.87
C ALA Q 37 28.82 -56.71 69.75
N VAL Q 38 28.98 -56.27 70.99
CA VAL Q 38 27.85 -56.19 71.92
C VAL Q 38 26.85 -55.14 71.44
N ASP Q 39 27.33 -53.95 71.09
CA ASP Q 39 26.50 -52.86 70.61
C ASP Q 39 26.88 -52.52 69.18
N VAL Q 40 25.96 -51.82 68.50
CA VAL Q 40 26.21 -51.45 67.11
C VAL Q 40 27.44 -50.57 67.00
N ASN Q 41 27.55 -49.54 67.85
CA ASN Q 41 28.73 -48.68 67.94
C ASN Q 41 29.12 -48.12 66.56
N ALA Q 42 28.13 -47.91 65.69
CA ALA Q 42 28.37 -47.46 64.32
C ALA Q 42 29.33 -48.42 63.61
N ALA Q 43 28.86 -49.65 63.47
CA ALA Q 43 29.66 -50.74 62.85
C ALA Q 43 30.90 -50.94 63.74
N ALA Q 44 32.07 -51.18 63.15
CA ALA Q 44 33.29 -51.44 63.94
C ALA Q 44 34.06 -50.16 64.21
N SER Q 45 33.37 -49.15 64.75
CA SER Q 45 33.98 -47.88 65.12
C SER Q 45 34.74 -47.28 63.93
N GLY Q 46 36.04 -47.01 64.10
CA GLY Q 46 36.81 -46.46 62.99
C GLY Q 46 36.97 -47.45 61.84
N SER Q 47 37.13 -48.74 62.17
CA SER Q 47 37.31 -49.74 61.13
C SER Q 47 36.10 -49.82 60.22
N GLY Q 48 34.90 -49.77 60.79
CA GLY Q 48 33.69 -49.80 59.99
C GLY Q 48 33.45 -48.49 59.26
N GLY Q 49 33.23 -47.41 60.02
CA GLY Q 49 33.02 -46.11 59.40
C GLY Q 49 31.81 -46.05 58.50
N PHE Q 50 30.70 -46.65 58.92
CA PHE Q 50 29.48 -46.67 58.14
C PHE Q 50 28.52 -45.57 58.60
N MET Q 51 27.49 -45.35 57.79
CA MET Q 51 26.49 -44.32 58.05
C MET Q 51 25.13 -44.87 58.41
N ALA Q 52 24.99 -46.20 58.52
CA ALA Q 52 23.68 -46.78 58.83
C ALA Q 52 23.21 -46.40 60.22
N GLY Q 53 24.14 -46.19 61.16
CA GLY Q 53 23.76 -45.83 62.51
C GLY Q 53 23.15 -44.45 62.62
N PHE Q 54 23.44 -43.56 61.66
CA PHE Q 54 22.91 -42.20 61.67
C PHE Q 54 22.04 -41.90 60.46
N SER Q 55 21.83 -42.86 59.56
CA SER Q 55 21.03 -42.61 58.38
C SER Q 55 19.60 -42.26 58.76
N ASN Q 56 18.87 -43.21 59.36
CA ASN Q 56 17.50 -43.00 59.81
C ASN Q 56 16.66 -42.37 58.70
N ILE Q 57 16.77 -42.93 57.49
CA ILE Q 57 16.13 -42.33 56.32
C ILE Q 57 14.62 -42.21 56.53
N PHE Q 58 13.98 -43.31 56.90
CA PHE Q 58 12.53 -43.36 57.16
C PHE Q 58 11.73 -42.61 56.08
N SER Q 59 12.20 -42.67 54.84
CA SER Q 59 11.64 -41.87 53.76
C SER Q 59 11.15 -42.78 52.64
N ARG Q 60 9.93 -42.50 52.16
CA ARG Q 60 9.40 -43.28 51.05
C ARG Q 60 10.16 -43.02 49.76
N ASP Q 61 10.76 -41.85 49.62
CA ASP Q 61 11.47 -41.55 48.39
C ASP Q 61 12.66 -42.48 48.17
N SER Q 62 13.36 -42.85 49.24
CA SER Q 62 14.51 -43.73 49.11
C SER Q 62 14.08 -45.15 48.75
N MET Q 63 12.95 -45.61 49.30
CA MET Q 63 12.52 -46.98 49.08
C MET Q 63 11.83 -47.13 47.73
N PHE Q 64 10.78 -46.34 47.50
CA PHE Q 64 9.95 -46.47 46.31
C PHE Q 64 10.23 -45.40 45.27
N GLY Q 65 11.30 -44.64 45.43
CA GLY Q 65 11.65 -43.62 44.46
C GLY Q 65 10.73 -42.41 44.55
N GLY Q 66 10.87 -41.53 43.57
CA GLY Q 66 10.07 -40.32 43.52
C GLY Q 66 10.46 -39.43 42.36
N VAL Q 67 9.53 -38.60 41.90
CA VAL Q 67 9.74 -37.73 40.76
C VAL Q 67 9.35 -36.31 41.16
N ALA Q 68 10.27 -35.36 40.98
CA ALA Q 68 9.99 -33.96 41.22
C ALA Q 68 9.35 -33.35 39.98
N PRO Q 69 8.79 -32.15 40.09
CA PRO Q 69 8.25 -31.49 38.90
C PRO Q 69 9.33 -31.30 37.85
N SER Q 70 8.92 -31.34 36.58
CA SER Q 70 9.85 -31.27 35.47
C SER Q 70 10.69 -32.55 35.38
N GLY Q 71 10.03 -33.70 35.48
CA GLY Q 71 10.74 -34.95 35.35
C GLY Q 71 11.84 -35.08 36.39
N ALA Q 72 13.01 -35.52 35.96
CA ALA Q 72 14.14 -35.73 36.84
C ALA Q 72 13.78 -36.72 37.95
N GLN Q 73 13.51 -37.95 37.52
CA GLN Q 73 13.02 -38.99 38.42
C GLN Q 73 14.15 -39.88 38.88
N THR Q 74 13.99 -40.44 40.08
CA THR Q 74 14.94 -41.38 40.65
C THR Q 74 14.18 -42.62 41.11
N GLY Q 75 14.78 -43.79 40.92
CA GLY Q 75 14.18 -45.05 41.31
C GLY Q 75 14.77 -45.55 42.61
N GLY Q 76 13.92 -46.15 43.44
CA GLY Q 76 14.36 -46.70 44.71
C GLY Q 76 14.98 -48.07 44.55
N TRP Q 77 15.50 -48.60 45.65
CA TRP Q 77 16.14 -49.89 45.64
C TRP Q 77 15.17 -51.05 45.78
N VAL Q 78 13.89 -50.77 46.04
CA VAL Q 78 12.94 -51.86 46.27
C VAL Q 78 12.79 -52.72 45.03
N LEU Q 79 12.67 -52.10 43.86
CA LEU Q 79 12.54 -52.88 42.63
C LEU Q 79 13.76 -53.73 42.34
N PRO Q 80 14.99 -53.20 42.38
CA PRO Q 80 16.15 -54.08 42.24
C PRO Q 80 16.22 -55.19 43.28
N ALA Q 81 15.85 -54.90 44.52
CA ALA Q 81 15.85 -55.94 45.54
C ALA Q 81 14.87 -57.05 45.19
N LEU Q 82 13.68 -56.67 44.74
CA LEU Q 82 12.70 -57.67 44.34
C LEU Q 82 13.20 -58.50 43.17
N GLY Q 83 13.84 -57.86 42.20
CA GLY Q 83 14.40 -58.62 41.08
C GLY Q 83 15.47 -59.61 41.52
N ILE Q 84 16.36 -59.18 42.41
CA ILE Q 84 17.41 -60.06 42.89
C ILE Q 84 16.81 -61.24 43.63
N GLY Q 85 15.83 -60.98 44.50
CA GLY Q 85 15.16 -62.06 45.20
C GLY Q 85 14.48 -63.02 44.23
N GLN Q 86 13.85 -62.48 43.19
CA GLN Q 86 13.22 -63.33 42.19
C GLN Q 86 14.23 -64.26 41.55
N ALA Q 87 15.37 -63.71 41.14
CA ALA Q 87 16.41 -64.53 40.52
C ALA Q 87 16.90 -65.61 41.45
N VAL Q 88 17.19 -65.24 42.71
CA VAL Q 88 17.73 -66.21 43.66
C VAL Q 88 16.73 -67.33 43.90
N PHE Q 89 15.45 -66.99 44.09
CA PHE Q 89 14.46 -68.02 44.38
C PHE Q 89 14.20 -68.90 43.17
N GLY Q 90 14.26 -68.34 41.95
CA GLY Q 90 14.15 -69.19 40.78
C GLY Q 90 15.29 -70.19 40.69
N ALA Q 91 16.51 -69.73 40.96
CA ALA Q 91 17.65 -70.65 40.95
C ALA Q 91 17.48 -71.73 42.01
N ILE Q 92 17.02 -71.35 43.21
CA ILE Q 92 16.82 -72.34 44.26
C ILE Q 92 15.78 -73.37 43.84
N GLY Q 93 14.69 -72.91 43.21
CA GLY Q 93 13.68 -73.86 42.75
C GLY Q 93 14.21 -74.82 41.72
N ALA Q 94 15.01 -74.32 40.78
CA ALA Q 94 15.61 -75.21 39.78
C ALA Q 94 16.51 -76.24 40.45
N ASN Q 95 17.32 -75.81 41.41
CA ASN Q 95 18.17 -76.74 42.14
C ASN Q 95 17.34 -77.79 42.86
N ARG Q 96 16.24 -77.37 43.48
CA ARG Q 96 15.39 -78.31 44.18
C ARG Q 96 14.80 -79.35 43.23
N GLN Q 97 14.35 -78.91 42.06
CA GLN Q 97 13.79 -79.86 41.09
C GLN Q 97 14.85 -80.86 40.62
N GLN Q 98 16.06 -80.38 40.34
CA GLN Q 98 17.12 -81.29 39.93
C GLN Q 98 17.42 -82.31 41.03
N ARG Q 99 17.49 -81.84 42.27
CA ARG Q 99 17.76 -82.74 43.39
C ARG Q 99 16.66 -83.77 43.54
N ALA Q 100 15.40 -83.35 43.38
CA ALA Q 100 14.29 -84.31 43.49
C ALA Q 100 14.38 -85.37 42.39
N ALA Q 101 14.72 -84.96 41.17
CA ALA Q 101 14.87 -85.94 40.10
C ALA Q 101 15.98 -86.93 40.41
N ARG Q 102 17.12 -86.44 40.90
CA ARG Q 102 18.21 -87.33 41.26
C ARG Q 102 17.78 -88.30 42.36
N ASP Q 103 17.00 -87.77 43.29
CA ASP Q 103 16.57 -88.66 44.37
C ASP Q 103 15.78 -89.78 43.72
N GLN Q 104 14.76 -89.40 43.00
CA GLN Q 104 13.87 -90.42 42.44
C GLN Q 104 14.65 -91.48 41.69
N LEU Q 105 15.62 -91.05 40.87
CA LEU Q 105 16.40 -92.03 40.11
C LEU Q 105 17.19 -92.94 41.05
N ALA Q 106 17.79 -92.37 42.08
CA ALA Q 106 18.54 -93.17 43.04
C ALA Q 106 17.63 -94.15 43.76
N GLU Q 107 16.41 -93.73 44.10
CA GLU Q 107 15.48 -94.62 44.76
C GLU Q 107 15.13 -95.79 43.85
N SER Q 108 14.91 -95.52 42.56
CA SER Q 108 14.60 -96.61 41.63
C SER Q 108 15.77 -97.59 41.53
N ARG Q 109 16.99 -97.06 41.44
CA ARG Q 109 18.16 -97.93 41.38
C ARG Q 109 18.27 -98.79 42.63
N ARG Q 110 18.06 -98.19 43.80
CA ARG Q 110 18.11 -98.95 45.05
C ARG Q 110 17.05 -100.03 45.06
N GLN Q 111 15.84 -99.70 44.60
CA GLN Q 111 14.76 -100.67 44.56
C GLN Q 111 15.16 -101.88 43.72
N PHE Q 112 15.65 -101.64 42.51
CA PHE Q 112 16.00 -102.77 41.65
C PHE Q 112 17.13 -103.59 42.25
N ASP Q 113 18.19 -102.92 42.72
CA ASP Q 113 19.32 -103.65 43.29
C ASP Q 113 18.90 -104.48 44.50
N MET Q 114 18.01 -103.93 45.33
CA MET Q 114 17.63 -104.64 46.55
C MET Q 114 16.73 -105.82 46.24
N ASN Q 115 15.82 -105.66 45.27
CA ASN Q 115 15.00 -106.78 44.83
C ASN Q 115 15.89 -107.89 44.28
N TYR Q 116 16.88 -107.52 43.46
CA TYR Q 116 17.79 -108.53 42.94
C TYR Q 116 18.55 -109.23 44.05
N GLY Q 117 19.01 -108.47 45.05
CA GLY Q 117 19.72 -109.10 46.15
C GLY Q 117 18.86 -110.08 46.91
N ALA Q 118 17.62 -109.70 47.21
CA ALA Q 118 16.71 -110.62 47.89
C ALA Q 118 16.47 -111.88 47.07
N GLN Q 119 16.22 -111.71 45.76
CA GLN Q 119 15.98 -112.87 44.90
C GLN Q 119 17.21 -113.76 44.82
N ARG Q 120 18.40 -113.15 44.76
CA ARG Q 120 19.63 -113.94 44.71
C ARG Q 120 19.82 -114.74 45.99
N GLN Q 121 19.56 -114.11 47.14
CA GLN Q 121 19.66 -114.86 48.39
C GLN Q 121 18.68 -116.02 48.41
N SER Q 122 17.44 -115.78 47.96
CA SER Q 122 16.45 -116.85 47.93
C SER Q 122 16.87 -117.98 47.00
N ILE Q 123 17.39 -117.64 45.82
CA ILE Q 123 17.80 -118.68 44.86
C ILE Q 123 18.98 -119.47 45.40
N ASN Q 124 19.95 -118.79 46.01
CA ASN Q 124 21.08 -119.49 46.60
C ASN Q 124 20.63 -120.43 47.72
N THR Q 125 19.67 -119.98 48.54
CA THR Q 125 19.14 -120.83 49.60
C THR Q 125 18.46 -122.06 49.02
N ASN Q 126 17.64 -121.87 47.99
CA ASN Q 126 17.02 -123.00 47.32
C ASN Q 126 18.07 -123.96 46.81
N LEU Q 127 19.15 -123.43 46.22
CA LEU Q 127 20.18 -124.28 45.67
C LEU Q 127 20.88 -125.09 46.75
N GLU Q 128 21.23 -124.47 47.89
CA GLU Q 128 22.00 -125.25 48.86
C GLU Q 128 21.10 -126.23 49.59
N ASP Q 129 19.83 -125.92 49.78
CA ASP Q 129 18.95 -126.94 50.36
C ASP Q 129 18.65 -128.05 49.37
N ARG Q 130 18.72 -127.78 48.06
CA ARG Q 130 18.55 -128.85 47.08
C ARG Q 130 19.79 -129.74 47.02
N GLN Q 131 20.99 -129.15 47.04
CA GLN Q 131 22.23 -129.92 47.07
C GLN Q 131 22.49 -130.59 48.41
N ARG Q 132 21.81 -130.17 49.47
CA ARG Q 132 22.00 -130.83 50.76
C ARG Q 132 21.64 -132.31 50.68
N ALA Q 133 20.53 -132.63 49.99
CA ALA Q 133 20.15 -134.02 49.81
C ALA Q 133 21.20 -134.78 49.03
N ARG Q 134 21.74 -134.17 47.97
CA ARG Q 134 22.74 -134.85 47.15
C ARG Q 134 24.00 -135.14 47.97
N VAL Q 135 24.46 -134.17 48.77
CA VAL Q 135 25.69 -134.34 49.52
C VAL Q 135 25.49 -135.14 50.80
N ALA Q 136 24.24 -135.36 51.23
CA ALA Q 136 23.97 -136.17 52.41
C ALA Q 136 23.59 -137.60 52.08
N SER Q 137 23.08 -137.87 50.87
CA SER Q 137 22.63 -139.22 50.54
C SER Q 137 23.80 -140.11 50.14
N ASN Q 138 24.51 -139.74 49.06
CA ASN Q 138 25.63 -140.51 48.54
C ASN Q 138 26.80 -139.56 48.31
N PRO Q 139 27.49 -139.16 49.38
CA PRO Q 139 28.61 -138.22 49.22
C PRO Q 139 29.70 -138.74 48.30
N THR Q 140 29.98 -140.04 48.32
CA THR Q 140 31.06 -140.58 47.50
C THR Q 140 30.69 -140.55 46.01
N ALA Q 141 29.46 -140.93 45.68
CA ALA Q 141 29.04 -140.99 44.28
C ALA Q 141 28.59 -139.64 43.73
N TYR Q 142 28.46 -138.62 44.57
CA TYR Q 142 28.06 -137.28 44.16
C TYR Q 142 29.17 -136.29 44.50
N GLU Q 143 28.96 -135.04 44.12
CA GLU Q 143 29.98 -134.01 44.29
C GLU Q 143 29.96 -133.49 45.73
N SER Q 144 30.90 -132.61 46.02
CA SER Q 144 31.02 -131.98 47.33
C SER Q 144 30.29 -130.64 47.35
N VAL Q 145 30.13 -130.10 48.56
CA VAL Q 145 29.40 -128.84 48.72
C VAL Q 145 30.14 -127.70 48.01
N ASP Q 146 31.46 -127.67 48.14
CA ASP Q 146 32.24 -126.54 47.63
C ASP Q 146 32.15 -126.43 46.11
N SER Q 147 32.07 -127.58 45.42
CA SER Q 147 31.97 -127.56 43.96
C SER Q 147 30.83 -126.67 43.52
N TYR Q 148 29.63 -126.88 44.07
CA TYR Q 148 28.52 -126.00 43.74
C TYR Q 148 28.71 -124.62 44.37
N MET Q 149 29.25 -124.56 45.59
CA MET Q 149 29.19 -123.28 46.30
C MET Q 149 30.08 -122.24 45.62
N GLU Q 150 31.06 -122.65 44.80
CA GLU Q 150 31.76 -121.70 43.93
C GLU Q 150 31.76 -122.11 42.45
N ARG Q 151 30.80 -122.93 42.02
CA ARG Q 151 30.59 -123.14 40.59
C ARG Q 151 29.17 -122.78 40.16
N ASN Q 152 28.15 -123.23 40.91
CA ASN Q 152 26.76 -123.02 40.58
C ASN Q 152 26.09 -122.06 41.57
N ARG Q 153 26.81 -121.04 41.99
CA ARG Q 153 26.31 -120.07 42.96
C ARG Q 153 25.94 -118.78 42.26
N ILE Q 154 24.72 -118.29 42.52
CA ILE Q 154 24.24 -117.06 41.91
C ILE Q 154 25.00 -115.89 42.49
N ARG Q 155 25.50 -115.02 41.61
CA ARG Q 155 26.28 -113.86 42.05
C ARG Q 155 25.43 -112.90 42.87
N MET R 1 39.59 -88.19 -16.92
CA MET R 1 39.70 -86.80 -17.44
C MET R 1 41.17 -86.38 -17.44
N ALA R 2 41.44 -85.08 -17.52
CA ALA R 2 42.82 -84.61 -17.55
C ALA R 2 43.55 -84.95 -16.26
N TYR R 3 42.88 -84.80 -15.12
CA TYR R 3 43.47 -85.04 -13.80
C TYR R 3 42.56 -85.99 -13.02
N PRO R 4 42.57 -87.27 -13.35
CA PRO R 4 41.70 -88.21 -12.61
C PRO R 4 42.02 -88.29 -11.13
N TYR R 5 43.29 -88.12 -10.75
CA TYR R 5 43.73 -88.22 -9.36
C TYR R 5 43.35 -89.61 -8.85
N SER R 6 42.75 -89.75 -7.66
CA SER R 6 42.38 -91.06 -7.12
C SER R 6 41.00 -91.01 -6.48
N ASP R 7 40.10 -90.18 -7.00
CA ASP R 7 38.76 -90.07 -6.44
C ASP R 7 37.84 -91.19 -6.90
N MET R 8 38.21 -91.91 -7.96
CA MET R 8 37.38 -93.03 -8.41
C MET R 8 37.24 -94.14 -7.37
N PRO R 9 38.33 -94.65 -6.77
CA PRO R 9 38.14 -95.64 -5.70
C PRO R 9 37.37 -95.10 -4.51
N PHE R 10 37.54 -93.83 -4.16
CA PHE R 10 36.77 -93.25 -3.06
C PHE R 10 35.28 -93.26 -3.39
N GLY R 11 34.92 -92.87 -4.62
CA GLY R 11 33.52 -92.91 -5.01
C GLY R 11 32.98 -94.33 -5.05
N VAL R 12 33.81 -95.28 -5.49
CA VAL R 12 33.38 -96.68 -5.50
C VAL R 12 33.10 -97.15 -4.08
N GLU R 13 33.97 -96.81 -3.13
CA GLU R 13 33.76 -97.20 -1.74
C GLU R 13 32.52 -96.54 -1.17
N LEU R 14 32.28 -95.27 -1.52
CA LEU R 14 31.11 -94.58 -1.00
C LEU R 14 29.82 -95.26 -1.44
N ASP R 15 29.75 -95.69 -2.70
CA ASP R 15 28.55 -96.36 -3.24
C ASP R 15 27.40 -95.36 -3.17
N THR R 16 26.23 -95.74 -2.63
CA THR R 16 25.08 -94.83 -2.57
C THR R 16 24.39 -94.93 -1.21
N SER R 17 25.12 -95.33 -0.17
CA SER R 17 24.53 -95.42 1.16
C SER R 17 24.18 -94.04 1.68
N THR R 18 23.04 -93.95 2.38
CA THR R 18 22.58 -92.69 2.95
C THR R 18 23.14 -92.54 4.36
N LEU R 19 22.66 -91.52 5.08
CA LEU R 19 23.14 -91.28 6.43
C LEU R 19 22.62 -92.36 7.38
N GLY R 20 23.40 -92.60 8.44
CA GLY R 20 23.04 -93.58 9.44
C GLY R 20 24.26 -94.23 10.06
N SER R 21 24.31 -95.56 10.04
CA SER R 21 25.42 -96.35 10.58
C SER R 21 25.56 -95.98 12.06
N PHE R 22 26.73 -95.53 12.53
CA PHE R 22 26.94 -95.25 13.94
C PHE R 22 27.63 -93.92 14.23
N GLY R 23 28.34 -93.33 13.27
CA GLY R 23 29.07 -92.10 13.52
C GLY R 23 28.25 -90.84 13.33
N LEU R 24 27.12 -90.76 14.04
CA LEU R 24 26.24 -89.59 13.96
C LEU R 24 25.84 -89.29 12.51
N GLY R 25 25.55 -90.35 11.76
CA GLY R 25 25.18 -90.20 10.37
C GLY R 25 26.38 -90.13 9.45
N GLY R 26 27.26 -91.12 9.55
CA GLY R 26 28.47 -91.17 8.76
C GLY R 26 29.72 -91.04 9.63
N PRO R 27 30.44 -92.14 9.86
CA PRO R 27 31.63 -92.09 10.71
C PRO R 27 32.84 -91.62 9.92
N GLN R 28 33.99 -91.62 10.60
CA GLN R 28 35.26 -91.23 10.00
C GLN R 28 35.80 -92.41 9.19
N THR R 29 35.18 -92.61 8.02
CA THR R 29 35.58 -93.72 7.16
C THR R 29 37.02 -93.57 6.70
N GLN R 30 37.43 -92.35 6.34
CA GLN R 30 38.77 -92.11 5.83
C GLN R 30 39.76 -92.05 7.00
N LEU R 31 41.02 -91.77 6.69
CA LEU R 31 42.10 -91.75 7.67
C LEU R 31 42.66 -90.34 7.78
N GLN R 32 43.22 -90.02 8.95
CA GLN R 32 43.78 -88.70 9.19
C GLN R 32 44.94 -88.43 8.24
N MET R 33 45.01 -87.19 7.76
CA MET R 33 46.02 -86.77 6.80
C MET R 33 46.87 -85.66 7.41
N GLN R 34 48.18 -85.74 7.23
CA GLN R 34 49.07 -84.72 7.74
C GLN R 34 48.91 -83.43 6.95
N MET R 35 49.40 -82.33 7.54
CA MET R 35 49.30 -81.04 6.90
C MET R 35 50.16 -81.01 5.62
N PRO R 36 49.70 -80.37 4.54
CA PRO R 36 50.55 -80.29 3.35
C PRO R 36 51.86 -79.57 3.58
N ALA R 37 51.87 -78.54 4.43
CA ALA R 37 53.09 -77.78 4.69
C ALA R 37 53.00 -77.17 6.08
N VAL R 38 54.13 -77.16 6.79
CA VAL R 38 54.15 -76.58 8.13
C VAL R 38 53.97 -75.07 8.05
N ASP R 39 54.69 -74.41 7.15
CA ASP R 39 54.60 -72.96 7.00
C ASP R 39 53.45 -72.59 6.06
N VAL R 40 52.70 -71.56 6.44
CA VAL R 40 51.55 -71.14 5.63
C VAL R 40 52.00 -70.71 4.24
N ASN R 41 53.07 -69.89 4.17
CA ASN R 41 53.63 -69.44 2.91
C ASN R 41 52.56 -68.79 2.02
N ALA R 42 51.65 -68.05 2.66
CA ALA R 42 50.57 -67.37 1.94
C ALA R 42 49.73 -68.37 1.15
N ALA R 43 49.11 -69.29 1.87
CA ALA R 43 48.27 -70.34 1.27
C ALA R 43 49.18 -71.18 0.36
N ALA R 44 48.69 -71.62 -0.81
CA ALA R 44 49.47 -72.44 -1.71
C ALA R 44 50.29 -71.60 -2.69
N SER R 45 51.05 -70.65 -2.15
CA SER R 45 51.90 -69.79 -2.96
C SER R 45 51.11 -69.13 -4.08
N GLY R 46 51.48 -69.36 -5.34
CA GLY R 46 50.73 -68.78 -6.44
C GLY R 46 49.33 -69.34 -6.56
N SER R 47 49.17 -70.64 -6.29
CA SER R 47 47.86 -71.27 -6.42
C SER R 47 46.86 -70.66 -5.43
N GLY R 48 47.30 -70.40 -4.20
CA GLY R 48 46.43 -69.80 -3.21
C GLY R 48 46.08 -68.37 -3.54
N GLY R 49 47.07 -67.49 -3.51
CA GLY R 49 46.84 -66.09 -3.84
C GLY R 49 45.89 -65.40 -2.90
N PHE R 50 46.01 -65.66 -1.60
CA PHE R 50 45.16 -65.07 -0.57
C PHE R 50 45.98 -64.09 0.27
N MET R 51 45.31 -63.46 1.22
CA MET R 51 45.89 -62.46 2.10
C MET R 51 45.91 -62.97 3.55
N ALA R 52 46.19 -64.27 3.72
CA ALA R 52 46.24 -64.84 5.06
C ALA R 52 47.31 -64.17 5.91
N GLY R 53 48.51 -64.00 5.34
CA GLY R 53 49.60 -63.30 5.99
C GLY R 53 49.74 -61.84 5.62
N PHE R 54 48.80 -61.30 4.82
CA PHE R 54 48.85 -59.91 4.37
C PHE R 54 47.75 -59.04 4.94
N SER R 55 46.53 -59.58 5.07
CA SER R 55 45.42 -58.76 5.54
C SER R 55 45.68 -58.25 6.96
N ASN R 56 45.75 -59.16 7.93
CA ASN R 56 45.97 -58.80 9.33
C ASN R 56 44.95 -57.76 9.78
N ILE R 57 43.68 -58.08 9.57
CA ILE R 57 42.61 -57.12 9.84
C ILE R 57 42.66 -56.66 11.30
N PHE R 58 42.50 -57.60 12.24
CA PHE R 58 42.54 -57.32 13.67
C PHE R 58 41.73 -56.07 14.05
N SER R 59 40.56 -55.95 13.38
CA SER R 59 39.79 -54.68 13.46
C SER R 59 38.31 -54.84 13.76
N ARG R 60 37.85 -54.25 14.84
CA ARG R 60 36.46 -54.48 15.21
C ARG R 60 35.52 -54.17 14.06
N ASP R 61 35.90 -53.23 13.19
CA ASP R 61 35.03 -52.88 12.06
C ASP R 61 34.79 -54.08 11.15
N SER R 62 35.76 -54.97 11.03
CA SER R 62 35.59 -56.16 10.19
C SER R 62 34.81 -57.23 10.93
N MET R 63 35.23 -57.57 12.14
CA MET R 63 34.53 -58.60 12.90
C MET R 63 33.12 -58.15 13.27
N PHE R 64 32.99 -56.96 13.85
CA PHE R 64 31.75 -56.51 14.45
C PHE R 64 31.07 -55.40 13.66
N GLY R 65 31.56 -55.08 12.47
CA GLY R 65 30.94 -54.04 11.67
C GLY R 65 31.23 -52.66 12.20
N GLY R 66 30.72 -51.67 11.48
CA GLY R 66 30.92 -50.29 11.86
C GLY R 66 30.14 -49.32 11.01
N VAL R 67 29.72 -48.21 11.60
CA VAL R 67 28.91 -47.20 10.93
C VAL R 67 29.65 -45.86 11.02
N ALA R 68 29.93 -45.28 9.87
CA ALA R 68 30.52 -43.95 9.81
C ALA R 68 29.43 -42.89 9.90
N PRO R 69 29.79 -41.64 10.16
CA PRO R 69 28.78 -40.58 10.18
C PRO R 69 28.07 -40.49 8.84
N SER R 70 26.78 -40.12 8.91
CA SER R 70 25.91 -40.10 7.73
C SER R 70 25.58 -41.52 7.28
N GLY R 71 25.23 -42.38 8.24
CA GLY R 71 24.83 -43.74 7.90
C GLY R 71 25.95 -44.47 7.18
N ALA R 72 25.58 -45.14 6.09
CA ALA R 72 26.53 -45.96 5.33
C ALA R 72 27.14 -47.04 6.21
N GLN R 73 26.27 -47.93 6.68
CA GLN R 73 26.68 -49.00 7.58
C GLN R 73 27.32 -50.15 6.82
N THR R 74 28.15 -50.92 7.52
CA THR R 74 28.71 -52.16 7.03
C THR R 74 28.61 -53.20 8.14
N GLY R 75 28.13 -54.38 7.80
CA GLY R 75 27.97 -55.46 8.77
C GLY R 75 29.17 -56.39 8.74
N GLY R 76 29.58 -56.84 9.93
CA GLY R 76 30.67 -57.79 10.02
C GLY R 76 30.22 -59.20 9.72
N TRP R 77 31.20 -60.10 9.64
CA TRP R 77 30.91 -61.50 9.36
C TRP R 77 30.57 -62.30 10.60
N VAL R 78 30.63 -61.69 11.78
CA VAL R 78 30.36 -62.43 13.01
C VAL R 78 28.91 -62.92 13.03
N LEU R 79 27.97 -62.06 12.65
CA LEU R 79 26.58 -62.48 12.63
C LEU R 79 26.33 -63.60 11.63
N PRO R 80 26.78 -63.52 10.37
CA PRO R 80 26.65 -64.69 9.49
C PRO R 80 27.30 -65.95 10.04
N ALA R 81 28.47 -65.83 10.65
CA ALA R 81 29.11 -67.01 11.22
C ALA R 81 28.26 -67.63 12.31
N LEU R 82 27.70 -66.78 13.19
CA LEU R 82 26.85 -67.28 14.25
C LEU R 82 25.61 -67.96 13.69
N GLY R 83 25.01 -67.38 12.65
CA GLY R 83 23.85 -68.00 12.04
C GLY R 83 24.18 -69.36 11.43
N ILE R 84 25.32 -69.45 10.74
CA ILE R 84 25.71 -70.71 10.13
C ILE R 84 25.95 -71.76 11.21
N GLY R 85 26.64 -71.38 12.29
CA GLY R 85 26.84 -72.31 13.39
C GLY R 85 25.53 -72.77 14.00
N GLN R 86 24.58 -71.84 14.16
CA GLN R 86 23.28 -72.19 14.71
C GLN R 86 22.59 -73.22 13.84
N ALA R 87 22.59 -72.99 12.52
CA ALA R 87 21.94 -73.92 11.60
C ALA R 87 22.60 -75.30 11.67
N VAL R 88 23.94 -75.33 11.64
CA VAL R 88 24.63 -76.61 11.64
C VAL R 88 24.34 -77.38 12.92
N PHE R 89 24.38 -76.70 14.06
CA PHE R 89 24.17 -77.40 15.32
C PHE R 89 22.72 -77.85 15.47
N GLY R 90 21.76 -77.07 14.97
CA GLY R 90 20.39 -77.54 14.97
C GLY R 90 20.22 -78.80 14.14
N ALA R 91 20.82 -78.84 12.96
CA ALA R 91 20.75 -80.04 12.13
C ALA R 91 21.39 -81.23 12.83
N ILE R 92 22.54 -81.01 13.49
CA ILE R 92 23.21 -82.09 14.20
C ILE R 92 22.33 -82.61 15.32
N GLY R 93 21.66 -81.70 16.05
CA GLY R 93 20.77 -82.14 17.11
C GLY R 93 19.60 -82.96 16.60
N ALA R 94 19.01 -82.53 15.48
CA ALA R 94 17.93 -83.32 14.89
C ALA R 94 18.40 -84.71 14.50
N ASN R 95 19.58 -84.79 13.88
CA ASN R 95 20.12 -86.09 13.50
C ASN R 95 20.36 -86.95 14.74
N ARG R 96 20.86 -86.34 15.81
CA ARG R 96 21.11 -87.09 17.04
C ARG R 96 19.81 -87.65 17.60
N GLN R 97 18.75 -86.84 17.60
CA GLN R 97 17.47 -87.33 18.12
C GLN R 97 16.93 -88.48 17.28
N GLN R 98 17.02 -88.35 15.95
CA GLN R 98 16.57 -89.45 15.10
C GLN R 98 17.37 -90.72 15.35
N ARG R 99 18.69 -90.59 15.50
CA ARG R 99 19.53 -91.74 15.77
C ARG R 99 19.17 -92.39 17.11
N ALA R 100 18.91 -91.56 18.13
CA ALA R 100 18.54 -92.11 19.43
C ALA R 100 17.23 -92.88 19.35
N ALA R 101 16.24 -92.33 18.63
CA ALA R 101 14.98 -93.05 18.47
C ALA R 101 15.18 -94.38 17.76
N ARG R 102 15.98 -94.38 16.69
CA ARG R 102 16.25 -95.63 15.98
C ARG R 102 16.93 -96.63 16.90
N ASP R 103 17.89 -96.17 17.70
CA ASP R 103 18.60 -97.06 18.61
C ASP R 103 17.65 -97.66 19.64
N GLN R 104 16.74 -96.85 20.19
CA GLN R 104 15.79 -97.37 21.16
C GLN R 104 14.88 -98.43 20.53
N LEU R 105 14.40 -98.16 19.30
CA LEU R 105 13.57 -99.16 18.63
C LEU R 105 14.33 -100.45 18.39
N ALA R 106 15.59 -100.34 17.95
CA ALA R 106 16.39 -101.54 17.72
C ALA R 106 16.63 -102.30 19.02
N GLU R 107 16.83 -101.58 20.12
CA GLU R 107 17.01 -102.25 21.41
C GLU R 107 15.77 -103.01 21.81
N SER R 108 14.59 -102.42 21.60
CA SER R 108 13.35 -103.14 21.90
C SER R 108 13.22 -104.38 21.02
N ARG R 109 13.57 -104.25 19.73
CA ARG R 109 13.56 -105.39 18.82
C ARG R 109 14.42 -106.51 19.39
N ARG R 110 15.66 -106.18 19.75
CA ARG R 110 16.58 -107.18 20.28
C ARG R 110 16.02 -107.81 21.55
N GLN R 111 15.48 -106.97 22.45
CA GLN R 111 14.88 -107.47 23.68
C GLN R 111 13.87 -108.56 23.39
N PHE R 112 12.86 -108.24 22.58
CA PHE R 112 11.78 -109.19 22.36
C PHE R 112 12.27 -110.44 21.63
N ASP R 113 13.09 -110.27 20.59
CA ASP R 113 13.56 -111.43 19.85
C ASP R 113 14.40 -112.34 20.74
N MET R 114 15.25 -111.75 21.58
CA MET R 114 16.10 -112.54 22.46
C MET R 114 15.26 -113.30 23.49
N ASN R 115 14.25 -112.64 24.05
CA ASN R 115 13.39 -113.32 25.00
C ASN R 115 12.65 -114.48 24.35
N TYR R 116 12.14 -114.26 23.13
CA TYR R 116 11.48 -115.35 22.43
C TYR R 116 12.43 -116.50 22.16
N GLY R 117 13.67 -116.20 21.77
CA GLY R 117 14.63 -117.26 21.53
C GLY R 117 14.92 -118.07 22.79
N ALA R 118 15.06 -117.39 23.92
CA ALA R 118 15.28 -118.10 25.18
C ALA R 118 14.09 -119.02 25.49
N GLN R 119 12.88 -118.48 25.40
CA GLN R 119 11.70 -119.29 25.67
C GLN R 119 11.56 -120.43 24.67
N ARG R 120 11.98 -120.20 23.43
CA ARG R 120 11.95 -121.24 22.40
C ARG R 120 12.85 -122.41 22.78
N GLN R 121 14.10 -122.10 23.15
CA GLN R 121 15.00 -123.18 23.55
C GLN R 121 14.47 -123.89 24.79
N SER R 122 13.89 -123.14 25.73
CA SER R 122 13.33 -123.77 26.92
C SER R 122 12.19 -124.73 26.56
N ILE R 123 11.28 -124.30 25.69
CA ILE R 123 10.14 -125.14 25.33
C ILE R 123 10.61 -126.37 24.58
N ASN R 124 11.56 -126.21 23.66
CA ASN R 124 12.08 -127.35 22.92
C ASN R 124 12.74 -128.35 23.86
N THR R 125 13.53 -127.85 24.83
CA THR R 125 14.14 -128.73 25.80
C THR R 125 13.09 -129.48 26.61
N ASN R 126 12.05 -128.78 27.04
CA ASN R 126 10.97 -129.44 27.78
C ASN R 126 10.33 -130.55 26.96
N LEU R 127 10.04 -130.26 25.69
CA LEU R 127 9.38 -131.25 24.85
C LEU R 127 10.26 -132.48 24.66
N GLU R 128 11.55 -132.28 24.37
CA GLU R 128 12.41 -133.42 24.09
C GLU R 128 12.69 -134.22 25.36
N ASP R 129 12.81 -133.56 26.52
CA ASP R 129 13.02 -134.31 27.74
C ASP R 129 11.75 -135.05 28.16
N ARG R 130 10.57 -134.54 27.77
CA ARG R 130 9.34 -135.31 27.94
C ARG R 130 9.31 -136.52 27.00
N GLN R 131 9.83 -136.36 25.78
CA GLN R 131 9.77 -137.42 24.79
C GLN R 131 10.80 -138.53 25.03
N ARG R 132 11.86 -138.24 25.78
CA ARG R 132 12.79 -139.30 26.15
C ARG R 132 12.05 -140.48 26.77
N ALA R 133 11.11 -140.19 27.68
CA ALA R 133 10.38 -141.25 28.36
C ALA R 133 9.55 -142.07 27.38
N ARG R 134 8.85 -141.41 26.46
CA ARG R 134 8.04 -142.13 25.49
C ARG R 134 8.89 -143.03 24.62
N VAL R 135 10.04 -142.54 24.16
CA VAL R 135 10.85 -143.33 23.24
C VAL R 135 11.70 -144.38 23.96
N ALA R 136 11.88 -144.25 25.28
CA ALA R 136 12.66 -145.22 26.04
C ALA R 136 11.80 -146.27 26.73
N SER R 137 10.52 -146.01 26.94
CA SER R 137 9.66 -146.98 27.61
C SER R 137 9.28 -148.12 26.67
N ASN R 138 8.57 -147.80 25.60
CA ASN R 138 8.10 -148.77 24.61
C ASN R 138 8.43 -148.27 23.21
N PRO R 139 9.67 -148.42 22.77
CA PRO R 139 10.04 -147.90 21.43
C PRO R 139 9.22 -148.52 20.31
N THR R 140 8.82 -149.79 20.44
CA THR R 140 8.10 -150.45 19.36
C THR R 140 6.73 -149.82 19.13
N ALA R 141 5.99 -149.58 20.21
CA ALA R 141 4.62 -149.09 20.12
C ALA R 141 4.53 -147.56 20.06
N TYR R 142 5.65 -146.85 20.19
CA TYR R 142 5.67 -145.40 20.17
C TYR R 142 6.50 -144.90 19.00
N GLU R 143 6.42 -143.61 18.76
CA GLU R 143 7.07 -142.99 17.60
C GLU R 143 8.57 -142.81 17.87
N SER R 144 9.28 -142.37 16.84
CA SER R 144 10.71 -142.17 16.90
C SER R 144 11.05 -140.73 17.23
N VAL R 145 12.33 -140.50 17.53
CA VAL R 145 12.79 -139.16 17.87
C VAL R 145 12.69 -138.23 16.65
N ASP R 146 13.00 -138.75 15.46
CA ASP R 146 12.97 -137.94 14.25
C ASP R 146 11.58 -137.38 13.98
N SER R 147 10.53 -138.19 14.16
CA SER R 147 9.18 -137.75 13.86
C SER R 147 8.82 -136.52 14.69
N TYR R 148 9.02 -136.59 16.01
CA TYR R 148 8.67 -135.47 16.87
C TYR R 148 9.61 -134.29 16.66
N MET R 149 10.91 -134.55 16.45
CA MET R 149 11.86 -133.46 16.29
C MET R 149 11.73 -132.76 14.95
N GLU R 150 11.02 -133.35 13.97
CA GLU R 150 10.80 -132.70 12.69
C GLU R 150 9.36 -132.29 12.44
N ARG R 151 8.40 -132.74 13.25
CA ARG R 151 6.99 -132.43 13.05
C ARG R 151 6.42 -131.50 14.11
N ASN R 152 6.68 -131.75 15.38
CA ASN R 152 6.17 -130.93 16.48
C ASN R 152 7.32 -130.24 17.22
N ARG R 153 8.33 -129.82 16.47
CA ARG R 153 9.47 -129.11 17.03
C ARG R 153 9.28 -127.60 16.84
N ILE R 154 9.86 -126.84 17.77
CA ILE R 154 9.63 -125.40 17.81
C ILE R 154 10.58 -124.73 16.82
N ARG R 155 10.08 -123.74 16.10
CA ARG R 155 10.92 -122.99 15.18
C ARG R 155 11.74 -121.93 15.92
#